data_8Y4C
#
_entry.id   8Y4C
#
_cell.length_a   1.00
_cell.length_b   1.00
_cell.length_c   1.00
_cell.angle_alpha   90.00
_cell.angle_beta   90.00
_cell.angle_gamma   90.00
#
_symmetry.space_group_name_H-M   'P 1'
#
loop_
_entity.id
_entity.type
_entity.pdbx_description
1 polymer 'Spike glycoprotein'
2 polymer 'XGv280 Heavy chain'
3 polymer 'XGv280 Light chain'
4 non-polymer 2-acetamido-2-deoxy-beta-D-glucopyranose
#
loop_
_entity_poly.entity_id
_entity_poly.type
_entity_poly.pdbx_seq_one_letter_code
_entity_poly.pdbx_strand_id
1 'polypeptide(L)'
;MFVFLVLLPLVSSQCVMPLFNLITTTQSYTNSFTRGVYYPDKVFRSSVLHLTQDLFLPFFSNVTWFHAISGTNGTKRFDN
PVLPFNDGVYFASTEKSNIIRGWIFGTTLDSKTQSLLIVNNATNVFIKVCEFQFCNDPFLDVYHKNNKSWMESESGVYSS
ANNCTFEYVSQPFLMDLEGKQGNFKNLREFVFKNIDGYFKIYSKHTPIIGRDFPQGFSALEPLVDLPIGINITRFQTLLA
LNRSYLTPGDSSSGWTAGAADYYVGYLQPRTFLLKYNENGTITDAVDCALDPLSETKCTLKSFTVEKGIYQTSNFRVQPT
ESIVRFPNVTNLCPFHEVFNATRFASVYAWNRTRISNCVADYSVLYNFAPFFAFKCYGVSPTKLNDLCFTNVYADSFVIK
GNEVSQIAPGQTGNIADYNYKLPDDFTGCVIAWNSNKLDSKHSGNYDYWYRLFRKSKLKPFERDISTEIYQAGNKPCKGK
GPNCYFPLQSYGFRPTYGVGHQPYRVVVLSFELLHAPATVCGPKKSTNLVKNKCVNFNFNGLTGTGVLTKSNKKFLPFQQ
FGRDIVDTTDAVRDPQTLEILDITPCSFGGVSVITPGTNTSNQVAVLYQGVNCTEVSVAIHADQLTPTWRVYSTGSNVFQ
TRAGCLIGAEYVNNSYECDIPIGAGICASYQTQTKSRRAAASVASQSIIAYTMSLGAENSVAYSNNSIAIPTNFTISVTT
EILPVSMTKTSVDCTMYICGDSTECSNLLLQYGSFCTQLKRALTGIAVEQDKNTQEVFAQVKQIYKTPPIKYFGGFNFSQ
ILPDPSKPSKRSPIEDLLFNKVTLADAGFIKQYGDCLGDIAARDLICAQKFNGLTVLPPLLTDEMIAQYTSALLAGTITS
GWTFGAGPALQIPFPMQMAYRFNGIGVTQNVLYENQKLIANQFNSAIGKIQDSLFSTPSALGKLQDVVNHNAQALNTLVK
QLSSKFGAISSVLNDILSRLDPPEAEVQIDRLITGRLQSLQTYVTQQLIRAAEIRASANLAATKMSECVLGQSKRVDFCG
KGYHLMSFPQSAPHGVVFLHVTYVPAQEKNFTTAPAICHDGKAHFPREGVFVSNGTHWFVTQRNFYEPQIITTDNTFVSG
NCDVVIGIVNNTVYDPLQLELDSFKEELDKYFKNHTSPDVDLGDISGINASVVNIQKEIDRLNEVAKNLNESLIDLQELG
KYEQ
;
A,B,C
2 'polypeptide(L)'
;QLQLQESGPGLVKPSETLSLTCTVSNGSISSSTFYWGWVRQPPGRGLEWIGSIYYSGSTYQNPSLKSRAIISVDTSKNQL
SLKLTSVTAADTAVYYCARHWDVVVLAAARSWFDTWGQGTLVTVSS
;
H,D,E
3 'polypeptide(L)'
;QSVLTQPPSVSGAPGQRVTISCTGSSPNIGARNDVHWYQQLPGAAPKLLIYGNSNRPSGVPDRFSGSKSGTSASLAITGL
QAEDEAEYYCQSYDSSLSGWVFGGGTKLTVL
;
L,F,G
#
# COMPACT_ATOMS: atom_id res chain seq x y z
N THR A 24 -8.27 51.87 46.63
CA THR A 24 -8.20 50.65 47.44
C THR A 24 -8.93 49.50 46.75
N THR A 25 -8.32 48.31 46.80
CA THR A 25 -8.88 47.16 46.10
C THR A 25 -8.46 45.88 46.83
N THR A 26 -9.27 44.84 46.64
CA THR A 26 -9.03 43.53 47.24
C THR A 26 -8.78 42.49 46.14
N GLN A 27 -8.25 41.34 46.54
CA GLN A 27 -7.86 40.29 45.61
C GLN A 27 -8.47 38.95 45.98
N SER A 28 -9.75 38.94 46.34
CA SER A 28 -10.38 37.69 46.73
C SER A 28 -10.48 36.74 45.54
N TYR A 29 -10.60 35.45 45.85
CA TYR A 29 -10.62 34.39 44.85
C TYR A 29 -11.98 33.72 44.83
N THR A 30 -12.50 33.43 43.64
CA THR A 30 -13.78 32.77 43.48
C THR A 30 -13.71 31.79 42.34
N ASN A 31 -14.66 30.85 42.34
CA ASN A 31 -14.74 29.85 41.28
C ASN A 31 -15.49 30.40 40.08
N SER A 32 -15.02 30.04 38.88
CA SER A 32 -15.59 30.60 37.66
C SER A 32 -16.73 29.76 37.10
N PHE A 33 -16.87 28.51 37.54
CA PHE A 33 -17.85 27.58 36.98
C PHE A 33 -17.57 27.47 35.48
N THR A 34 -18.58 27.10 34.69
CA THR A 34 -18.46 27.08 33.25
C THR A 34 -18.81 28.47 32.72
N ARG A 35 -17.80 29.18 32.21
CA ARG A 35 -18.01 30.56 31.83
C ARG A 35 -16.87 31.00 30.92
N GLY A 36 -17.21 31.76 29.89
CA GLY A 36 -16.19 32.29 29.00
C GLY A 36 -15.93 31.41 27.80
N VAL A 37 -16.98 31.03 27.09
CA VAL A 37 -16.84 30.28 25.85
C VAL A 37 -17.49 31.09 24.74
N TYR A 38 -16.74 31.35 23.68
CA TYR A 38 -17.18 32.20 22.60
C TYR A 38 -17.23 31.39 21.31
N TYR A 39 -17.48 32.10 20.21
CA TYR A 39 -17.40 31.49 18.90
C TYR A 39 -15.98 31.69 18.38
N PRO A 40 -15.18 30.64 18.29
CA PRO A 40 -13.77 30.85 17.89
C PRO A 40 -13.64 31.27 16.44
N ASP A 41 -14.71 31.18 15.67
CA ASP A 41 -14.66 31.34 14.22
C ASP A 41 -15.82 32.21 13.80
N LYS A 42 -16.17 32.12 12.52
CA LYS A 42 -17.18 32.99 11.92
C LYS A 42 -18.20 32.16 11.15
N VAL A 43 -18.06 30.84 11.22
CA VAL A 43 -18.74 29.93 10.30
C VAL A 43 -19.99 29.39 10.95
N PHE A 44 -20.97 28.99 10.13
CA PHE A 44 -22.25 28.51 10.63
C PHE A 44 -22.23 27.00 10.77
N ARG A 45 -22.78 26.50 11.89
CA ARG A 45 -22.93 25.08 12.08
C ARG A 45 -24.27 24.83 12.77
N SER A 46 -24.95 23.77 12.34
CA SER A 46 -26.25 23.43 12.92
C SER A 46 -26.27 21.97 13.35
N SER A 47 -26.63 21.75 14.61
CA SER A 47 -26.69 20.41 15.19
C SER A 47 -25.38 19.67 14.99
N VAL A 48 -24.27 20.36 15.19
CA VAL A 48 -22.95 19.80 15.00
C VAL A 48 -22.27 19.77 16.36
N LEU A 49 -21.31 18.86 16.49
CA LEU A 49 -20.55 18.72 17.73
C LEU A 49 -19.09 19.04 17.43
N HIS A 50 -18.87 20.15 16.75
CA HIS A 50 -17.53 20.53 16.33
C HIS A 50 -16.60 20.71 17.52
N LEU A 51 -15.34 20.33 17.31
CA LEU A 51 -14.31 20.38 18.33
C LEU A 51 -13.23 21.35 17.90
N THR A 52 -12.87 22.28 18.79
CA THR A 52 -11.88 23.31 18.49
C THR A 52 -10.77 23.27 19.52
N GLN A 53 -9.60 23.76 19.10
CA GLN A 53 -8.44 23.92 19.97
C GLN A 53 -8.03 25.38 19.89
N ASP A 54 -8.60 26.21 20.75
CA ASP A 54 -8.33 27.63 20.75
C ASP A 54 -8.13 28.08 22.20
N LEU A 55 -7.85 29.36 22.39
CA LEU A 55 -7.62 29.89 23.73
C LEU A 55 -8.95 30.01 24.45
N PHE A 56 -9.09 29.29 25.56
CA PHE A 56 -10.32 29.30 26.34
C PHE A 56 -9.97 29.47 27.81
N LEU A 57 -10.95 29.94 28.57
CA LEU A 57 -10.81 29.98 30.02
C LEU A 57 -11.13 28.61 30.59
N PRO A 58 -10.23 27.98 31.34
CA PRO A 58 -10.49 26.62 31.81
C PRO A 58 -11.72 26.55 32.70
N PHE A 59 -12.46 25.46 32.57
CA PHE A 59 -13.64 25.27 33.39
C PHE A 59 -13.25 25.06 34.85
N PHE A 60 -14.04 25.64 35.74
CA PHE A 60 -13.84 25.49 37.19
C PHE A 60 -12.43 25.91 37.59
N SER A 61 -11.98 27.04 37.06
CA SER A 61 -10.70 27.63 37.41
C SER A 61 -10.95 28.88 38.22
N ASN A 62 -10.16 29.08 39.27
CA ASN A 62 -10.33 30.25 40.14
C ASN A 62 -10.01 31.52 39.38
N VAL A 63 -10.78 32.57 39.65
CA VAL A 63 -10.58 33.86 39.00
C VAL A 63 -10.48 34.96 40.06
N THR A 64 -9.54 35.86 39.86
CA THR A 64 -9.22 36.87 40.86
C THR A 64 -10.32 37.92 40.90
N TRP A 65 -11.08 37.94 41.98
CA TRP A 65 -12.19 38.88 42.15
C TRP A 65 -11.69 40.12 42.87
N PHE A 66 -11.90 41.28 42.26
CA PHE A 66 -11.40 42.54 42.76
C PHE A 66 -12.50 43.32 43.48
N HIS A 67 -12.16 44.54 43.90
CA HIS A 67 -13.10 45.41 44.59
C HIS A 67 -12.72 46.86 44.30
N ALA A 68 -13.68 47.76 44.48
CA ALA A 68 -13.46 49.17 44.18
C ALA A 68 -14.11 50.02 45.25
N ILE A 69 -13.37 51.00 45.76
CA ILE A 69 -13.89 51.94 46.73
C ILE A 69 -13.46 53.35 46.37
N ASP A 79 -4.47 51.23 44.32
CA ASP A 79 -5.22 51.93 43.28
C ASP A 79 -5.03 51.26 41.93
N ASN A 80 -6.15 50.79 41.34
CA ASN A 80 -6.29 50.22 40.01
C ASN A 80 -5.04 49.48 39.54
N PRO A 81 -4.71 48.36 40.18
CA PRO A 81 -3.45 47.68 39.88
C PRO A 81 -3.38 47.21 38.44
N VAL A 82 -2.17 47.20 37.89
CA VAL A 82 -1.93 46.84 36.50
C VAL A 82 -1.86 45.31 36.43
N LEU A 83 -2.84 44.71 35.80
CA LEU A 83 -2.82 43.27 35.68
C LEU A 83 -2.03 42.84 34.43
N PRO A 84 -1.43 41.68 34.47
CA PRO A 84 -0.81 41.09 33.30
C PRO A 84 -1.78 41.01 32.13
N PHE A 85 -1.22 40.62 30.99
CA PHE A 85 -2.01 40.30 29.81
C PHE A 85 -1.17 39.31 29.00
N ASN A 86 -1.50 38.02 29.11
CA ASN A 86 -0.75 36.97 28.44
C ASN A 86 -1.74 36.08 27.70
N ASP A 87 -1.61 36.01 26.37
CA ASP A 87 -2.47 35.19 25.53
C ASP A 87 -3.94 35.51 25.76
N GLY A 88 -4.25 36.76 26.06
CA GLY A 88 -5.61 37.18 26.29
C GLY A 88 -5.98 37.25 27.76
N VAL A 89 -7.21 37.69 28.01
CA VAL A 89 -7.71 37.86 29.36
C VAL A 89 -9.23 37.88 29.30
N TYR A 90 -9.87 37.24 30.26
CA TYR A 90 -11.32 37.27 30.39
C TYR A 90 -11.70 38.32 31.43
N PHE A 91 -12.55 39.26 31.04
CA PHE A 91 -12.95 40.35 31.90
C PHE A 91 -14.46 40.33 32.06
N ALA A 92 -14.92 40.46 33.30
CA ALA A 92 -16.35 40.51 33.58
C ALA A 92 -16.59 41.39 34.79
N SER A 93 -17.70 42.12 34.78
CA SER A 93 -17.99 43.03 35.87
C SER A 93 -19.47 43.30 35.93
N THR A 94 -19.93 43.74 37.10
CA THR A 94 -21.31 44.19 37.27
C THR A 94 -21.32 45.46 38.10
N GLU A 95 -22.06 46.45 37.64
CA GLU A 95 -22.15 47.74 38.33
C GLU A 95 -23.58 48.22 38.23
N LYS A 96 -23.94 49.16 39.10
CA LYS A 96 -25.30 49.65 39.13
C LYS A 96 -25.59 50.51 37.90
N SER A 97 -24.91 51.64 37.76
CA SER A 97 -25.05 52.47 36.57
C SER A 97 -23.75 52.58 35.78
N ASN A 98 -22.68 53.09 36.41
CA ASN A 98 -21.41 53.29 35.72
C ASN A 98 -20.29 53.54 36.72
N ILE A 99 -19.25 52.70 36.69
CA ILE A 99 -18.05 52.98 37.43
C ILE A 99 -16.82 52.73 36.59
N ILE A 100 -17.01 52.07 35.45
CA ILE A 100 -15.93 51.65 34.57
C ILE A 100 -16.08 52.38 33.25
N ARG A 101 -15.00 53.02 32.80
CA ARG A 101 -15.00 53.74 31.54
C ARG A 101 -14.33 52.93 30.43
N GLY A 102 -13.15 52.38 30.68
CA GLY A 102 -12.46 51.63 29.67
C GLY A 102 -11.21 50.99 30.21
N TRP A 103 -10.41 50.46 29.29
CA TRP A 103 -9.19 49.76 29.63
C TRP A 103 -8.03 50.37 28.85
N ILE A 104 -6.85 50.33 29.46
CA ILE A 104 -5.62 50.78 28.82
C ILE A 104 -4.71 49.58 28.60
N PHE A 105 -4.16 49.47 27.41
CA PHE A 105 -3.34 48.34 27.03
C PHE A 105 -1.95 48.83 26.62
N GLY A 106 -1.16 47.91 26.08
CA GLY A 106 0.17 48.22 25.61
C GLY A 106 1.24 47.79 26.58
N THR A 107 2.44 48.29 26.34
CA THR A 107 3.60 47.99 27.16
C THR A 107 4.17 49.28 27.75
N THR A 108 4.49 49.23 29.04
CA THR A 108 5.19 50.29 29.76
C THR A 108 4.35 51.56 29.89
N LEU A 109 3.20 51.59 29.21
CA LEU A 109 2.20 52.64 29.38
C LEU A 109 2.78 54.05 29.39
N ASP A 110 3.81 54.31 28.58
CA ASP A 110 4.48 55.60 28.60
C ASP A 110 4.84 56.00 27.18
N SER A 111 5.50 57.16 27.06
CA SER A 111 5.88 57.70 25.75
C SER A 111 7.20 57.12 25.28
N LYS A 112 7.31 55.79 25.30
CA LYS A 112 8.41 55.08 24.68
C LYS A 112 7.98 53.89 23.83
N THR A 113 6.76 53.40 24.00
CA THR A 113 6.24 52.32 23.17
C THR A 113 4.75 52.56 22.98
N GLN A 114 4.22 52.11 21.84
CA GLN A 114 2.85 52.41 21.47
C GLN A 114 1.88 51.80 22.48
N SER A 115 0.76 52.49 22.70
CA SER A 115 -0.22 52.07 23.69
C SER A 115 -1.59 51.91 23.06
N LEU A 116 -2.63 51.75 23.88
CA LEU A 116 -3.97 51.50 23.40
C LEU A 116 -4.96 51.89 24.48
N LEU A 117 -6.18 52.26 24.06
CA LEU A 117 -7.18 52.75 24.99
C LEU A 117 -8.57 52.48 24.44
N ILE A 118 -9.46 51.97 25.30
CA ILE A 118 -10.83 51.61 24.91
C ILE A 118 -11.81 52.38 25.78
N VAL A 119 -11.47 53.62 26.13
CA VAL A 119 -12.35 54.42 26.96
C VAL A 119 -13.70 54.57 26.27
N ASN A 120 -14.77 54.28 27.00
CA ASN A 120 -16.13 54.30 26.49
C ASN A 120 -16.85 55.49 27.09
N ASN A 121 -17.21 56.47 26.25
CA ASN A 121 -17.88 57.67 26.72
C ASN A 121 -19.40 57.50 26.57
N ALA A 122 -20.13 58.61 26.72
CA ALA A 122 -21.59 58.61 26.76
C ALA A 122 -22.22 57.70 25.72
N THR A 123 -21.92 57.92 24.43
CA THR A 123 -22.53 57.10 23.39
C THR A 123 -21.56 56.69 22.29
N ASN A 124 -20.25 56.62 22.58
CA ASN A 124 -19.28 56.25 21.56
C ASN A 124 -18.05 55.66 22.23
N VAL A 125 -17.24 55.00 21.42
CA VAL A 125 -15.97 54.42 21.88
C VAL A 125 -14.83 55.24 21.30
N PHE A 126 -13.71 55.26 22.01
CA PHE A 126 -12.57 56.08 21.62
C PHE A 126 -11.35 55.21 21.34
N ILE A 127 -11.56 54.10 20.64
CA ILE A 127 -10.47 53.16 20.40
C ILE A 127 -9.38 53.84 19.58
N LYS A 128 -8.16 53.79 20.08
CA LYS A 128 -7.03 54.40 19.38
C LYS A 128 -5.74 53.81 19.88
N VAL A 129 -4.72 53.83 19.02
CA VAL A 129 -3.37 53.47 19.38
C VAL A 129 -2.56 54.76 19.49
N CYS A 130 -1.75 54.86 20.53
CA CYS A 130 -1.02 56.11 20.75
C CYS A 130 0.13 55.85 21.72
N GLU A 131 0.71 56.93 22.21
CA GLU A 131 1.89 56.90 23.07
C GLU A 131 1.64 57.71 24.33
N PHE A 132 0.50 57.45 24.97
CA PHE A 132 0.07 58.21 26.13
C PHE A 132 1.13 58.19 27.22
N GLN A 133 1.36 59.33 27.85
CA GLN A 133 2.42 59.41 28.86
C GLN A 133 1.95 58.93 30.23
N PHE A 134 1.02 59.66 30.86
CA PHE A 134 0.73 59.42 32.27
C PHE A 134 -0.43 60.31 32.70
N CYS A 135 -1.34 59.81 33.53
CA CYS A 135 -2.31 60.70 34.16
C CYS A 135 -2.41 60.53 35.67
N ASN A 136 -2.33 59.31 36.18
CA ASN A 136 -2.50 59.00 37.60
C ASN A 136 -3.87 59.38 38.13
N ASP A 137 -4.83 59.69 37.25
CA ASP A 137 -6.17 60.09 37.69
C ASP A 137 -7.25 59.34 36.91
N GLY A 156 -8.70 64.28 29.92
CA GLY A 156 -8.17 64.30 31.27
C GLY A 156 -7.58 62.98 31.70
N VAL A 157 -7.13 62.20 30.73
CA VAL A 157 -6.55 60.88 30.99
C VAL A 157 -5.20 60.68 30.32
N TYR A 158 -4.85 61.45 29.29
CA TYR A 158 -3.54 61.35 28.68
C TYR A 158 -3.02 62.75 28.40
N SER A 159 -1.70 62.87 28.27
CA SER A 159 -1.09 64.17 28.03
C SER A 159 -0.06 64.14 26.91
N SER A 160 -0.21 63.22 25.95
CA SER A 160 0.72 63.14 24.82
C SER A 160 0.06 62.35 23.71
N ALA A 161 0.17 62.84 22.48
CA ALA A 161 -0.38 62.18 21.31
C ALA A 161 0.65 62.13 20.17
N ASN A 162 1.91 61.89 20.53
CA ASN A 162 2.99 62.02 19.56
C ASN A 162 3.09 60.76 18.69
N ASN A 163 3.17 60.99 17.38
CA ASN A 163 3.32 59.93 16.39
C ASN A 163 2.31 58.81 16.60
N CYS A 164 1.02 59.11 16.46
CA CYS A 164 0.03 58.08 16.72
C CYS A 164 -1.23 58.35 15.93
N THR A 165 -1.88 57.26 15.52
CA THR A 165 -3.04 57.32 14.65
C THR A 165 -3.99 56.17 14.94
N PHE A 166 -4.84 55.84 13.97
CA PHE A 166 -5.81 54.75 14.09
C PHE A 166 -6.85 55.05 15.16
N GLU A 167 -7.38 56.27 15.14
CA GLU A 167 -8.56 56.56 15.93
C GLU A 167 -9.77 55.80 15.36
N TYR A 168 -10.58 55.25 16.26
CA TYR A 168 -11.72 54.46 15.85
C TYR A 168 -12.92 54.83 16.71
N VAL A 169 -14.07 55.02 16.07
CA VAL A 169 -15.30 55.37 16.76
C VAL A 169 -16.42 54.52 16.21
N SER A 170 -17.22 53.92 17.10
CA SER A 170 -18.37 53.15 16.69
C SER A 170 -19.43 53.28 17.78
N GLN A 171 -20.45 52.41 17.72
CA GLN A 171 -21.47 52.40 18.75
C GLN A 171 -20.86 51.98 20.09
N PRO A 172 -21.41 52.46 21.19
CA PRO A 172 -20.78 52.20 22.50
C PRO A 172 -20.76 50.72 22.84
N PHE A 173 -19.73 50.31 23.58
CA PHE A 173 -19.59 48.92 23.99
C PHE A 173 -20.54 48.54 25.10
N LEU A 174 -20.74 49.42 26.07
CA LEU A 174 -21.46 49.10 27.31
C LEU A 174 -22.91 49.54 27.17
N MET A 175 -23.81 48.58 26.97
CA MET A 175 -25.23 48.85 26.88
C MET A 175 -25.87 48.63 28.25
N ASP A 176 -26.61 49.62 28.72
CA ASP A 176 -27.28 49.57 30.01
C ASP A 176 -28.78 49.72 29.81
N LEU A 177 -29.53 48.70 30.23
CA LEU A 177 -30.98 48.72 30.14
C LEU A 177 -31.55 48.28 31.48
N GLU A 178 -32.53 49.04 31.97
CA GLU A 178 -33.17 48.76 33.25
C GLU A 178 -34.67 48.71 33.07
N GLY A 179 -35.30 47.74 33.73
CA GLY A 179 -36.75 47.63 33.71
C GLY A 179 -37.40 48.50 34.77
N LYS A 180 -37.12 49.80 34.71
CA LYS A 180 -37.65 50.78 35.67
C LYS A 180 -37.24 50.48 37.10
N GLN A 181 -36.12 49.76 37.28
CA GLN A 181 -35.68 49.35 38.61
C GLN A 181 -34.18 49.14 38.59
N GLY A 182 -33.55 49.39 39.74
CA GLY A 182 -32.12 49.19 39.90
C GLY A 182 -31.70 47.79 40.23
N ASN A 183 -32.66 46.89 40.48
CA ASN A 183 -32.31 45.50 40.75
C ASN A 183 -31.74 44.81 39.52
N PHE A 184 -32.13 45.26 38.33
CA PHE A 184 -31.65 44.70 37.08
C PHE A 184 -30.23 45.23 36.84
N LYS A 185 -29.24 44.49 37.33
CA LYS A 185 -27.83 44.86 37.21
C LYS A 185 -27.18 43.89 36.23
N ASN A 186 -27.09 44.31 34.97
CA ASN A 186 -26.56 43.42 33.93
C ASN A 186 -25.06 43.19 34.13
N LEU A 187 -24.64 41.97 33.86
CA LEU A 187 -23.24 41.56 34.00
C LEU A 187 -22.61 41.48 32.62
N ARG A 188 -21.59 42.28 32.39
CA ARG A 188 -20.95 42.39 31.08
C ARG A 188 -19.63 41.63 31.10
N GLU A 189 -19.47 40.72 30.15
CA GLU A 189 -18.26 39.93 30.01
C GLU A 189 -17.52 40.37 28.75
N PHE A 190 -16.21 40.30 28.78
CA PHE A 190 -15.39 40.67 27.64
C PHE A 190 -14.22 39.71 27.56
N VAL A 191 -13.80 39.40 26.34
CA VAL A 191 -12.63 38.55 26.12
C VAL A 191 -11.74 39.24 25.10
N PHE A 192 -10.52 39.57 25.51
CA PHE A 192 -9.56 40.21 24.62
C PHE A 192 -8.45 39.24 24.28
N LYS A 193 -7.94 39.34 23.05
CA LYS A 193 -6.74 38.60 22.68
C LYS A 193 -6.10 39.28 21.49
N ASN A 194 -4.81 39.00 21.31
CA ASN A 194 -3.98 39.77 20.39
C ASN A 194 -3.17 38.85 19.48
N ILE A 195 -3.85 37.90 18.85
CA ILE A 195 -3.17 37.03 17.90
C ILE A 195 -2.84 37.81 16.63
N ASP A 196 -1.60 37.69 16.17
CA ASP A 196 -1.07 38.34 14.96
C ASP A 196 -1.53 39.78 14.81
N GLY A 197 -1.44 40.53 15.89
CA GLY A 197 -2.02 41.86 15.92
C GLY A 197 -3.50 41.72 16.11
N TYR A 198 -4.27 42.40 15.25
CA TYR A 198 -5.68 42.09 15.03
C TYR A 198 -6.42 41.89 16.35
N PHE A 199 -6.51 42.98 17.13
CA PHE A 199 -7.25 42.94 18.38
C PHE A 199 -8.67 42.46 18.15
N LYS A 200 -9.13 41.55 18.99
CA LYS A 200 -10.48 41.03 18.94
C LYS A 200 -11.15 41.21 20.30
N ILE A 201 -12.38 41.72 20.30
CA ILE A 201 -13.15 41.90 21.51
C ILE A 201 -14.48 41.19 21.36
N TYR A 202 -14.79 40.30 22.29
CA TYR A 202 -16.05 39.60 22.31
C TYR A 202 -16.83 40.03 23.55
N SER A 203 -18.14 40.15 23.43
CA SER A 203 -18.91 40.60 24.58
C SER A 203 -20.35 40.15 24.47
N LYS A 204 -20.96 39.89 25.62
CA LYS A 204 -22.40 39.76 25.73
C LYS A 204 -22.82 40.10 27.14
N HIS A 205 -23.83 40.95 27.26
CA HIS A 205 -24.27 41.47 28.56
C HIS A 205 -25.43 40.61 29.05
N THR A 206 -25.13 39.64 29.90
CA THR A 206 -26.16 38.76 30.44
C THR A 206 -27.07 39.55 31.39
N PRO A 207 -28.36 39.21 31.43
CA PRO A 207 -29.30 39.92 32.30
C PRO A 207 -29.50 39.32 33.68
N ILE A 208 -28.66 38.37 34.11
CA ILE A 208 -28.97 37.57 35.31
C ILE A 208 -28.56 38.42 36.52
N ILE A 209 -29.48 39.27 36.96
CA ILE A 209 -29.47 39.99 38.23
C ILE A 209 -28.09 40.51 38.63
N GLY A 210 -27.15 39.59 38.84
CA GLY A 210 -25.84 39.96 39.35
C GLY A 210 -25.65 39.76 40.83
N ARG A 211 -26.59 39.08 41.52
CA ARG A 211 -26.42 38.80 42.94
C ARG A 211 -25.24 37.88 43.19
N ASP A 212 -24.89 37.03 42.22
CA ASP A 212 -23.76 36.13 42.35
C ASP A 212 -23.25 35.81 40.95
N PHE A 213 -22.12 35.14 40.89
CA PHE A 213 -21.59 34.72 39.61
C PHE A 213 -22.48 33.62 39.04
N PRO A 214 -23.07 33.81 37.86
CA PRO A 214 -24.00 32.80 37.35
C PRO A 214 -23.29 31.51 36.98
N GLN A 215 -24.05 30.42 37.04
CA GLN A 215 -23.58 29.12 36.60
C GLN A 215 -24.10 28.75 35.22
N GLY A 216 -25.09 29.49 34.70
CA GLY A 216 -25.62 29.19 33.39
C GLY A 216 -24.64 29.50 32.29
N PHE A 217 -24.91 28.93 31.12
CA PHE A 217 -24.03 29.11 29.98
C PHE A 217 -24.43 30.33 29.17
N SER A 218 -23.46 31.19 28.89
CA SER A 218 -23.65 32.35 28.03
C SER A 218 -22.47 32.41 27.07
N ALA A 219 -22.75 32.34 25.77
CA ALA A 219 -21.70 32.43 24.76
C ALA A 219 -21.19 33.86 24.67
N LEU A 220 -20.30 34.11 23.72
CA LEU A 220 -19.73 35.43 23.51
C LEU A 220 -19.71 35.74 22.03
N GLU A 221 -20.43 36.79 21.63
CA GLU A 221 -20.45 37.21 20.23
C GLU A 221 -19.39 38.26 19.97
N PRO A 222 -18.62 38.13 18.89
CA PRO A 222 -17.62 39.15 18.57
C PRO A 222 -18.26 40.50 18.31
N LEU A 223 -17.53 41.55 18.69
CA LEU A 223 -17.98 42.92 18.46
C LEU A 223 -17.12 43.63 17.42
N VAL A 224 -15.83 43.72 17.67
CA VAL A 224 -14.91 44.43 16.80
C VAL A 224 -13.66 43.58 16.56
N ASP A 225 -13.01 43.81 15.43
CA ASP A 225 -11.78 43.10 15.08
C ASP A 225 -10.94 44.06 14.24
N LEU A 226 -9.92 44.65 14.86
CA LEU A 226 -9.23 45.75 14.19
C LEU A 226 -7.73 45.51 14.18
N PRO A 227 -7.04 45.93 13.12
CA PRO A 227 -5.59 45.70 12.99
C PRO A 227 -4.78 46.69 13.81
N ILE A 228 -4.68 46.42 15.11
CA ILE A 228 -3.93 47.29 16.01
C ILE A 228 -2.44 47.25 15.67
N GLY A 229 -1.88 46.05 15.57
CA GLY A 229 -0.52 45.89 15.11
C GLY A 229 0.57 46.15 16.13
N ILE A 230 0.25 46.25 17.42
CA ILE A 230 1.28 46.45 18.44
C ILE A 230 1.15 45.39 19.52
N ASN A 231 2.27 45.13 20.19
CA ASN A 231 2.31 44.12 21.23
C ASN A 231 1.69 44.62 22.52
N ILE A 232 0.97 43.74 23.21
CA ILE A 232 0.30 44.08 24.46
C ILE A 232 0.71 43.08 25.53
N THR A 233 1.18 43.58 26.67
CA THR A 233 1.55 42.71 27.77
C THR A 233 0.90 43.15 29.08
N ARG A 234 0.74 44.45 29.29
CA ARG A 234 0.13 44.97 30.51
C ARG A 234 -1.25 45.52 30.19
N PHE A 235 -2.10 45.55 31.23
CA PHE A 235 -3.51 45.82 31.03
C PHE A 235 -4.08 46.39 32.32
N GLN A 236 -4.62 47.61 32.25
CA GLN A 236 -5.14 48.35 33.39
C GLN A 236 -6.63 48.59 33.17
N THR A 237 -7.23 49.39 34.04
CA THR A 237 -8.62 49.78 33.87
C THR A 237 -8.82 51.20 34.39
N LEU A 238 -9.81 51.88 33.83
CA LEU A 238 -10.13 53.25 34.19
C LEU A 238 -11.35 53.29 35.09
N LEU A 239 -11.52 54.43 35.78
CA LEU A 239 -12.64 54.63 36.69
C LEU A 239 -13.39 55.90 36.29
N ALA A 240 -14.49 56.15 36.98
CA ALA A 240 -15.39 57.25 36.65
C ALA A 240 -15.39 58.30 37.75
N LEU A 241 -16.24 59.31 37.60
CA LEU A 241 -16.35 60.40 38.57
C LEU A 241 -17.69 61.09 38.38
N ASN A 242 -18.39 61.34 39.48
CA ASN A 242 -19.67 62.04 39.47
C ASN A 242 -19.74 63.03 40.62
N ARG A 243 -18.67 63.77 40.85
CA ARG A 243 -18.64 64.78 41.90
C ARG A 243 -17.82 65.99 41.47
N ALA A 260 -17.39 43.31 44.29
CA ALA A 260 -18.67 43.01 43.66
C ALA A 260 -18.66 43.37 42.17
N ASP A 261 -17.48 43.39 41.59
CA ASP A 261 -17.27 43.69 40.18
C ASP A 261 -15.86 43.22 39.82
N TYR A 262 -15.42 43.55 38.60
CA TYR A 262 -14.00 43.44 38.25
C TYR A 262 -13.48 42.01 38.24
N TYR A 263 -14.30 41.03 37.89
CA TYR A 263 -13.79 39.67 37.77
C TYR A 263 -12.82 39.57 36.62
N VAL A 264 -11.67 38.93 36.84
CA VAL A 264 -10.65 38.80 35.80
C VAL A 264 -10.19 37.35 35.76
N GLY A 265 -10.08 36.80 34.55
CA GLY A 265 -9.52 35.48 34.36
C GLY A 265 -8.57 35.48 33.19
N TYR A 266 -7.72 34.46 33.15
CA TYR A 266 -6.67 34.36 32.14
C TYR A 266 -6.91 33.13 31.28
N LEU A 267 -6.65 33.27 29.99
CA LEU A 267 -6.89 32.21 29.03
C LEU A 267 -5.63 31.39 28.80
N GLN A 268 -5.82 30.13 28.46
CA GLN A 268 -4.75 29.23 28.05
C GLN A 268 -5.26 28.32 26.95
N PRO A 269 -4.37 27.85 26.07
CA PRO A 269 -4.82 26.96 24.99
C PRO A 269 -5.39 25.67 25.56
N ARG A 270 -6.53 25.25 25.02
CA ARG A 270 -7.23 24.08 25.52
C ARG A 270 -8.08 23.50 24.40
N THR A 271 -8.46 22.25 24.56
CA THR A 271 -9.27 21.54 23.58
C THR A 271 -10.68 21.36 24.12
N PHE A 272 -11.63 22.07 23.52
CA PHE A 272 -13.02 22.04 23.97
C PHE A 272 -13.87 21.22 23.03
N LEU A 273 -15.16 21.15 23.35
CA LEU A 273 -16.15 20.50 22.52
C LEU A 273 -17.46 21.25 22.65
N LEU A 274 -17.93 21.86 21.56
CA LEU A 274 -19.04 22.77 21.60
C LEU A 274 -20.22 22.19 20.83
N LYS A 275 -21.40 22.20 21.45
CA LYS A 275 -22.62 21.72 20.82
C LYS A 275 -23.34 22.89 20.19
N TYR A 276 -23.17 23.06 18.88
CA TYR A 276 -23.82 24.13 18.15
C TYR A 276 -25.31 23.83 17.99
N ASN A 277 -26.14 24.82 18.25
CA ASN A 277 -27.59 24.66 18.15
C ASN A 277 -28.00 24.65 16.68
N GLU A 278 -29.31 24.55 16.43
CA GLU A 278 -29.82 24.58 15.07
C GLU A 278 -29.58 25.94 14.41
N ASN A 279 -29.77 27.00 15.17
CA ASN A 279 -29.65 28.36 14.63
C ASN A 279 -28.26 28.93 14.77
N GLY A 280 -27.29 28.14 15.20
CA GLY A 280 -25.92 28.59 15.35
C GLY A 280 -25.54 29.02 16.75
N THR A 281 -26.50 29.19 17.64
CA THR A 281 -26.17 29.48 19.02
C THR A 281 -25.49 28.28 19.67
N ILE A 282 -24.83 28.52 20.79
CA ILE A 282 -24.12 27.48 21.52
C ILE A 282 -24.94 27.12 22.75
N THR A 283 -25.27 25.83 22.88
CA THR A 283 -26.08 25.36 24.00
C THR A 283 -25.21 24.99 25.20
N ASP A 284 -24.28 24.07 25.01
CA ASP A 284 -23.41 23.63 26.09
C ASP A 284 -22.08 23.18 25.51
N ALA A 285 -21.05 23.20 26.36
CA ALA A 285 -19.72 22.81 25.96
C ALA A 285 -19.03 22.07 27.09
N VAL A 286 -18.15 21.13 26.72
CA VAL A 286 -17.38 20.36 27.68
C VAL A 286 -15.91 20.40 27.30
N ASP A 287 -15.06 20.12 28.28
CA ASP A 287 -13.63 20.06 28.05
C ASP A 287 -13.17 18.63 27.89
N CYS A 288 -11.89 18.48 27.59
CA CYS A 288 -11.19 17.21 27.74
C CYS A 288 -9.82 17.45 28.33
N ALA A 289 -9.76 18.27 29.38
CA ALA A 289 -8.59 18.38 30.22
C ALA A 289 -8.97 18.51 31.69
N LEU A 290 -10.24 18.30 32.02
CA LEU A 290 -10.74 18.53 33.37
C LEU A 290 -10.97 17.24 34.14
N ASP A 291 -11.75 16.31 33.61
CA ASP A 291 -12.16 15.12 34.32
C ASP A 291 -12.04 13.92 33.40
N PRO A 292 -11.90 12.71 33.93
CA PRO A 292 -11.92 11.53 33.05
C PRO A 292 -13.18 11.42 32.22
N LEU A 293 -14.32 11.75 32.82
CA LEU A 293 -15.56 11.75 32.06
C LEU A 293 -15.51 12.76 30.94
N SER A 294 -15.00 13.96 31.21
CA SER A 294 -14.87 14.97 30.17
C SER A 294 -13.93 14.50 29.08
N GLU A 295 -12.88 13.76 29.46
CA GLU A 295 -11.94 13.26 28.46
C GLU A 295 -12.59 12.25 27.53
N THR A 296 -13.32 11.28 28.09
CA THR A 296 -13.96 10.30 27.22
C THR A 296 -15.03 10.97 26.36
N LYS A 297 -15.76 11.93 26.95
CA LYS A 297 -16.79 12.65 26.22
C LYS A 297 -16.20 13.46 25.07
N CYS A 298 -14.99 13.99 25.26
CA CYS A 298 -14.33 14.73 24.19
C CYS A 298 -13.77 13.81 23.13
N THR A 299 -13.23 12.66 23.53
CA THR A 299 -12.58 11.75 22.59
C THR A 299 -13.55 10.82 21.89
N LEU A 300 -14.83 10.86 22.26
CA LEU A 300 -15.85 10.00 21.67
C LEU A 300 -16.97 10.91 21.16
N LYS A 301 -16.59 11.87 20.33
CA LYS A 301 -17.29 13.15 20.23
C LYS A 301 -18.79 13.00 20.27
N SER A 302 -19.37 13.45 21.39
CA SER A 302 -20.78 13.38 21.70
C SER A 302 -20.95 13.95 23.09
N PHE A 303 -22.17 14.37 23.39
CA PHE A 303 -22.45 14.98 24.68
C PHE A 303 -23.08 14.01 25.66
N THR A 304 -23.66 12.91 25.17
CA THR A 304 -24.23 11.87 25.99
C THR A 304 -23.48 10.57 25.71
N VAL A 305 -22.84 10.03 26.74
CA VAL A 305 -22.10 8.77 26.63
C VAL A 305 -22.97 7.67 27.22
N GLU A 306 -23.27 6.67 26.40
CA GLU A 306 -24.05 5.54 26.88
C GLU A 306 -23.22 4.69 27.83
N LYS A 307 -23.92 3.94 28.69
CA LYS A 307 -23.23 3.15 29.70
C LYS A 307 -22.37 2.08 29.04
N GLY A 308 -21.14 1.94 29.51
CA GLY A 308 -20.27 0.91 29.01
C GLY A 308 -18.82 1.22 29.32
N ILE A 309 -17.94 0.48 28.66
CA ILE A 309 -16.50 0.65 28.76
C ILE A 309 -15.99 1.36 27.52
N TYR A 310 -14.98 2.20 27.71
CA TYR A 310 -14.41 2.97 26.61
C TYR A 310 -12.91 3.05 26.76
N GLN A 311 -12.23 3.13 25.63
CA GLN A 311 -10.77 3.22 25.58
C GLN A 311 -10.39 4.61 25.11
N THR A 312 -9.64 5.34 25.93
CA THR A 312 -9.32 6.74 25.63
C THR A 312 -7.90 6.91 25.09
N SER A 313 -6.90 6.45 25.83
CA SER A 313 -5.51 6.71 25.46
C SER A 313 -4.66 5.54 25.92
N ASN A 314 -3.34 5.76 25.95
CA ASN A 314 -2.40 4.78 26.46
C ASN A 314 -1.69 5.36 27.67
N PHE A 315 -1.31 4.48 28.59
CA PHE A 315 -0.64 4.88 29.82
C PHE A 315 0.81 4.39 29.76
N ARG A 316 1.75 5.33 29.72
CA ARG A 316 3.17 5.05 29.67
C ARG A 316 3.84 5.46 30.97
N VAL A 317 5.03 4.91 31.20
CA VAL A 317 5.92 5.37 32.27
C VAL A 317 7.32 5.50 31.69
N GLN A 318 7.90 6.68 31.79
CA GLN A 318 9.27 6.85 31.38
C GLN A 318 10.20 6.30 32.45
N PRO A 319 11.39 5.82 32.07
CA PRO A 319 12.34 5.34 33.07
C PRO A 319 12.74 6.46 34.01
N THR A 320 12.88 6.11 35.29
CA THR A 320 13.22 7.12 36.29
C THR A 320 14.69 7.48 36.23
N GLU A 321 15.57 6.52 36.50
CA GLU A 321 17.00 6.74 36.58
C GLU A 321 17.71 5.90 35.54
N SER A 322 18.86 6.39 35.07
CA SER A 322 19.64 5.72 34.05
C SER A 322 20.89 5.12 34.69
N ILE A 323 21.08 3.82 34.50
CA ILE A 323 22.25 3.11 35.01
C ILE A 323 23.10 2.69 33.81
N VAL A 324 24.41 2.79 33.98
CA VAL A 324 25.35 2.19 33.04
C VAL A 324 26.28 1.29 33.85
N ARG A 325 26.79 0.27 33.20
CA ARG A 325 27.61 -0.71 33.90
C ARG A 325 28.66 -1.25 32.93
N PHE A 326 29.89 -0.83 33.13
CA PHE A 326 31.03 -1.30 32.35
C PHE A 326 31.78 -2.33 33.18
N PRO A 327 32.66 -3.14 32.57
CA PRO A 327 33.24 -4.28 33.28
C PRO A 327 34.03 -3.86 34.52
N ASN A 328 34.42 -4.88 35.29
CA ASN A 328 35.20 -4.73 36.50
C ASN A 328 36.64 -4.39 36.23
N VAL A 329 36.97 -4.06 34.98
CA VAL A 329 38.37 -3.92 34.58
C VAL A 329 39.05 -2.84 35.40
N THR A 330 40.25 -3.15 35.86
CA THR A 330 41.13 -2.15 36.43
C THR A 330 42.34 -2.00 35.51
N ASN A 331 43.03 -3.12 35.27
CA ASN A 331 44.15 -3.21 34.35
C ASN A 331 45.02 -1.96 34.40
N LEU A 332 45.45 -1.57 35.59
CA LEU A 332 46.16 -0.31 35.77
C LEU A 332 47.42 -0.28 34.93
N CYS A 333 47.62 0.81 34.21
CA CYS A 333 48.76 0.96 33.34
C CYS A 333 50.04 1.15 34.15
N PRO A 334 51.21 0.98 33.51
CA PRO A 334 52.47 1.22 34.23
C PRO A 334 52.74 2.71 34.44
N PHE A 335 51.71 3.53 34.28
CA PHE A 335 51.82 4.96 34.56
C PHE A 335 52.36 5.21 35.95
N HIS A 336 51.92 4.42 36.93
CA HIS A 336 52.40 4.58 38.30
C HIS A 336 53.89 4.31 38.39
N GLU A 337 54.37 3.27 37.69
CA GLU A 337 55.77 2.91 37.74
C GLU A 337 56.65 4.03 37.23
N VAL A 338 56.26 4.64 36.12
CA VAL A 338 57.02 5.77 35.58
C VAL A 338 56.90 6.99 36.48
N PHE A 339 55.68 7.26 36.96
CA PHE A 339 55.48 8.44 37.81
C PHE A 339 56.11 8.27 39.18
N ASN A 340 56.11 7.05 39.73
CA ASN A 340 56.76 6.77 41.00
C ASN A 340 58.17 6.22 40.81
N ALA A 341 58.76 6.44 39.65
CA ALA A 341 60.15 6.10 39.42
C ALA A 341 61.05 7.16 40.06
N THR A 342 62.33 6.83 40.19
CA THR A 342 63.30 7.75 40.77
C THR A 342 64.35 8.13 39.74
N ARG A 343 64.90 7.13 39.06
CA ARG A 343 65.99 7.36 38.11
C ARG A 343 65.46 7.76 36.74
N PHE A 344 64.93 8.97 36.62
CA PHE A 344 64.53 9.49 35.32
C PHE A 344 65.77 9.75 34.48
N ALA A 345 65.84 9.08 33.32
CA ALA A 345 66.98 9.24 32.44
C ALA A 345 67.00 10.64 31.85
N SER A 346 68.20 11.09 31.48
CA SER A 346 68.39 12.45 31.01
C SER A 346 67.74 12.65 29.64
N VAL A 347 67.76 13.91 29.18
CA VAL A 347 67.15 14.24 27.89
C VAL A 347 67.96 13.64 26.74
N TYR A 348 69.29 13.59 26.88
CA TYR A 348 70.11 13.04 25.81
C TYR A 348 69.87 11.54 25.63
N ALA A 349 69.37 10.87 26.67
CA ALA A 349 68.95 9.47 26.59
C ALA A 349 67.55 9.39 27.17
N TRP A 350 66.55 9.71 26.36
CA TRP A 350 65.18 9.72 26.82
C TRP A 350 64.62 8.31 26.86
N ASN A 351 64.19 7.88 28.04
CA ASN A 351 63.64 6.54 28.18
C ASN A 351 62.22 6.49 27.62
N ARG A 352 62.01 5.61 26.64
CA ARG A 352 60.70 5.41 26.02
C ARG A 352 60.10 4.12 26.59
N THR A 353 58.99 4.26 27.31
CA THR A 353 58.30 3.12 27.89
C THR A 353 57.08 2.80 27.06
N ARG A 354 56.97 1.54 26.63
CA ARG A 354 55.83 1.08 25.86
C ARG A 354 54.69 0.75 26.81
N ILE A 355 53.49 1.23 26.48
CA ILE A 355 52.30 1.06 27.31
C ILE A 355 51.23 0.39 26.47
N SER A 356 50.80 -0.80 26.88
CA SER A 356 49.81 -1.55 26.13
C SER A 356 49.09 -2.52 27.06
N ASN A 357 47.94 -3.01 26.61
CA ASN A 357 47.15 -4.02 27.32
C ASN A 357 46.78 -3.55 28.73
N CYS A 358 46.36 -2.29 28.82
CA CYS A 358 46.03 -1.70 30.11
C CYS A 358 45.02 -0.59 29.92
N VAL A 359 44.39 -0.20 31.02
CA VAL A 359 43.39 0.86 31.02
C VAL A 359 44.06 2.14 31.48
N ALA A 360 44.05 3.16 30.62
CA ALA A 360 44.78 4.40 30.85
C ALA A 360 43.93 5.34 31.70
N ASP A 361 44.02 5.19 33.01
CA ASP A 361 43.34 6.09 33.93
C ASP A 361 44.25 7.28 34.22
N TYR A 362 43.72 8.48 34.02
CA TYR A 362 44.50 9.71 34.19
C TYR A 362 44.42 10.28 35.58
N SER A 363 43.58 9.71 36.45
CA SER A 363 43.53 10.17 37.85
C SER A 363 44.81 9.81 38.59
N VAL A 364 45.39 8.64 38.30
CA VAL A 364 46.66 8.28 38.91
C VAL A 364 47.77 9.21 38.43
N LEU A 365 47.63 9.76 37.23
CA LEU A 365 48.59 10.77 36.78
C LEU A 365 48.35 12.11 37.48
N TYR A 366 47.08 12.48 37.64
CA TYR A 366 46.76 13.77 38.25
C TYR A 366 47.16 13.81 39.71
N ASN A 367 46.95 12.72 40.45
CA ASN A 367 47.17 12.74 41.89
C ASN A 367 48.63 12.55 42.28
N PHE A 368 49.50 12.16 41.34
CA PHE A 368 50.89 11.90 41.67
C PHE A 368 51.81 13.08 41.37
N ALA A 369 51.38 14.04 40.56
CA ALA A 369 52.27 15.13 40.17
C ALA A 369 51.55 16.47 40.11
N PRO A 370 51.98 17.45 40.89
CA PRO A 370 51.45 18.83 40.73
C PRO A 370 52.05 19.50 39.51
N PHE A 371 51.45 19.27 38.34
CA PHE A 371 52.04 19.69 37.08
C PHE A 371 52.19 21.21 37.02
N PHE A 372 53.16 21.63 36.21
CA PHE A 372 53.32 23.03 35.84
C PHE A 372 53.07 23.29 34.36
N ALA A 373 53.02 22.25 33.53
CA ALA A 373 52.75 22.39 32.11
C ALA A 373 52.08 21.10 31.64
N PHE A 374 50.76 21.13 31.49
CA PHE A 374 49.97 19.98 31.07
C PHE A 374 49.27 20.27 29.74
N LYS A 375 49.99 20.89 28.81
CA LYS A 375 49.40 21.26 27.53
C LYS A 375 49.19 20.03 26.66
N CYS A 376 48.19 20.12 25.77
CA CYS A 376 47.85 19.05 24.85
C CYS A 376 47.67 19.63 23.46
N TYR A 377 48.00 18.82 22.45
CA TYR A 377 47.95 19.26 21.06
C TYR A 377 46.95 18.49 20.21
N GLY A 378 47.02 17.17 20.21
CA GLY A 378 46.15 16.37 19.36
C GLY A 378 44.86 15.93 20.02
N VAL A 379 44.80 16.06 21.36
CA VAL A 379 43.64 15.64 22.13
C VAL A 379 43.30 16.72 23.15
N SER A 380 42.10 16.62 23.72
CA SER A 380 41.68 17.52 24.78
C SER A 380 42.12 16.99 26.13
N PRO A 381 42.77 17.82 26.97
CA PRO A 381 43.17 17.33 28.30
C PRO A 381 42.01 16.86 29.15
N THR A 382 40.83 17.46 28.99
CA THR A 382 39.65 16.94 29.69
C THR A 382 39.14 15.67 29.03
N LYS A 383 39.27 15.57 27.71
CA LYS A 383 38.79 14.42 26.96
C LYS A 383 39.94 13.43 26.79
N LEU A 384 40.18 12.67 27.86
CA LEU A 384 41.10 11.53 27.81
C LEU A 384 40.54 10.26 28.43
N ASN A 385 39.48 10.36 29.24
CA ASN A 385 38.83 9.17 29.77
C ASN A 385 38.01 8.46 28.69
N ASP A 386 37.46 9.19 27.73
CA ASP A 386 36.56 8.64 26.73
C ASP A 386 37.23 8.44 25.37
N LEU A 387 38.50 8.04 25.37
CA LEU A 387 39.22 7.72 24.15
C LEU A 387 39.95 6.40 24.32
N CYS A 388 40.01 5.64 23.22
CA CYS A 388 40.74 4.37 23.18
C CYS A 388 41.89 4.51 22.21
N PHE A 389 43.11 4.21 22.67
CA PHE A 389 44.32 4.41 21.88
C PHE A 389 44.94 3.07 21.53
N THR A 390 45.40 2.94 20.29
CA THR A 390 46.03 1.71 19.85
C THR A 390 47.33 1.45 20.61
N ASN A 391 48.10 2.50 20.89
CA ASN A 391 49.32 2.35 21.66
C ASN A 391 49.70 3.69 22.27
N VAL A 392 50.35 3.64 23.43
CA VAL A 392 50.76 4.82 24.17
C VAL A 392 52.23 4.70 24.48
N TYR A 393 52.98 5.77 24.24
CA TYR A 393 54.40 5.84 24.53
C TYR A 393 54.67 6.98 25.50
N ALA A 394 55.42 6.69 26.56
CA ALA A 394 55.74 7.67 27.60
C ALA A 394 57.25 7.90 27.60
N ASP A 395 57.68 9.06 27.14
CA ASP A 395 59.08 9.45 27.17
C ASP A 395 59.30 10.41 28.34
N SER A 396 60.13 9.99 29.29
CA SER A 396 60.35 10.73 30.53
C SER A 396 61.81 11.14 30.64
N PHE A 397 62.04 12.41 30.96
CA PHE A 397 63.39 12.91 31.19
C PHE A 397 63.32 14.16 32.05
N VAL A 398 64.26 14.27 32.99
CA VAL A 398 64.35 15.45 33.84
C VAL A 398 65.10 16.54 33.08
N ILE A 399 64.48 17.72 32.99
CA ILE A 399 64.98 18.80 32.15
C ILE A 399 64.84 20.12 32.90
N LYS A 400 65.46 21.17 32.35
CA LYS A 400 65.49 22.47 32.99
C LYS A 400 64.11 23.14 32.87
N GLY A 401 64.02 24.40 33.31
CA GLY A 401 62.77 25.13 33.30
C GLY A 401 62.33 25.62 31.93
N ASN A 402 63.15 26.45 31.29
CA ASN A 402 62.81 26.94 29.96
C ASN A 402 62.72 25.81 28.94
N GLU A 403 63.49 24.74 29.15
CA GLU A 403 63.42 23.60 28.25
C GLU A 403 62.06 22.93 28.25
N VAL A 404 61.28 23.10 29.32
CA VAL A 404 59.93 22.53 29.35
C VAL A 404 59.06 23.16 28.26
N SER A 405 59.07 24.50 28.20
CA SER A 405 58.36 25.18 27.13
C SER A 405 59.07 25.05 25.79
N GLN A 406 60.37 24.76 25.81
CA GLN A 406 61.09 24.50 24.57
C GLN A 406 60.55 23.23 23.88
N ILE A 407 60.19 22.23 24.68
CA ILE A 407 59.66 20.98 24.14
C ILE A 407 58.22 21.20 23.67
N ALA A 408 58.04 21.31 22.35
CA ALA A 408 56.73 21.49 21.73
C ALA A 408 56.87 21.27 20.24
N PRO A 409 55.80 20.86 19.55
CA PRO A 409 55.88 20.72 18.09
C PRO A 409 56.22 22.05 17.42
N GLY A 410 57.03 21.97 16.38
CA GLY A 410 57.44 23.16 15.64
C GLY A 410 58.25 24.14 16.47
N GLN A 411 59.21 23.62 17.23
CA GLN A 411 60.09 24.44 18.06
C GLN A 411 61.54 24.23 17.63
N THR A 412 62.43 24.97 18.28
CA THR A 412 63.86 24.90 17.97
C THR A 412 64.66 25.20 19.22
N GLY A 413 65.93 24.80 19.21
CA GLY A 413 66.81 25.04 20.32
C GLY A 413 67.86 23.95 20.48
N ASN A 414 68.73 24.10 21.48
CA ASN A 414 69.76 23.10 21.73
C ASN A 414 69.17 21.76 22.17
N ILE A 415 67.96 21.76 22.68
CA ILE A 415 67.29 20.53 23.11
C ILE A 415 66.32 20.03 22.05
N ALA A 416 65.53 20.92 21.46
CA ALA A 416 64.56 20.54 20.44
C ALA A 416 65.21 20.09 19.14
N ASP A 417 66.52 20.31 18.97
CA ASP A 417 67.21 19.95 17.74
C ASP A 417 68.31 18.91 17.94
N TYR A 418 68.91 18.82 19.13
CA TYR A 418 70.02 17.92 19.37
C TYR A 418 69.73 16.87 20.44
N ASN A 419 68.70 17.05 21.27
CA ASN A 419 68.41 16.11 22.35
C ASN A 419 67.08 15.39 22.16
N TYR A 420 65.99 16.13 21.98
CA TYR A 420 64.67 15.52 21.79
C TYR A 420 63.83 16.47 20.95
N LYS A 421 63.36 15.98 19.81
CA LYS A 421 62.57 16.77 18.88
C LYS A 421 61.14 16.23 18.84
N LEU A 422 60.17 17.11 19.08
CA LEU A 422 58.75 16.78 18.99
C LEU A 422 58.27 17.00 17.56
N PRO A 423 57.69 15.99 16.91
CA PRO A 423 57.22 16.16 15.54
C PRO A 423 56.04 17.13 15.47
N ASP A 424 55.87 17.73 14.29
CA ASP A 424 54.81 18.71 14.10
C ASP A 424 53.43 18.09 14.30
N ASP A 425 53.22 16.87 13.79
CA ASP A 425 51.95 16.18 13.92
C ASP A 425 52.04 15.24 15.12
N PHE A 426 51.86 15.81 16.30
CA PHE A 426 51.96 15.08 17.55
C PHE A 426 50.57 14.89 18.14
N THR A 427 50.25 13.65 18.51
CA THR A 427 48.97 13.30 19.13
C THR A 427 49.28 12.81 20.53
N GLY A 428 49.18 13.70 21.51
CA GLY A 428 49.46 13.35 22.89
C GLY A 428 49.48 14.59 23.75
N CYS A 429 50.06 14.42 24.95
CA CYS A 429 50.17 15.51 25.90
C CYS A 429 51.54 15.44 26.58
N VAL A 430 51.96 16.57 27.14
CA VAL A 430 53.20 16.66 27.89
C VAL A 430 52.89 17.02 29.34
N ILE A 431 53.71 16.50 30.25
CA ILE A 431 53.53 16.69 31.68
C ILE A 431 54.86 17.15 32.26
N ALA A 432 54.82 18.24 33.02
CA ALA A 432 56.01 18.78 33.67
C ALA A 432 55.67 19.18 35.10
N TRP A 433 56.36 18.57 36.06
CA TRP A 433 56.17 18.87 37.47
C TRP A 433 57.53 18.98 38.15
N ASN A 434 57.67 19.99 38.99
CA ASN A 434 58.97 20.31 39.58
C ASN A 434 59.38 19.26 40.59
N SER A 435 60.64 18.85 40.55
CA SER A 435 61.20 17.83 41.45
C SER A 435 62.54 18.34 41.97
N ASN A 436 62.51 19.07 43.08
CA ASN A 436 63.72 19.53 43.75
C ASN A 436 64.08 18.67 44.96
N LYS A 437 63.35 17.58 45.19
CA LYS A 437 63.60 16.70 46.32
C LYS A 437 64.32 15.41 45.96
N LEU A 438 64.37 15.07 44.67
CA LEU A 438 65.07 13.87 44.22
C LEU A 438 66.30 14.15 43.37
N ASP A 439 66.31 15.24 42.62
CA ASP A 439 67.41 15.57 41.72
C ASP A 439 68.33 16.65 42.29
N SER A 440 68.15 17.00 43.56
CA SER A 440 68.99 18.00 44.21
C SER A 440 69.45 17.47 45.56
N LYS A 441 70.67 17.87 45.94
CA LYS A 441 71.25 17.44 47.20
C LYS A 441 72.37 18.40 47.57
N HIS A 442 72.84 18.27 48.80
CA HIS A 442 73.98 19.04 49.24
C HIS A 442 75.23 18.63 48.46
N SER A 443 76.13 19.60 48.26
CA SER A 443 77.37 19.48 47.50
C SER A 443 77.12 19.29 46.01
N GLY A 444 75.89 19.41 45.53
CA GLY A 444 75.60 19.35 44.12
C GLY A 444 75.41 17.94 43.59
N ASN A 445 74.97 17.87 42.34
CA ASN A 445 74.77 16.60 41.66
C ASN A 445 74.89 16.83 40.16
N TYR A 446 75.82 16.14 39.52
CA TYR A 446 76.08 16.28 38.09
C TYR A 446 75.82 14.98 37.36
N ASP A 447 74.86 14.19 37.86
CA ASP A 447 74.58 12.88 37.27
C ASP A 447 74.04 13.01 35.86
N TYR A 448 73.16 13.99 35.63
CA TYR A 448 72.51 14.11 34.33
C TYR A 448 73.44 14.75 33.30
N TRP A 449 73.19 14.43 32.04
CA TRP A 449 73.97 14.94 30.92
C TRP A 449 73.02 15.41 29.82
N TYR A 450 73.54 16.24 28.92
CA TYR A 450 72.78 16.65 27.75
C TYR A 450 73.74 17.15 26.68
N ARG A 451 73.31 17.04 25.43
CA ARG A 451 74.13 17.33 24.26
C ARG A 451 73.71 18.64 23.63
N LEU A 452 74.68 19.52 23.39
CA LEU A 452 74.43 20.78 22.71
C LEU A 452 75.14 20.91 21.38
N PHE A 453 76.03 19.99 21.04
CA PHE A 453 76.81 20.05 19.81
C PHE A 453 76.59 18.77 19.01
N ARG A 454 75.95 18.88 17.85
CA ARG A 454 75.69 17.76 16.98
C ARG A 454 75.99 18.15 15.54
N LYS A 455 76.32 17.16 14.72
CA LYS A 455 76.63 17.42 13.32
C LYS A 455 75.41 17.93 12.55
N SER A 456 74.20 17.63 13.02
CA SER A 456 72.98 18.09 12.37
C SER A 456 71.86 18.05 13.39
N LYS A 457 70.62 18.20 12.91
CA LYS A 457 69.46 18.17 13.77
C LYS A 457 69.06 16.73 14.08
N LEU A 458 68.17 16.57 15.06
CA LEU A 458 67.69 15.26 15.48
C LEU A 458 66.29 15.03 14.92
N LYS A 459 66.12 13.92 14.21
CA LYS A 459 64.81 13.54 13.70
C LYS A 459 63.89 13.20 14.87
N PRO A 460 62.60 13.52 14.78
CA PRO A 460 61.70 13.22 15.90
C PRO A 460 61.68 11.74 16.23
N PHE A 461 61.61 11.44 17.53
CA PHE A 461 61.62 10.08 18.06
C PHE A 461 62.89 9.34 17.63
N GLU A 462 64.03 9.93 17.99
CA GLU A 462 65.33 9.33 17.70
C GLU A 462 66.24 9.53 18.91
N ARG A 463 67.02 8.50 19.22
CA ARG A 463 68.01 8.54 20.28
C ARG A 463 69.40 8.53 19.66
N ASP A 464 70.26 9.42 20.12
CA ASP A 464 71.58 9.67 19.52
C ASP A 464 72.68 9.48 20.55
N ILE A 465 72.65 8.34 21.24
CA ILE A 465 73.67 8.01 22.23
C ILE A 465 74.99 7.81 21.50
N SER A 466 75.92 8.74 21.70
CA SER A 466 77.26 8.66 21.12
C SER A 466 78.16 9.66 21.82
N THR A 467 79.43 9.32 21.94
CA THR A 467 80.45 10.23 22.48
C THR A 467 81.45 10.48 21.35
N GLU A 468 81.12 11.44 20.49
CA GLU A 468 81.98 11.83 19.37
C GLU A 468 82.31 13.31 19.53
N ILE A 469 83.61 13.63 19.49
CA ILE A 469 84.05 15.00 19.65
C ILE A 469 83.63 15.81 18.44
N TYR A 470 82.93 16.91 18.67
CA TYR A 470 82.47 17.75 17.57
C TYR A 470 83.67 18.41 16.88
N GLN A 471 83.63 18.44 15.56
CA GLN A 471 84.73 19.00 14.78
C GLN A 471 84.58 20.51 14.63
N ALA A 472 85.68 21.22 14.81
CA ALA A 472 85.74 22.66 14.59
C ALA A 472 86.81 22.94 13.54
N GLY A 473 86.45 23.66 12.49
CA GLY A 473 87.35 23.89 11.39
C GLY A 473 87.50 22.66 10.50
N ASN A 474 88.70 22.08 10.47
CA ASN A 474 88.93 20.89 9.66
C ASN A 474 89.78 19.85 10.39
N LYS A 475 90.11 20.07 11.66
CA LYS A 475 90.98 19.16 12.39
C LYS A 475 90.25 17.88 12.75
N PRO A 476 90.86 16.71 12.57
CA PRO A 476 90.21 15.45 12.96
C PRO A 476 90.37 15.14 14.45
N CYS A 477 90.73 16.17 15.23
CA CYS A 477 91.07 15.99 16.64
C CYS A 477 90.01 15.19 17.39
N LYS A 478 90.46 14.44 18.40
CA LYS A 478 89.61 13.61 19.24
C LYS A 478 90.06 13.82 20.69
N GLY A 479 89.44 14.79 21.36
CA GLY A 479 89.82 15.08 22.73
C GLY A 479 89.07 16.30 23.24
N LYS A 480 89.58 16.84 24.35
CA LYS A 480 89.00 17.99 25.01
C LYS A 480 89.95 19.18 24.93
N GLY A 481 89.38 20.38 24.93
CA GLY A 481 90.16 21.59 24.88
C GLY A 481 89.67 22.52 23.78
N PRO A 482 90.55 23.42 23.34
CA PRO A 482 90.18 24.32 22.23
C PRO A 482 89.99 23.54 20.95
N ASN A 483 88.99 23.96 20.16
CA ASN A 483 88.64 23.39 18.86
C ASN A 483 88.14 21.95 18.98
N CYS A 484 88.14 21.38 20.19
CA CYS A 484 87.73 19.99 20.41
C CYS A 484 86.78 19.99 21.61
N TYR A 485 85.48 19.98 21.35
CA TYR A 485 84.46 20.08 22.38
C TYR A 485 83.71 18.77 22.55
N PHE A 486 83.52 18.37 23.81
CA PHE A 486 82.77 17.16 24.10
C PHE A 486 81.32 17.33 23.67
N PRO A 487 80.72 16.30 23.06
CA PRO A 487 79.34 16.46 22.56
C PRO A 487 78.32 16.77 23.64
N LEU A 488 78.52 16.28 24.86
CA LEU A 488 77.53 16.39 25.92
C LEU A 488 78.09 17.15 27.11
N GLN A 489 77.24 17.96 27.74
CA GLN A 489 77.56 18.68 28.97
C GLN A 489 76.65 18.15 30.09
N SER A 490 76.73 18.80 31.25
CA SER A 490 76.06 18.33 32.45
C SER A 490 74.78 19.13 32.73
N TYR A 491 73.93 18.53 33.56
CA TYR A 491 72.75 19.19 34.10
C TYR A 491 72.88 19.37 35.61
N GLY A 492 74.04 19.87 36.05
CA GLY A 492 74.32 20.07 37.46
C GLY A 492 73.19 20.75 38.21
N PHE A 493 72.56 20.01 39.13
CA PHE A 493 71.38 20.46 39.84
C PHE A 493 71.69 20.61 41.32
N ARG A 494 71.13 21.64 41.93
CA ARG A 494 71.29 21.95 43.34
C ARG A 494 69.97 22.45 43.88
N PRO A 495 69.75 22.33 45.20
CA PRO A 495 68.49 22.81 45.78
C PRO A 495 68.33 24.33 45.76
N THR A 496 69.39 25.09 45.46
CA THR A 496 69.35 26.56 45.50
C THR A 496 69.66 27.12 44.13
N TYR A 497 68.64 27.26 43.29
CA TYR A 497 68.74 27.94 42.00
C TYR A 497 67.57 28.88 41.79
N GLY A 498 67.46 29.43 40.58
CA GLY A 498 66.29 30.19 40.20
C GLY A 498 65.18 29.27 39.70
N VAL A 499 64.06 29.90 39.33
CA VAL A 499 62.91 29.13 38.85
C VAL A 499 63.25 28.39 37.57
N GLY A 500 63.95 29.06 36.64
CA GLY A 500 64.24 28.46 35.35
C GLY A 500 65.34 27.41 35.38
N HIS A 501 66.07 27.29 36.49
CA HIS A 501 67.16 26.34 36.61
C HIS A 501 66.79 25.12 37.45
N GLN A 502 65.51 24.98 37.81
CA GLN A 502 65.06 23.88 38.66
C GLN A 502 65.01 22.57 37.89
N PRO A 503 65.19 21.43 38.58
CA PRO A 503 65.08 20.10 37.93
C PRO A 503 63.63 19.69 37.64
N TYR A 504 63.10 20.21 36.54
CA TYR A 504 61.73 19.88 36.15
C TYR A 504 61.64 18.44 35.68
N ARG A 505 60.66 17.71 36.20
CA ARG A 505 60.41 16.34 35.80
C ARG A 505 59.38 16.33 34.67
N VAL A 506 59.80 15.89 33.49
CA VAL A 506 58.96 15.95 32.29
C VAL A 506 58.65 14.53 31.84
N VAL A 507 57.36 14.22 31.72
CA VAL A 507 56.88 12.96 31.18
C VAL A 507 55.90 13.28 30.07
N VAL A 508 56.24 12.91 28.84
CA VAL A 508 55.41 13.19 27.68
C VAL A 508 54.78 11.89 27.21
N LEU A 509 53.51 11.97 26.84
CA LEU A 509 52.74 10.81 26.39
C LEU A 509 52.41 10.96 24.92
N SER A 510 52.75 9.94 24.14
CA SER A 510 52.46 9.90 22.70
C SER A 510 51.42 8.82 22.42
N PHE A 511 50.37 9.19 21.70
CA PHE A 511 49.32 8.25 21.34
C PHE A 511 49.29 8.02 19.84
N GLU A 512 48.84 6.83 19.45
CA GLU A 512 48.64 6.46 18.05
C GLU A 512 47.14 6.37 17.81
N LEU A 513 46.54 7.51 17.45
CA LEU A 513 45.10 7.56 17.17
C LEU A 513 44.87 7.39 15.68
N LEU A 514 45.10 6.15 15.23
CA LEU A 514 44.96 5.77 13.83
C LEU A 514 44.03 4.56 13.72
N HIS A 515 43.83 4.08 12.50
CA HIS A 515 42.95 2.95 12.25
C HIS A 515 43.69 1.67 12.61
N ALA A 516 43.39 1.15 13.80
CA ALA A 516 44.00 -0.09 14.30
C ALA A 516 43.12 -0.62 15.42
N PRO A 517 43.21 -1.92 15.73
CA PRO A 517 42.47 -2.46 16.86
C PRO A 517 42.86 -1.76 18.16
N ALA A 518 41.87 -1.53 19.02
CA ALA A 518 42.12 -0.82 20.27
C ALA A 518 42.88 -1.70 21.24
N THR A 519 43.81 -1.11 21.96
CA THR A 519 44.60 -1.81 22.97
C THR A 519 44.56 -1.14 24.33
N VAL A 520 44.59 0.18 24.39
CA VAL A 520 44.57 0.94 25.63
C VAL A 520 43.42 1.93 25.55
N CYS A 521 42.58 1.95 26.58
CA CYS A 521 41.44 2.85 26.60
C CYS A 521 41.17 3.29 28.03
N GLY A 522 40.34 4.32 28.16
CA GLY A 522 40.10 4.96 29.44
C GLY A 522 39.29 4.12 30.40
N PRO A 523 39.30 4.51 31.68
CA PRO A 523 38.52 3.79 32.69
C PRO A 523 37.03 4.11 32.62
N LYS A 524 36.31 3.37 31.78
CA LYS A 524 34.87 3.58 31.66
C LYS A 524 34.19 3.46 33.02
N LYS A 525 33.28 4.39 33.30
CA LYS A 525 32.68 4.49 34.62
C LYS A 525 31.60 3.43 34.83
N SER A 526 31.18 3.29 36.08
CA SER A 526 30.18 2.31 36.49
C SER A 526 29.17 2.96 37.42
N THR A 527 27.96 2.39 37.45
CA THR A 527 26.92 2.89 38.33
C THR A 527 26.38 1.77 39.22
N ASN A 528 25.36 2.07 40.01
CA ASN A 528 24.72 1.06 40.84
C ASN A 528 23.74 0.27 39.97
N LEU A 529 23.06 -0.71 40.57
CA LEU A 529 22.16 -1.58 39.82
C LEU A 529 20.73 -1.07 39.83
N VAL A 530 20.11 -0.99 41.01
CA VAL A 530 18.72 -0.54 41.18
C VAL A 530 17.82 -1.48 40.39
N LYS A 531 17.30 -2.50 41.07
CA LYS A 531 16.45 -3.51 40.45
C LYS A 531 14.98 -3.21 40.74
N ASN A 532 14.12 -3.89 39.97
CA ASN A 532 12.66 -3.78 40.11
C ASN A 532 12.19 -2.33 39.97
N LYS A 533 12.75 -1.63 38.98
CA LYS A 533 12.33 -0.26 38.72
C LYS A 533 12.55 0.03 37.25
N CYS A 534 11.67 0.84 36.67
CA CYS A 534 11.80 1.23 35.27
C CYS A 534 13.03 2.11 35.11
N VAL A 535 14.11 1.56 34.56
CA VAL A 535 15.38 2.25 34.49
C VAL A 535 15.91 2.18 33.07
N ASN A 536 16.92 3.00 32.81
CA ASN A 536 17.65 2.96 31.55
C ASN A 536 18.98 2.26 31.77
N PHE A 537 19.34 1.36 30.88
CA PHE A 537 20.54 0.56 31.03
C PHE A 537 21.45 0.74 29.83
N ASN A 538 22.76 0.67 30.09
CA ASN A 538 23.79 0.69 29.06
C ASN A 538 24.83 -0.40 29.35
N PHE A 539 24.34 -1.61 29.61
CA PHE A 539 25.21 -2.74 29.91
C PHE A 539 26.24 -2.97 28.82
N ASN A 540 27.53 -2.77 29.15
CA ASN A 540 28.70 -3.14 28.37
C ASN A 540 28.51 -2.98 26.86
N GLY A 541 27.90 -1.89 26.44
CA GLY A 541 27.68 -1.62 25.03
C GLY A 541 26.27 -1.87 24.54
N LEU A 542 25.41 -2.52 25.33
CA LEU A 542 24.02 -2.75 24.97
C LEU A 542 23.16 -1.65 25.59
N THR A 543 22.45 -0.91 24.75
CA THR A 543 21.65 0.23 25.20
C THR A 543 20.17 -0.03 24.98
N GLY A 544 19.37 0.20 26.00
CA GLY A 544 17.93 0.11 25.89
C GLY A 544 17.29 0.54 27.19
N THR A 545 15.98 0.33 27.28
CA THR A 545 15.22 0.65 28.47
C THR A 545 14.53 -0.60 28.97
N GLY A 546 14.48 -0.77 30.28
CA GLY A 546 13.87 -1.95 30.85
C GLY A 546 13.90 -1.96 32.36
N VAL A 547 13.53 -3.12 32.90
CA VAL A 547 13.51 -3.37 34.34
C VAL A 547 14.26 -4.68 34.57
N LEU A 548 14.81 -4.85 35.77
CA LEU A 548 15.73 -5.95 36.05
C LEU A 548 15.38 -6.61 37.38
N THR A 549 15.85 -7.85 37.56
CA THR A 549 15.90 -8.45 38.89
C THR A 549 16.92 -9.57 38.90
N LYS A 550 16.91 -10.34 39.99
CA LYS A 550 17.70 -11.54 40.08
C LYS A 550 17.20 -12.59 39.09
N SER A 551 17.95 -13.68 38.98
CA SER A 551 17.74 -14.66 37.93
C SER A 551 18.09 -16.05 38.42
N ASN A 552 17.54 -17.07 37.76
CA ASN A 552 17.61 -18.44 38.23
C ASN A 552 17.90 -19.47 37.14
N LYS A 553 18.42 -19.04 35.99
CA LYS A 553 18.86 -20.03 35.02
C LYS A 553 20.38 -20.05 34.91
N LYS A 554 20.87 -20.77 33.91
CA LYS A 554 22.19 -21.39 33.93
C LYS A 554 23.04 -20.97 32.73
N PHE A 555 23.20 -19.67 32.52
CA PHE A 555 24.21 -19.15 31.61
C PHE A 555 25.48 -19.99 31.67
N LEU A 556 25.98 -20.39 30.51
CA LEU A 556 27.29 -21.02 30.47
C LEU A 556 28.37 -20.01 30.83
N PRO A 557 29.52 -20.48 31.33
CA PRO A 557 30.56 -19.52 31.74
C PRO A 557 30.99 -18.58 30.64
N PHE A 558 31.05 -19.05 29.40
CA PHE A 558 31.47 -18.17 28.32
C PHE A 558 30.34 -17.27 27.83
N GLN A 559 29.10 -17.57 28.20
CA GLN A 559 27.98 -16.76 27.74
C GLN A 559 28.02 -15.38 28.39
N GLN A 560 27.51 -14.39 27.68
CA GLN A 560 27.58 -13.01 28.18
C GLN A 560 26.26 -12.27 28.05
N PHE A 561 25.40 -12.73 27.15
CA PHE A 561 24.33 -11.91 26.63
C PHE A 561 23.05 -12.74 26.53
N GLY A 562 21.99 -12.11 26.05
CA GLY A 562 20.72 -12.80 25.91
C GLY A 562 20.03 -12.38 24.63
N ARG A 563 19.31 -13.33 24.04
CA ARG A 563 18.60 -13.11 22.79
C ARG A 563 17.53 -14.19 22.70
N ASP A 564 16.66 -14.12 21.70
CA ASP A 564 15.55 -15.06 21.63
C ASP A 564 15.33 -15.49 20.18
N ILE A 565 14.19 -16.16 19.95
CA ILE A 565 13.85 -16.66 18.63
C ILE A 565 13.68 -15.52 17.64
N VAL A 566 13.02 -14.43 18.06
CA VAL A 566 12.78 -13.32 17.13
C VAL A 566 13.74 -12.20 17.51
N ASP A 567 14.91 -12.58 18.04
CA ASP A 567 16.07 -11.70 18.13
C ASP A 567 15.78 -10.44 18.94
N THR A 568 15.51 -10.64 20.22
CA THR A 568 15.33 -9.55 21.17
C THR A 568 16.14 -9.83 22.42
N THR A 569 16.86 -8.82 22.91
CA THR A 569 17.80 -9.04 23.99
C THR A 569 17.07 -9.21 25.32
N ASP A 570 17.30 -10.32 25.99
CA ASP A 570 16.66 -10.58 27.27
C ASP A 570 17.56 -10.32 28.47
N ALA A 571 18.63 -11.09 28.61
CA ALA A 571 19.39 -11.11 29.84
C ALA A 571 20.83 -10.69 29.56
N VAL A 572 21.37 -9.85 30.45
CA VAL A 572 22.75 -9.41 30.34
C VAL A 572 23.46 -9.79 31.62
N ARG A 573 24.54 -10.56 31.49
CA ARG A 573 25.35 -10.91 32.65
C ARG A 573 25.96 -9.65 33.25
N ASP A 574 25.91 -9.54 34.56
CA ASP A 574 26.44 -8.36 35.23
C ASP A 574 27.95 -8.32 35.04
N PRO A 575 28.50 -7.27 34.42
CA PRO A 575 29.94 -7.26 34.15
C PRO A 575 30.78 -6.94 35.37
N GLN A 576 30.16 -6.90 36.55
CA GLN A 576 30.93 -6.64 37.77
C GLN A 576 30.46 -7.55 38.89
N THR A 577 29.52 -8.43 38.61
CA THR A 577 29.04 -9.39 39.60
C THR A 577 28.93 -10.80 39.05
N LEU A 578 28.92 -10.98 37.72
CA LEU A 578 28.73 -12.29 37.10
C LEU A 578 27.38 -12.89 37.48
N GLU A 579 26.44 -12.01 37.79
CA GLU A 579 25.05 -12.39 38.01
C GLU A 579 24.25 -12.09 36.76
N ILE A 580 23.11 -12.76 36.63
CA ILE A 580 22.25 -12.63 35.46
C ILE A 580 21.10 -11.70 35.82
N LEU A 581 20.89 -10.69 34.98
CA LEU A 581 19.76 -9.79 35.10
C LEU A 581 19.06 -9.75 33.75
N ASP A 582 17.78 -9.39 33.75
CA ASP A 582 17.00 -9.50 32.54
C ASP A 582 16.35 -8.17 32.19
N ILE A 583 15.54 -8.16 31.14
CA ILE A 583 15.07 -6.90 30.57
C ILE A 583 13.60 -7.06 30.19
N THR A 584 12.79 -6.03 30.45
CA THR A 584 11.37 -6.00 30.14
C THR A 584 10.98 -4.62 29.63
N PRO A 585 10.07 -4.56 28.65
CA PRO A 585 9.61 -3.26 28.17
C PRO A 585 9.02 -2.43 29.30
N CYS A 586 9.29 -1.12 29.25
CA CYS A 586 9.20 -0.27 30.43
C CYS A 586 7.89 -0.40 31.21
N SER A 587 6.77 0.06 30.63
CA SER A 587 5.54 0.05 31.41
C SER A 587 4.25 -0.16 30.62
N PHE A 588 4.32 -0.72 29.41
CA PHE A 588 3.21 -0.69 28.46
C PHE A 588 1.86 -0.92 29.11
N GLY A 589 0.87 -0.13 28.69
CA GLY A 589 -0.48 -0.30 29.18
C GLY A 589 -1.51 0.45 28.37
N GLY A 590 -2.79 0.27 28.70
CA GLY A 590 -3.86 0.97 28.02
C GLY A 590 -4.95 1.38 28.99
N VAL A 591 -5.30 2.66 29.01
CA VAL A 591 -6.24 3.19 29.99
C VAL A 591 -7.64 3.16 29.40
N SER A 592 -8.60 2.71 30.20
CA SER A 592 -9.99 2.65 29.78
C SER A 592 -10.88 3.17 30.90
N VAL A 593 -11.99 3.78 30.53
CA VAL A 593 -12.90 4.42 31.47
C VAL A 593 -14.21 3.65 31.48
N ILE A 594 -14.61 3.15 32.64
CA ILE A 594 -15.89 2.49 32.81
C ILE A 594 -16.82 3.45 33.54
N THR A 595 -17.98 3.71 32.95
CA THR A 595 -18.91 4.66 33.53
C THR A 595 -20.33 4.21 33.24
N PRO A 596 -21.26 4.49 34.13
CA PRO A 596 -22.68 4.40 33.79
C PRO A 596 -23.04 5.53 32.85
N GLY A 597 -24.26 5.49 32.33
CA GLY A 597 -24.69 6.54 31.42
C GLY A 597 -24.60 7.91 32.07
N THR A 598 -24.15 8.89 31.28
CA THR A 598 -24.03 10.24 31.81
C THR A 598 -25.37 10.77 32.30
N ASN A 599 -26.47 10.25 31.74
CA ASN A 599 -27.78 10.56 32.26
C ASN A 599 -27.96 10.14 33.70
N THR A 600 -27.20 9.14 34.17
CA THR A 600 -27.32 8.63 35.53
C THR A 600 -26.41 9.35 36.51
N SER A 601 -25.10 9.38 36.25
CA SER A 601 -24.19 10.03 37.18
C SER A 601 -22.90 10.37 36.46
N ASN A 602 -22.17 11.35 37.00
CA ASN A 602 -20.86 11.71 36.49
C ASN A 602 -19.76 10.85 37.08
N GLN A 603 -20.07 9.99 38.04
CA GLN A 603 -19.06 9.14 38.64
C GLN A 603 -18.49 8.19 37.60
N VAL A 604 -17.17 8.09 37.56
CA VAL A 604 -16.49 7.16 36.66
C VAL A 604 -15.43 6.41 37.46
N ALA A 605 -15.09 5.23 36.96
CA ALA A 605 -13.96 4.47 37.45
C ALA A 605 -13.03 4.21 36.28
N VAL A 606 -11.74 4.32 36.52
CA VAL A 606 -10.74 4.24 35.47
C VAL A 606 -10.03 2.89 35.57
N LEU A 607 -9.61 2.37 34.44
CA LEU A 607 -8.91 1.11 34.35
C LEU A 607 -7.59 1.30 33.62
N TYR A 608 -6.57 0.56 34.04
CA TYR A 608 -5.31 0.50 33.32
C TYR A 608 -5.03 -0.96 32.97
N GLN A 609 -5.06 -1.29 31.69
CA GLN A 609 -4.96 -2.68 31.25
C GLN A 609 -3.59 -3.24 31.60
N GLY A 610 -3.57 -4.35 32.32
CA GLY A 610 -2.37 -5.12 32.53
C GLY A 610 -1.19 -4.38 33.13
N VAL A 611 -1.43 -3.60 34.18
CA VAL A 611 -0.39 -2.84 34.85
C VAL A 611 -0.47 -3.13 36.33
N ASN A 612 0.63 -3.57 36.92
CA ASN A 612 0.71 -3.66 38.37
C ASN A 612 0.57 -2.27 38.96
N CYS A 613 -0.33 -2.12 39.92
CA CYS A 613 -0.78 -0.78 40.24
C CYS A 613 -0.06 -0.16 41.44
N THR A 614 1.04 -0.74 41.90
CA THR A 614 2.00 0.09 42.61
C THR A 614 2.69 1.03 41.63
N GLU A 615 2.87 0.57 40.40
CA GLU A 615 3.59 1.34 39.39
C GLU A 615 2.80 2.59 38.99
N VAL A 616 1.49 2.45 38.75
CA VAL A 616 0.72 3.59 38.29
C VAL A 616 0.71 4.64 39.39
N SER A 617 0.63 4.19 40.63
CA SER A 617 0.55 5.12 41.75
C SER A 617 1.87 5.83 42.01
N VAL A 618 3.00 5.13 41.96
CA VAL A 618 4.27 5.79 42.26
C VAL A 618 4.76 6.57 41.05
N ALA A 619 4.31 6.23 39.84
CA ALA A 619 4.80 6.88 38.63
C ALA A 619 3.88 8.00 38.15
N ILE A 620 2.87 8.37 38.94
CA ILE A 620 2.01 9.49 38.56
C ILE A 620 2.82 10.78 38.50
N HIS A 621 3.67 11.00 39.49
CA HIS A 621 4.47 12.21 39.54
C HIS A 621 5.50 12.22 38.41
N ALA A 622 5.82 13.43 37.94
CA ALA A 622 6.86 13.65 36.94
C ALA A 622 6.47 13.10 35.57
N ASP A 623 5.19 13.27 35.20
CA ASP A 623 4.70 12.89 33.87
C ASP A 623 3.86 14.04 33.34
N GLN A 624 3.37 13.89 32.10
CA GLN A 624 2.40 14.82 31.57
C GLN A 624 1.10 14.69 32.35
N LEU A 625 0.35 15.80 32.44
CA LEU A 625 -0.82 15.81 33.29
C LEU A 625 -2.15 15.99 32.58
N THR A 626 -2.18 16.61 31.40
CA THR A 626 -3.51 16.79 30.81
C THR A 626 -4.07 15.47 30.27
N PRO A 627 -3.58 14.94 29.14
CA PRO A 627 -3.60 13.50 28.91
C PRO A 627 -2.74 12.67 29.85
N THR A 628 -2.63 11.36 29.55
CA THR A 628 -1.80 10.44 30.32
C THR A 628 -2.10 10.58 31.81
N TRP A 629 -3.35 10.22 32.13
CA TRP A 629 -4.07 10.78 33.26
C TRP A 629 -3.26 10.82 34.54
N ARG A 630 -3.34 11.95 35.24
CA ARG A 630 -2.62 12.10 36.50
C ARG A 630 -3.31 11.30 37.60
N VAL A 631 -4.52 11.71 37.98
CA VAL A 631 -5.35 11.12 39.03
C VAL A 631 -4.61 11.01 40.36
N TYR A 632 -5.28 11.38 41.45
CA TYR A 632 -4.79 11.05 42.78
C TYR A 632 -5.66 9.91 43.29
N SER A 633 -5.04 8.75 43.47
CA SER A 633 -5.75 7.51 43.75
C SER A 633 -6.40 7.57 45.12
N THR A 634 -7.71 7.81 45.15
CA THR A 634 -8.44 8.03 46.40
C THR A 634 -9.49 6.96 46.67
N GLY A 635 -10.38 6.73 45.71
CA GLY A 635 -11.58 5.96 45.96
C GLY A 635 -11.41 4.46 45.96
N SER A 636 -10.90 3.90 47.06
CA SER A 636 -10.68 2.46 47.21
C SER A 636 -9.93 1.92 45.99
N ASN A 637 -8.84 2.59 45.70
CA ASN A 637 -8.09 2.41 44.47
C ASN A 637 -7.24 1.14 44.56
N VAL A 638 -6.38 0.95 43.56
CA VAL A 638 -5.53 -0.24 43.40
C VAL A 638 -6.26 -1.52 43.70
N PHE A 639 -7.48 -1.67 43.18
CA PHE A 639 -8.10 -2.99 43.20
C PHE A 639 -7.50 -3.80 42.05
N GLN A 640 -6.31 -4.33 42.32
CA GLN A 640 -5.56 -5.05 41.30
C GLN A 640 -6.30 -6.30 40.85
N THR A 641 -6.80 -6.29 39.61
CA THR A 641 -7.50 -7.43 39.05
C THR A 641 -6.52 -8.29 38.25
N ARG A 642 -7.08 -9.27 37.54
CA ARG A 642 -6.27 -10.07 36.64
C ARG A 642 -6.02 -9.37 35.32
N ALA A 643 -6.71 -8.26 35.04
CA ALA A 643 -6.53 -7.51 33.81
C ALA A 643 -5.97 -6.11 34.03
N GLY A 644 -6.01 -5.62 35.26
CA GLY A 644 -5.52 -4.29 35.57
C GLY A 644 -5.96 -3.89 36.96
N CYS A 645 -6.30 -2.62 37.16
CA CYS A 645 -6.85 -2.21 38.44
C CYS A 645 -7.80 -1.04 38.26
N LEU A 646 -8.93 -1.11 38.95
CA LEU A 646 -9.94 -0.06 38.90
C LEU A 646 -9.60 0.99 39.94
N ILE A 647 -9.10 2.12 39.50
CA ILE A 647 -8.73 3.21 40.40
C ILE A 647 -9.97 4.09 40.52
N GLY A 648 -10.82 3.75 41.49
CA GLY A 648 -12.06 4.48 41.67
C GLY A 648 -13.26 3.59 41.89
N ALA A 649 -13.03 2.29 42.02
CA ALA A 649 -14.10 1.32 42.22
C ALA A 649 -13.78 0.41 43.39
N GLU A 650 -14.83 -0.07 44.06
CA GLU A 650 -14.72 -0.92 45.24
C GLU A 650 -15.04 -2.37 44.88
N TYR A 651 -14.18 -3.29 45.29
CA TYR A 651 -14.45 -4.70 45.09
C TYR A 651 -15.56 -5.16 46.04
N VAL A 652 -16.24 -6.24 45.64
CA VAL A 652 -17.30 -6.80 46.46
C VAL A 652 -17.49 -8.26 46.05
N ASN A 653 -18.00 -9.07 46.98
CA ASN A 653 -18.24 -10.48 46.75
C ASN A 653 -19.73 -10.72 46.57
N ASN A 654 -20.23 -10.54 45.36
CA ASN A 654 -21.62 -10.86 45.07
C ASN A 654 -21.72 -11.58 43.74
N SER A 655 -22.94 -11.76 43.23
CA SER A 655 -23.12 -12.48 41.98
C SER A 655 -24.14 -11.78 41.10
N TYR A 656 -24.01 -10.47 40.95
CA TYR A 656 -24.89 -9.76 40.03
C TYR A 656 -24.56 -10.13 38.59
N GLU A 657 -25.46 -9.79 37.68
CA GLU A 657 -25.20 -9.98 36.27
C GLU A 657 -24.19 -8.96 35.77
N CYS A 658 -23.51 -9.28 34.69
CA CYS A 658 -22.56 -8.35 34.12
C CYS A 658 -23.27 -7.17 33.46
N ASP A 659 -22.84 -5.96 33.80
CA ASP A 659 -23.31 -4.75 33.15
C ASP A 659 -22.26 -4.16 32.22
N ILE A 660 -21.05 -3.94 32.73
CA ILE A 660 -19.95 -3.42 31.94
C ILE A 660 -18.81 -4.43 32.01
N PRO A 661 -18.70 -5.32 31.03
CA PRO A 661 -17.60 -6.30 31.04
C PRO A 661 -16.26 -5.60 31.07
N ILE A 662 -15.33 -6.16 31.83
CA ILE A 662 -14.03 -5.56 32.08
C ILE A 662 -12.91 -6.44 31.54
N GLY A 663 -12.94 -7.73 31.83
CA GLY A 663 -11.90 -8.64 31.41
C GLY A 663 -11.50 -9.55 32.55
N ALA A 664 -11.16 -10.79 32.20
CA ALA A 664 -10.76 -11.80 33.17
C ALA A 664 -11.83 -12.02 34.23
N GLY A 665 -13.09 -12.05 33.81
CA GLY A 665 -14.18 -12.34 34.71
C GLY A 665 -14.44 -11.31 35.77
N ILE A 666 -14.43 -10.03 35.39
CA ILE A 666 -14.76 -8.94 36.29
C ILE A 666 -15.79 -8.06 35.59
N CYS A 667 -16.83 -7.67 36.31
CA CYS A 667 -17.84 -6.79 35.74
C CYS A 667 -18.23 -5.73 36.75
N ALA A 668 -18.16 -4.47 36.34
CA ALA A 668 -18.50 -3.34 37.18
C ALA A 668 -19.95 -2.95 36.96
N SER A 669 -20.51 -2.26 37.94
CA SER A 669 -21.91 -1.85 37.85
C SER A 669 -22.17 -0.70 38.80
N TYR A 670 -23.02 0.22 38.35
CA TYR A 670 -23.47 1.32 39.18
C TYR A 670 -24.62 0.84 40.05
N GLN A 671 -24.40 0.78 41.36
CA GLN A 671 -25.43 0.34 42.29
C GLN A 671 -25.51 1.33 43.44
N THR A 672 -26.71 1.46 44.00
CA THR A 672 -26.91 2.30 45.17
C THR A 672 -26.30 1.65 46.40
N GLN A 673 -25.59 2.45 47.19
CA GLN A 673 -24.94 1.95 48.40
C GLN A 673 -25.99 1.53 49.43
N SER A 685 -24.71 7.70 48.45
CA SER A 685 -25.43 6.43 48.54
C SER A 685 -25.37 5.68 47.21
N GLN A 686 -24.48 6.10 46.33
CA GLN A 686 -24.28 5.48 45.03
C GLN A 686 -22.79 5.41 44.72
N SER A 687 -22.37 4.29 44.15
CA SER A 687 -20.96 4.09 43.85
C SER A 687 -20.84 3.01 42.79
N ILE A 688 -19.65 2.90 42.22
CA ILE A 688 -19.34 1.87 41.23
C ILE A 688 -18.61 0.73 41.91
N ILE A 689 -19.15 -0.47 41.78
CA ILE A 689 -18.57 -1.65 42.41
C ILE A 689 -18.02 -2.56 41.33
N ALA A 690 -17.06 -3.39 41.72
CA ALA A 690 -16.49 -4.40 40.84
C ALA A 690 -16.67 -5.76 41.51
N TYR A 691 -17.11 -6.74 40.73
CA TYR A 691 -17.39 -8.06 41.28
C TYR A 691 -17.15 -9.10 40.21
N THR A 692 -16.98 -10.35 40.64
CA THR A 692 -16.78 -11.44 39.71
C THR A 692 -18.09 -11.77 39.00
N MET A 693 -17.96 -12.23 37.75
CA MET A 693 -19.11 -12.62 36.96
C MET A 693 -19.95 -13.65 37.69
N SER A 694 -21.25 -13.62 37.44
CA SER A 694 -22.16 -14.68 37.82
C SER A 694 -22.78 -15.25 36.55
N LEU A 695 -22.70 -16.57 36.38
CA LEU A 695 -23.18 -17.16 35.15
C LEU A 695 -24.68 -17.40 35.16
N GLY A 696 -25.36 -17.09 36.25
CA GLY A 696 -26.80 -17.20 36.29
C GLY A 696 -27.27 -17.64 37.66
N ALA A 697 -28.59 -17.66 37.81
CA ALA A 697 -29.18 -18.15 39.05
C ALA A 697 -28.90 -19.63 39.20
N GLU A 698 -28.38 -20.01 40.36
CA GLU A 698 -28.00 -21.40 40.60
C GLU A 698 -29.24 -22.27 40.64
N ASN A 699 -29.18 -23.42 39.97
CA ASN A 699 -30.32 -24.31 39.86
C ASN A 699 -29.86 -25.75 39.84
N SER A 700 -30.75 -26.67 40.19
CA SER A 700 -30.44 -28.09 40.17
C SER A 700 -31.73 -28.89 40.12
N VAL A 701 -31.95 -29.62 39.04
CA VAL A 701 -33.04 -30.59 38.99
C VAL A 701 -32.57 -31.82 39.75
N ALA A 702 -33.51 -32.70 40.10
CA ALA A 702 -33.18 -33.90 40.88
C ALA A 702 -33.45 -35.12 39.99
N TYR A 703 -32.41 -35.62 39.34
CA TYR A 703 -32.57 -36.79 38.50
C TYR A 703 -32.82 -37.99 39.39
N SER A 704 -34.03 -38.51 39.36
CA SER A 704 -34.39 -39.69 40.15
C SER A 704 -34.90 -40.79 39.22
N ASN A 705 -34.54 -42.03 39.55
CA ASN A 705 -34.84 -43.18 38.70
C ASN A 705 -36.30 -43.25 38.29
N ASN A 706 -37.18 -42.64 39.08
CA ASN A 706 -38.61 -42.70 38.78
C ASN A 706 -39.28 -41.35 38.97
N SER A 707 -38.66 -40.28 38.48
CA SER A 707 -39.21 -38.93 38.62
C SER A 707 -39.40 -38.31 37.25
N ILE A 708 -40.64 -37.97 36.93
CA ILE A 708 -40.95 -37.23 35.71
C ILE A 708 -41.79 -36.02 36.07
N ALA A 709 -41.38 -34.87 35.54
CA ALA A 709 -42.11 -33.62 35.68
C ALA A 709 -42.64 -33.20 34.31
N ILE A 710 -43.93 -32.89 34.24
CA ILE A 710 -44.60 -32.61 32.98
C ILE A 710 -45.39 -31.33 33.10
N PRO A 711 -45.17 -30.34 32.22
CA PRO A 711 -45.87 -29.06 32.36
C PRO A 711 -47.37 -29.23 32.19
N THR A 712 -48.14 -28.51 32.99
CA THR A 712 -49.59 -28.58 32.94
C THR A 712 -50.23 -27.40 32.25
N ASN A 713 -49.50 -26.30 32.07
CA ASN A 713 -50.00 -25.13 31.39
C ASN A 713 -48.99 -24.71 30.35
N PHE A 714 -49.35 -23.74 29.52
CA PHE A 714 -48.51 -23.39 28.39
C PHE A 714 -48.62 -21.89 28.13
N THR A 715 -47.54 -21.32 27.60
CA THR A 715 -47.51 -19.90 27.29
C THR A 715 -47.07 -19.70 25.86
N ILE A 716 -47.46 -18.55 25.32
CA ILE A 716 -47.04 -18.11 24.00
C ILE A 716 -46.26 -16.82 24.17
N SER A 717 -45.11 -16.73 23.53
CA SER A 717 -44.27 -15.55 23.61
C SER A 717 -43.82 -15.15 22.21
N VAL A 718 -43.58 -13.86 22.02
CA VAL A 718 -43.06 -13.35 20.75
C VAL A 718 -41.74 -12.65 21.04
N THR A 719 -40.66 -13.20 20.51
CA THR A 719 -39.34 -12.60 20.64
C THR A 719 -39.12 -11.61 19.50
N THR A 720 -37.86 -11.32 19.19
CA THR A 720 -37.55 -10.45 18.07
C THR A 720 -36.13 -10.74 17.60
N GLU A 721 -35.97 -10.90 16.28
CA GLU A 721 -34.67 -11.12 15.66
C GLU A 721 -34.49 -10.10 14.56
N ILE A 722 -33.35 -9.39 14.58
CA ILE A 722 -33.08 -8.30 13.66
C ILE A 722 -31.81 -8.61 12.89
N LEU A 723 -31.88 -8.53 11.57
CA LEU A 723 -30.76 -8.91 10.72
C LEU A 723 -30.60 -7.90 9.60
N PRO A 724 -29.38 -7.43 9.34
CA PRO A 724 -29.17 -6.58 8.17
C PRO A 724 -29.34 -7.40 6.89
N VAL A 725 -29.75 -6.72 5.83
CA VAL A 725 -29.92 -7.40 4.55
C VAL A 725 -29.00 -6.80 3.50
N SER A 726 -28.71 -5.51 3.60
CA SER A 726 -27.84 -4.87 2.63
C SER A 726 -27.38 -3.53 3.18
N MET A 727 -26.37 -2.98 2.53
CA MET A 727 -25.85 -1.66 2.87
C MET A 727 -26.03 -0.71 1.71
N THR A 728 -25.76 0.56 1.95
CA THR A 728 -25.90 1.57 0.91
C THR A 728 -24.92 1.30 -0.22
N LYS A 729 -25.34 1.56 -1.44
CA LYS A 729 -24.53 1.32 -2.62
C LYS A 729 -23.72 2.56 -2.96
N THR A 730 -22.40 2.42 -2.99
CA THR A 730 -21.50 3.53 -3.27
C THR A 730 -20.85 3.32 -4.63
N SER A 731 -20.71 4.40 -5.39
CA SER A 731 -20.26 4.36 -6.78
C SER A 731 -19.08 5.30 -6.98
N VAL A 732 -18.06 5.15 -6.13
CA VAL A 732 -16.87 5.99 -6.20
C VAL A 732 -16.29 5.96 -7.60
N ASP A 733 -15.82 7.10 -8.08
CA ASP A 733 -15.10 7.17 -9.35
C ASP A 733 -13.71 7.78 -9.13
N CYS A 734 -12.70 7.08 -9.66
CA CYS A 734 -11.31 7.38 -9.35
C CYS A 734 -10.93 8.79 -9.75
N THR A 735 -11.31 9.19 -10.96
CA THR A 735 -10.88 10.48 -11.48
C THR A 735 -11.40 11.61 -10.61
N MET A 736 -12.71 11.61 -10.34
CA MET A 736 -13.25 12.66 -9.49
C MET A 736 -12.66 12.64 -8.09
N TYR A 737 -12.49 11.46 -7.49
CA TYR A 737 -11.97 11.46 -6.13
C TYR A 737 -10.56 12.01 -6.06
N ILE A 738 -9.65 11.46 -6.87
CA ILE A 738 -8.24 11.79 -6.64
C ILE A 738 -7.80 13.04 -7.38
N CYS A 739 -8.46 13.42 -8.48
CA CYS A 739 -8.02 14.57 -9.29
C CYS A 739 -9.23 15.45 -9.54
N GLY A 740 -9.51 16.36 -8.61
CA GLY A 740 -10.56 17.33 -8.83
C GLY A 740 -10.22 18.19 -10.02
N ASP A 741 -10.94 17.98 -11.13
CA ASP A 741 -10.88 18.76 -12.36
C ASP A 741 -9.50 19.30 -12.72
N SER A 742 -8.49 18.43 -12.66
CA SER A 742 -7.11 18.79 -13.01
C SER A 742 -6.59 17.79 -14.03
N THR A 743 -6.35 18.28 -15.25
CA THR A 743 -5.89 17.40 -16.32
C THR A 743 -4.49 16.85 -16.03
N GLU A 744 -3.64 17.65 -15.40
CA GLU A 744 -2.30 17.18 -15.04
C GLU A 744 -2.37 16.02 -14.06
N CYS A 745 -3.23 16.16 -13.05
CA CYS A 745 -3.45 15.06 -12.11
C CYS A 745 -4.04 13.85 -12.82
N SER A 746 -4.94 14.09 -13.78
CA SER A 746 -5.51 12.98 -14.54
C SER A 746 -4.44 12.24 -15.33
N ASN A 747 -3.51 12.98 -15.94
CA ASN A 747 -2.43 12.35 -16.67
C ASN A 747 -1.50 11.58 -15.74
N LEU A 748 -1.23 12.12 -14.55
CA LEU A 748 -0.43 11.38 -13.58
C LEU A 748 -1.12 10.10 -13.15
N LEU A 749 -2.44 10.15 -12.95
CA LEU A 749 -3.18 8.93 -12.62
C LEU A 749 -3.12 7.93 -13.75
N LEU A 750 -3.27 8.40 -14.99
CA LEU A 750 -3.18 7.51 -16.14
C LEU A 750 -1.80 6.86 -16.22
N GLN A 751 -0.76 7.60 -15.87
CA GLN A 751 0.58 7.02 -15.78
C GLN A 751 0.61 5.87 -14.80
N TYR A 752 -0.14 5.97 -13.71
CA TYR A 752 -0.24 4.90 -12.73
C TYR A 752 -0.97 3.69 -13.26
N GLY A 753 -1.34 3.70 -14.54
CA GLY A 753 -1.96 2.56 -15.15
C GLY A 753 -3.42 2.42 -14.78
N SER A 754 -3.99 1.28 -15.13
CA SER A 754 -5.38 0.96 -14.82
C SER A 754 -5.52 0.43 -13.40
N PHE A 755 -5.20 1.26 -12.42
CA PHE A 755 -5.38 0.86 -11.02
C PHE A 755 -6.80 1.10 -10.54
N CYS A 756 -7.58 1.90 -11.27
CA CYS A 756 -8.89 2.31 -10.78
C CYS A 756 -10.04 1.61 -11.49
N THR A 757 -9.79 0.97 -12.63
CA THR A 757 -10.83 0.16 -13.25
C THR A 757 -11.24 -0.99 -12.34
N GLN A 758 -10.27 -1.61 -11.68
CA GLN A 758 -10.60 -2.66 -10.71
C GLN A 758 -11.44 -2.09 -9.57
N LEU A 759 -11.13 -0.88 -9.12
CA LEU A 759 -11.93 -0.28 -8.05
C LEU A 759 -13.37 -0.06 -8.49
N LYS A 760 -13.57 0.48 -9.69
CA LYS A 760 -14.93 0.68 -10.17
C LYS A 760 -15.65 -0.65 -10.34
N ARG A 761 -14.95 -1.66 -10.86
CA ARG A 761 -15.57 -2.97 -11.04
C ARG A 761 -15.96 -3.59 -9.71
N ALA A 762 -15.09 -3.48 -8.71
CA ALA A 762 -15.41 -4.04 -7.39
C ALA A 762 -16.61 -3.35 -6.78
N LEU A 763 -16.68 -2.03 -6.89
CA LEU A 763 -17.84 -1.32 -6.34
C LEU A 763 -19.12 -1.71 -7.06
N THR A 764 -19.06 -1.86 -8.38
CA THR A 764 -20.23 -2.35 -9.11
C THR A 764 -20.61 -3.74 -8.64
N GLY A 765 -19.62 -4.60 -8.42
CA GLY A 765 -19.93 -5.95 -7.96
C GLY A 765 -20.63 -5.96 -6.62
N ILE A 766 -20.14 -5.17 -5.67
CA ILE A 766 -20.81 -5.15 -4.36
C ILE A 766 -22.21 -4.54 -4.49
N ALA A 767 -22.38 -3.57 -5.38
CA ALA A 767 -23.73 -3.00 -5.56
C ALA A 767 -24.70 -4.07 -6.05
N VAL A 768 -24.29 -4.82 -7.07
CA VAL A 768 -25.13 -5.90 -7.57
C VAL A 768 -25.36 -6.94 -6.47
N GLU A 769 -24.36 -7.17 -5.63
CA GLU A 769 -24.51 -8.14 -4.55
C GLU A 769 -25.59 -7.69 -3.55
N GLN A 770 -25.62 -6.41 -3.19
CA GLN A 770 -26.70 -5.95 -2.31
C GLN A 770 -28.06 -6.07 -2.99
N ASP A 771 -28.12 -5.74 -4.27
CA ASP A 771 -29.40 -5.87 -4.97
C ASP A 771 -29.88 -7.32 -4.93
N LYS A 772 -28.97 -8.26 -5.21
CA LYS A 772 -29.35 -9.67 -5.16
C LYS A 772 -29.69 -10.11 -3.76
N ASN A 773 -29.01 -9.57 -2.75
CA ASN A 773 -29.31 -9.92 -1.37
C ASN A 773 -30.74 -9.56 -1.03
N THR A 774 -31.15 -8.31 -1.32
CA THR A 774 -32.51 -7.94 -0.97
C THR A 774 -33.53 -8.70 -1.79
N GLN A 775 -33.24 -8.96 -3.07
CA GLN A 775 -34.18 -9.71 -3.88
C GLN A 775 -34.37 -11.12 -3.32
N GLU A 776 -33.27 -11.78 -2.95
CA GLU A 776 -33.35 -13.12 -2.39
C GLU A 776 -34.07 -13.13 -1.04
N VAL A 777 -33.78 -12.15 -0.19
CA VAL A 777 -34.38 -12.13 1.13
C VAL A 777 -35.88 -11.93 1.04
N PHE A 778 -36.33 -10.96 0.25
CA PHE A 778 -37.74 -10.60 0.29
C PHE A 778 -38.57 -11.33 -0.76
N ALA A 779 -38.14 -11.31 -2.02
CA ALA A 779 -38.98 -11.80 -3.12
C ALA A 779 -38.90 -13.33 -3.16
N GLN A 780 -39.46 -13.95 -2.15
CA GLN A 780 -39.56 -15.40 -2.09
C GLN A 780 -40.88 -15.92 -2.65
N VAL A 781 -41.77 -15.03 -3.08
CA VAL A 781 -43.11 -15.39 -3.51
C VAL A 781 -43.35 -14.83 -4.90
N LYS A 782 -43.90 -15.68 -5.78
CA LYS A 782 -44.17 -15.25 -7.14
C LYS A 782 -45.38 -14.33 -7.22
N GLN A 783 -46.43 -14.62 -6.46
CA GLN A 783 -47.69 -13.92 -6.58
C GLN A 783 -47.94 -13.08 -5.34
N ILE A 784 -48.28 -11.81 -5.54
CA ILE A 784 -48.57 -10.89 -4.44
C ILE A 784 -49.98 -11.20 -3.93
N TYR A 785 -50.07 -11.71 -2.72
CA TYR A 785 -51.35 -11.96 -2.07
C TYR A 785 -51.83 -10.70 -1.36
N LYS A 786 -53.11 -10.71 -1.00
CA LYS A 786 -53.68 -9.66 -0.16
C LYS A 786 -54.65 -10.29 0.82
N THR A 787 -54.76 -9.69 1.99
CA THR A 787 -55.67 -10.18 3.00
C THR A 787 -57.13 -9.93 2.56
N PRO A 788 -58.05 -10.77 3.01
CA PRO A 788 -59.46 -10.56 2.67
C PRO A 788 -59.98 -9.28 3.31
N PRO A 789 -61.07 -8.71 2.77
CA PRO A 789 -61.55 -7.42 3.29
C PRO A 789 -61.86 -7.42 4.78
N ILE A 790 -62.42 -8.51 5.30
CA ILE A 790 -62.67 -8.63 6.72
C ILE A 790 -61.46 -9.27 7.38
N LYS A 791 -61.23 -8.91 8.65
CA LYS A 791 -60.10 -9.42 9.40
C LYS A 791 -60.59 -9.94 10.76
N TYR A 792 -61.01 -11.20 10.78
CA TYR A 792 -61.31 -11.92 12.02
C TYR A 792 -60.67 -13.29 11.90
N PHE A 793 -59.48 -13.42 12.48
CA PHE A 793 -58.72 -14.67 12.41
C PHE A 793 -58.87 -15.45 13.72
N GLY A 794 -60.09 -15.87 14.00
CA GLY A 794 -60.34 -16.69 15.17
C GLY A 794 -59.91 -16.04 16.46
N GLY A 795 -60.19 -14.76 16.63
CA GLY A 795 -59.78 -14.02 17.80
C GLY A 795 -58.37 -13.47 17.76
N PHE A 796 -57.50 -14.07 16.96
CA PHE A 796 -56.14 -13.57 16.84
C PHE A 796 -56.17 -12.20 16.19
N ASN A 797 -55.75 -11.18 16.93
CA ASN A 797 -55.87 -9.80 16.49
C ASN A 797 -54.49 -9.34 16.00
N PHE A 798 -54.21 -9.59 14.72
CA PHE A 798 -52.97 -9.15 14.13
C PHE A 798 -52.89 -7.63 14.14
N SER A 799 -53.73 -6.98 13.34
CA SER A 799 -53.76 -5.52 13.23
C SER A 799 -52.37 -4.91 13.15
N GLN A 800 -51.63 -4.99 14.26
CA GLN A 800 -50.33 -4.35 14.41
C GLN A 800 -49.36 -4.73 13.31
N ILE A 801 -49.43 -5.95 12.80
CA ILE A 801 -48.51 -6.39 11.76
C ILE A 801 -49.09 -6.28 10.36
N LEU A 802 -50.42 -6.34 10.22
CA LEU A 802 -51.02 -6.20 8.90
C LEU A 802 -50.96 -4.74 8.46
N PRO A 803 -50.94 -4.49 7.15
CA PRO A 803 -50.90 -3.11 6.67
C PRO A 803 -52.14 -2.33 7.07
N ASP A 804 -51.95 -1.04 7.30
CA ASP A 804 -53.03 -0.13 7.67
C ASP A 804 -53.31 0.80 6.51
N PRO A 805 -54.41 0.62 5.78
CA PRO A 805 -54.65 1.45 4.58
C PRO A 805 -54.79 2.93 4.88
N SER A 806 -55.17 3.31 6.10
CA SER A 806 -55.32 4.72 6.42
C SER A 806 -53.99 5.46 6.23
N LYS A 807 -52.90 4.87 6.69
CA LYS A 807 -51.59 5.43 6.46
C LYS A 807 -51.29 5.43 4.96
N PRO A 808 -50.76 6.52 4.41
CA PRO A 808 -50.49 6.55 2.96
C PRO A 808 -49.39 5.58 2.52
N SER A 809 -48.50 5.16 3.42
CA SER A 809 -47.45 4.24 3.04
C SER A 809 -47.90 2.79 3.01
N LYS A 810 -49.10 2.49 3.48
CA LYS A 810 -49.63 1.13 3.55
C LYS A 810 -48.65 0.21 4.28
N ARG A 811 -48.32 0.61 5.50
CA ARG A 811 -47.37 -0.11 6.32
C ARG A 811 -47.98 -0.38 7.68
N SER A 812 -47.47 -1.41 8.34
CA SER A 812 -47.96 -1.77 9.66
C SER A 812 -47.41 -0.82 10.72
N PRO A 813 -48.10 -0.69 11.85
CA PRO A 813 -47.57 0.15 12.93
C PRO A 813 -46.21 -0.26 13.43
N ILE A 814 -45.91 -1.57 13.48
CA ILE A 814 -44.57 -2.00 13.86
C ILE A 814 -43.55 -1.52 12.83
N GLU A 815 -43.90 -1.62 11.55
CA GLU A 815 -43.04 -1.05 10.51
C GLU A 815 -42.85 0.44 10.72
N ASP A 816 -43.90 1.13 11.15
CA ASP A 816 -43.80 2.56 11.40
C ASP A 816 -42.81 2.86 12.51
N LEU A 817 -42.90 2.12 13.61
CA LEU A 817 -41.96 2.34 14.71
C LEU A 817 -40.54 2.03 14.29
N LEU A 818 -40.35 0.96 13.51
CA LEU A 818 -39.00 0.64 13.03
C LEU A 818 -38.47 1.74 12.13
N PHE A 819 -39.31 2.29 11.26
CA PHE A 819 -38.87 3.37 10.39
C PHE A 819 -38.49 4.61 11.21
N ASN A 820 -39.28 4.92 12.23
CA ASN A 820 -39.04 6.13 13.00
C ASN A 820 -37.79 6.01 13.87
N LYS A 821 -37.62 4.87 14.54
CA LYS A 821 -36.51 4.69 15.48
C LYS A 821 -35.15 4.72 14.81
N VAL A 822 -35.08 4.57 13.49
CA VAL A 822 -33.81 4.55 12.77
C VAL A 822 -33.69 5.86 12.00
N THR A 823 -32.60 6.57 12.24
CA THR A 823 -32.33 7.84 11.57
C THR A 823 -31.16 7.67 10.62
N LEU A 824 -31.37 7.96 9.34
CA LEU A 824 -30.36 7.80 8.32
C LEU A 824 -29.72 9.15 8.00
N ALA A 825 -28.39 9.23 8.15
CA ALA A 825 -27.67 10.38 7.64
C ALA A 825 -27.77 10.46 6.13
N ASP A 826 -27.76 9.30 5.46
CA ASP A 826 -27.88 9.22 4.01
C ASP A 826 -29.14 8.44 3.66
N ALA A 827 -30.18 9.15 3.23
CA ALA A 827 -31.34 8.49 2.64
C ALA A 827 -31.05 8.04 1.21
N GLY A 828 -30.24 8.80 0.48
CA GLY A 828 -29.85 8.46 -0.88
C GLY A 828 -30.84 8.83 -1.96
N PHE A 829 -32.09 8.39 -1.81
CA PHE A 829 -33.16 8.69 -2.77
C PHE A 829 -33.83 10.01 -2.45
N ILE A 830 -33.03 11.05 -2.25
CA ILE A 830 -33.54 12.39 -1.96
C ILE A 830 -33.14 13.31 -3.10
N LYS A 831 -32.15 12.88 -3.89
CA LYS A 831 -31.55 13.71 -4.93
C LYS A 831 -31.19 15.08 -4.36
N GLN A 832 -30.30 15.05 -3.35
CA GLN A 832 -30.05 16.22 -2.51
C GLN A 832 -29.48 17.40 -3.30
N TYR A 833 -29.27 17.25 -4.60
CA TYR A 833 -29.06 18.40 -5.46
C TYR A 833 -30.25 19.34 -5.38
N GLY A 834 -29.97 20.65 -5.31
CA GLY A 834 -30.99 21.66 -5.23
C GLY A 834 -31.19 22.22 -3.83
N ASP A 835 -30.79 21.49 -2.79
CA ASP A 835 -30.91 21.99 -1.44
C ASP A 835 -29.56 22.20 -0.75
N CYS A 836 -28.50 21.52 -1.19
CA CYS A 836 -27.16 21.93 -0.75
C CYS A 836 -26.86 23.34 -1.23
N LEU A 837 -27.53 23.76 -2.32
CA LEU A 837 -27.47 25.14 -2.78
C LEU A 837 -28.55 25.99 -2.13
N GLY A 838 -29.28 25.42 -1.18
CA GLY A 838 -30.22 26.18 -0.36
C GLY A 838 -30.27 25.74 1.10
N ASP A 839 -29.13 25.26 1.63
CA ASP A 839 -29.12 24.61 2.93
C ASP A 839 -28.80 25.53 4.09
N ILE A 840 -28.08 26.63 3.86
CA ILE A 840 -27.72 27.62 4.89
C ILE A 840 -26.85 26.98 5.96
N ALA A 841 -27.34 25.90 6.55
CA ALA A 841 -26.65 25.25 7.63
C ALA A 841 -25.47 24.45 7.10
N ALA A 842 -24.98 23.55 7.94
CA ALA A 842 -23.89 22.66 7.55
C ALA A 842 -24.19 21.94 6.25
N ARG A 843 -23.22 21.93 5.33
CA ARG A 843 -23.30 20.97 4.23
C ARG A 843 -23.01 19.59 4.77
N ASP A 844 -24.08 18.89 5.16
CA ASP A 844 -23.96 17.67 5.92
C ASP A 844 -23.23 16.60 5.12
N LEU A 845 -23.06 15.44 5.78
CA LEU A 845 -22.28 14.33 5.24
C LEU A 845 -22.47 14.18 3.74
N ILE A 846 -23.72 14.27 3.27
CA ILE A 846 -24.03 13.83 1.91
C ILE A 846 -23.58 14.87 0.90
N CYS A 847 -23.93 16.14 1.13
CA CYS A 847 -23.46 17.19 0.24
C CYS A 847 -21.94 17.28 0.26
N ALA A 848 -21.33 17.11 1.44
CA ALA A 848 -19.88 17.14 1.53
C ALA A 848 -19.25 15.99 0.75
N GLN A 849 -19.84 14.79 0.83
CA GLN A 849 -19.35 13.67 0.04
C GLN A 849 -19.48 13.95 -1.45
N LYS A 850 -20.61 14.55 -1.85
CA LYS A 850 -20.76 14.99 -3.22
C LYS A 850 -19.66 15.97 -3.61
N PHE A 851 -19.17 16.76 -2.65
CA PHE A 851 -18.14 17.75 -2.96
C PHE A 851 -16.84 17.10 -3.44
N ASN A 852 -16.52 15.92 -2.94
CA ASN A 852 -15.27 15.25 -3.27
C ASN A 852 -15.46 14.14 -4.29
N GLY A 853 -16.58 14.11 -4.99
CA GLY A 853 -16.81 13.08 -5.98
C GLY A 853 -17.29 11.76 -5.42
N LEU A 854 -17.99 11.78 -4.31
CA LEU A 854 -18.39 10.55 -3.61
C LEU A 854 -19.91 10.44 -3.74
N THR A 855 -20.38 9.46 -4.50
CA THR A 855 -21.79 9.34 -4.80
C THR A 855 -22.36 8.05 -4.26
N VAL A 856 -23.69 8.04 -4.09
CA VAL A 856 -24.44 6.85 -3.71
C VAL A 856 -25.51 6.62 -4.76
N LEU A 857 -26.00 5.40 -4.83
CA LEU A 857 -27.02 5.04 -5.79
C LEU A 857 -28.29 4.64 -5.07
N PRO A 858 -29.45 4.74 -5.72
CA PRO A 858 -30.69 4.34 -5.09
C PRO A 858 -30.84 2.82 -5.16
N PRO A 859 -31.31 2.20 -4.08
CA PRO A 859 -31.54 0.75 -4.13
C PRO A 859 -32.61 0.42 -5.16
N LEU A 860 -32.45 -0.73 -5.81
CA LEU A 860 -33.36 -1.10 -6.88
C LEU A 860 -34.78 -1.31 -6.38
N LEU A 861 -34.94 -2.04 -5.28
CA LEU A 861 -36.25 -2.23 -4.67
C LEU A 861 -36.50 -1.08 -3.71
N THR A 862 -37.31 -0.11 -4.12
CA THR A 862 -37.49 1.06 -3.28
C THR A 862 -38.22 0.69 -1.99
N ASP A 863 -38.16 1.58 -1.01
CA ASP A 863 -38.62 1.26 0.33
C ASP A 863 -40.12 1.00 0.38
N GLU A 864 -40.85 1.33 -0.68
CA GLU A 864 -42.29 1.07 -0.67
C GLU A 864 -42.61 -0.35 -1.11
N MET A 865 -42.09 -0.78 -2.27
CA MET A 865 -42.45 -2.10 -2.76
C MET A 865 -41.99 -3.21 -1.85
N ILE A 866 -40.92 -3.00 -1.07
CA ILE A 866 -40.53 -3.98 -0.07
C ILE A 866 -41.63 -4.16 0.96
N ALA A 867 -42.32 -3.07 1.31
CA ALA A 867 -43.45 -3.18 2.22
C ALA A 867 -44.55 -4.03 1.61
N GLN A 868 -44.80 -3.88 0.31
CA GLN A 868 -45.81 -4.70 -0.34
C GLN A 868 -45.38 -6.17 -0.38
N TYR A 869 -44.10 -6.43 -0.63
CA TYR A 869 -43.61 -7.79 -0.60
C TYR A 869 -43.83 -8.42 0.76
N THR A 870 -43.47 -7.71 1.82
CA THR A 870 -43.64 -8.29 3.15
C THR A 870 -45.11 -8.43 3.50
N SER A 871 -45.96 -7.51 3.04
CA SER A 871 -47.39 -7.65 3.27
C SER A 871 -47.94 -8.90 2.60
N ALA A 872 -47.54 -9.16 1.37
CA ALA A 872 -47.97 -10.38 0.70
C ALA A 872 -47.42 -11.62 1.39
N LEU A 873 -46.16 -11.57 1.83
CA LEU A 873 -45.57 -12.69 2.52
C LEU A 873 -46.32 -12.99 3.80
N LEU A 874 -46.82 -11.95 4.47
CA LEU A 874 -47.56 -12.16 5.70
C LEU A 874 -48.97 -12.64 5.41
N ALA A 875 -49.59 -12.13 4.34
CA ALA A 875 -50.93 -12.59 4.00
C ALA A 875 -50.93 -14.05 3.54
N GLY A 876 -49.82 -14.50 2.95
CA GLY A 876 -49.73 -15.90 2.58
C GLY A 876 -49.65 -16.81 3.78
N THR A 877 -48.96 -16.38 4.83
CA THR A 877 -48.71 -17.21 5.99
C THR A 877 -49.80 -17.13 7.05
N ILE A 878 -50.89 -16.40 6.80
CA ILE A 878 -52.01 -16.38 7.71
C ILE A 878 -53.31 -16.85 7.07
N THR A 879 -53.42 -16.83 5.75
CA THR A 879 -54.60 -17.38 5.10
C THR A 879 -54.34 -18.68 4.38
N SER A 880 -53.09 -19.13 4.29
CA SER A 880 -52.79 -20.33 3.52
C SER A 880 -51.80 -21.24 4.22
N GLY A 881 -51.48 -21.00 5.48
CA GLY A 881 -50.49 -21.84 6.14
C GLY A 881 -49.14 -21.72 5.47
N TRP A 882 -48.53 -22.87 5.20
CA TRP A 882 -47.23 -22.93 4.56
C TRP A 882 -47.28 -23.40 3.12
N THR A 883 -48.45 -23.78 2.62
CA THR A 883 -48.53 -24.36 1.29
C THR A 883 -48.14 -23.37 0.20
N PHE A 884 -48.33 -22.08 0.44
CA PHE A 884 -47.93 -21.11 -0.56
C PHE A 884 -46.43 -21.04 -0.75
N GLY A 885 -45.65 -21.65 0.15
CA GLY A 885 -44.23 -21.75 -0.07
C GLY A 885 -43.81 -22.93 -0.94
N ALA A 886 -44.75 -23.80 -1.29
CA ALA A 886 -44.46 -25.00 -2.06
C ALA A 886 -45.15 -25.02 -3.41
N GLY A 887 -46.46 -24.78 -3.46
CA GLY A 887 -47.18 -24.77 -4.71
C GLY A 887 -48.21 -23.67 -4.76
N PRO A 888 -49.36 -23.94 -5.36
CA PRO A 888 -50.46 -22.98 -5.30
C PRO A 888 -50.95 -22.82 -3.87
N ALA A 889 -51.24 -21.58 -3.50
CA ALA A 889 -51.71 -21.31 -2.15
C ALA A 889 -53.11 -21.88 -1.95
N LEU A 890 -53.33 -22.54 -0.83
CA LEU A 890 -54.62 -23.11 -0.48
C LEU A 890 -55.13 -22.44 0.78
N GLN A 891 -56.36 -21.95 0.75
CA GLN A 891 -56.89 -21.24 1.91
C GLN A 891 -57.02 -22.19 3.09
N ILE A 892 -56.84 -21.63 4.29
CA ILE A 892 -56.90 -22.38 5.54
C ILE A 892 -57.57 -21.53 6.61
N PRO A 893 -58.50 -22.07 7.37
CA PRO A 893 -58.98 -21.36 8.55
C PRO A 893 -57.83 -21.23 9.54
N PHE A 894 -57.65 -20.02 10.06
CA PHE A 894 -56.51 -19.77 10.93
C PHE A 894 -56.49 -20.63 12.19
N PRO A 895 -57.60 -20.85 12.90
CA PRO A 895 -57.53 -21.80 14.00
C PRO A 895 -57.06 -23.17 13.56
N MET A 896 -57.46 -23.60 12.37
CA MET A 896 -57.00 -24.90 11.90
C MET A 896 -55.51 -24.88 11.60
N GLN A 897 -55.00 -23.79 11.03
CA GLN A 897 -53.56 -23.71 10.83
C GLN A 897 -52.83 -23.75 12.16
N MET A 898 -53.38 -23.06 13.17
CA MET A 898 -52.74 -23.10 14.48
C MET A 898 -52.75 -24.52 15.03
N ALA A 899 -53.84 -25.25 14.83
CA ALA A 899 -53.90 -26.64 15.27
C ALA A 899 -52.85 -27.47 14.55
N TYR A 900 -52.65 -27.22 13.26
CA TYR A 900 -51.57 -27.88 12.53
C TYR A 900 -50.22 -27.62 13.17
N ARG A 901 -49.94 -26.35 13.46
CA ARG A 901 -48.62 -26.01 14.03
C ARG A 901 -48.44 -26.63 15.41
N PHE A 902 -49.50 -26.63 16.22
CA PHE A 902 -49.42 -27.32 17.52
C PHE A 902 -49.15 -28.80 17.33
N ASN A 903 -49.82 -29.42 16.37
CA ASN A 903 -49.54 -30.80 16.03
C ASN A 903 -48.11 -30.99 15.58
N GLY A 904 -47.46 -29.93 15.12
CA GLY A 904 -46.09 -30.03 14.64
C GLY A 904 -45.02 -30.10 15.71
N ILE A 905 -45.36 -29.99 16.99
CA ILE A 905 -44.36 -30.04 18.05
C ILE A 905 -44.74 -31.06 19.11
N GLY A 906 -45.69 -31.93 18.79
CA GLY A 906 -46.01 -33.02 19.68
C GLY A 906 -47.15 -32.77 20.65
N VAL A 907 -48.01 -31.80 20.39
CA VAL A 907 -49.23 -31.62 21.17
C VAL A 907 -50.43 -31.71 20.21
N THR A 908 -51.48 -32.38 20.65
CA THR A 908 -52.57 -32.73 19.77
C THR A 908 -53.52 -31.55 19.56
N GLN A 909 -54.37 -31.68 18.53
CA GLN A 909 -55.24 -30.57 18.14
C GLN A 909 -56.21 -30.19 19.24
N ASN A 910 -56.55 -31.15 20.11
CA ASN A 910 -57.54 -30.87 21.15
C ASN A 910 -57.06 -29.77 22.08
N VAL A 911 -55.75 -29.65 22.29
CA VAL A 911 -55.22 -28.61 23.16
C VAL A 911 -55.64 -27.23 22.67
N LEU A 912 -55.40 -26.96 21.38
CA LEU A 912 -55.76 -25.66 20.85
C LEU A 912 -57.27 -25.50 20.74
N TYR A 913 -57.96 -26.53 20.22
CA TYR A 913 -59.40 -26.36 20.07
C TYR A 913 -60.13 -26.25 21.39
N GLU A 914 -59.46 -26.57 22.50
CA GLU A 914 -60.04 -26.35 23.82
C GLU A 914 -59.62 -25.04 24.45
N ASN A 915 -58.40 -24.58 24.19
CA ASN A 915 -57.92 -23.34 24.80
C ASN A 915 -57.73 -22.22 23.78
N GLN A 916 -58.57 -22.22 22.74
CA GLN A 916 -58.46 -21.21 21.68
C GLN A 916 -58.57 -19.79 22.23
N LYS A 917 -59.57 -19.52 23.06
CA LYS A 917 -59.76 -18.15 23.55
C LYS A 917 -58.58 -17.72 24.40
N LEU A 918 -58.10 -18.61 25.27
CA LEU A 918 -56.98 -18.28 26.13
C LEU A 918 -55.72 -18.00 25.32
N ILE A 919 -55.42 -18.84 24.33
CA ILE A 919 -54.22 -18.63 23.55
C ILE A 919 -54.35 -17.40 22.67
N ALA A 920 -55.57 -17.11 22.21
CA ALA A 920 -55.78 -15.89 21.44
C ALA A 920 -55.51 -14.65 22.30
N ASN A 921 -55.98 -14.67 23.55
CA ASN A 921 -55.70 -13.54 24.44
C ASN A 921 -54.21 -13.42 24.72
N GLN A 922 -53.52 -14.55 24.91
CA GLN A 922 -52.08 -14.49 25.14
C GLN A 922 -51.35 -13.90 23.93
N PHE A 923 -51.74 -14.34 22.73
CA PHE A 923 -51.10 -13.83 21.53
C PHE A 923 -51.36 -12.34 21.37
N ASN A 924 -52.59 -11.90 21.62
CA ASN A 924 -52.90 -10.48 21.51
C ASN A 924 -52.09 -9.67 22.52
N SER A 925 -51.98 -10.17 23.75
CA SER A 925 -51.22 -9.45 24.77
C SER A 925 -49.75 -9.36 24.39
N ALA A 926 -49.18 -10.45 23.87
CA ALA A 926 -47.77 -10.43 23.49
C ALA A 926 -47.53 -9.48 22.31
N ILE A 927 -48.45 -9.46 21.35
CA ILE A 927 -48.35 -8.53 20.24
C ILE A 927 -48.45 -7.09 20.74
N GLY A 928 -49.29 -6.85 21.73
CA GLY A 928 -49.35 -5.52 22.31
C GLY A 928 -48.06 -5.15 23.03
N LYS A 929 -47.45 -6.12 23.71
CA LYS A 929 -46.28 -5.83 24.52
C LYS A 929 -45.01 -5.64 23.70
N ILE A 930 -44.89 -6.31 22.55
CA ILE A 930 -43.68 -6.14 21.74
C ILE A 930 -43.59 -4.71 21.24
N GLN A 931 -44.71 -4.12 20.87
CA GLN A 931 -44.72 -2.73 20.40
C GLN A 931 -44.19 -1.80 21.48
N ASP A 932 -44.70 -1.94 22.71
CA ASP A 932 -44.25 -1.09 23.81
C ASP A 932 -42.80 -1.36 24.17
N SER A 933 -42.35 -2.62 24.04
CA SER A 933 -40.95 -2.91 24.32
C SER A 933 -40.04 -2.22 23.31
N LEU A 934 -40.40 -2.29 22.03
CA LEU A 934 -39.61 -1.58 21.01
C LEU A 934 -39.65 -0.08 21.20
N PHE A 935 -40.81 0.46 21.57
CA PHE A 935 -40.93 1.90 21.79
C PHE A 935 -40.08 2.35 22.97
N SER A 936 -40.10 1.58 24.07
CA SER A 936 -39.44 2.02 25.30
C SER A 936 -37.96 1.68 25.33
N THR A 937 -37.55 0.62 24.62
CA THR A 937 -36.15 0.22 24.67
C THR A 937 -35.28 1.32 24.07
N PRO A 938 -34.08 1.53 24.62
CA PRO A 938 -33.19 2.57 24.06
C PRO A 938 -32.84 2.30 22.61
N SER A 939 -32.24 1.14 22.35
CA SER A 939 -31.96 0.70 20.99
C SER A 939 -31.85 -0.83 21.00
N ALA A 940 -32.94 -1.50 20.63
CA ALA A 940 -32.92 -2.94 20.47
C ALA A 940 -32.48 -3.37 19.08
N LEU A 941 -32.48 -2.43 18.13
CA LEU A 941 -32.06 -2.68 16.75
C LEU A 941 -30.62 -2.23 16.50
N GLY A 942 -29.73 -2.50 17.45
CA GLY A 942 -28.37 -2.04 17.35
C GLY A 942 -27.62 -2.55 16.14
N LYS A 943 -28.14 -3.57 15.46
CA LYS A 943 -27.41 -4.16 14.34
C LYS A 943 -27.55 -3.33 13.06
N LEU A 944 -28.78 -2.94 12.73
CA LEU A 944 -28.98 -2.07 11.57
C LEU A 944 -28.28 -0.73 11.77
N GLN A 945 -28.47 -0.13 12.93
CA GLN A 945 -27.77 1.11 13.25
C GLN A 945 -26.27 0.89 13.24
N ASP A 946 -25.81 -0.28 13.66
CA ASP A 946 -24.38 -0.58 13.68
C ASP A 946 -23.83 -0.56 12.26
N VAL A 947 -24.51 -1.22 11.33
CA VAL A 947 -24.00 -1.26 9.97
C VAL A 947 -24.09 0.12 9.32
N VAL A 948 -25.15 0.87 9.61
CA VAL A 948 -25.27 2.21 9.03
C VAL A 948 -24.17 3.12 9.55
N ASN A 949 -23.92 3.07 10.85
CA ASN A 949 -22.85 3.88 11.43
C ASN A 949 -21.50 3.46 10.88
N HIS A 950 -21.28 2.16 10.69
CA HIS A 950 -20.00 1.71 10.15
C HIS A 950 -19.77 2.25 8.75
N ASN A 951 -20.79 2.15 7.89
CA ASN A 951 -20.61 2.65 6.53
C ASN A 951 -20.41 4.16 6.52
N ALA A 952 -21.22 4.89 7.30
CA ALA A 952 -21.10 6.34 7.34
C ALA A 952 -19.73 6.76 7.86
N GLN A 953 -19.24 6.09 8.90
CA GLN A 953 -17.93 6.41 9.44
C GLN A 953 -16.83 6.12 8.43
N ALA A 954 -16.93 5.00 7.71
CA ALA A 954 -15.93 4.69 6.70
C ALA A 954 -15.88 5.77 5.63
N LEU A 955 -17.05 6.18 5.13
CA LEU A 955 -17.08 7.25 4.12
C LEU A 955 -16.53 8.56 4.69
N ASN A 956 -16.88 8.86 5.95
CA ASN A 956 -16.41 10.10 6.56
C ASN A 956 -14.90 10.11 6.68
N THR A 957 -14.30 8.99 7.07
CA THR A 957 -12.84 8.93 7.12
C THR A 957 -12.25 9.02 5.72
N LEU A 958 -12.92 8.46 4.72
CA LEU A 958 -12.44 8.64 3.35
C LEU A 958 -12.38 10.11 2.98
N VAL A 959 -13.41 10.88 3.35
CA VAL A 959 -13.39 12.32 3.05
C VAL A 959 -12.30 13.01 3.86
N LYS A 960 -12.24 12.73 5.17
CA LYS A 960 -11.29 13.40 6.04
C LYS A 960 -9.85 13.19 5.59
N GLN A 961 -9.53 12.00 5.08
CA GLN A 961 -8.15 11.75 4.67
C GLN A 961 -7.77 12.62 3.50
N LEU A 962 -8.75 13.04 2.69
CA LEU A 962 -8.46 13.95 1.59
C LEU A 962 -7.83 15.25 2.07
N SER A 963 -8.17 15.68 3.29
CA SER A 963 -7.63 16.90 3.87
C SER A 963 -6.28 16.68 4.55
N SER A 964 -5.57 15.63 4.18
CA SER A 964 -4.24 15.36 4.71
C SER A 964 -3.20 15.61 3.62
N LYS A 965 -2.03 16.12 4.02
CA LYS A 965 -0.98 16.41 3.06
C LYS A 965 -0.11 15.18 2.78
N PHE A 966 -0.18 14.16 3.64
CA PHE A 966 0.65 12.95 3.57
C PHE A 966 2.14 13.27 3.61
N GLY A 967 2.51 14.52 3.83
CA GLY A 967 3.91 14.90 3.77
C GLY A 967 4.24 15.73 2.54
N ALA A 968 3.30 16.55 2.10
CA ALA A 968 3.49 17.45 0.97
C ALA A 968 3.39 18.90 1.45
N ILE A 969 3.49 19.82 0.49
CA ILE A 969 3.36 21.23 0.82
C ILE A 969 1.96 21.54 1.33
N SER A 970 0.94 21.08 0.60
CA SER A 970 -0.43 21.32 0.98
C SER A 970 -1.31 20.20 0.46
N SER A 971 -2.44 20.01 1.12
CA SER A 971 -3.41 18.99 0.75
C SER A 971 -4.43 19.51 -0.26
N VAL A 972 -4.29 20.76 -0.69
CA VAL A 972 -5.17 21.37 -1.67
C VAL A 972 -4.48 21.30 -3.02
N LEU A 973 -4.97 20.42 -3.90
CA LEU A 973 -4.35 20.24 -5.21
C LEU A 973 -4.38 21.54 -5.99
N ASN A 974 -5.51 22.25 -5.97
CA ASN A 974 -5.61 23.50 -6.71
C ASN A 974 -4.61 24.53 -6.19
N ASP A 975 -4.42 24.59 -4.87
CA ASP A 975 -3.43 25.51 -4.32
C ASP A 975 -2.02 25.13 -4.76
N ILE A 976 -1.66 23.85 -4.68
CA ILE A 976 -0.28 23.50 -4.98
C ILE A 976 0.05 23.59 -6.46
N LEU A 977 -0.89 23.27 -7.35
CA LEU A 977 -0.56 23.36 -8.78
C LEU A 977 -0.32 24.79 -9.20
N SER A 978 -1.02 25.76 -8.59
CA SER A 978 -0.89 27.16 -8.93
C SER A 978 0.14 27.89 -8.09
N ARG A 979 0.83 27.19 -7.18
CA ARG A 979 1.83 27.82 -6.34
C ARG A 979 3.25 27.39 -6.67
N LEU A 980 3.43 26.29 -7.40
CA LEU A 980 4.76 25.79 -7.73
C LEU A 980 4.80 25.41 -9.21
N ASP A 981 6.02 25.27 -9.72
CA ASP A 981 6.22 24.89 -11.10
C ASP A 981 5.74 23.45 -11.35
N PRO A 982 5.30 23.16 -12.57
CA PRO A 982 4.86 21.80 -12.90
C PRO A 982 5.93 20.74 -12.63
N PRO A 983 7.14 20.86 -13.21
CA PRO A 983 8.08 19.73 -13.14
C PRO A 983 8.55 19.39 -11.74
N GLU A 984 8.52 20.33 -10.81
CA GLU A 984 8.89 20.05 -9.42
C GLU A 984 7.70 19.75 -8.53
N ALA A 985 6.56 20.40 -8.76
CA ALA A 985 5.34 20.03 -8.05
C ALA A 985 4.83 18.68 -8.49
N GLU A 986 5.40 18.11 -9.56
CA GLU A 986 5.05 16.76 -9.95
C GLU A 986 5.31 15.76 -8.84
N VAL A 987 6.42 15.90 -8.13
CA VAL A 987 6.72 14.98 -7.03
C VAL A 987 5.67 15.09 -5.94
N GLN A 988 5.31 16.32 -5.58
CA GLN A 988 4.30 16.51 -4.52
C GLN A 988 2.94 15.98 -4.95
N ILE A 989 2.54 16.22 -6.20
CA ILE A 989 1.24 15.70 -6.63
C ILE A 989 1.29 14.18 -6.78
N ASP A 990 2.44 13.61 -7.13
CA ASP A 990 2.55 12.17 -7.23
C ASP A 990 2.44 11.52 -5.86
N ARG A 991 3.08 12.12 -4.85
CA ARG A 991 2.93 11.57 -3.50
C ARG A 991 1.51 11.79 -2.99
N LEU A 992 0.86 12.88 -3.39
CA LEU A 992 -0.56 13.04 -3.10
C LEU A 992 -1.37 11.90 -3.71
N ILE A 993 -1.11 11.60 -4.98
CA ILE A 993 -1.85 10.53 -5.67
C ILE A 993 -1.61 9.20 -4.97
N THR A 994 -0.37 8.91 -4.62
CA THR A 994 -0.08 7.66 -3.92
C THR A 994 -0.84 7.59 -2.61
N GLY A 995 -0.82 8.66 -1.82
CA GLY A 995 -1.52 8.64 -0.55
C GLY A 995 -3.02 8.42 -0.71
N ARG A 996 -3.65 9.19 -1.61
CA ARG A 996 -5.10 9.06 -1.73
C ARG A 996 -5.48 7.75 -2.41
N LEU A 997 -4.61 7.21 -3.26
CA LEU A 997 -4.89 5.91 -3.88
C LEU A 997 -4.80 4.79 -2.86
N GLN A 998 -3.81 4.84 -1.97
CA GLN A 998 -3.77 3.88 -0.88
C GLN A 998 -4.99 4.00 0.00
N SER A 999 -5.43 5.24 0.25
CA SER A 999 -6.63 5.43 1.05
C SER A 999 -7.84 4.80 0.38
N LEU A 1000 -7.97 4.99 -0.94
CA LEU A 1000 -9.12 4.44 -1.64
C LEU A 1000 -9.07 2.92 -1.70
N GLN A 1001 -7.87 2.36 -1.85
CA GLN A 1001 -7.74 0.91 -1.79
C GLN A 1001 -8.14 0.37 -0.43
N THR A 1002 -7.71 1.03 0.64
CA THR A 1002 -8.16 0.63 1.96
C THR A 1002 -9.67 0.70 2.07
N TYR A 1003 -10.27 1.76 1.53
CA TYR A 1003 -11.73 1.88 1.60
C TYR A 1003 -12.42 0.74 0.87
N VAL A 1004 -11.95 0.42 -0.33
CA VAL A 1004 -12.62 -0.62 -1.11
C VAL A 1004 -12.42 -1.99 -0.47
N THR A 1005 -11.25 -2.24 0.10
CA THR A 1005 -11.03 -3.53 0.77
C THR A 1005 -11.92 -3.67 2.00
N GLN A 1006 -11.98 -2.63 2.82
CA GLN A 1006 -12.86 -2.68 3.98
C GLN A 1006 -14.32 -2.83 3.57
N GLN A 1007 -14.72 -2.19 2.47
CA GLN A 1007 -16.08 -2.35 2.00
C GLN A 1007 -16.35 -3.74 1.47
N LEU A 1008 -15.35 -4.39 0.85
CA LEU A 1008 -15.53 -5.79 0.45
C LEU A 1008 -15.71 -6.68 1.67
N ILE A 1009 -14.95 -6.42 2.74
CA ILE A 1009 -15.14 -7.19 3.96
C ILE A 1009 -16.55 -7.01 4.50
N ARG A 1010 -17.01 -5.76 4.53
CA ARG A 1010 -18.37 -5.50 4.98
C ARG A 1010 -19.38 -6.21 4.09
N ALA A 1011 -19.13 -6.24 2.78
CA ALA A 1011 -20.04 -6.92 1.86
C ALA A 1011 -20.09 -8.41 2.14
N ALA A 1012 -18.94 -9.02 2.44
CA ALA A 1012 -18.94 -10.43 2.76
C ALA A 1012 -19.74 -10.71 4.02
N GLU A 1013 -19.53 -9.90 5.07
CA GLU A 1013 -20.30 -10.12 6.30
C GLU A 1013 -21.79 -9.91 6.06
N ILE A 1014 -22.14 -8.87 5.30
CA ILE A 1014 -23.54 -8.59 5.02
C ILE A 1014 -24.17 -9.70 4.20
N ARG A 1015 -23.41 -10.28 3.26
CA ARG A 1015 -23.95 -11.36 2.46
C ARG A 1015 -24.14 -12.61 3.29
N ALA A 1016 -23.23 -12.87 4.23
CA ALA A 1016 -23.46 -13.99 5.15
C ALA A 1016 -24.73 -13.79 5.95
N SER A 1017 -24.93 -12.57 6.48
CA SER A 1017 -26.16 -12.30 7.22
C SER A 1017 -27.38 -12.35 6.32
N ALA A 1018 -27.25 -11.98 5.07
CA ALA A 1018 -28.38 -12.03 4.14
C ALA A 1018 -28.75 -13.46 3.81
N ASN A 1019 -27.75 -14.34 3.66
CA ASN A 1019 -28.04 -15.75 3.49
C ASN A 1019 -28.72 -16.32 4.73
N LEU A 1020 -28.24 -15.94 5.91
CA LEU A 1020 -28.91 -16.39 7.13
C LEU A 1020 -30.35 -15.91 7.17
N ALA A 1021 -30.59 -14.65 6.81
CA ALA A 1021 -31.95 -14.13 6.82
C ALA A 1021 -32.82 -14.81 5.78
N ALA A 1022 -32.27 -15.09 4.60
CA ALA A 1022 -33.04 -15.78 3.58
C ALA A 1022 -33.43 -17.18 4.03
N THR A 1023 -32.49 -17.90 4.63
CA THR A 1023 -32.81 -19.23 5.16
C THR A 1023 -33.83 -19.13 6.28
N LYS A 1024 -33.67 -18.16 7.18
CA LYS A 1024 -34.62 -17.98 8.25
C LYS A 1024 -36.01 -17.69 7.72
N MET A 1025 -36.12 -16.85 6.71
CA MET A 1025 -37.42 -16.60 6.11
C MET A 1025 -37.98 -17.86 5.48
N SER A 1026 -37.21 -18.53 4.63
CA SER A 1026 -37.70 -19.69 3.92
C SER A 1026 -38.04 -20.85 4.84
N GLU A 1027 -37.49 -20.89 6.06
CA GLU A 1027 -37.84 -21.95 6.99
C GLU A 1027 -38.93 -21.53 7.96
N CYS A 1028 -38.71 -20.47 8.74
CA CYS A 1028 -39.67 -20.10 9.77
C CYS A 1028 -40.95 -19.51 9.19
N VAL A 1029 -40.85 -18.70 8.14
CA VAL A 1029 -42.05 -18.06 7.61
C VAL A 1029 -42.85 -19.04 6.75
N LEU A 1030 -42.18 -19.66 5.78
CA LEU A 1030 -42.86 -20.57 4.85
C LEU A 1030 -42.91 -21.99 5.39
N GLY A 1031 -43.34 -22.14 6.64
CA GLY A 1031 -43.36 -23.46 7.25
C GLY A 1031 -42.86 -23.41 8.68
N GLN A 1032 -42.90 -24.54 9.37
CA GLN A 1032 -42.46 -24.61 10.76
C GLN A 1032 -41.13 -25.32 10.81
N SER A 1033 -40.19 -24.76 11.57
CA SER A 1033 -38.82 -25.27 11.61
C SER A 1033 -38.63 -26.12 12.86
N LYS A 1034 -38.37 -27.40 12.66
CA LYS A 1034 -38.10 -28.31 13.77
C LYS A 1034 -36.77 -28.04 14.42
N ARG A 1035 -35.91 -27.22 13.82
CA ARG A 1035 -34.62 -26.92 14.42
C ARG A 1035 -34.80 -26.12 15.69
N VAL A 1036 -34.30 -26.66 16.79
CA VAL A 1036 -34.49 -26.02 18.09
C VAL A 1036 -33.56 -24.83 18.22
N ASP A 1037 -34.10 -23.73 18.75
CA ASP A 1037 -33.38 -22.48 18.94
C ASP A 1037 -32.86 -21.92 17.62
N PHE A 1038 -33.61 -22.12 16.54
CA PHE A 1038 -33.36 -21.41 15.29
C PHE A 1038 -34.35 -20.28 15.08
N CYS A 1039 -35.64 -20.59 15.04
CA CYS A 1039 -36.69 -19.58 14.93
C CYS A 1039 -37.25 -19.28 16.31
N GLY A 1040 -36.49 -18.47 17.05
CA GLY A 1040 -36.88 -18.06 18.37
C GLY A 1040 -36.57 -19.11 19.42
N LYS A 1041 -36.49 -18.65 20.66
CA LYS A 1041 -36.20 -19.55 21.77
C LYS A 1041 -37.39 -20.47 22.05
N GLY A 1042 -37.12 -21.75 22.14
CA GLY A 1042 -38.16 -22.72 22.43
C GLY A 1042 -38.82 -23.28 21.19
N TYR A 1043 -39.83 -24.09 21.42
CA TYR A 1043 -40.59 -24.67 20.33
C TYR A 1043 -41.24 -23.57 19.50
N HIS A 1044 -41.18 -23.71 18.19
CA HIS A 1044 -41.49 -22.61 17.28
C HIS A 1044 -42.87 -22.80 16.67
N LEU A 1045 -43.58 -21.68 16.47
CA LEU A 1045 -44.93 -21.73 15.92
C LEU A 1045 -45.06 -21.00 14.60
N MET A 1046 -44.72 -19.72 14.53
CA MET A 1046 -44.85 -18.95 13.30
C MET A 1046 -43.65 -18.03 13.19
N SER A 1047 -43.71 -17.11 12.23
CA SER A 1047 -42.77 -16.00 12.20
C SER A 1047 -43.31 -14.98 11.22
N PHE A 1048 -43.48 -13.75 11.67
CA PHE A 1048 -44.00 -12.69 10.82
C PHE A 1048 -42.88 -11.71 10.48
N PRO A 1049 -42.41 -11.66 9.25
CA PRO A 1049 -41.37 -10.70 8.91
C PRO A 1049 -41.90 -9.29 8.89
N GLN A 1050 -40.99 -8.33 9.09
CA GLN A 1050 -41.31 -6.92 8.95
C GLN A 1050 -40.14 -6.24 8.27
N SER A 1051 -40.43 -5.19 7.52
CA SER A 1051 -39.41 -4.46 6.77
C SER A 1051 -38.75 -3.40 7.65
N ALA A 1052 -37.49 -3.16 7.40
CA ALA A 1052 -36.73 -2.15 8.12
C ALA A 1052 -35.71 -1.54 7.16
N PRO A 1053 -35.25 -0.33 7.44
CA PRO A 1053 -34.24 0.28 6.56
C PRO A 1053 -32.95 -0.53 6.56
N HIS A 1054 -32.61 -1.07 5.40
CA HIS A 1054 -31.39 -1.87 5.23
C HIS A 1054 -31.36 -3.03 6.20
N GLY A 1055 -32.50 -3.67 6.39
CA GLY A 1055 -32.56 -4.82 7.27
C GLY A 1055 -33.96 -5.36 7.33
N VAL A 1056 -34.11 -6.45 8.07
CA VAL A 1056 -35.39 -7.11 8.24
C VAL A 1056 -35.57 -7.44 9.71
N VAL A 1057 -36.82 -7.56 10.13
CA VAL A 1057 -37.15 -7.83 11.53
C VAL A 1057 -38.22 -8.89 11.59
N PHE A 1058 -38.00 -9.91 12.41
CA PHE A 1058 -38.93 -11.02 12.57
C PHE A 1058 -39.64 -10.90 13.90
N LEU A 1059 -40.75 -11.63 14.02
CA LEU A 1059 -41.54 -11.71 15.24
C LEU A 1059 -41.74 -13.20 15.54
N HIS A 1060 -40.71 -13.84 16.08
CA HIS A 1060 -40.74 -15.29 16.25
C HIS A 1060 -41.74 -15.65 17.34
N VAL A 1061 -42.93 -16.07 16.94
CA VAL A 1061 -43.94 -16.49 17.92
C VAL A 1061 -43.59 -17.90 18.37
N THR A 1062 -43.08 -18.02 19.59
CA THR A 1062 -42.59 -19.29 20.10
C THR A 1062 -43.46 -19.77 21.25
N TYR A 1063 -43.60 -21.08 21.37
CA TYR A 1063 -44.40 -21.70 22.42
C TYR A 1063 -43.46 -22.23 23.49
N VAL A 1064 -43.68 -21.82 24.73
CA VAL A 1064 -42.80 -22.13 25.85
C VAL A 1064 -43.65 -22.74 26.96
N PRO A 1065 -43.24 -23.84 27.58
CA PRO A 1065 -44.05 -24.46 28.64
C PRO A 1065 -44.15 -23.60 29.89
N ALA A 1066 -44.84 -24.12 30.90
CA ALA A 1066 -45.24 -23.35 32.07
C ALA A 1066 -45.21 -24.28 33.28
N GLN A 1067 -45.95 -23.91 34.33
CA GLN A 1067 -45.98 -24.64 35.59
C GLN A 1067 -45.95 -26.15 35.41
N GLU A 1068 -45.14 -26.83 36.21
CA GLU A 1068 -44.93 -28.27 36.05
C GLU A 1068 -45.08 -28.97 37.39
N LYS A 1069 -45.59 -30.20 37.33
CA LYS A 1069 -45.71 -31.06 38.49
C LYS A 1069 -45.05 -32.40 38.17
N ASN A 1070 -44.30 -32.93 39.13
CA ASN A 1070 -43.61 -34.20 38.94
C ASN A 1070 -44.32 -35.28 39.72
N PHE A 1071 -44.63 -36.40 39.05
CA PHE A 1071 -45.51 -37.41 39.65
C PHE A 1071 -44.78 -38.72 39.94
N THR A 1072 -44.44 -39.48 38.92
CA THR A 1072 -43.74 -40.76 38.98
C THR A 1072 -43.70 -41.28 37.54
N THR A 1073 -42.73 -42.14 37.25
CA THR A 1073 -42.63 -42.68 35.91
C THR A 1073 -42.17 -44.13 35.98
N ALA A 1074 -42.56 -44.89 34.96
CA ALA A 1074 -42.16 -46.28 34.84
C ALA A 1074 -42.04 -46.56 33.35
N PRO A 1075 -40.88 -47.00 32.88
CA PRO A 1075 -40.67 -47.11 31.42
C PRO A 1075 -41.65 -48.03 30.74
N ALA A 1076 -42.18 -49.03 31.43
CA ALA A 1076 -43.12 -49.95 30.82
C ALA A 1076 -44.13 -50.39 31.85
N ILE A 1077 -45.25 -50.92 31.38
CA ILE A 1077 -46.31 -51.43 32.24
C ILE A 1077 -46.52 -52.90 31.90
N CYS A 1078 -46.51 -53.75 32.92
CA CYS A 1078 -46.63 -55.19 32.75
C CYS A 1078 -48.00 -55.62 33.25
N HIS A 1079 -48.91 -55.89 32.32
CA HIS A 1079 -50.25 -56.31 32.73
C HIS A 1079 -50.31 -57.81 32.95
N ASP A 1080 -50.02 -58.61 31.92
CA ASP A 1080 -50.03 -60.06 32.03
C ASP A 1080 -48.75 -60.59 31.38
N GLY A 1081 -47.68 -60.69 32.16
CA GLY A 1081 -46.45 -61.30 31.71
C GLY A 1081 -45.78 -60.62 30.54
N LYS A 1082 -46.42 -59.61 29.94
CA LYS A 1082 -45.87 -58.91 28.78
C LYS A 1082 -45.81 -57.43 29.10
N ALA A 1083 -44.66 -56.82 28.84
CA ALA A 1083 -44.52 -55.39 29.05
C ALA A 1083 -45.36 -54.62 28.05
N HIS A 1084 -45.93 -53.52 28.50
CA HIS A 1084 -46.62 -52.58 27.62
C HIS A 1084 -45.86 -51.26 27.62
N PHE A 1085 -45.65 -50.71 26.44
CA PHE A 1085 -44.98 -49.43 26.28
C PHE A 1085 -45.93 -48.44 25.61
N PRO A 1086 -45.86 -47.17 25.97
CA PRO A 1086 -46.82 -46.22 25.40
C PRO A 1086 -46.57 -46.01 23.93
N ARG A 1087 -47.66 -45.94 23.16
CA ARG A 1087 -47.53 -45.59 21.75
C ARG A 1087 -46.89 -44.22 21.59
N GLU A 1088 -47.15 -43.33 22.54
CA GLU A 1088 -46.47 -42.06 22.63
C GLU A 1088 -46.63 -41.54 24.05
N GLY A 1089 -45.57 -40.97 24.59
CA GLY A 1089 -45.65 -40.29 25.87
C GLY A 1089 -45.19 -41.15 27.04
N VAL A 1090 -45.37 -40.56 28.22
CA VAL A 1090 -44.86 -41.08 29.47
C VAL A 1090 -45.95 -41.94 30.12
N PHE A 1091 -45.52 -43.00 30.79
CA PHE A 1091 -46.38 -43.67 31.76
C PHE A 1091 -46.25 -42.93 33.08
N VAL A 1092 -47.26 -42.17 33.45
CA VAL A 1092 -47.20 -41.32 34.63
C VAL A 1092 -48.28 -41.75 35.61
N SER A 1093 -48.07 -41.43 36.89
CA SER A 1093 -49.06 -41.75 37.90
C SER A 1093 -49.03 -40.71 39.02
N ASN A 1094 -50.21 -40.26 39.42
CA ASN A 1094 -50.31 -39.28 40.49
C ASN A 1094 -50.16 -39.90 41.87
N GLY A 1095 -49.87 -41.21 41.95
CA GLY A 1095 -49.65 -41.85 43.22
C GLY A 1095 -50.45 -43.13 43.37
N THR A 1096 -51.66 -43.14 42.81
CA THR A 1096 -52.54 -44.30 42.87
C THR A 1096 -52.85 -44.90 41.51
N HIS A 1097 -53.16 -44.06 40.52
CA HIS A 1097 -53.58 -44.52 39.20
C HIS A 1097 -52.50 -44.20 38.18
N TRP A 1098 -52.19 -45.16 37.32
CA TRP A 1098 -51.19 -44.94 36.28
C TRP A 1098 -51.85 -44.39 35.04
N PHE A 1099 -51.20 -43.39 34.43
CA PHE A 1099 -51.74 -42.72 33.26
C PHE A 1099 -50.67 -42.60 32.17
N VAL A 1100 -51.11 -42.68 30.93
CA VAL A 1100 -50.30 -42.31 29.78
C VAL A 1100 -50.66 -40.88 29.39
N THR A 1101 -49.66 -40.08 29.08
CA THR A 1101 -49.91 -38.69 28.76
C THR A 1101 -48.92 -38.24 27.68
N GLN A 1102 -49.17 -37.05 27.14
CA GLN A 1102 -48.36 -36.55 26.04
C GLN A 1102 -47.03 -36.03 26.55
N ARG A 1103 -46.36 -35.26 25.70
CA ARG A 1103 -44.99 -34.87 25.97
C ARG A 1103 -44.90 -33.55 26.72
N ASN A 1104 -45.46 -32.49 26.16
CA ASN A 1104 -45.33 -31.15 26.71
C ASN A 1104 -46.65 -30.60 27.23
N PHE A 1105 -47.58 -31.47 27.63
CA PHE A 1105 -48.83 -31.04 28.21
C PHE A 1105 -49.42 -32.20 28.97
N TYR A 1106 -50.01 -31.93 30.13
CA TYR A 1106 -50.51 -32.97 31.01
C TYR A 1106 -51.93 -33.32 30.59
N GLU A 1107 -52.09 -34.45 29.92
CA GLU A 1107 -53.41 -34.97 29.54
C GLU A 1107 -53.47 -36.45 29.88
N PRO A 1108 -53.77 -36.78 31.14
CA PRO A 1108 -53.83 -38.19 31.51
C PRO A 1108 -54.95 -38.90 30.78
N GLN A 1109 -54.70 -40.17 30.46
CA GLN A 1109 -55.71 -40.98 29.80
C GLN A 1109 -55.71 -42.37 30.42
N ILE A 1110 -56.88 -43.00 30.42
CA ILE A 1110 -57.02 -44.35 30.94
C ILE A 1110 -56.25 -45.30 30.04
N ILE A 1111 -55.49 -46.22 30.64
CA ILE A 1111 -54.62 -47.09 29.87
C ILE A 1111 -55.49 -48.14 29.18
N THR A 1112 -55.56 -48.08 27.86
CA THR A 1112 -56.24 -49.09 27.07
C THR A 1112 -55.26 -49.73 26.11
N THR A 1113 -55.74 -50.72 25.36
CA THR A 1113 -54.89 -51.38 24.38
C THR A 1113 -54.57 -50.47 23.20
N ASP A 1114 -55.34 -49.40 23.01
CA ASP A 1114 -55.07 -48.47 21.91
C ASP A 1114 -53.89 -47.56 22.23
N ASN A 1115 -53.73 -47.17 23.49
CA ASN A 1115 -52.68 -46.23 23.87
C ASN A 1115 -51.31 -46.88 23.95
N THR A 1116 -51.23 -48.20 23.99
CA THR A 1116 -49.95 -48.89 24.18
C THR A 1116 -49.82 -50.04 23.19
N PHE A 1117 -48.56 -50.33 22.84
CA PHE A 1117 -48.23 -51.52 22.06
C PHE A 1117 -47.43 -52.46 22.93
N VAL A 1118 -47.74 -53.75 22.85
CA VAL A 1118 -47.19 -54.76 23.74
C VAL A 1118 -46.06 -55.49 23.03
N SER A 1119 -44.93 -55.62 23.72
CA SER A 1119 -43.79 -56.36 23.19
C SER A 1119 -42.79 -56.67 24.29
N GLY A 1120 -42.56 -57.94 24.57
CA GLY A 1120 -41.57 -58.33 25.55
C GLY A 1120 -42.06 -59.50 26.38
N ASN A 1121 -41.39 -59.68 27.53
CA ASN A 1121 -41.70 -60.80 28.41
C ASN A 1121 -41.70 -60.41 29.89
N CYS A 1122 -41.68 -59.12 30.23
CA CYS A 1122 -41.78 -58.66 31.61
C CYS A 1122 -40.63 -59.18 32.48
N ASP A 1123 -39.47 -59.40 31.89
CA ASP A 1123 -38.32 -59.90 32.63
C ASP A 1123 -37.01 -59.21 32.30
N VAL A 1124 -36.97 -58.39 31.25
CA VAL A 1124 -35.72 -57.80 30.80
C VAL A 1124 -35.65 -56.30 31.05
N VAL A 1125 -36.76 -55.58 30.94
CA VAL A 1125 -36.77 -54.14 31.15
C VAL A 1125 -36.46 -53.84 32.61
N ILE A 1126 -35.93 -52.65 32.86
CA ILE A 1126 -35.60 -52.21 34.20
C ILE A 1126 -36.49 -51.03 34.55
N GLY A 1127 -37.17 -51.11 35.69
CA GLY A 1127 -38.15 -50.11 36.07
C GLY A 1127 -39.58 -50.48 35.80
N ILE A 1128 -39.84 -51.73 35.40
CA ILE A 1128 -41.20 -52.17 35.15
C ILE A 1128 -42.03 -52.04 36.41
N VAL A 1129 -43.28 -51.60 36.25
CA VAL A 1129 -44.20 -51.43 37.38
C VAL A 1129 -45.51 -52.11 37.03
N ASN A 1130 -46.01 -52.94 37.94
CA ASN A 1130 -47.22 -53.71 37.73
C ASN A 1130 -48.43 -52.78 37.65
N ASN A 1131 -49.39 -53.18 36.82
CA ASN A 1131 -50.65 -52.48 36.68
C ASN A 1131 -51.61 -53.32 35.84
N THR A 1132 -52.81 -52.79 35.60
CA THR A 1132 -53.76 -53.45 34.72
C THR A 1132 -54.09 -52.52 33.55
N VAL A 1133 -54.06 -53.08 32.35
CA VAL A 1133 -54.50 -52.38 31.16
C VAL A 1133 -55.86 -52.96 30.78
N TYR A 1134 -56.60 -52.20 29.96
CA TYR A 1134 -57.97 -52.55 29.64
C TYR A 1134 -58.13 -52.66 28.13
N ASP A 1135 -59.21 -53.34 27.72
CA ASP A 1135 -59.52 -53.51 26.32
C ASP A 1135 -61.00 -53.19 26.12
N PRO A 1136 -61.38 -52.73 24.93
CA PRO A 1136 -62.80 -52.53 24.63
C PRO A 1136 -63.47 -53.73 24.02
N LEU A 1137 -62.73 -54.72 23.53
CA LEU A 1137 -63.33 -55.80 22.75
C LEU A 1137 -63.81 -56.96 23.60
N GLN A 1138 -63.24 -57.15 24.80
CA GLN A 1138 -63.76 -58.19 25.69
C GLN A 1138 -65.14 -57.82 26.21
N LEU A 1139 -65.36 -56.54 26.52
CA LEU A 1139 -66.65 -56.10 27.05
C LEU A 1139 -67.76 -56.35 26.04
N GLU A 1140 -67.51 -56.07 24.77
CA GLU A 1140 -68.48 -56.33 23.71
C GLU A 1140 -68.36 -57.77 23.24
N GLN B 1 28.75 45.46 33.93
CA GLN B 1 27.67 44.49 34.07
C GLN B 1 26.77 44.80 35.28
N LEU B 2 25.51 44.42 35.16
CA LEU B 2 24.50 44.78 36.16
C LEU B 2 24.77 44.08 37.48
N GLN B 3 24.89 44.86 38.55
CA GLN B 3 25.11 44.34 39.88
C GLN B 3 24.01 44.81 40.81
N LEU B 4 23.67 43.97 41.79
CA LEU B 4 22.66 44.27 42.79
C LEU B 4 23.29 44.19 44.17
N GLN B 5 23.08 45.24 44.97
CA GLN B 5 23.54 45.27 46.36
C GLN B 5 22.34 45.56 47.25
N GLU B 6 21.89 44.57 47.99
CA GLU B 6 20.79 44.73 48.93
C GLU B 6 21.23 44.51 50.36
N SER B 7 20.68 45.32 51.26
CA SER B 7 21.07 45.33 52.66
C SER B 7 19.84 45.49 53.53
N GLY B 8 19.99 45.10 54.79
CA GLY B 8 18.93 45.22 55.77
C GLY B 8 19.36 44.62 57.08
N PRO B 9 18.60 44.91 58.15
CA PRO B 9 18.92 44.35 59.46
C PRO B 9 18.72 42.85 59.46
N GLY B 10 19.81 42.10 59.66
CA GLY B 10 19.74 40.65 59.65
C GLY B 10 19.07 40.04 60.85
N LEU B 11 18.81 40.83 61.89
CA LEU B 11 18.09 40.38 63.07
C LEU B 11 16.98 41.38 63.35
N VAL B 12 15.76 40.87 63.50
CA VAL B 12 14.60 41.71 63.78
C VAL B 12 13.75 41.01 64.82
N LYS B 13 13.32 41.77 65.84
CA LYS B 13 12.46 41.21 66.87
C LYS B 13 11.10 40.85 66.28
N PRO B 14 10.39 39.89 66.88
CA PRO B 14 9.10 39.49 66.32
C PRO B 14 8.08 40.61 66.37
N SER B 15 7.25 40.66 65.33
CA SER B 15 5.99 41.42 65.21
C SER B 15 6.09 42.89 64.81
N GLU B 16 7.23 43.40 64.37
CA GLU B 16 7.19 44.73 63.76
C GLU B 16 7.65 44.65 62.31
N THR B 17 7.79 45.82 61.69
CA THR B 17 8.12 45.91 60.27
C THR B 17 9.56 45.49 60.00
N LEU B 18 9.75 44.72 58.94
CA LEU B 18 11.06 44.37 58.43
C LEU B 18 11.29 45.08 57.11
N SER B 19 12.51 45.58 56.91
CA SER B 19 12.78 46.49 55.79
C SER B 19 14.17 46.20 55.23
N LEU B 20 14.23 45.94 53.92
CA LEU B 20 15.49 45.84 53.18
C LEU B 20 15.44 46.74 51.97
N THR B 21 16.59 46.90 51.32
CA THR B 21 16.70 47.73 50.13
C THR B 21 17.83 47.24 49.26
N CYS B 22 17.56 47.13 47.96
CA CYS B 22 18.56 46.75 46.95
C CYS B 22 19.09 47.96 46.22
N THR B 23 20.37 47.87 45.84
CA THR B 23 21.04 48.90 45.06
C THR B 23 21.44 48.34 43.70
N VAL B 24 21.26 49.14 42.65
CA VAL B 24 21.60 48.75 41.30
C VAL B 24 22.83 49.54 40.86
N SER B 25 23.86 48.82 40.41
CA SER B 25 25.09 49.43 39.93
C SER B 25 25.30 49.09 38.47
N ASN B 26 26.00 49.96 37.76
CA ASN B 26 26.22 49.82 36.32
C ASN B 26 24.90 49.73 35.56
N GLY B 27 23.89 50.45 36.03
CA GLY B 27 22.58 50.41 35.40
C GLY B 27 21.67 51.45 36.01
N SER B 28 20.42 51.42 35.57
CA SER B 28 19.39 52.36 36.03
C SER B 28 18.12 51.61 36.38
N ILE B 29 17.57 51.91 37.56
CA ILE B 29 16.26 51.35 37.90
C ILE B 29 15.16 51.98 37.07
N SER B 30 15.42 53.13 36.44
CA SER B 30 14.46 53.76 35.56
C SER B 30 14.27 53.01 34.25
N SER B 31 15.09 51.99 34.00
CA SER B 31 14.98 51.19 32.78
C SER B 31 13.58 50.61 32.65
N SER B 32 12.82 51.11 31.68
CA SER B 32 11.43 50.70 31.53
C SER B 32 11.30 49.28 31.02
N THR B 33 12.32 48.75 30.36
CA THR B 33 12.17 47.50 29.64
C THR B 33 11.94 46.32 30.58
N PHE B 34 12.60 46.32 31.73
CA PHE B 34 12.56 45.19 32.65
C PHE B 34 11.86 45.57 33.95
N TYR B 35 11.38 44.55 34.66
CA TYR B 35 10.78 44.71 35.96
C TYR B 35 11.84 44.52 37.04
N TRP B 36 11.42 44.55 38.30
CA TRP B 36 12.31 44.32 39.42
C TRP B 36 11.53 43.66 40.54
N GLY B 37 12.17 42.74 41.26
CA GLY B 37 11.41 41.99 42.23
C GLY B 37 12.25 41.39 43.35
N TRP B 38 11.52 40.87 44.33
CA TRP B 38 12.04 40.28 45.55
C TRP B 38 11.66 38.81 45.63
N VAL B 39 12.64 37.97 45.95
CA VAL B 39 12.44 36.53 46.07
C VAL B 39 13.04 36.10 47.40
N ARG B 40 12.28 35.37 48.20
CA ARG B 40 12.75 34.87 49.47
C ARG B 40 12.78 33.35 49.44
N GLN B 41 13.72 32.77 50.19
CA GLN B 41 13.93 31.32 50.24
C GLN B 41 14.21 30.89 51.67
N PRO B 42 13.23 30.32 52.36
CA PRO B 42 13.50 29.82 53.70
C PRO B 42 14.53 28.70 53.66
N PRO B 43 15.32 28.53 54.73
CA PRO B 43 16.30 27.44 54.74
C PRO B 43 15.62 26.09 54.70
N GLY B 44 16.15 25.20 53.87
CA GLY B 44 15.57 23.87 53.73
C GLY B 44 14.27 23.82 52.97
N ARG B 45 13.92 24.89 52.26
CA ARG B 45 12.73 24.93 51.41
C ARG B 45 13.13 25.42 50.03
N GLY B 46 12.12 25.63 49.17
CA GLY B 46 12.37 26.12 47.83
C GLY B 46 12.22 27.62 47.71
N LEU B 47 12.55 28.13 46.53
CA LEU B 47 12.43 29.56 46.26
C LEU B 47 10.97 29.98 46.30
N GLU B 48 10.73 31.23 46.69
CA GLU B 48 9.38 31.74 46.80
C GLU B 48 9.38 33.20 46.36
N TRP B 49 8.45 33.55 45.48
CA TRP B 49 8.36 34.90 44.91
C TRP B 49 7.42 35.74 45.77
N ILE B 50 7.94 36.84 46.30
CA ILE B 50 7.18 37.67 47.22
C ILE B 50 6.55 38.89 46.56
N GLY B 51 6.96 39.25 45.35
CA GLY B 51 6.40 40.38 44.66
C GLY B 51 7.41 41.01 43.72
N SER B 52 6.89 41.65 42.69
CA SER B 52 7.70 42.39 41.73
C SER B 52 7.08 43.75 41.53
N ILE B 53 7.91 44.73 41.17
CA ILE B 53 7.45 46.11 41.20
C ILE B 53 8.08 46.86 40.03
N TYR B 54 7.28 47.71 39.39
CA TYR B 54 7.73 48.52 38.29
C TYR B 54 8.15 49.91 38.78
N TYR B 55 8.90 50.63 37.94
CA TYR B 55 9.44 51.91 38.35
C TYR B 55 8.33 52.93 38.59
N SER B 56 7.25 52.87 37.79
CA SER B 56 6.18 53.84 37.94
C SER B 56 5.47 53.69 39.27
N GLY B 57 5.21 52.46 39.69
CA GLY B 57 4.45 52.23 40.90
C GLY B 57 3.51 51.04 40.82
N SER B 58 3.35 50.49 39.62
CA SER B 58 2.59 49.27 39.45
C SER B 58 3.33 48.10 40.09
N THR B 59 2.60 47.25 40.80
CA THR B 59 3.18 46.21 41.63
C THR B 59 2.57 44.86 41.34
N TYR B 60 3.39 43.91 40.92
CA TYR B 60 3.09 42.50 41.06
C TYR B 60 3.21 42.11 42.53
N GLN B 61 2.43 41.11 42.92
CA GLN B 61 2.35 40.81 44.34
C GLN B 61 1.59 39.52 44.56
N ASN B 62 2.18 38.65 45.36
CA ASN B 62 1.62 37.32 45.62
C ASN B 62 0.41 37.43 46.55
N PRO B 63 -0.76 36.91 46.18
CA PRO B 63 -1.94 37.07 47.04
C PRO B 63 -1.81 36.46 48.42
N SER B 64 -0.95 35.45 48.59
CA SER B 64 -0.85 34.78 49.88
C SER B 64 -0.32 35.72 50.95
N LEU B 65 0.61 36.61 50.58
CA LEU B 65 1.19 37.59 51.49
C LEU B 65 0.67 38.99 51.17
N LYS B 66 -0.63 39.07 50.88
CA LYS B 66 -1.24 40.33 50.48
C LYS B 66 -1.19 41.37 51.58
N SER B 67 -1.49 40.98 52.81
CA SER B 67 -1.71 41.92 53.89
C SER B 67 -0.45 42.32 54.64
N ARG B 68 0.71 41.83 54.25
CA ARG B 68 1.93 42.06 55.02
C ARG B 68 3.08 42.70 54.23
N ALA B 69 3.12 42.58 52.91
CA ALA B 69 4.27 43.01 52.13
C ALA B 69 3.94 44.26 51.35
N ILE B 70 4.75 45.30 51.53
CA ILE B 70 4.65 46.55 50.80
C ILE B 70 5.98 46.80 50.10
N ILE B 71 5.94 47.07 48.81
CA ILE B 71 7.14 47.27 48.01
C ILE B 71 7.10 48.66 47.39
N SER B 72 8.19 49.40 47.52
CA SER B 72 8.30 50.76 47.01
C SER B 72 9.57 50.92 46.20
N VAL B 73 9.52 51.79 45.20
CA VAL B 73 10.64 52.03 44.30
C VAL B 73 10.85 53.54 44.19
N ASP B 74 12.11 53.95 44.09
CA ASP B 74 12.49 55.32 43.78
C ASP B 74 13.54 55.30 42.68
N THR B 75 13.41 56.21 41.72
CA THR B 75 14.34 56.26 40.61
C THR B 75 15.46 57.26 40.80
N SER B 76 15.33 58.18 41.76
CA SER B 76 16.38 59.17 41.98
C SER B 76 17.64 58.54 42.54
N LYS B 77 17.49 57.71 43.57
CA LYS B 77 18.64 57.09 44.23
C LYS B 77 18.85 55.64 43.81
N ASN B 78 18.14 55.18 42.77
CA ASN B 78 18.39 53.86 42.19
C ASN B 78 18.23 52.75 43.22
N GLN B 79 17.25 52.91 44.11
CA GLN B 79 17.08 52.03 45.25
C GLN B 79 15.79 51.24 45.10
N LEU B 80 15.87 49.94 45.30
CA LEU B 80 14.70 49.06 45.34
C LEU B 80 14.39 48.74 46.79
N SER B 81 13.21 49.15 47.26
CA SER B 81 12.85 49.05 48.67
C SER B 81 11.77 48.01 48.88
N LEU B 82 11.91 47.22 49.94
CA LEU B 82 10.94 46.20 50.32
C LEU B 82 10.65 46.33 51.79
N LYS B 83 9.37 46.26 52.16
CA LYS B 83 8.94 46.29 53.55
C LYS B 83 8.11 45.05 53.83
N LEU B 84 8.22 44.54 55.05
CA LEU B 84 7.44 43.40 55.49
C LEU B 84 7.00 43.60 56.93
N THR B 85 5.70 43.47 57.17
CA THR B 85 5.11 43.73 58.47
C THR B 85 4.59 42.44 59.09
N SER B 86 4.36 42.49 60.40
CA SER B 86 3.84 41.35 61.16
C SER B 86 4.70 40.11 60.98
N VAL B 87 6.02 40.30 61.05
CA VAL B 87 6.95 39.20 60.84
C VAL B 87 6.88 38.24 62.02
N THR B 88 6.74 36.96 61.73
CA THR B 88 6.69 35.91 62.74
C THR B 88 7.82 34.91 62.47
N ALA B 89 7.81 33.83 63.25
CA ALA B 89 8.90 32.85 63.20
C ALA B 89 8.96 32.11 61.88
N ALA B 90 7.89 32.12 61.09
CA ALA B 90 7.88 31.41 59.82
C ALA B 90 8.55 32.20 58.69
N ASP B 91 8.96 33.43 58.94
CA ASP B 91 9.52 34.30 57.91
C ASP B 91 11.04 34.31 57.89
N THR B 92 11.69 33.43 58.64
CA THR B 92 13.14 33.34 58.59
C THR B 92 13.58 32.83 57.22
N ALA B 93 14.33 33.65 56.50
CA ALA B 93 14.74 33.31 55.15
C ALA B 93 15.86 34.24 54.71
N VAL B 94 16.38 33.98 53.51
CA VAL B 94 17.35 34.84 52.86
C VAL B 94 16.68 35.51 51.67
N TYR B 95 16.75 36.83 51.61
CA TYR B 95 16.00 37.61 50.64
C TYR B 95 16.92 38.06 49.51
N TYR B 96 16.37 38.07 48.30
CA TYR B 96 17.10 38.44 47.10
C TYR B 96 16.28 39.46 46.31
N CYS B 97 16.96 40.46 45.77
CA CYS B 97 16.40 41.39 44.79
C CYS B 97 16.67 40.84 43.40
N ALA B 98 15.64 40.79 42.55
CA ALA B 98 15.74 40.14 41.25
C ALA B 98 15.15 41.03 40.15
N ARG B 99 15.74 40.91 38.94
CA ARG B 99 15.31 41.64 37.77
C ARG B 99 14.82 40.64 36.73
N HIS B 100 13.63 40.86 36.19
CA HIS B 100 12.95 39.86 35.39
C HIS B 100 11.80 40.53 34.66
N TRP B 101 11.04 39.72 33.93
CA TRP B 101 9.75 40.10 33.34
C TRP B 101 9.91 41.30 32.40
N ASP B 102 10.62 41.02 31.30
CA ASP B 102 10.74 42.01 30.23
C ASP B 102 9.35 42.39 29.72
N VAL B 103 9.17 43.68 29.46
CA VAL B 103 7.86 44.21 29.11
C VAL B 103 7.72 44.41 27.61
N VAL B 104 8.81 44.70 26.90
CA VAL B 104 8.69 45.12 25.51
C VAL B 104 8.24 43.95 24.63
N VAL B 105 8.83 42.77 24.82
CA VAL B 105 8.58 41.69 23.88
C VAL B 105 8.06 40.42 24.55
N LEU B 106 8.68 39.98 25.65
CA LEU B 106 8.18 38.77 26.30
C LEU B 106 6.86 39.01 27.00
N ALA B 107 6.08 37.94 27.19
CA ALA B 107 4.82 38.01 27.90
C ALA B 107 5.02 37.56 29.35
N ALA B 108 3.97 37.72 30.15
CA ALA B 108 4.07 37.49 31.58
C ALA B 108 4.22 36.02 31.96
N ALA B 109 4.04 35.10 31.01
CA ALA B 109 4.23 33.69 31.28
C ALA B 109 5.62 33.19 30.91
N ARG B 110 6.27 33.81 29.95
CA ARG B 110 7.60 33.43 29.52
C ARG B 110 8.68 34.20 30.24
N SER B 111 8.31 35.00 31.24
CA SER B 111 9.27 35.81 31.98
C SER B 111 10.13 34.91 32.86
N TRP B 112 11.44 35.15 32.82
CA TRP B 112 12.39 34.42 33.64
C TRP B 112 13.22 35.41 34.45
N PHE B 113 13.49 35.05 35.69
CA PHE B 113 14.41 35.86 36.49
C PHE B 113 15.80 35.80 35.89
N ASP B 114 16.46 36.96 35.79
CA ASP B 114 17.72 37.06 35.09
C ASP B 114 18.87 37.50 35.99
N THR B 115 18.67 38.52 36.80
CA THR B 115 19.72 39.07 37.65
C THR B 115 19.38 38.81 39.11
N TRP B 116 20.34 38.29 39.87
CA TRP B 116 20.12 37.90 41.26
C TRP B 116 21.12 38.60 42.16
N GLY B 117 20.66 38.96 43.37
CA GLY B 117 21.54 39.55 44.35
C GLY B 117 22.31 38.50 45.16
N GLN B 118 23.26 38.98 45.96
CA GLN B 118 24.08 38.07 46.75
C GLN B 118 23.31 37.46 47.90
N GLY B 119 22.26 38.12 48.38
CA GLY B 119 21.47 37.55 49.44
C GLY B 119 21.85 38.08 50.81
N THR B 120 20.83 38.24 51.66
CA THR B 120 21.00 38.65 53.05
C THR B 120 20.24 37.69 53.95
N LEU B 121 20.97 37.03 54.85
CA LEU B 121 20.37 36.08 55.77
C LEU B 121 19.71 36.85 56.91
N VAL B 122 18.38 36.85 56.92
CA VAL B 122 17.60 37.61 57.88
C VAL B 122 16.81 36.64 58.74
N THR B 123 16.88 36.82 60.06
CA THR B 123 16.21 35.95 61.01
C THR B 123 15.43 36.78 62.02
N VAL B 124 14.44 36.15 62.64
CA VAL B 124 13.65 36.75 63.70
C VAL B 124 13.85 35.92 64.96
N SER B 125 14.19 36.59 66.07
CA SER B 125 14.45 35.92 67.33
C SER B 125 13.98 36.82 68.46
N SER B 126 13.75 36.21 69.62
CA SER B 126 13.32 36.94 70.80
C SER B 126 14.48 37.12 71.78
N GLN C 1 2.32 25.75 48.61
CA GLN C 1 2.24 26.60 47.43
C GLN C 1 3.14 26.04 46.33
N SER C 2 3.45 24.75 46.43
CA SER C 2 4.32 24.08 45.46
C SER C 2 3.44 23.44 44.39
N VAL C 3 3.03 24.26 43.41
CA VAL C 3 2.23 23.73 42.32
C VAL C 3 3.07 22.94 41.33
N LEU C 4 4.39 23.11 41.35
CA LEU C 4 5.30 22.33 40.52
C LEU C 4 5.92 21.24 41.37
N THR C 5 5.93 20.02 40.86
CA THR C 5 6.42 18.87 41.60
C THR C 5 7.81 18.51 41.10
N GLN C 6 8.74 18.34 42.03
CA GLN C 6 10.11 17.99 41.72
C GLN C 6 10.56 16.82 42.59
N PRO C 7 11.48 15.99 42.08
CA PRO C 7 12.03 14.92 42.90
C PRO C 7 12.93 15.48 43.98
N PRO C 8 12.74 15.07 45.23
CA PRO C 8 13.59 15.60 46.30
C PRO C 8 15.08 15.46 46.04
N SER C 9 15.51 14.35 45.46
CA SER C 9 16.94 14.13 45.28
C SER C 9 17.18 13.19 44.11
N VAL C 10 18.42 13.21 43.60
CA VAL C 10 18.84 12.31 42.54
C VAL C 10 20.36 12.20 42.61
N SER C 11 20.91 11.13 42.05
CA SER C 11 22.33 10.89 42.09
C SER C 11 22.75 10.09 40.87
N GLY C 12 24.05 10.13 40.59
CA GLY C 12 24.58 9.39 39.46
C GLY C 12 26.10 9.44 39.44
N ALA C 13 26.68 8.58 38.61
CA ALA C 13 28.12 8.55 38.47
C ALA C 13 28.61 9.71 37.62
N PRO C 14 29.83 10.18 37.85
CA PRO C 14 30.37 11.26 37.02
C PRO C 14 30.46 10.85 35.56
N GLY C 15 30.22 11.82 34.67
CA GLY C 15 30.25 11.54 33.26
C GLY C 15 29.09 10.73 32.74
N GLN C 16 27.96 10.73 33.44
CA GLN C 16 26.80 9.96 33.04
C GLN C 16 25.57 10.86 32.89
N ARG C 17 24.47 10.25 32.49
CA ARG C 17 23.25 10.97 32.14
C ARG C 17 22.28 10.93 33.32
N VAL C 18 21.77 12.09 33.69
CA VAL C 18 20.75 12.22 34.72
C VAL C 18 19.65 13.12 34.18
N THR C 19 18.41 12.82 34.54
CA THR C 19 17.25 13.56 34.07
C THR C 19 16.49 14.14 35.26
N ILE C 20 16.23 15.43 35.20
CA ILE C 20 15.49 16.15 36.25
C ILE C 20 14.17 16.60 35.65
N SER C 21 13.07 16.25 36.31
CA SER C 21 11.73 16.47 35.77
C SER C 21 10.95 17.45 36.64
N CYS C 22 10.03 18.17 36.00
CA CYS C 22 9.21 19.18 36.66
C CYS C 22 7.87 19.25 35.94
N THR C 23 6.78 19.06 36.68
CA THR C 23 5.43 19.12 36.13
C THR C 23 4.53 19.90 37.07
N GLY C 24 3.43 20.42 36.52
CA GLY C 24 2.45 21.16 37.28
C GLY C 24 1.04 20.67 37.00
N SER C 25 0.10 21.20 37.77
CA SER C 25 -1.28 20.79 37.66
C SER C 25 -1.89 21.28 36.34
N SER C 26 -3.12 20.84 36.08
CA SER C 26 -3.77 21.18 34.81
C SER C 26 -4.40 22.57 34.82
N PRO C 27 -5.33 22.89 35.73
CA PRO C 27 -5.93 24.24 35.68
C PRO C 27 -4.94 25.33 36.01
N ASN C 28 -3.84 24.97 36.66
CA ASN C 28 -2.68 25.82 36.84
C ASN C 28 -1.88 25.78 35.55
N ILE C 29 -0.57 25.99 35.64
CA ILE C 29 0.31 26.15 34.50
C ILE C 29 -0.10 25.29 33.30
N GLY C 30 -0.23 25.93 32.14
CA GLY C 30 -0.76 25.29 30.96
C GLY C 30 0.28 25.08 29.88
N ALA C 31 -0.20 24.72 28.70
CA ALA C 31 0.68 24.35 27.59
C ALA C 31 1.55 25.52 27.14
N ARG C 32 0.98 26.72 27.09
CA ARG C 32 1.72 27.86 26.57
C ARG C 32 2.83 28.29 27.53
N ASN C 33 2.57 28.19 28.83
CA ASN C 33 3.57 28.63 29.82
C ASN C 33 4.84 27.81 29.68
N ASP C 34 5.98 28.48 29.82
CA ASP C 34 7.28 27.87 29.65
C ASP C 34 8.01 27.77 30.98
N VAL C 35 8.95 26.83 31.06
CA VAL C 35 9.60 26.46 32.31
C VAL C 35 11.08 26.78 32.21
N HIS C 36 11.59 27.53 33.19
CA HIS C 36 12.99 27.88 33.28
C HIS C 36 13.65 27.11 34.40
N TRP C 37 14.98 27.05 34.37
CA TRP C 37 15.73 26.16 35.24
C TRP C 37 16.90 26.90 35.87
N TYR C 38 17.00 26.80 37.19
CA TYR C 38 17.95 27.57 37.97
C TYR C 38 18.85 26.65 38.78
N GLN C 39 20.12 27.01 38.87
CA GLN C 39 21.11 26.26 39.65
C GLN C 39 21.56 27.14 40.80
N GLN C 40 21.64 26.54 41.99
CA GLN C 40 22.05 27.27 43.19
C GLN C 40 23.15 26.49 43.88
N LEU C 41 24.38 27.00 43.82
CA LEU C 41 25.44 26.46 44.64
C LEU C 41 25.17 26.80 46.10
N PRO C 42 25.65 25.99 47.04
CA PRO C 42 25.39 26.26 48.45
C PRO C 42 25.91 27.63 48.87
N GLY C 43 25.05 28.40 49.52
CA GLY C 43 25.44 29.71 49.98
C GLY C 43 25.67 30.74 48.90
N ALA C 44 25.16 30.51 47.69
CA ALA C 44 25.35 31.43 46.59
C ALA C 44 24.00 31.78 45.97
N ALA C 45 24.01 32.73 45.05
CA ALA C 45 22.79 33.12 44.36
C ALA C 45 22.45 32.10 43.27
N PRO C 46 21.16 31.87 43.03
CA PRO C 46 20.76 30.98 41.94
C PRO C 46 21.23 31.48 40.59
N LYS C 47 21.64 30.56 39.73
CA LYS C 47 22.19 30.87 38.42
C LYS C 47 21.33 30.23 37.33
N LEU C 48 21.10 30.96 36.26
CA LEU C 48 20.25 30.49 35.18
C LEU C 48 21.00 29.53 34.26
N LEU C 49 20.32 28.50 33.80
CA LEU C 49 20.89 27.55 32.85
C LEU C 49 20.12 27.49 31.55
N ILE C 50 18.82 27.24 31.60
CA ILE C 50 18.00 27.09 30.40
C ILE C 50 16.73 27.92 30.58
N TYR C 51 16.41 28.71 29.56
CA TYR C 51 15.16 29.44 29.50
C TYR C 51 14.49 29.17 28.17
N GLY C 52 13.16 29.29 28.13
CA GLY C 52 12.45 28.97 26.92
C GLY C 52 12.37 27.50 26.62
N ASN C 53 12.77 26.66 27.57
CA ASN C 53 12.68 25.20 27.52
C ASN C 53 13.68 24.59 26.56
N SER C 54 14.34 25.40 25.74
CA SER C 54 15.37 24.89 24.84
C SER C 54 16.54 25.83 24.63
N ASN C 55 16.57 26.99 25.28
CA ASN C 55 17.59 27.99 25.02
C ASN C 55 18.42 28.23 26.28
N ARG C 56 19.68 28.57 26.07
CA ARG C 56 20.61 28.83 27.15
C ARG C 56 21.28 30.18 26.94
N PRO C 57 21.64 30.86 28.02
CA PRO C 57 22.37 32.13 27.88
C PRO C 57 23.82 31.88 27.50
N SER C 58 24.53 32.99 27.29
CA SER C 58 25.97 32.91 27.03
C SER C 58 26.70 32.39 28.26
N GLY C 59 27.62 31.46 28.05
CA GLY C 59 28.42 30.90 29.11
C GLY C 59 27.87 29.62 29.70
N VAL C 60 26.60 29.31 29.45
CA VAL C 60 26.02 28.05 29.93
C VAL C 60 26.45 26.93 29.00
N PRO C 61 27.02 25.84 29.52
CA PRO C 61 27.50 24.77 28.65
C PRO C 61 26.35 24.13 27.88
N ASP C 62 26.67 23.65 26.68
CA ASP C 62 25.68 22.93 25.88
C ASP C 62 25.32 21.57 26.48
N ARG C 63 26.04 21.12 27.51
CA ARG C 63 25.72 19.85 28.14
C ARG C 63 24.32 19.85 28.72
N PHE C 64 23.94 20.94 29.38
CA PHE C 64 22.61 21.05 29.95
C PHE C 64 21.60 21.25 28.83
N SER C 65 20.78 20.24 28.57
CA SER C 65 19.73 20.31 27.58
C SER C 65 18.40 20.00 28.25
N GLY C 66 17.39 20.82 27.96
CA GLY C 66 16.08 20.63 28.53
C GLY C 66 15.01 20.60 27.45
N SER C 67 13.81 20.19 27.86
CA SER C 67 12.68 20.14 26.96
C SER C 67 11.40 20.19 27.76
N LYS C 68 10.36 20.76 27.15
CA LYS C 68 9.04 20.83 27.74
C LYS C 68 8.03 20.27 26.75
N SER C 69 7.18 19.38 27.23
CA SER C 69 6.13 18.78 26.40
C SER C 69 4.83 18.82 27.18
N GLY C 70 3.79 19.41 26.58
CA GLY C 70 2.53 19.56 27.27
C GLY C 70 2.70 20.40 28.52
N THR C 71 2.60 19.75 29.69
CA THR C 71 2.89 20.40 30.95
C THR C 71 4.21 19.96 31.57
N SER C 72 4.56 18.68 31.46
CA SER C 72 5.80 18.18 32.03
C SER C 72 7.01 18.78 31.32
N ALA C 73 8.05 19.06 32.09
CA ALA C 73 9.31 19.56 31.56
C ALA C 73 10.46 18.82 32.23
N SER C 74 11.58 18.73 31.52
CA SER C 74 12.69 17.92 32.02
C SER C 74 14.01 18.45 31.49
N LEU C 75 15.08 18.09 32.20
CA LEU C 75 16.45 18.38 31.78
C LEU C 75 17.22 17.09 31.51
N ALA C 76 18.22 17.22 30.64
CA ALA C 76 19.14 16.14 30.33
C ALA C 76 20.57 16.65 30.52
N ILE C 77 21.36 15.92 31.29
CA ILE C 77 22.74 16.30 31.58
C ILE C 77 23.66 15.25 30.99
N THR C 78 24.62 15.69 30.19
CA THR C 78 25.63 14.81 29.61
C THR C 78 27.01 15.19 30.11
N GLY C 79 27.84 14.18 30.37
CA GLY C 79 29.17 14.41 30.90
C GLY C 79 29.14 15.05 32.26
N LEU C 80 28.56 14.35 33.24
CA LEU C 80 28.43 14.88 34.58
C LEU C 80 29.81 15.06 35.20
N GLN C 81 30.03 16.20 35.86
CA GLN C 81 31.28 16.51 36.52
C GLN C 81 31.03 16.86 37.98
N ALA C 82 32.10 16.86 38.77
CA ALA C 82 31.98 17.13 40.20
C ALA C 82 31.49 18.55 40.48
N GLU C 83 31.60 19.45 39.51
CA GLU C 83 31.11 20.82 39.71
C GLU C 83 29.61 20.93 39.54
N ASP C 84 28.94 19.90 39.03
CA ASP C 84 27.52 19.99 38.73
C ASP C 84 26.63 19.80 39.96
N GLU C 85 27.17 19.30 41.07
CA GLU C 85 26.37 19.14 42.28
C GLU C 85 25.92 20.50 42.78
N ALA C 86 24.60 20.68 42.92
CA ALA C 86 24.04 21.96 43.34
C ALA C 86 22.55 21.76 43.63
N GLU C 87 21.89 22.85 44.01
CA GLU C 87 20.45 22.88 44.19
C GLU C 87 19.81 23.35 42.89
N TYR C 88 18.99 22.50 42.28
CA TYR C 88 18.34 22.83 41.02
C TYR C 88 16.88 23.19 41.27
N TYR C 89 16.40 24.18 40.54
CA TYR C 89 15.05 24.70 40.72
C TYR C 89 14.36 24.83 39.36
N CYS C 90 13.11 24.37 39.32
CA CYS C 90 12.23 24.61 38.18
C CYS C 90 11.23 25.69 38.57
N GLN C 91 10.95 26.59 37.64
CA GLN C 91 10.09 27.73 37.90
C GLN C 91 9.33 28.09 36.64
N SER C 92 8.08 28.49 36.80
CA SER C 92 7.27 28.95 35.69
C SER C 92 6.14 29.80 36.25
N TYR C 93 5.20 30.18 35.40
CA TYR C 93 4.16 31.14 35.73
C TYR C 93 2.83 30.42 35.92
N ASP C 94 2.18 30.69 37.04
CA ASP C 94 0.90 30.09 37.38
C ASP C 94 -0.21 31.07 37.05
N SER C 95 -1.05 30.71 36.06
CA SER C 95 -2.09 31.63 35.62
C SER C 95 -3.19 31.80 36.65
N SER C 96 -3.39 30.83 37.54
CA SER C 96 -4.42 30.96 38.55
C SER C 96 -4.01 31.88 39.69
N LEU C 97 -2.74 31.90 40.06
CA LEU C 97 -2.25 32.80 41.08
C LEU C 97 -1.76 34.13 40.53
N SER C 98 -1.69 34.26 39.20
CA SER C 98 -1.21 35.46 38.53
C SER C 98 0.22 35.80 38.92
N GLY C 99 0.97 34.82 39.42
CA GLY C 99 2.32 35.07 39.88
C GLY C 99 3.19 33.85 39.68
N TRP C 100 4.50 34.10 39.59
CA TRP C 100 5.44 33.03 39.34
C TRP C 100 5.51 32.07 40.53
N VAL C 101 5.94 30.83 40.24
CA VAL C 101 6.10 29.81 41.25
C VAL C 101 7.41 29.09 41.01
N PHE C 102 7.91 28.43 42.07
CA PHE C 102 9.18 27.74 42.02
C PHE C 102 9.01 26.29 42.46
N GLY C 103 9.85 25.43 41.91
CA GLY C 103 9.84 24.03 42.31
C GLY C 103 10.40 23.85 43.70
N GLY C 104 10.21 22.63 44.23
CA GLY C 104 10.68 22.35 45.57
C GLY C 104 12.18 22.28 45.72
N GLY C 105 12.91 22.15 44.61
CA GLY C 105 14.35 22.06 44.69
C GLY C 105 14.84 20.63 44.77
N THR C 106 15.61 20.20 43.78
CA THR C 106 16.12 18.84 43.72
C THR C 106 17.61 18.84 44.06
N LYS C 107 18.05 17.77 44.70
CA LYS C 107 19.44 17.61 45.11
C LYS C 107 20.15 16.73 44.10
N LEU C 108 21.11 17.31 43.39
CA LEU C 108 21.94 16.57 42.46
C LEU C 108 23.24 16.20 43.17
N THR C 109 23.52 14.90 43.26
CA THR C 109 24.70 14.40 43.95
C THR C 109 25.56 13.62 42.97
N VAL C 110 26.86 13.91 42.97
CA VAL C 110 27.80 13.21 42.11
C VAL C 110 28.37 12.02 42.87
N LEU C 111 28.37 10.86 42.24
CA LEU C 111 28.88 9.65 42.88
C LEU C 111 30.17 9.17 42.22
N THR D 24 58.69 -37.53 8.78
CA THR D 24 57.89 -38.35 7.87
C THR D 24 56.41 -38.28 8.24
N THR D 25 55.55 -38.13 7.24
CA THR D 25 54.13 -37.98 7.48
C THR D 25 53.35 -38.52 6.28
N THR D 26 52.11 -38.91 6.55
CA THR D 26 51.19 -39.43 5.54
C THR D 26 49.98 -38.52 5.41
N GLN D 27 49.25 -38.66 4.30
CA GLN D 27 48.11 -37.82 3.99
C GLN D 27 46.86 -38.63 3.68
N SER D 28 46.58 -39.64 4.50
CA SER D 28 45.40 -40.45 4.28
C SER D 28 44.13 -39.61 4.50
N TYR D 29 43.03 -40.09 3.92
CA TYR D 29 41.76 -39.37 3.92
C TYR D 29 40.73 -40.15 4.72
N THR D 30 39.94 -39.44 5.53
CA THR D 30 38.91 -40.06 6.34
C THR D 30 37.68 -39.15 6.37
N ASN D 31 36.54 -39.76 6.70
CA ASN D 31 35.29 -39.03 6.77
C ASN D 31 35.14 -38.34 8.12
N SER D 32 34.60 -37.13 8.10
CA SER D 32 34.51 -36.33 9.33
C SER D 32 33.22 -36.55 10.10
N PHE D 33 32.21 -37.14 9.49
CA PHE D 33 30.89 -37.30 10.11
C PHE D 33 30.40 -35.90 10.48
N THR D 34 29.49 -35.81 11.46
CA THR D 34 29.06 -34.52 11.98
C THR D 34 30.02 -34.10 13.08
N ARG D 35 30.83 -33.09 12.81
CA ARG D 35 31.89 -32.70 13.73
C ARG D 35 32.35 -31.31 13.39
N GLY D 36 32.58 -30.51 14.43
CA GLY D 36 33.09 -29.16 14.23
C GLY D 36 32.01 -28.11 14.14
N VAL D 37 31.10 -28.12 15.11
CA VAL D 37 30.09 -27.08 15.24
C VAL D 37 30.28 -26.39 16.58
N TYR D 38 30.41 -25.08 16.55
CA TYR D 38 30.68 -24.28 17.73
C TYR D 38 29.53 -23.32 17.97
N TYR D 39 29.73 -22.44 18.95
CA TYR D 39 28.79 -21.36 19.19
C TYR D 39 29.23 -20.17 18.36
N PRO D 40 28.51 -19.78 17.32
CA PRO D 40 28.99 -18.70 16.46
C PRO D 40 28.97 -17.36 17.14
N ASP D 41 28.35 -17.27 18.31
CA ASP D 41 28.03 -16.01 18.95
C ASP D 41 28.34 -16.14 20.44
N LYS D 42 27.75 -15.25 21.23
CA LYS D 42 28.00 -15.18 22.66
C LYS D 42 26.69 -15.17 23.43
N VAL D 43 25.57 -15.32 22.72
CA VAL D 43 24.25 -15.00 23.26
C VAL D 43 23.61 -16.27 23.78
N PHE D 44 22.65 -16.11 24.69
CA PHE D 44 21.97 -17.25 25.30
C PHE D 44 20.65 -17.53 24.58
N ARG D 45 20.40 -18.80 24.31
CA ARG D 45 19.12 -19.22 23.75
C ARG D 45 18.71 -20.51 24.42
N SER D 46 17.40 -20.67 24.62
CA SER D 46 16.88 -21.88 25.26
C SER D 46 15.73 -22.44 24.45
N SER D 47 15.80 -23.74 24.17
CA SER D 47 14.76 -24.47 23.44
C SER D 47 14.43 -23.74 22.15
N VAL D 48 15.46 -23.26 21.46
CA VAL D 48 15.28 -22.43 20.27
C VAL D 48 16.03 -23.08 19.12
N LEU D 49 15.49 -22.90 17.92
CA LEU D 49 16.03 -23.54 16.73
C LEU D 49 16.64 -22.48 15.83
N HIS D 50 17.46 -21.61 16.42
CA HIS D 50 18.07 -20.51 15.70
C HIS D 50 18.89 -21.01 14.52
N LEU D 51 18.91 -20.22 13.46
CA LEU D 51 19.61 -20.54 12.22
C LEU D 51 20.67 -19.48 11.97
N THR D 52 21.90 -19.92 11.71
CA THR D 52 23.01 -19.01 11.48
C THR D 52 23.68 -19.34 10.15
N GLN D 53 24.35 -18.33 9.60
CA GLN D 53 25.14 -18.46 8.37
C GLN D 53 26.56 -18.00 8.72
N ASP D 54 27.40 -18.94 9.16
CA ASP D 54 28.75 -18.62 9.55
C ASP D 54 29.67 -19.69 8.96
N LEU D 55 30.97 -19.54 9.20
CA LEU D 55 31.95 -20.48 8.68
C LEU D 55 31.86 -21.78 9.47
N PHE D 56 31.53 -22.87 8.79
CA PHE D 56 31.39 -24.17 9.43
C PHE D 56 32.14 -25.21 8.62
N LEU D 57 32.49 -26.31 9.27
CA LEU D 57 33.02 -27.46 8.56
C LEU D 57 31.87 -28.27 7.97
N PRO D 58 31.83 -28.49 6.67
CA PRO D 58 30.68 -29.17 6.07
C PRO D 58 30.52 -30.58 6.63
N PHE D 59 29.27 -30.99 6.80
CA PHE D 59 28.99 -32.33 7.30
C PHE D 59 29.39 -33.36 6.26
N PHE D 60 29.93 -34.48 6.75
CA PHE D 60 30.32 -35.61 5.90
C PHE D 60 31.25 -35.18 4.78
N SER D 61 32.26 -34.40 5.13
CA SER D 61 33.31 -33.98 4.21
C SER D 61 34.62 -34.63 4.66
N ASN D 62 35.37 -35.17 3.71
CA ASN D 62 36.64 -35.81 4.04
C ASN D 62 37.63 -34.79 4.58
N VAL D 63 38.43 -35.23 5.55
CA VAL D 63 39.46 -34.39 6.16
C VAL D 63 40.79 -35.11 6.11
N THR D 64 41.83 -34.36 5.79
CA THR D 64 43.15 -34.92 5.57
C THR D 64 43.75 -35.42 6.88
N TRP D 65 43.88 -36.73 7.02
CA TRP D 65 44.41 -37.34 8.23
C TRP D 65 45.91 -37.52 8.09
N PHE D 66 46.66 -36.98 9.05
CA PHE D 66 48.11 -36.96 9.00
C PHE D 66 48.69 -38.06 9.89
N HIS D 67 50.01 -38.11 9.94
CA HIS D 67 50.73 -39.08 10.76
C HIS D 67 52.06 -38.48 11.20
N ALA D 68 52.63 -39.03 12.26
CA ALA D 68 53.86 -38.50 12.82
C ALA D 68 54.77 -39.64 13.23
N ILE D 69 56.04 -39.58 12.86
CA ILE D 69 57.03 -40.56 13.26
C ILE D 69 58.31 -39.86 13.69
N ASP D 79 58.58 -33.74 6.57
CA ASP D 79 58.63 -33.15 7.90
C ASP D 79 57.66 -31.98 8.01
N ASN D 80 56.72 -32.09 8.97
CA ASN D 80 55.75 -31.09 9.42
C ASN D 80 55.32 -30.15 8.29
N PRO D 81 54.63 -30.67 7.27
CA PRO D 81 54.32 -29.85 6.10
C PRO D 81 53.48 -28.65 6.44
N VAL D 82 53.70 -27.55 5.72
CA VAL D 82 53.01 -26.29 5.96
C VAL D 82 51.66 -26.38 5.27
N LEU D 83 50.61 -26.47 6.05
CA LEU D 83 49.28 -26.48 5.46
C LEU D 83 48.81 -25.05 5.19
N PRO D 84 47.95 -24.86 4.21
CA PRO D 84 47.34 -23.54 4.00
C PRO D 84 46.43 -23.16 5.16
N PHE D 85 45.84 -21.98 5.04
CA PHE D 85 44.92 -21.46 6.05
C PHE D 85 44.02 -20.45 5.33
N ASN D 86 42.81 -20.87 5.00
CA ASN D 86 41.88 -20.03 4.27
C ASN D 86 40.55 -20.02 5.00
N ASP D 87 40.11 -18.84 5.41
CA ASP D 87 38.84 -18.66 6.10
C ASP D 87 38.73 -19.57 7.31
N GLY D 88 39.84 -19.86 7.95
CA GLY D 88 39.85 -20.72 9.12
C GLY D 88 40.28 -22.14 8.80
N VAL D 89 40.31 -22.95 9.85
CA VAL D 89 40.76 -24.34 9.75
C VAL D 89 40.28 -25.08 10.99
N TYR D 90 39.85 -26.32 10.81
CA TYR D 90 39.49 -27.18 11.91
C TYR D 90 40.65 -28.10 12.23
N PHE D 91 41.06 -28.12 13.49
CA PHE D 91 42.19 -28.93 13.94
C PHE D 91 41.74 -29.87 15.03
N ALA D 92 42.16 -31.13 14.94
CA ALA D 92 41.83 -32.10 15.97
C ALA D 92 42.93 -33.15 16.01
N SER D 93 43.24 -33.62 17.22
CA SER D 93 44.33 -34.57 17.35
C SER D 93 44.13 -35.38 18.62
N THR D 94 44.76 -36.55 18.66
CA THR D 94 44.76 -37.40 19.84
C THR D 94 46.16 -37.96 20.04
N GLU D 95 46.68 -37.80 21.26
CA GLU D 95 48.01 -38.26 21.59
C GLU D 95 47.97 -38.87 22.99
N LYS D 96 48.97 -39.69 23.29
CA LYS D 96 48.99 -40.37 24.58
C LYS D 96 49.28 -39.39 25.71
N SER D 97 50.47 -38.78 25.71
CA SER D 97 50.79 -37.75 26.69
C SER D 97 51.06 -36.40 26.05
N ASN D 98 52.04 -36.31 25.16
CA ASN D 98 52.39 -35.05 24.52
C ASN D 98 53.28 -35.27 23.31
N ILE D 99 52.83 -34.81 22.15
CA ILE D 99 53.70 -34.77 20.98
C ILE D 99 53.58 -33.44 20.26
N ILE D 100 52.56 -32.66 20.62
CA ILE D 100 52.26 -31.40 19.97
C ILE D 100 52.44 -30.28 20.97
N ARG D 101 53.21 -29.26 20.59
CA ARG D 101 53.45 -28.10 21.44
C ARG D 101 52.58 -26.92 21.04
N GLY D 102 52.53 -26.60 19.76
CA GLY D 102 51.76 -25.47 19.33
C GLY D 102 51.72 -25.35 17.82
N TRP D 103 51.26 -24.20 17.35
CA TRP D 103 51.11 -23.93 15.94
C TRP D 103 51.75 -22.59 15.62
N ILE D 104 52.28 -22.48 14.39
CA ILE D 104 52.87 -21.25 13.90
C ILE D 104 52.00 -20.73 12.76
N PHE D 105 51.70 -19.44 12.79
CA PHE D 105 50.81 -18.82 11.82
C PHE D 105 51.55 -17.70 11.10
N GLY D 106 50.81 -16.95 10.32
CA GLY D 106 51.35 -15.81 9.60
C GLY D 106 51.60 -16.12 8.14
N THR D 107 52.37 -15.25 7.51
CA THR D 107 52.73 -15.37 6.11
C THR D 107 54.24 -15.43 5.97
N THR D 108 54.72 -16.37 5.15
CA THR D 108 56.11 -16.50 4.75
C THR D 108 57.02 -16.88 5.90
N LEU D 109 56.47 -16.89 7.12
CA LEU D 109 57.16 -17.41 8.31
C LEU D 109 58.60 -16.95 8.44
N ASP D 110 58.90 -15.71 8.06
CA ASP D 110 60.27 -15.22 8.06
C ASP D 110 60.30 -13.78 8.56
N SER D 111 61.50 -13.21 8.60
CA SER D 111 61.68 -11.84 9.10
C SER D 111 61.42 -10.81 8.01
N LYS D 112 60.29 -10.93 7.35
CA LYS D 112 59.80 -9.90 6.42
C LYS D 112 58.34 -9.55 6.62
N THR D 113 57.55 -10.41 7.28
CA THR D 113 56.17 -10.10 7.59
C THR D 113 55.85 -10.69 8.96
N GLN D 114 54.94 -10.05 9.67
CA GLN D 114 54.65 -10.42 11.05
C GLN D 114 54.10 -11.85 11.12
N SER D 115 54.44 -12.54 12.20
CA SER D 115 54.06 -13.94 12.37
C SER D 115 53.29 -14.14 13.66
N LEU D 116 53.08 -15.40 14.05
CA LEU D 116 52.27 -15.72 15.23
C LEU D 116 52.67 -17.10 15.73
N LEU D 117 52.48 -17.34 17.02
CA LEU D 117 52.91 -18.59 17.63
C LEU D 117 52.06 -18.90 18.85
N ILE D 118 51.60 -20.14 18.96
CA ILE D 118 50.73 -20.57 20.04
C ILE D 118 51.39 -21.73 20.80
N VAL D 119 52.72 -21.70 20.90
CA VAL D 119 53.42 -22.77 21.59
C VAL D 119 52.93 -22.87 23.03
N ASN D 120 52.56 -24.06 23.44
CA ASN D 120 52.03 -24.32 24.77
C ASN D 120 53.06 -25.08 25.58
N ASN D 121 53.54 -24.47 26.66
CA ASN D 121 54.55 -25.09 27.51
C ASN D 121 53.86 -25.78 28.70
N ALA D 122 54.66 -26.17 29.68
CA ALA D 122 54.21 -26.97 30.82
C ALA D 122 52.86 -26.52 31.38
N THR D 123 52.77 -25.25 31.79
CA THR D 123 51.51 -24.78 32.37
C THR D 123 51.11 -23.39 31.89
N ASN D 124 51.55 -22.96 30.71
CA ASN D 124 51.20 -21.64 30.22
C ASN D 124 51.27 -21.63 28.70
N VAL D 125 50.67 -20.59 28.11
CA VAL D 125 50.68 -20.39 26.67
C VAL D 125 51.58 -19.21 26.36
N PHE D 126 52.19 -19.24 25.18
CA PHE D 126 53.15 -18.22 24.79
C PHE D 126 52.66 -17.44 23.57
N ILE D 127 51.37 -17.10 23.56
CA ILE D 127 50.79 -16.44 22.41
C ILE D 127 51.46 -15.09 22.19
N LYS D 128 51.96 -14.86 20.98
CA LYS D 128 52.63 -13.62 20.67
C LYS D 128 52.65 -13.42 19.16
N VAL D 129 52.73 -12.16 18.75
CA VAL D 129 52.96 -11.81 17.35
C VAL D 129 54.40 -11.35 17.24
N CYS D 130 55.08 -11.78 16.19
CA CYS D 130 56.49 -11.46 16.06
C CYS D 130 56.93 -11.69 14.62
N GLU D 131 58.25 -11.69 14.41
CA GLU D 131 58.85 -11.79 13.09
C GLU D 131 59.90 -12.90 13.08
N PHE D 132 59.51 -14.06 13.59
CA PHE D 132 60.42 -15.18 13.75
C PHE D 132 61.08 -15.55 12.43
N GLN D 133 62.39 -15.82 12.48
CA GLN D 133 63.13 -16.09 11.25
C GLN D 133 63.00 -17.55 10.82
N PHE D 134 63.56 -18.48 11.60
CA PHE D 134 63.72 -19.84 11.12
C PHE D 134 64.29 -20.70 12.25
N CYS D 135 63.82 -21.94 12.37
CA CYS D 135 64.50 -22.88 13.26
C CYS D 135 64.81 -24.23 12.62
N ASN D 136 63.89 -24.76 11.81
CA ASN D 136 64.01 -26.08 11.19
C ASN D 136 64.07 -27.21 12.22
N ASP D 137 63.80 -26.92 13.49
CA ASP D 137 63.86 -27.93 14.55
C ASP D 137 62.60 -27.91 15.41
N GLY D 156 64.35 -22.21 21.70
CA GLY D 156 64.97 -23.08 20.72
C GLY D 156 64.09 -23.29 19.49
N VAL D 157 63.22 -22.33 19.22
CA VAL D 157 62.33 -22.41 18.08
C VAL D 157 62.35 -21.15 17.21
N TYR D 158 62.83 -20.02 17.69
CA TYR D 158 62.96 -18.83 16.87
C TYR D 158 64.27 -18.15 17.19
N SER D 159 64.75 -17.33 16.24
CA SER D 159 66.02 -16.66 16.41
C SER D 159 65.96 -15.17 16.08
N SER D 160 64.79 -14.55 16.24
CA SER D 160 64.65 -13.12 15.94
C SER D 160 63.38 -12.62 16.59
N ALA D 161 63.44 -11.44 17.22
CA ALA D 161 62.29 -10.81 17.85
C ALA D 161 62.24 -9.33 17.51
N ASN D 162 62.58 -8.99 16.27
CA ASN D 162 62.73 -7.60 15.88
C ASN D 162 61.36 -6.97 15.62
N ASN D 163 61.16 -5.81 16.25
CA ASN D 163 59.93 -5.03 16.09
C ASN D 163 58.69 -5.88 16.29
N CYS D 164 58.50 -6.42 17.50
CA CYS D 164 57.36 -7.31 17.68
C CYS D 164 56.87 -7.23 19.11
N THR D 165 55.55 -7.23 19.26
CA THR D 165 54.89 -6.96 20.53
C THR D 165 53.75 -7.94 20.78
N PHE D 166 52.88 -7.60 21.71
CA PHE D 166 51.67 -8.38 21.98
C PHE D 166 52.00 -9.78 22.50
N GLU D 167 52.84 -9.85 23.51
CA GLU D 167 52.98 -11.09 24.25
C GLU D 167 51.72 -11.35 25.08
N TYR D 168 51.36 -12.62 25.21
CA TYR D 168 50.16 -12.99 25.95
C TYR D 168 50.41 -14.31 26.66
N VAL D 169 49.96 -14.38 27.91
CA VAL D 169 50.11 -15.57 28.72
C VAL D 169 48.81 -15.79 29.50
N SER D 170 48.33 -17.03 29.50
CA SER D 170 47.13 -17.38 30.25
C SER D 170 47.26 -18.84 30.68
N GLN D 171 46.16 -19.42 31.12
CA GLN D 171 46.15 -20.82 31.49
C GLN D 171 46.40 -21.69 30.26
N PRO D 172 47.02 -22.86 30.44
CA PRO D 172 47.38 -23.67 29.26
C PRO D 172 46.18 -24.13 28.47
N PHE D 173 46.38 -24.26 27.16
CA PHE D 173 45.31 -24.69 26.27
C PHE D 173 45.02 -26.18 26.38
N LEU D 174 46.07 -27.01 26.46
CA LEU D 174 45.93 -28.46 26.38
C LEU D 174 45.83 -29.04 27.78
N MET D 175 44.64 -29.48 28.15
CA MET D 175 44.40 -30.12 29.44
C MET D 175 44.45 -31.63 29.27
N ASP D 176 45.25 -32.30 30.10
CA ASP D 176 45.40 -33.74 30.05
C ASP D 176 45.00 -34.34 31.39
N LEU D 177 43.98 -35.19 31.36
CA LEU D 177 43.52 -35.88 32.56
C LEU D 177 43.37 -37.36 32.25
N GLU D 178 43.90 -38.20 33.14
CA GLU D 178 43.86 -39.64 32.96
C GLU D 178 43.29 -40.30 34.21
N GLY D 179 42.44 -41.30 34.00
CA GLY D 179 41.89 -42.05 35.11
C GLY D 179 42.80 -43.18 35.55
N LYS D 180 44.03 -42.84 35.91
CA LYS D 180 45.05 -43.79 36.34
C LYS D 180 45.36 -44.83 35.26
N GLN D 181 45.12 -44.48 33.99
CA GLN D 181 45.32 -45.42 32.90
C GLN D 181 45.59 -44.65 31.62
N GLY D 182 46.38 -45.25 30.74
CA GLY D 182 46.70 -44.66 29.46
C GLY D 182 45.68 -44.89 28.36
N ASN D 183 44.66 -45.72 28.63
CA ASN D 183 43.61 -45.93 27.65
C ASN D 183 42.78 -44.67 27.43
N PHE D 184 42.68 -43.82 28.45
CA PHE D 184 41.94 -42.57 28.36
C PHE D 184 42.77 -41.57 27.58
N LYS D 185 42.58 -41.55 26.26
CA LYS D 185 43.31 -40.65 25.36
C LYS D 185 42.34 -39.60 24.85
N ASN D 186 42.33 -38.45 25.50
CA ASN D 186 41.38 -37.40 25.15
C ASN D 186 41.71 -36.81 23.78
N LEU D 187 40.65 -36.50 23.02
CA LEU D 187 40.77 -35.95 21.68
C LEU D 187 40.45 -34.45 21.73
N ARG D 188 41.42 -33.63 21.37
CA ARG D 188 41.32 -32.18 21.48
C ARG D 188 41.04 -31.59 20.11
N GLU D 189 39.97 -30.82 20.00
CA GLU D 189 39.60 -30.15 18.77
C GLU D 189 39.83 -28.66 18.91
N PHE D 190 40.16 -28.00 17.81
CA PHE D 190 40.38 -26.58 17.80
C PHE D 190 39.85 -26.00 16.50
N VAL D 191 39.33 -24.78 16.56
CA VAL D 191 38.85 -24.08 15.39
C VAL D 191 39.44 -22.68 15.40
N PHE D 192 40.22 -22.35 14.39
CA PHE D 192 40.82 -21.03 14.29
C PHE D 192 40.19 -20.26 13.14
N LYS D 193 40.06 -18.94 13.30
CA LYS D 193 39.65 -18.10 12.19
C LYS D 193 40.10 -16.68 12.47
N ASN D 194 40.21 -15.89 11.41
CA ASN D 194 40.86 -14.58 11.46
C ASN D 194 39.98 -13.51 10.84
N ILE D 195 38.71 -13.46 11.23
CA ILE D 195 37.83 -12.41 10.76
C ILE D 195 38.25 -11.08 11.39
N ASP D 196 38.40 -10.06 10.56
CA ASP D 196 38.77 -8.68 10.94
C ASP D 196 39.81 -8.64 12.06
N GLY D 197 40.93 -9.29 11.81
CA GLY D 197 41.93 -9.47 12.86
C GLY D 197 41.39 -10.44 13.86
N TYR D 198 41.47 -10.07 15.14
CA TYR D 198 40.67 -10.67 16.19
C TYR D 198 40.68 -12.20 16.11
N PHE D 199 41.86 -12.76 16.32
CA PHE D 199 42.01 -14.21 16.34
C PHE D 199 41.06 -14.83 17.36
N LYS D 200 40.38 -15.89 16.97
CA LYS D 200 39.47 -16.62 17.84
C LYS D 200 39.86 -18.08 17.86
N ILE D 201 39.92 -18.67 19.05
CA ILE D 201 40.24 -20.08 19.21
C ILE D 201 39.14 -20.74 20.02
N TYR D 202 38.55 -21.79 19.48
CA TYR D 202 37.52 -22.56 20.16
C TYR D 202 38.06 -23.95 20.42
N SER D 203 37.71 -24.52 21.57
CA SER D 203 38.25 -25.83 21.89
C SER D 203 37.36 -26.55 22.88
N LYS D 204 37.30 -27.87 22.75
CA LYS D 204 36.76 -28.74 23.79
C LYS D 204 37.40 -30.11 23.66
N HIS D 205 37.88 -30.65 24.77
CA HIS D 205 38.62 -31.91 24.78
C HIS D 205 37.65 -33.03 25.13
N THR D 206 37.14 -33.71 24.09
CA THR D 206 36.21 -34.80 24.31
C THR D 206 36.94 -35.99 24.97
N PRO D 207 36.24 -36.72 25.82
CA PRO D 207 36.86 -37.87 26.50
C PRO D 207 36.70 -39.21 25.81
N ILE D 208 36.26 -39.25 24.55
CA ILE D 208 35.83 -40.52 23.93
C ILE D 208 37.09 -41.21 23.45
N ILE D 209 37.71 -41.96 24.37
CA ILE D 209 38.77 -42.94 24.12
C ILE D 209 39.78 -42.51 23.07
N GLY D 210 39.33 -42.31 21.84
CA GLY D 210 40.23 -42.01 20.74
C GLY D 210 40.58 -43.19 19.86
N ARG D 211 39.89 -44.33 20.02
CA ARG D 211 40.16 -45.47 19.16
C ARG D 211 39.78 -45.19 17.72
N ASP D 212 38.84 -44.28 17.49
CA ASP D 212 38.41 -43.91 16.15
C ASP D 212 37.84 -42.50 16.21
N PHE D 213 37.56 -41.95 15.04
CA PHE D 213 36.94 -40.63 14.99
C PHE D 213 35.50 -40.73 15.47
N PRO D 214 35.13 -40.04 16.54
CA PRO D 214 33.77 -40.19 17.07
C PRO D 214 32.72 -39.66 16.12
N GLN D 215 31.53 -40.26 16.20
CA GLN D 215 30.37 -39.77 15.47
C GLN D 215 29.45 -38.92 16.33
N GLY D 216 29.65 -38.89 17.64
CA GLY D 216 28.81 -38.11 18.51
C GLY D 216 29.02 -36.62 18.32
N PHE D 217 28.04 -35.85 18.79
CA PHE D 217 28.09 -34.40 18.66
C PHE D 217 28.79 -33.78 19.86
N SER D 218 29.78 -32.94 19.59
CA SER D 218 30.48 -32.17 20.61
C SER D 218 30.59 -30.73 20.11
N ALA D 219 30.06 -29.79 20.88
CA ALA D 219 30.14 -28.38 20.53
C ALA D 219 31.56 -27.87 20.78
N LEU D 220 31.76 -26.58 20.58
CA LEU D 220 33.07 -25.95 20.81
C LEU D 220 32.87 -24.66 21.58
N GLU D 221 33.42 -24.58 22.79
CA GLU D 221 33.34 -23.36 23.58
C GLU D 221 34.54 -22.47 23.30
N PRO D 222 34.32 -21.18 23.05
CA PRO D 222 35.44 -20.27 22.82
C PRO D 222 36.36 -20.21 24.02
N LEU D 223 37.66 -20.04 23.74
CA LEU D 223 38.65 -19.91 24.79
C LEU D 223 39.24 -18.50 24.85
N VAL D 224 39.81 -18.03 23.75
CA VAL D 224 40.45 -16.72 23.71
C VAL D 224 40.00 -15.98 22.46
N ASP D 225 40.04 -14.65 22.54
CA ASP D 225 39.69 -13.79 21.41
C ASP D 225 40.55 -12.54 21.52
N LEU D 226 41.58 -12.43 20.70
CA LEU D 226 42.57 -11.39 20.90
C LEU D 226 42.83 -10.62 19.61
N PRO D 227 43.07 -9.32 19.71
CA PRO D 227 43.28 -8.48 18.52
C PRO D 227 44.70 -8.63 17.94
N ILE D 228 44.88 -9.70 17.19
CA ILE D 228 46.18 -9.98 16.59
C ILE D 228 46.51 -8.93 15.53
N GLY D 229 45.58 -8.69 14.61
CA GLY D 229 45.72 -7.61 13.66
C GLY D 229 46.63 -7.87 12.47
N ILE D 230 47.00 -9.12 12.20
CA ILE D 230 47.84 -9.43 11.05
C ILE D 230 47.17 -10.50 10.21
N ASN D 231 47.54 -10.52 8.93
CA ASN D 231 46.98 -11.48 8.00
C ASN D 231 47.65 -12.84 8.15
N ILE D 232 46.85 -13.90 8.06
CA ILE D 232 47.32 -15.28 8.22
C ILE D 232 46.91 -16.08 7.00
N THR D 233 47.87 -16.73 6.35
CA THR D 233 47.56 -17.58 5.21
C THR D 233 48.16 -18.98 5.35
N ARG D 234 49.35 -19.08 5.95
CA ARG D 234 50.00 -20.36 6.13
C ARG D 234 49.96 -20.75 7.60
N PHE D 235 50.07 -22.06 7.84
CA PHE D 235 49.80 -22.62 9.16
C PHE D 235 50.55 -23.94 9.29
N GLN D 236 51.44 -24.00 10.27
CA GLN D 236 52.31 -25.14 10.50
C GLN D 236 51.98 -25.76 11.85
N THR D 237 52.78 -26.72 12.29
CA THR D 237 52.63 -27.31 13.61
C THR D 237 53.99 -27.66 14.17
N LEU D 238 54.10 -27.62 15.49
CA LEU D 238 55.34 -27.91 16.20
C LEU D 238 55.28 -29.27 16.86
N LEU D 239 56.46 -29.83 17.13
CA LEU D 239 56.58 -31.14 17.75
C LEU D 239 57.35 -31.01 19.06
N ALA D 240 57.53 -32.13 19.75
CA ALA D 240 58.14 -32.15 21.07
C ALA D 240 59.42 -32.99 21.03
N LEU D 241 60.01 -33.18 22.22
CA LEU D 241 61.24 -33.94 22.35
C LEU D 241 61.38 -34.41 23.79
N ASN D 242 61.72 -35.68 23.98
CA ASN D 242 61.96 -36.25 25.30
C ASN D 242 63.18 -37.15 25.29
N ARG D 243 64.25 -36.70 24.65
CA ARG D 243 65.50 -37.46 24.63
C ARG D 243 66.70 -36.52 24.68
N ALA D 260 47.47 -41.36 13.29
CA ALA D 260 46.59 -41.57 14.43
C ALA D 260 46.43 -40.27 15.22
N ASP D 261 46.65 -39.15 14.56
CA ASP D 261 46.53 -37.83 15.18
C ASP D 261 46.50 -36.81 14.04
N TYR D 262 46.40 -35.53 14.40
CA TYR D 262 46.69 -34.44 13.48
C TYR D 262 45.64 -34.32 12.36
N TYR D 263 44.37 -34.60 12.66
CA TYR D 263 43.32 -34.40 11.69
C TYR D 263 43.17 -32.92 11.38
N VAL D 264 43.00 -32.58 10.11
CA VAL D 264 42.85 -31.18 9.69
C VAL D 264 41.67 -31.08 8.73
N GLY D 265 40.82 -30.08 8.95
CA GLY D 265 39.75 -29.79 8.03
C GLY D 265 39.66 -28.30 7.77
N TYR D 266 38.99 -27.95 6.69
CA TYR D 266 38.90 -26.56 6.25
C TYR D 266 37.45 -26.09 6.28
N LEU D 267 37.26 -24.85 6.68
CA LEU D 267 35.94 -24.26 6.84
C LEU D 267 35.54 -23.48 5.60
N GLN D 268 34.24 -23.50 5.30
CA GLN D 268 33.67 -22.69 4.24
C GLN D 268 32.31 -22.18 4.71
N PRO D 269 31.88 -21.02 4.22
CA PRO D 269 30.60 -20.47 4.66
C PRO D 269 29.45 -21.40 4.32
N ARG D 270 28.52 -21.53 5.25
CA ARG D 270 27.41 -22.47 5.10
C ARG D 270 26.28 -22.03 6.01
N THR D 271 25.09 -22.54 5.72
CA THR D 271 23.89 -22.21 6.48
C THR D 271 23.46 -23.42 7.30
N PHE D 272 23.61 -23.33 8.62
CA PHE D 272 23.32 -24.43 9.52
C PHE D 272 22.02 -24.16 10.27
N LEU D 273 21.63 -25.15 11.07
CA LEU D 273 20.47 -25.05 11.94
C LEU D 273 20.79 -25.76 13.25
N LEU D 274 20.86 -25.02 14.34
CA LEU D 274 21.34 -25.54 15.61
C LEU D 274 20.21 -25.59 16.61
N LYS D 275 20.04 -26.74 17.27
CA LYS D 275 19.03 -26.90 18.29
C LYS D 275 19.65 -26.62 19.65
N TYR D 276 19.47 -25.40 20.13
CA TYR D 276 20.00 -24.99 21.42
C TYR D 276 19.22 -25.69 22.52
N ASN D 277 19.93 -26.24 23.49
CA ASN D 277 19.29 -26.93 24.60
C ASN D 277 18.67 -25.90 25.54
N GLU D 278 18.06 -26.37 26.63
CA GLU D 278 17.44 -25.47 27.58
C GLU D 278 18.50 -24.63 28.30
N ASN D 279 19.63 -25.25 28.65
CA ASN D 279 20.68 -24.57 29.39
C ASN D 279 21.65 -23.84 28.49
N GLY D 280 21.42 -23.80 27.18
CA GLY D 280 22.29 -23.14 26.25
C GLY D 280 23.28 -24.04 25.55
N THR D 281 23.43 -25.28 25.99
CA THR D 281 24.26 -26.22 25.26
C THR D 281 23.60 -26.57 23.93
N ILE D 282 24.37 -27.18 23.04
CA ILE D 282 23.90 -27.55 21.70
C ILE D 282 23.74 -29.06 21.67
N THR D 283 22.54 -29.51 21.28
CA THR D 283 22.23 -30.93 21.25
C THR D 283 22.54 -31.53 19.88
N ASP D 284 21.93 -30.99 18.84
CA ASP D 284 22.14 -31.50 17.49
C ASP D 284 21.99 -30.37 16.49
N ALA D 285 22.57 -30.57 15.31
CA ALA D 285 22.53 -29.57 14.26
C ALA D 285 22.46 -30.25 12.91
N VAL D 286 21.75 -29.61 11.97
CA VAL D 286 21.62 -30.10 10.61
C VAL D 286 21.97 -28.98 9.65
N ASP D 287 22.30 -29.37 8.42
CA ASP D 287 22.63 -28.42 7.38
C ASP D 287 21.45 -28.24 6.45
N CYS D 288 21.62 -27.31 5.50
CA CYS D 288 20.75 -27.23 4.35
C CYS D 288 21.58 -26.96 3.09
N ALA D 289 22.66 -27.73 2.94
CA ALA D 289 23.36 -27.82 1.68
C ALA D 289 23.85 -29.24 1.41
N LEU D 290 23.37 -30.21 2.19
CA LEU D 290 23.85 -31.59 2.09
C LEU D 290 22.87 -32.50 1.39
N ASP D 291 21.63 -32.57 1.86
CA ASP D 291 20.66 -33.53 1.36
C ASP D 291 19.33 -32.84 1.16
N PRO D 292 18.46 -33.35 0.29
CA PRO D 292 17.13 -32.75 0.18
C PRO D 292 16.36 -32.73 1.49
N LEU D 293 16.48 -33.81 2.28
CA LEU D 293 15.86 -33.82 3.59
C LEU D 293 16.43 -32.72 4.47
N SER D 294 17.75 -32.55 4.45
CA SER D 294 18.36 -31.49 5.25
C SER D 294 17.87 -30.13 4.78
N GLU D 295 17.65 -29.98 3.47
CA GLU D 295 17.19 -28.70 2.94
C GLU D 295 15.79 -28.38 3.41
N THR D 296 14.87 -29.35 3.33
CA THR D 296 13.52 -29.05 3.81
C THR D 296 13.52 -28.82 5.31
N LYS D 297 14.34 -29.58 6.03
CA LYS D 297 14.43 -29.41 7.48
C LYS D 297 14.97 -28.05 7.86
N CYS D 298 15.89 -27.51 7.05
CA CYS D 298 16.41 -26.17 7.29
C CYS D 298 15.40 -25.09 6.92
N THR D 299 14.69 -25.27 5.80
CA THR D 299 13.80 -24.24 5.29
C THR D 299 12.42 -24.27 5.94
N LEU D 300 12.16 -25.24 6.81
CA LEU D 300 10.89 -25.37 7.50
C LEU D 300 11.18 -25.43 9.00
N LYS D 301 11.91 -24.41 9.48
CA LYS D 301 12.80 -24.54 10.62
C LYS D 301 12.21 -25.39 11.73
N SER D 302 12.76 -26.58 11.90
CA SER D 302 12.37 -27.58 12.87
C SER D 302 13.28 -28.78 12.65
N PHE D 303 13.38 -29.62 13.66
CA PHE D 303 14.26 -30.76 13.59
C PHE D 303 13.53 -32.04 13.23
N THR D 304 12.23 -32.09 13.46
CA THR D 304 11.39 -33.22 13.07
C THR D 304 10.38 -32.74 12.04
N VAL D 305 10.38 -33.36 10.87
CA VAL D 305 9.47 -33.02 9.79
C VAL D 305 8.40 -34.10 9.74
N GLU D 306 7.16 -33.70 9.97
CA GLU D 306 6.04 -34.63 9.90
C GLU D 306 5.83 -35.09 8.46
N LYS D 307 5.24 -36.27 8.31
CA LYS D 307 5.06 -36.85 6.98
C LYS D 307 4.16 -35.96 6.14
N GLY D 308 4.57 -35.72 4.90
CA GLY D 308 3.74 -34.96 3.99
C GLY D 308 4.56 -34.44 2.83
N ILE D 309 3.95 -33.50 2.10
CA ILE D 309 4.58 -32.82 0.98
C ILE D 309 4.99 -31.42 1.43
N TYR D 310 6.13 -30.96 0.91
CA TYR D 310 6.64 -29.64 1.26
C TYR D 310 7.22 -28.97 0.04
N GLN D 311 7.14 -27.65 0.01
CA GLN D 311 7.66 -26.84 -1.08
C GLN D 311 8.87 -26.08 -0.57
N THR D 312 10.02 -26.25 -1.24
CA THR D 312 11.26 -25.68 -0.76
C THR D 312 11.73 -24.47 -1.57
N SER D 313 11.85 -24.63 -2.89
CA SER D 313 12.41 -23.57 -3.72
C SER D 313 11.75 -23.64 -5.09
N ASN D 314 12.38 -22.96 -6.06
CA ASN D 314 11.96 -23.01 -7.45
C ASN D 314 13.09 -23.61 -8.27
N PHE D 315 12.73 -24.28 -9.35
CA PHE D 315 13.70 -24.91 -10.24
C PHE D 315 13.67 -24.17 -11.58
N ARG D 316 14.74 -23.46 -11.88
CA ARG D 316 14.88 -22.71 -13.12
C ARG D 316 15.96 -23.35 -14.01
N VAL D 317 15.91 -23.02 -15.29
CA VAL D 317 16.95 -23.40 -16.24
C VAL D 317 17.31 -22.17 -17.06
N GLN D 318 18.57 -21.81 -17.06
CA GLN D 318 19.04 -20.75 -17.92
C GLN D 318 19.19 -21.26 -19.36
N PRO D 319 19.01 -20.38 -20.35
CA PRO D 319 19.18 -20.82 -21.73
C PRO D 319 20.61 -21.27 -21.97
N THR D 320 20.75 -22.32 -22.77
CA THR D 320 22.08 -22.87 -23.06
C THR D 320 22.83 -21.99 -24.04
N GLU D 321 22.32 -21.87 -25.25
CA GLU D 321 22.99 -21.16 -26.33
C GLU D 321 22.13 -20.01 -26.81
N SER D 322 22.78 -18.98 -27.36
CA SER D 322 22.09 -17.79 -27.85
C SER D 322 22.16 -17.75 -29.37
N ILE D 323 21.00 -17.69 -30.01
CA ILE D 323 20.91 -17.62 -31.46
C ILE D 323 20.32 -16.26 -31.84
N VAL D 324 20.97 -15.60 -32.80
CA VAL D 324 20.42 -14.39 -33.40
C VAL D 324 20.18 -14.69 -34.87
N ARG D 325 19.20 -14.00 -35.44
CA ARG D 325 18.81 -14.27 -36.81
C ARG D 325 18.36 -12.98 -37.46
N PHE D 326 19.18 -12.44 -38.34
CA PHE D 326 18.87 -11.25 -39.10
C PHE D 326 18.44 -11.66 -40.50
N PRO D 327 17.80 -10.79 -41.28
CA PRO D 327 17.19 -11.21 -42.55
C PRO D 327 18.20 -11.80 -43.52
N ASN D 328 17.66 -12.36 -44.60
CA ASN D 328 18.43 -12.96 -45.68
C ASN D 328 19.10 -11.93 -46.57
N VAL D 329 19.09 -10.66 -46.14
CA VAL D 329 19.53 -9.58 -47.01
C VAL D 329 20.97 -9.79 -47.43
N THR D 330 21.21 -9.58 -48.72
CA THR D 330 22.57 -9.48 -49.23
C THR D 330 22.79 -8.06 -49.72
N ASN D 331 21.94 -7.63 -50.66
CA ASN D 331 21.91 -6.26 -51.19
C ASN D 331 23.31 -5.71 -51.36
N LEU D 332 24.17 -6.45 -52.06
CA LEU D 332 25.57 -6.08 -52.15
C LEU D 332 25.72 -4.71 -52.79
N CYS D 333 26.55 -3.87 -52.17
CA CYS D 333 26.74 -2.52 -52.63
C CYS D 333 27.57 -2.51 -53.92
N PRO D 334 27.58 -1.38 -54.65
CA PRO D 334 28.41 -1.29 -55.85
C PRO D 334 29.89 -1.16 -55.52
N PHE D 335 30.25 -1.45 -54.27
CA PHE D 335 31.66 -1.46 -53.86
C PHE D 335 32.50 -2.32 -54.79
N HIS D 336 31.97 -3.48 -55.19
CA HIS D 336 32.70 -4.37 -56.09
C HIS D 336 32.97 -3.69 -57.42
N GLU D 337 31.96 -2.99 -57.95
CA GLU D 337 32.09 -2.35 -59.25
C GLU D 337 33.20 -1.31 -59.25
N VAL D 338 33.27 -0.51 -58.18
CA VAL D 338 34.33 0.50 -58.07
C VAL D 338 35.68 -0.19 -57.84
N PHE D 339 35.71 -1.20 -56.98
CA PHE D 339 36.98 -1.86 -56.66
C PHE D 339 37.46 -2.74 -57.81
N ASN D 340 36.54 -3.34 -58.57
CA ASN D 340 36.90 -4.11 -59.75
C ASN D 340 36.80 -3.29 -61.03
N ALA D 341 36.81 -1.97 -60.91
CA ALA D 341 36.86 -1.10 -62.07
C ALA D 341 38.29 -1.04 -62.59
N THR D 342 38.44 -0.51 -63.81
CA THR D 342 39.76 -0.38 -64.42
C THR D 342 40.10 1.07 -64.65
N ARG D 343 39.16 1.82 -65.23
CA ARG D 343 39.39 3.21 -65.57
C ARG D 343 39.14 4.15 -64.39
N PHE D 344 40.01 4.10 -63.40
CA PHE D 344 39.95 5.06 -62.30
C PHE D 344 40.29 6.45 -62.79
N ALA D 345 39.35 7.38 -62.63
CA ALA D 345 39.55 8.73 -63.09
C ALA D 345 40.64 9.42 -62.25
N SER D 346 41.29 10.41 -62.85
CA SER D 346 42.43 11.06 -62.22
C SER D 346 41.98 11.91 -61.03
N VAL D 347 42.98 12.44 -60.31
CA VAL D 347 42.68 13.25 -59.13
C VAL D 347 42.04 14.57 -59.52
N TYR D 348 42.43 15.15 -60.67
CA TYR D 348 41.86 16.42 -61.09
C TYR D 348 40.39 16.28 -61.46
N ALA D 349 39.97 15.06 -61.81
CA ALA D 349 38.56 14.74 -62.05
C ALA D 349 38.22 13.51 -61.22
N TRP D 350 37.92 13.72 -59.94
CA TRP D 350 37.66 12.60 -59.05
C TRP D 350 36.23 12.12 -59.24
N ASN D 351 36.08 10.85 -59.59
CA ASN D 351 34.76 10.27 -59.79
C ASN D 351 34.09 10.00 -58.45
N ARG D 352 32.94 10.62 -58.23
CA ARG D 352 32.14 10.43 -57.02
C ARG D 352 30.99 9.49 -57.35
N THR D 353 30.98 8.32 -56.73
CA THR D 353 29.94 7.33 -56.93
C THR D 353 29.00 7.35 -55.72
N ARG D 354 27.70 7.50 -55.99
CA ARG D 354 26.70 7.51 -54.94
C ARG D 354 26.36 6.06 -54.59
N ILE D 355 26.32 5.77 -53.29
CA ILE D 355 26.05 4.43 -52.78
C ILE D 355 24.84 4.50 -51.86
N SER D 356 23.77 3.81 -52.24
CA SER D 356 22.53 3.83 -51.47
C SER D 356 21.75 2.55 -51.71
N ASN D 357 20.82 2.28 -50.81
CA ASN D 357 19.89 1.14 -50.91
C ASN D 357 20.64 -0.18 -51.02
N CYS D 358 21.66 -0.34 -50.17
CA CYS D 358 22.49 -1.53 -50.22
C CYS D 358 23.10 -1.77 -48.85
N VAL D 359 23.61 -2.97 -48.65
CA VAL D 359 24.25 -3.38 -47.40
C VAL D 359 25.75 -3.26 -47.58
N ALA D 360 26.38 -2.43 -46.75
CA ALA D 360 27.79 -2.11 -46.90
C ALA D 360 28.64 -3.15 -46.18
N ASP D 361 28.96 -4.23 -46.89
CA ASP D 361 29.84 -5.25 -46.34
C ASP D 361 31.28 -4.88 -46.68
N TYR D 362 32.13 -4.87 -45.66
CA TYR D 362 33.52 -4.44 -45.81
C TYR D 362 34.46 -5.60 -46.10
N SER D 363 33.97 -6.85 -46.05
CA SER D 363 34.81 -7.98 -46.41
C SER D 363 35.12 -7.99 -47.91
N VAL D 364 34.17 -7.57 -48.74
CA VAL D 364 34.44 -7.47 -50.17
C VAL D 364 35.46 -6.38 -50.45
N LEU D 365 35.53 -5.36 -49.57
CA LEU D 365 36.58 -4.36 -49.70
C LEU D 365 37.93 -4.93 -49.25
N TYR D 366 37.93 -5.68 -48.14
CA TYR D 366 39.18 -6.22 -47.60
C TYR D 366 39.80 -7.23 -48.54
N ASN D 367 38.98 -8.09 -49.17
CA ASN D 367 39.52 -9.19 -49.96
C ASN D 367 39.93 -8.79 -51.37
N PHE D 368 39.58 -7.57 -51.81
CA PHE D 368 39.89 -7.16 -53.17
C PHE D 368 41.14 -6.28 -53.27
N ALA D 369 41.60 -5.70 -52.15
CA ALA D 369 42.73 -4.79 -52.25
C ALA D 369 43.68 -4.95 -51.06
N PRO D 370 44.95 -5.28 -51.30
CA PRO D 370 45.95 -5.26 -50.23
C PRO D 370 46.35 -3.83 -49.88
N PHE D 371 45.58 -3.18 -49.01
CA PHE D 371 45.75 -1.75 -48.77
C PHE D 371 47.12 -1.44 -48.20
N PHE D 372 47.56 -0.21 -48.44
CA PHE D 372 48.73 0.36 -47.80
C PHE D 372 48.41 1.51 -46.86
N ALA D 373 47.19 2.04 -46.90
CA ALA D 373 46.78 3.13 -46.01
C ALA D 373 45.26 3.02 -45.85
N PHE D 374 44.83 2.49 -44.71
CA PHE D 374 43.42 2.29 -44.40
C PHE D 374 43.03 3.08 -43.15
N LYS D 375 43.52 4.32 -43.05
CA LYS D 375 43.25 5.13 -41.87
C LYS D 375 41.81 5.62 -41.86
N CYS D 376 41.30 5.84 -40.66
CA CYS D 376 39.94 6.31 -40.45
C CYS D 376 39.95 7.47 -39.46
N TYR D 377 39.00 8.39 -39.62
CA TYR D 377 38.96 9.59 -38.81
C TYR D 377 37.68 9.68 -37.97
N GLY D 378 36.51 9.57 -38.60
CA GLY D 378 35.26 9.74 -37.88
C GLY D 378 34.69 8.45 -37.33
N VAL D 379 35.20 7.31 -37.80
CA VAL D 379 34.71 6.00 -37.39
C VAL D 379 35.90 5.10 -37.09
N SER D 380 35.61 3.97 -36.45
CA SER D 380 36.63 2.97 -36.17
C SER D 380 36.73 1.98 -37.34
N PRO D 381 37.93 1.71 -37.84
CA PRO D 381 38.05 0.74 -38.96
C PRO D 381 37.53 -0.64 -38.60
N THR D 382 37.65 -1.06 -37.34
CA THR D 382 37.05 -2.32 -36.92
C THR D 382 35.53 -2.18 -36.78
N LYS D 383 35.07 -1.00 -36.36
CA LYS D 383 33.64 -0.75 -36.16
C LYS D 383 33.06 -0.13 -37.41
N LEU D 384 32.79 -1.00 -38.40
CA LEU D 384 32.06 -0.60 -39.60
C LEU D 384 30.95 -1.58 -39.98
N ASN D 385 30.96 -2.80 -39.45
CA ASN D 385 29.86 -3.72 -39.67
C ASN D 385 28.62 -3.33 -38.86
N ASP D 386 28.79 -2.72 -37.70
CA ASP D 386 27.69 -2.41 -36.79
C ASP D 386 27.30 -0.94 -36.82
N LEU D 387 27.34 -0.32 -38.00
CA LEU D 387 26.88 1.04 -38.18
C LEU D 387 25.98 1.14 -39.40
N CYS D 388 24.97 2.00 -39.31
CA CYS D 388 24.06 2.27 -40.41
C CYS D 388 24.25 3.71 -40.85
N PHE D 389 24.50 3.92 -42.14
CA PHE D 389 24.81 5.24 -42.68
C PHE D 389 23.69 5.70 -43.60
N THR D 390 23.32 6.98 -43.49
CA THR D 390 22.27 7.53 -44.33
C THR D 390 22.69 7.54 -45.79
N ASN D 391 23.96 7.83 -46.07
CA ASN D 391 24.45 7.79 -47.44
C ASN D 391 25.96 7.63 -47.41
N VAL D 392 26.49 7.01 -48.46
CA VAL D 392 27.92 6.73 -48.59
C VAL D 392 28.38 7.23 -49.95
N TYR D 393 29.50 7.94 -49.97
CA TYR D 393 30.09 8.45 -51.21
C TYR D 393 31.51 7.90 -51.35
N ALA D 394 31.82 7.37 -52.52
CA ALA D 394 33.12 6.78 -52.80
C ALA D 394 33.80 7.58 -53.91
N ASP D 395 34.84 8.32 -53.54
CA ASP D 395 35.65 9.07 -54.50
C ASP D 395 36.94 8.31 -54.76
N SER D 396 37.16 7.91 -56.02
CA SER D 396 38.28 7.07 -56.39
C SER D 396 39.15 7.80 -57.42
N PHE D 397 40.45 7.79 -57.18
CA PHE D 397 41.40 8.37 -58.12
C PHE D 397 42.77 7.75 -57.90
N VAL D 398 43.45 7.43 -58.98
CA VAL D 398 44.81 6.89 -58.91
C VAL D 398 45.78 8.04 -58.67
N ILE D 399 46.60 7.92 -57.63
CA ILE D 399 47.48 8.99 -57.18
C ILE D 399 48.83 8.41 -56.81
N LYS D 400 49.79 9.29 -56.55
CA LYS D 400 51.16 8.90 -56.28
C LYS D 400 51.28 8.33 -54.87
N GLY D 401 52.52 8.11 -54.41
CA GLY D 401 52.77 7.59 -53.08
C GLY D 401 52.65 8.60 -51.96
N ASN D 402 53.43 9.69 -52.04
CA ASN D 402 53.35 10.73 -51.02
C ASN D 402 51.99 11.41 -51.02
N GLU D 403 51.34 11.48 -52.19
CA GLU D 403 50.02 12.08 -52.27
C GLU D 403 48.97 11.31 -51.48
N VAL D 404 49.19 10.01 -51.24
CA VAL D 404 48.27 9.23 -50.43
C VAL D 404 48.23 9.79 -49.01
N SER D 405 49.39 9.99 -48.40
CA SER D 405 49.45 10.61 -47.08
C SER D 405 49.11 12.10 -47.13
N GLN D 406 49.28 12.73 -48.31
CA GLN D 406 48.86 14.11 -48.46
C GLN D 406 47.35 14.26 -48.29
N ILE D 407 46.58 13.28 -48.77
CA ILE D 407 45.13 13.31 -48.65
C ILE D 407 44.73 12.98 -47.22
N ALA D 408 44.35 14.01 -46.47
CA ALA D 408 43.91 13.87 -45.09
C ALA D 408 43.27 15.18 -44.64
N PRO D 409 42.35 15.16 -43.68
CA PRO D 409 41.79 16.42 -43.18
C PRO D 409 42.87 17.31 -42.58
N GLY D 410 42.73 18.62 -42.81
CA GLY D 410 43.68 19.58 -42.30
C GLY D 410 45.07 19.43 -42.89
N GLN D 411 45.16 19.22 -44.19
CA GLN D 411 46.42 19.08 -44.91
C GLN D 411 46.54 20.17 -45.96
N THR D 412 47.70 20.20 -46.61
CA THR D 412 47.99 21.19 -47.64
C THR D 412 48.91 20.57 -48.68
N GLY D 413 48.94 21.21 -49.85
CA GLY D 413 49.79 20.75 -50.94
C GLY D 413 49.20 21.03 -52.30
N ASN D 414 49.92 20.66 -53.36
CA ASN D 414 49.43 20.87 -54.72
C ASN D 414 48.20 20.03 -55.02
N ILE D 415 47.98 18.96 -54.27
CA ILE D 415 46.82 18.09 -54.45
C ILE D 415 45.72 18.41 -53.46
N ALA D 416 46.08 18.63 -52.18
CA ALA D 416 45.10 18.93 -51.15
C ALA D 416 44.49 20.32 -51.30
N ASP D 417 45.04 21.18 -52.15
CA ASP D 417 44.54 22.53 -52.34
C ASP D 417 44.02 22.81 -53.74
N TYR D 418 44.52 22.12 -54.76
CA TYR D 418 44.12 22.38 -56.14
C TYR D 418 43.44 21.20 -56.82
N ASN D 419 43.55 19.99 -56.29
CA ASN D 419 42.97 18.81 -56.91
C ASN D 419 41.84 18.20 -56.10
N TYR D 420 42.10 17.87 -54.84
CA TYR D 420 41.08 17.27 -53.98
C TYR D 420 41.40 17.65 -52.55
N LYS D 421 40.45 18.31 -51.88
CA LYS D 421 40.61 18.78 -50.51
C LYS D 421 39.67 18.00 -49.60
N LEU D 422 40.23 17.39 -48.55
CA LEU D 422 39.45 16.69 -47.54
C LEU D 422 39.05 17.67 -46.44
N PRO D 423 37.75 17.79 -46.14
CA PRO D 423 37.33 18.72 -45.09
C PRO D 423 37.80 18.28 -43.72
N ASP D 424 37.91 19.27 -42.81
CA ASP D 424 38.39 18.99 -41.47
C ASP D 424 37.47 18.02 -40.73
N ASP D 425 36.16 18.20 -40.87
CA ASP D 425 35.18 17.34 -40.21
C ASP D 425 34.74 16.27 -41.21
N PHE D 426 35.58 15.25 -41.34
CA PHE D 426 35.35 14.15 -42.26
C PHE D 426 34.93 12.90 -41.49
N THR D 427 33.84 12.29 -41.93
CA THR D 427 33.33 11.05 -41.34
C THR D 427 33.42 9.97 -42.41
N GLY D 428 34.51 9.19 -42.35
CA GLY D 428 34.72 8.14 -43.32
C GLY D 428 36.11 7.57 -43.18
N CYS D 429 36.53 6.84 -44.23
CA CYS D 429 37.85 6.22 -44.27
C CYS D 429 38.42 6.35 -45.66
N VAL D 430 39.75 6.23 -45.75
CA VAL D 430 40.46 6.26 -47.02
C VAL D 430 41.13 4.91 -47.24
N ILE D 431 41.23 4.52 -48.50
CA ILE D 431 41.80 3.24 -48.90
C ILE D 431 42.81 3.48 -50.00
N ALA D 432 44.02 2.95 -49.83
CA ALA D 432 45.08 3.09 -50.81
C ALA D 432 45.78 1.75 -50.99
N TRP D 433 45.73 1.22 -52.21
CA TRP D 433 46.40 -0.03 -52.55
C TRP D 433 47.13 0.14 -53.87
N ASN D 434 48.37 -0.36 -53.91
CA ASN D 434 49.25 -0.10 -55.05
C ASN D 434 48.81 -0.92 -56.26
N SER D 435 48.81 -0.28 -57.44
CA SER D 435 48.35 -0.90 -58.68
C SER D 435 49.38 -0.61 -59.78
N ASN D 436 50.38 -1.48 -59.90
CA ASN D 436 51.38 -1.37 -60.95
C ASN D 436 51.09 -2.28 -62.14
N LYS D 437 49.95 -2.96 -62.14
CA LYS D 437 49.60 -3.89 -63.21
C LYS D 437 48.54 -3.35 -64.16
N LEU D 438 47.85 -2.27 -63.80
CA LEU D 438 46.84 -1.68 -64.67
C LEU D 438 47.22 -0.29 -65.17
N ASP D 439 47.95 0.49 -64.39
CA ASP D 439 48.30 1.86 -64.74
C ASP D 439 49.72 1.98 -65.29
N SER D 440 50.40 0.87 -65.50
CA SER D 440 51.77 0.88 -66.01
C SER D 440 51.88 -0.07 -67.19
N LYS D 441 52.74 0.28 -68.13
CA LYS D 441 52.94 -0.52 -69.33
C LYS D 441 54.27 -0.12 -69.96
N HIS D 442 54.70 -0.94 -70.92
CA HIS D 442 55.90 -0.61 -71.68
C HIS D 442 55.67 0.65 -72.50
N SER D 443 56.74 1.40 -72.72
CA SER D 443 56.78 2.68 -73.42
C SER D 443 56.07 3.79 -72.66
N GLY D 444 55.64 3.55 -71.42
CA GLY D 444 55.04 4.58 -70.61
C GLY D 444 53.56 4.76 -70.84
N ASN D 445 52.95 5.57 -69.96
CA ASN D 445 51.53 5.88 -70.04
C ASN D 445 51.31 7.25 -69.41
N TYR D 446 50.76 8.19 -70.17
CA TYR D 446 50.53 9.55 -69.73
C TYR D 446 49.04 9.89 -69.77
N ASP D 447 48.21 8.88 -69.54
CA ASP D 447 46.76 9.08 -69.64
C ASP D 447 46.24 10.00 -68.55
N TYR D 448 46.77 9.87 -67.34
CA TYR D 448 46.26 10.62 -66.21
C TYR D 448 46.80 12.05 -66.23
N TRP D 449 46.03 12.96 -65.62
CA TRP D 449 46.38 14.38 -65.54
C TRP D 449 46.16 14.85 -64.11
N TYR D 450 46.79 15.97 -63.77
CA TYR D 450 46.56 16.60 -62.48
C TYR D 450 46.93 18.07 -62.56
N ARG D 451 46.29 18.87 -61.72
CA ARG D 451 46.42 20.33 -61.75
C ARG D 451 47.27 20.79 -60.58
N LEU D 452 48.27 21.63 -60.87
CA LEU D 452 49.12 22.22 -59.86
C LEU D 452 49.02 23.74 -59.78
N PHE D 453 48.37 24.39 -60.75
CA PHE D 453 48.28 25.84 -60.82
C PHE D 453 46.81 26.24 -60.85
N ARG D 454 46.35 26.89 -59.79
CA ARG D 454 44.98 27.36 -59.69
C ARG D 454 44.98 28.78 -59.12
N LYS D 455 43.94 29.53 -59.46
CA LYS D 455 43.82 30.90 -58.98
C LYS D 455 43.64 30.98 -57.47
N SER D 456 43.14 29.92 -56.84
CA SER D 456 42.97 29.88 -55.40
C SER D 456 42.90 28.43 -54.96
N LYS D 457 42.50 28.20 -53.71
CA LYS D 457 42.37 26.86 -53.17
C LYS D 457 41.06 26.22 -53.61
N LEU D 458 40.96 24.91 -53.39
CA LEU D 458 39.78 24.14 -53.76
C LEU D 458 38.95 23.86 -52.53
N LYS D 459 37.68 24.24 -52.56
CA LYS D 459 36.78 23.95 -51.46
C LYS D 459 36.54 22.44 -51.39
N PRO D 460 36.41 21.87 -50.19
CA PRO D 460 36.21 20.42 -50.08
C PRO D 460 34.98 19.95 -50.86
N PHE D 461 35.11 18.78 -51.48
CA PHE D 461 34.06 18.18 -52.31
C PHE D 461 33.66 19.12 -53.45
N GLU D 462 34.65 19.49 -54.25
CA GLU D 462 34.44 20.34 -55.41
C GLU D 462 35.27 19.82 -56.57
N ARG D 463 34.69 19.84 -57.76
CA ARG D 463 35.39 19.46 -58.98
C ARG D 463 35.61 20.72 -59.82
N ASP D 464 36.84 20.89 -60.32
CA ASP D 464 37.27 22.11 -61.00
C ASP D 464 37.77 21.79 -62.40
N ILE D 465 36.96 21.06 -63.16
CA ILE D 465 37.31 20.71 -64.53
C ILE D 465 37.31 21.99 -65.37
N SER D 466 38.50 22.43 -65.78
CA SER D 466 38.65 23.60 -66.63
C SER D 466 40.06 23.60 -67.20
N THR D 467 40.19 24.15 -68.40
CA THR D 467 41.49 24.34 -69.06
C THR D 467 41.68 25.84 -69.26
N GLU D 468 42.16 26.51 -68.22
CA GLU D 468 42.41 27.94 -68.24
C GLU D 468 43.89 28.16 -67.95
N ILE D 469 44.56 28.91 -68.81
CA ILE D 469 45.99 29.16 -68.64
C ILE D 469 46.19 30.06 -67.44
N TYR D 470 47.03 29.63 -66.50
CA TYR D 470 47.29 30.41 -65.31
C TYR D 470 48.04 31.69 -65.67
N GLN D 471 47.64 32.80 -65.06
CA GLN D 471 48.22 34.10 -65.36
C GLN D 471 49.48 34.32 -64.52
N ALA D 472 50.53 34.82 -65.16
CA ALA D 472 51.75 35.21 -64.49
C ALA D 472 52.02 36.68 -64.78
N GLY D 473 52.20 37.47 -63.73
CA GLY D 473 52.34 38.90 -63.88
C GLY D 473 51.01 39.58 -64.14
N ASN D 474 50.84 40.16 -65.33
CA ASN D 474 49.60 40.84 -65.68
C ASN D 474 49.16 40.55 -67.11
N LYS D 475 49.86 39.66 -67.83
CA LYS D 475 49.56 39.40 -69.23
C LYS D 475 48.29 38.55 -69.34
N PRO D 476 47.39 38.90 -70.26
CA PRO D 476 46.18 38.08 -70.46
C PRO D 476 46.43 36.87 -71.36
N CYS D 477 47.70 36.51 -71.53
CA CYS D 477 48.11 35.48 -72.49
C CYS D 477 47.30 34.20 -72.31
N LYS D 478 47.10 33.50 -73.44
CA LYS D 478 46.35 32.24 -73.48
C LYS D 478 47.13 31.28 -74.36
N GLY D 479 48.03 30.50 -73.75
CA GLY D 479 48.85 29.57 -74.50
C GLY D 479 49.87 28.90 -73.61
N LYS D 480 50.85 28.29 -74.26
CA LYS D 480 51.92 27.57 -73.58
C LYS D 480 53.25 28.28 -73.79
N GLY D 481 54.16 28.11 -72.83
CA GLY D 481 55.46 28.71 -72.90
C GLY D 481 55.80 29.49 -71.64
N PRO D 482 56.74 30.44 -71.75
CA PRO D 482 57.07 31.27 -70.59
C PRO D 482 55.90 32.18 -70.22
N ASN D 483 55.72 32.37 -68.92
CA ASN D 483 54.68 33.21 -68.33
C ASN D 483 53.27 32.68 -68.61
N CYS D 484 53.14 31.60 -69.37
CA CYS D 484 51.84 31.02 -69.73
C CYS D 484 51.93 29.52 -69.51
N TYR D 485 51.43 29.06 -68.36
CA TYR D 485 51.54 27.67 -67.95
C TYR D 485 50.18 26.98 -68.00
N PHE D 486 50.16 25.77 -68.56
CA PHE D 486 48.94 24.99 -68.61
C PHE D 486 48.49 24.61 -67.20
N PRO D 487 47.18 24.69 -66.91
CA PRO D 487 46.73 24.41 -65.53
C PRO D 487 47.03 23.00 -65.06
N LEU D 488 47.04 22.02 -65.95
CA LEU D 488 47.18 20.62 -65.59
C LEU D 488 48.41 20.02 -66.26
N GLN D 489 49.05 19.09 -65.56
CA GLN D 489 50.22 18.38 -66.06
C GLN D 489 49.90 16.88 -66.16
N SER D 490 50.89 16.12 -66.61
CA SER D 490 50.75 14.68 -66.79
C SER D 490 51.13 13.93 -65.53
N TYR D 491 50.64 12.70 -65.45
CA TYR D 491 50.86 11.88 -64.27
C TYR D 491 51.62 10.63 -64.68
N GLY D 492 52.64 10.81 -65.53
CA GLY D 492 53.33 9.72 -66.20
C GLY D 492 53.69 8.51 -65.37
N PHE D 493 53.16 7.35 -65.73
CA PHE D 493 53.39 6.09 -65.01
C PHE D 493 54.18 5.10 -65.86
N ARG D 494 55.11 4.42 -65.23
CA ARG D 494 55.87 3.33 -65.84
C ARG D 494 56.06 2.23 -64.81
N PRO D 495 56.28 0.99 -65.24
CA PRO D 495 56.47 -0.10 -64.27
C PRO D 495 57.75 0.01 -63.46
N THR D 496 58.69 0.88 -63.84
CA THR D 496 59.98 0.99 -63.16
C THR D 496 60.14 2.39 -62.57
N TYR D 497 59.66 2.57 -61.34
CA TYR D 497 59.89 3.79 -60.59
C TYR D 497 60.32 3.46 -59.17
N GLY D 498 60.41 4.49 -58.32
CA GLY D 498 60.60 4.28 -56.89
C GLY D 498 59.28 4.02 -56.19
N VAL D 499 59.38 3.79 -54.87
CA VAL D 499 58.20 3.50 -54.08
C VAL D 499 57.25 4.69 -54.09
N GLY D 500 57.78 5.91 -53.95
CA GLY D 500 56.95 7.09 -53.87
C GLY D 500 56.36 7.54 -55.19
N HIS D 501 56.75 6.92 -56.30
CA HIS D 501 56.26 7.28 -57.62
C HIS D 501 55.32 6.23 -58.21
N GLN D 502 54.92 5.23 -57.42
CA GLN D 502 54.10 4.12 -57.91
C GLN D 502 52.64 4.55 -58.11
N PRO D 503 51.91 3.86 -59.00
CA PRO D 503 50.47 4.15 -59.21
C PRO D 503 49.57 3.62 -58.09
N TYR D 504 49.48 4.40 -57.01
CA TYR D 504 48.64 4.03 -55.89
C TYR D 504 47.17 4.24 -56.25
N ARG D 505 46.35 3.21 -56.01
CA ARG D 505 44.92 3.28 -56.24
C ARG D 505 44.23 3.70 -54.95
N VAL D 506 43.61 4.88 -54.96
CA VAL D 506 43.01 5.47 -53.76
C VAL D 506 41.51 5.52 -53.94
N VAL D 507 40.80 4.90 -53.00
CA VAL D 507 39.34 4.96 -52.95
C VAL D 507 38.95 5.43 -51.54
N VAL D 508 38.37 6.62 -51.45
CA VAL D 508 37.98 7.20 -50.17
C VAL D 508 36.47 7.10 -50.03
N LEU D 509 36.02 6.76 -48.83
CA LEU D 509 34.60 6.60 -48.53
C LEU D 509 34.16 7.69 -47.56
N SER D 510 33.10 8.40 -47.93
CA SER D 510 32.53 9.45 -47.11
C SER D 510 31.14 9.02 -46.63
N PHE D 511 30.90 9.12 -45.33
CA PHE D 511 29.62 8.76 -44.74
C PHE D 511 28.94 9.99 -44.16
N GLU D 512 27.61 9.94 -44.16
CA GLU D 512 26.77 10.97 -43.57
C GLU D 512 26.14 10.38 -42.31
N LEU D 513 26.85 10.51 -41.18
CA LEU D 513 26.37 10.00 -39.90
C LEU D 513 25.66 11.13 -39.15
N LEU D 514 24.48 11.48 -39.66
CA LEU D 514 23.64 12.53 -39.11
C LEU D 514 22.23 11.99 -38.86
N HIS D 515 21.36 12.85 -38.36
CA HIS D 515 19.99 12.48 -38.05
C HIS D 515 19.20 12.40 -39.34
N ALA D 516 19.01 11.18 -39.85
CA ALA D 516 18.27 10.93 -41.07
C ALA D 516 17.87 9.46 -41.10
N PRO D 517 16.83 9.11 -41.85
CA PRO D 517 16.48 7.68 -41.99
C PRO D 517 17.64 6.88 -42.57
N ALA D 518 17.82 5.67 -42.06
CA ALA D 518 18.92 4.83 -42.50
C ALA D 518 18.68 4.30 -43.91
N THR D 519 19.73 4.24 -44.70
CA THR D 519 19.66 3.74 -46.07
C THR D 519 20.68 2.64 -46.33
N VAL D 520 21.90 2.77 -45.81
CA VAL D 520 22.96 1.79 -46.01
C VAL D 520 23.47 1.38 -44.64
N CYS D 521 23.54 0.07 -44.39
CA CYS D 521 23.99 -0.42 -43.11
C CYS D 521 24.76 -1.73 -43.32
N GLY D 522 25.45 -2.15 -42.26
CA GLY D 522 26.36 -3.28 -42.34
C GLY D 522 25.66 -4.61 -42.48
N PRO D 523 26.42 -5.63 -42.87
CA PRO D 523 25.85 -6.99 -42.99
C PRO D 523 25.66 -7.68 -41.66
N LYS D 524 24.51 -7.44 -41.03
CA LYS D 524 24.21 -8.07 -39.74
C LYS D 524 24.33 -9.58 -39.86
N LYS D 525 24.98 -10.19 -38.86
CA LYS D 525 25.30 -11.61 -38.91
C LYS D 525 24.08 -12.48 -38.61
N SER D 526 24.23 -13.77 -38.86
CA SER D 526 23.16 -14.75 -38.66
C SER D 526 23.73 -15.98 -37.96
N THR D 527 22.84 -16.69 -37.26
CA THR D 527 23.23 -17.93 -36.59
C THR D 527 22.34 -19.09 -37.03
N ASN D 528 22.53 -20.25 -36.43
CA ASN D 528 21.67 -21.39 -36.71
C ASN D 528 20.37 -21.25 -35.92
N LEU D 529 19.48 -22.22 -36.06
CA LEU D 529 18.17 -22.17 -35.42
C LEU D 529 18.17 -22.83 -34.04
N VAL D 530 18.50 -24.13 -33.99
CA VAL D 530 18.52 -24.89 -32.75
C VAL D 530 17.14 -24.88 -32.10
N LYS D 531 16.28 -25.80 -32.52
CA LYS D 531 14.92 -25.89 -32.02
C LYS D 531 14.83 -26.88 -30.86
N ASN D 532 13.71 -26.81 -30.15
CA ASN D 532 13.41 -27.70 -29.01
C ASN D 532 14.52 -27.65 -27.96
N LYS D 533 14.98 -26.44 -27.65
CA LYS D 533 15.98 -26.26 -26.61
C LYS D 533 15.84 -24.87 -26.04
N CYS D 534 16.10 -24.74 -24.75
CA CYS D 534 16.01 -23.44 -24.09
C CYS D 534 17.13 -22.55 -24.59
N VAL D 535 16.81 -21.60 -25.47
CA VAL D 535 17.81 -20.79 -26.14
C VAL D 535 17.45 -19.32 -25.99
N ASN D 536 18.44 -18.48 -26.25
CA ASN D 536 18.24 -17.04 -26.31
C ASN D 536 18.11 -16.61 -27.76
N PHE D 537 17.12 -15.76 -28.03
CA PHE D 537 16.84 -15.36 -29.41
C PHE D 537 16.90 -13.86 -29.53
N ASN D 538 17.32 -13.41 -30.71
CA ASN D 538 17.32 -11.99 -31.10
C ASN D 538 16.77 -11.83 -32.50
N PHE D 539 15.62 -12.46 -32.76
CA PHE D 539 14.97 -12.38 -34.06
C PHE D 539 14.74 -10.94 -34.51
N ASN D 540 15.43 -10.53 -35.57
CA ASN D 540 15.23 -9.28 -36.31
C ASN D 540 14.79 -8.11 -35.43
N GLY D 541 15.47 -7.91 -34.31
CA GLY D 541 15.16 -6.82 -33.42
C GLY D 541 14.36 -7.19 -32.18
N LEU D 542 13.77 -8.38 -32.14
CA LEU D 542 13.02 -8.85 -30.97
C LEU D 542 13.95 -9.69 -30.10
N THR D 543 14.10 -9.29 -28.84
CA THR D 543 15.02 -9.95 -27.92
C THR D 543 14.26 -10.56 -26.76
N GLY D 544 14.55 -11.82 -26.46
CA GLY D 544 13.99 -12.49 -25.30
C GLY D 544 14.59 -13.86 -25.16
N THR D 545 14.01 -14.66 -24.27
CA THR D 545 14.43 -16.03 -24.05
C THR D 545 13.25 -16.97 -24.28
N GLY D 546 13.51 -18.11 -24.89
CA GLY D 546 12.44 -19.04 -25.18
C GLY D 546 12.94 -20.30 -25.85
N VAL D 547 11.97 -21.09 -26.31
CA VAL D 547 12.22 -22.34 -27.02
C VAL D 547 11.40 -22.30 -28.31
N LEU D 548 11.85 -23.01 -29.33
CA LEU D 548 11.28 -22.88 -30.67
C LEU D 548 11.04 -24.24 -31.30
N THR D 549 10.10 -24.30 -32.24
CA THR D 549 9.94 -25.46 -33.12
C THR D 549 9.08 -25.09 -34.31
N LYS D 550 8.87 -26.07 -35.18
CA LYS D 550 8.02 -25.88 -36.36
C LYS D 550 6.60 -25.52 -35.94
N SER D 551 5.82 -25.06 -36.91
CA SER D 551 4.53 -24.46 -36.65
C SER D 551 3.59 -24.74 -37.81
N ASN D 552 2.28 -24.63 -37.54
CA ASN D 552 1.26 -25.16 -38.46
C ASN D 552 0.07 -24.22 -38.67
N LYS D 553 0.18 -22.95 -38.32
CA LYS D 553 -0.89 -22.03 -38.70
C LYS D 553 -0.46 -21.15 -39.87
N LYS D 554 -1.26 -20.13 -40.12
CA LYS D 554 -1.38 -19.51 -41.43
C LYS D 554 -1.12 -18.01 -41.42
N PHE D 555 0.03 -17.61 -40.88
CA PHE D 555 0.51 -16.23 -41.07
C PHE D 555 0.18 -15.73 -42.46
N LEU D 556 -0.40 -14.53 -42.52
CA LEU D 556 -0.56 -13.89 -43.82
C LEU D 556 0.79 -13.52 -44.38
N PRO D 557 0.90 -13.40 -45.71
CA PRO D 557 2.22 -13.12 -46.30
C PRO D 557 2.87 -11.86 -45.77
N PHE D 558 2.08 -10.81 -45.49
CA PHE D 558 2.66 -9.59 -44.97
C PHE D 558 2.94 -9.66 -43.48
N GLN D 559 2.40 -10.66 -42.78
CA GLN D 559 2.60 -10.76 -41.34
C GLN D 559 4.05 -11.12 -41.05
N GLN D 560 4.56 -10.66 -39.92
CA GLN D 560 5.96 -10.87 -39.58
C GLN D 560 6.14 -11.38 -38.17
N PHE D 561 5.20 -11.05 -37.29
CA PHE D 561 5.41 -11.09 -35.86
C PHE D 561 4.27 -11.85 -35.19
N GLY D 562 4.34 -11.97 -33.87
CA GLY D 562 3.27 -12.60 -33.13
C GLY D 562 3.03 -11.86 -31.83
N ARG D 563 1.78 -11.81 -31.43
CA ARG D 563 1.37 -11.11 -30.21
C ARG D 563 0.02 -11.68 -29.80
N ASP D 564 -0.46 -11.31 -28.62
CA ASP D 564 -1.69 -11.90 -28.09
C ASP D 564 -2.57 -10.81 -27.49
N ILE D 565 -3.64 -11.24 -26.84
CA ILE D 565 -4.62 -10.33 -26.25
C ILE D 565 -3.98 -9.49 -25.15
N VAL D 566 -3.13 -10.10 -24.33
CA VAL D 566 -2.51 -9.38 -23.22
C VAL D 566 -1.11 -8.99 -23.64
N ASP D 567 -0.88 -8.92 -24.95
CA ASP D 567 0.28 -8.25 -25.55
C ASP D 567 1.60 -8.86 -25.09
N THR D 568 1.81 -10.12 -25.49
CA THR D 568 3.11 -10.78 -25.34
C THR D 568 3.46 -11.47 -26.64
N THR D 569 4.74 -11.51 -26.99
CA THR D 569 5.17 -11.98 -28.31
C THR D 569 5.21 -13.50 -28.37
N ASP D 570 4.50 -14.08 -29.33
CA ASP D 570 4.47 -15.53 -29.49
C ASP D 570 5.33 -16.03 -30.63
N ALA D 571 5.02 -15.65 -31.86
CA ALA D 571 5.61 -16.28 -33.04
C ALA D 571 6.41 -15.25 -33.82
N VAL D 572 7.57 -15.68 -34.31
CA VAL D 572 8.39 -14.83 -35.17
C VAL D 572 8.65 -15.60 -36.45
N ARG D 573 8.30 -14.99 -37.58
CA ARG D 573 8.61 -15.60 -38.87
C ARG D 573 10.11 -15.64 -39.08
N ASP D 574 10.61 -16.75 -39.58
CA ASP D 574 12.04 -16.89 -39.78
C ASP D 574 12.49 -15.94 -40.88
N PRO D 575 13.39 -15.01 -40.59
CA PRO D 575 13.76 -14.02 -41.61
C PRO D 575 14.71 -14.57 -42.67
N GLN D 576 14.94 -15.89 -42.66
CA GLN D 576 15.80 -16.49 -43.65
C GLN D 576 15.21 -17.80 -44.16
N THR D 577 14.03 -18.16 -43.67
CA THR D 577 13.34 -19.36 -44.13
C THR D 577 11.87 -19.13 -44.41
N LEU D 578 11.28 -18.04 -43.92
CA LEU D 578 9.86 -17.76 -44.07
C LEU D 578 9.03 -18.85 -43.41
N GLU D 579 9.59 -19.48 -42.39
CA GLU D 579 8.90 -20.44 -41.55
C GLU D 579 8.49 -19.78 -40.25
N ILE D 580 7.49 -20.36 -39.60
CA ILE D 580 6.93 -19.82 -38.36
C ILE D 580 7.49 -20.63 -37.20
N LEU D 581 8.00 -19.93 -36.19
CA LEU D 581 8.47 -20.54 -34.96
C LEU D 581 7.87 -19.76 -33.80
N ASP D 582 7.68 -20.43 -32.67
CA ASP D 582 7.07 -19.77 -31.53
C ASP D 582 8.00 -19.79 -30.32
N ILE D 583 7.47 -19.28 -29.20
CA ILE D 583 8.30 -18.84 -28.10
C ILE D 583 7.59 -19.19 -26.80
N THR D 584 8.32 -19.79 -25.86
CA THR D 584 7.80 -20.20 -24.56
C THR D 584 8.78 -19.82 -23.46
N PRO D 585 8.28 -19.41 -22.30
CA PRO D 585 9.18 -19.10 -21.18
C PRO D 585 10.05 -20.29 -20.83
N CYS D 586 11.29 -19.99 -20.45
CA CYS D 586 12.38 -20.96 -20.52
C CYS D 586 12.09 -22.30 -19.86
N SER D 587 11.97 -22.34 -18.52
CA SER D 587 11.81 -23.64 -17.88
C SER D 587 10.95 -23.66 -16.62
N PHE D 588 10.09 -22.66 -16.41
CA PHE D 588 9.45 -22.43 -15.12
C PHE D 588 9.01 -23.70 -14.43
N GLY D 589 9.28 -23.79 -13.12
CA GLY D 589 8.86 -24.92 -12.33
C GLY D 589 8.97 -24.68 -10.84
N GLY D 590 8.51 -25.64 -10.04
CA GLY D 590 8.61 -25.55 -8.59
C GLY D 590 8.93 -26.89 -7.96
N VAL D 591 9.98 -26.94 -7.15
CA VAL D 591 10.46 -28.18 -6.58
C VAL D 591 9.76 -28.43 -5.25
N SER D 592 9.40 -29.67 -4.99
CA SER D 592 8.76 -30.05 -3.75
C SER D 592 9.31 -31.40 -3.29
N VAL D 593 9.41 -31.58 -1.98
CA VAL D 593 9.99 -32.77 -1.38
C VAL D 593 8.89 -33.55 -0.68
N ILE D 594 8.66 -34.79 -1.11
CA ILE D 594 7.72 -35.69 -0.45
C ILE D 594 8.53 -36.68 0.36
N THR D 595 8.25 -36.75 1.67
CA THR D 595 8.98 -37.65 2.53
C THR D 595 8.04 -38.21 3.58
N PRO D 596 8.27 -39.42 4.05
CA PRO D 596 7.64 -39.89 5.28
C PRO D 596 8.23 -39.15 6.46
N GLY D 597 7.66 -39.38 7.64
CA GLY D 597 8.16 -38.70 8.82
C GLY D 597 9.61 -39.02 9.07
N THR D 598 10.37 -38.00 9.49
CA THR D 598 11.79 -38.22 9.77
C THR D 598 12.00 -39.28 10.84
N ASN D 599 11.01 -39.46 11.72
CA ASN D 599 11.05 -40.55 12.68
C ASN D 599 11.09 -41.91 12.00
N THR D 600 10.58 -42.02 10.77
CA THR D 600 10.53 -43.29 10.05
C THR D 600 11.77 -43.54 9.21
N SER D 601 12.11 -42.63 8.31
CA SER D 601 13.27 -42.85 7.45
C SER D 601 13.74 -41.53 6.88
N ASN D 602 15.02 -41.47 6.51
CA ASN D 602 15.57 -40.31 5.84
C ASN D 602 15.35 -40.34 4.34
N GLN D 603 14.79 -41.42 3.80
CA GLN D 603 14.54 -41.49 2.37
C GLN D 603 13.53 -40.43 1.96
N VAL D 604 13.84 -39.73 0.88
CA VAL D 604 12.93 -38.73 0.32
C VAL D 604 12.82 -38.95 -1.17
N ALA D 605 11.73 -38.46 -1.72
CA ALA D 605 11.53 -38.37 -3.16
C ALA D 605 11.24 -36.92 -3.50
N VAL D 606 11.80 -36.43 -4.59
CA VAL D 606 11.71 -35.04 -4.96
C VAL D 606 10.76 -34.91 -6.15
N LEU D 607 10.04 -33.80 -6.19
CA LEU D 607 9.10 -33.50 -7.26
C LEU D 607 9.47 -32.17 -7.90
N TYR D 608 9.28 -32.08 -9.20
CA TYR D 608 9.38 -30.82 -9.92
C TYR D 608 8.07 -30.56 -10.63
N GLN D 609 7.36 -29.52 -10.22
CA GLN D 609 6.01 -29.27 -10.71
C GLN D 609 6.06 -28.92 -12.20
N GLY D 610 5.31 -29.67 -13.00
CA GLY D 610 5.05 -29.30 -14.38
C GLY D 610 6.27 -29.10 -15.24
N VAL D 611 7.24 -30.02 -15.17
CA VAL D 611 8.46 -29.93 -15.96
C VAL D 611 8.66 -31.28 -16.65
N ASN D 612 8.81 -31.25 -17.97
CA ASN D 612 9.22 -32.44 -18.69
C ASN D 612 10.61 -32.85 -18.22
N CYS D 613 10.77 -34.11 -17.88
CA CYS D 613 11.93 -34.47 -17.08
C CYS D 613 13.09 -35.04 -17.88
N THR D 614 13.06 -34.95 -19.21
CA THR D 614 14.33 -34.93 -19.94
C THR D 614 15.07 -33.63 -19.65
N GLU D 615 14.33 -32.54 -19.50
CA GLU D 615 14.92 -31.24 -19.25
C GLU D 615 15.61 -31.19 -17.89
N VAL D 616 14.94 -31.70 -16.85
CA VAL D 616 15.48 -31.59 -15.49
C VAL D 616 16.78 -32.39 -15.43
N SER D 617 16.89 -33.40 -16.26
CA SER D 617 18.07 -34.26 -16.24
C SER D 617 19.20 -33.71 -17.08
N VAL D 618 18.92 -33.21 -18.28
CA VAL D 618 20.01 -32.71 -19.11
C VAL D 618 20.46 -31.33 -18.64
N ALA D 619 19.62 -30.61 -17.91
CA ALA D 619 19.95 -29.26 -17.48
C ALA D 619 20.54 -29.21 -16.08
N ILE D 620 20.82 -30.37 -15.47
CA ILE D 620 21.43 -30.37 -14.14
C ILE D 620 22.81 -29.74 -14.20
N HIS D 621 23.61 -30.09 -15.20
CA HIS D 621 24.95 -29.56 -15.33
C HIS D 621 24.91 -28.07 -15.66
N ALA D 622 25.94 -27.36 -15.21
CA ALA D 622 26.14 -25.94 -15.50
C ALA D 622 25.08 -25.06 -14.82
N ASP D 623 24.73 -25.40 -13.58
CA ASP D 623 23.80 -24.60 -12.78
C ASP D 623 24.40 -24.45 -11.38
N GLN D 624 23.71 -23.69 -10.54
CA GLN D 624 24.08 -23.65 -9.13
C GLN D 624 23.81 -25.00 -8.48
N LEU D 625 24.59 -25.33 -7.46
CA LEU D 625 24.50 -26.66 -6.88
C LEU D 625 24.03 -26.72 -5.44
N THR D 626 24.19 -25.67 -4.63
CA THR D 626 23.76 -25.85 -3.26
C THR D 626 22.22 -25.84 -3.16
N PRO D 627 21.53 -24.71 -3.29
CA PRO D 627 20.16 -24.69 -3.78
C PRO D 627 20.00 -25.13 -5.23
N THR D 628 18.77 -25.00 -5.75
CA THR D 628 18.44 -25.31 -7.14
C THR D 628 18.98 -26.70 -7.50
N TRP D 629 18.37 -27.67 -6.83
CA TRP D 629 19.02 -28.94 -6.52
C TRP D 629 19.72 -29.56 -7.70
N ARG D 630 20.92 -30.09 -7.45
CA ARG D 630 21.68 -30.77 -8.49
C ARG D 630 21.11 -32.14 -8.76
N VAL D 631 21.20 -33.05 -7.78
CA VAL D 631 20.75 -34.44 -7.82
C VAL D 631 21.29 -35.20 -9.03
N TYR D 632 21.77 -36.42 -8.80
CA TYR D 632 22.04 -37.34 -9.88
C TYR D 632 20.90 -38.34 -9.92
N SER D 633 20.13 -38.30 -11.00
CA SER D 633 18.88 -39.03 -11.11
C SER D 633 19.18 -40.53 -11.17
N THR D 634 19.00 -41.21 -10.04
CA THR D 634 19.35 -42.63 -9.91
C THR D 634 18.15 -43.52 -9.64
N GLY D 635 17.36 -43.19 -8.62
CA GLY D 635 16.38 -44.11 -8.10
C GLY D 635 15.09 -44.19 -8.89
N SER D 636 15.13 -44.91 -10.01
CA SER D 636 13.95 -45.11 -10.85
C SER D 636 13.28 -43.77 -11.14
N ASN D 637 14.10 -42.82 -11.52
CA ASN D 637 13.72 -41.44 -11.68
C ASN D 637 12.90 -41.27 -12.96
N VAL D 638 12.73 -40.02 -13.39
CA VAL D 638 11.89 -39.60 -14.52
C VAL D 638 10.60 -40.40 -14.59
N PHE D 639 9.91 -40.54 -13.47
CA PHE D 639 8.54 -41.02 -13.52
C PHE D 639 7.63 -39.83 -13.86
N GLN D 640 7.63 -39.49 -15.14
CA GLN D 640 6.89 -38.32 -15.59
C GLN D 640 5.40 -38.48 -15.33
N THR D 641 4.87 -37.73 -14.39
CA THR D 641 3.45 -37.76 -14.06
C THR D 641 2.73 -36.69 -14.87
N ARG D 642 1.46 -36.48 -14.53
CA ARG D 642 0.71 -35.39 -15.13
C ARG D 642 1.00 -34.06 -14.47
N ALA D 643 1.68 -34.06 -13.32
CA ALA D 643 2.03 -32.84 -12.62
C ALA D 643 3.52 -32.56 -12.58
N GLY D 644 4.34 -33.56 -12.86
CA GLY D 644 5.78 -33.41 -12.83
C GLY D 644 6.44 -34.77 -12.89
N CYS D 645 7.56 -34.95 -12.19
CA CYS D 645 8.15 -36.27 -12.11
C CYS D 645 8.84 -36.47 -10.78
N LEU D 646 8.62 -37.65 -10.19
CA LEU D 646 9.24 -38.01 -8.92
C LEU D 646 10.61 -38.59 -9.20
N ILE D 647 11.65 -37.83 -8.91
CA ILE D 647 13.02 -38.28 -9.12
C ILE D 647 13.46 -38.92 -7.80
N GLY D 648 13.22 -40.22 -7.69
CA GLY D 648 13.53 -40.93 -6.46
C GLY D 648 12.41 -41.82 -5.98
N ALA D 649 11.39 -42.01 -6.80
CA ALA D 649 10.26 -42.84 -6.45
C ALA D 649 9.92 -43.78 -7.60
N GLU D 650 9.38 -44.96 -7.25
CA GLU D 650 9.04 -45.99 -8.21
C GLU D 650 7.53 -46.04 -8.42
N TYR D 651 7.11 -46.05 -9.67
CA TYR D 651 5.69 -46.18 -9.97
C TYR D 651 5.23 -47.62 -9.71
N VAL D 652 3.93 -47.76 -9.46
CA VAL D 652 3.34 -49.07 -9.21
C VAL D 652 1.86 -48.99 -9.53
N ASN D 653 1.27 -50.14 -9.89
CA ASN D 653 -0.14 -50.24 -10.20
C ASN D 653 -0.88 -50.91 -9.05
N ASN D 654 -1.28 -50.11 -8.06
CA ASN D 654 -2.08 -50.65 -6.97
C ASN D 654 -3.18 -49.67 -6.60
N SER D 655 -3.87 -49.92 -5.50
CA SER D 655 -4.98 -49.08 -5.10
C SER D 655 -4.93 -48.79 -3.60
N TYR D 656 -3.77 -48.39 -3.10
CA TYR D 656 -3.69 -47.97 -1.72
C TYR D 656 -4.40 -46.62 -1.53
N GLU D 657 -4.67 -46.28 -0.29
CA GLU D 657 -5.22 -44.97 0.01
C GLU D 657 -4.17 -43.89 -0.17
N CYS D 658 -4.61 -42.66 -0.33
CA CYS D 658 -3.68 -41.56 -0.46
C CYS D 658 -3.05 -41.23 0.89
N ASP D 659 -1.73 -41.21 0.93
CA ASP D 659 -0.99 -40.76 2.11
C ASP D 659 -0.44 -39.36 1.94
N ILE D 660 0.35 -39.13 0.91
CA ILE D 660 0.92 -37.83 0.60
C ILE D 660 0.40 -37.40 -0.76
N PRO D 661 -0.68 -36.64 -0.81
CA PRO D 661 -1.21 -36.18 -2.11
C PRO D 661 -0.17 -35.41 -2.88
N ILE D 662 -0.16 -35.63 -4.20
CA ILE D 662 0.86 -35.08 -5.07
C ILE D 662 0.27 -34.14 -6.11
N GLY D 663 -0.79 -34.56 -6.79
CA GLY D 663 -1.40 -33.76 -7.83
C GLY D 663 -1.76 -34.62 -9.03
N ALA D 664 -2.88 -34.28 -9.67
CA ALA D 664 -3.37 -35.01 -10.84
C ALA D 664 -3.55 -36.50 -10.54
N GLY D 665 -4.10 -36.80 -9.37
CA GLY D 665 -4.41 -38.18 -9.03
C GLY D 665 -3.21 -39.08 -8.84
N ILE D 666 -2.19 -38.62 -8.14
CA ILE D 666 -1.02 -39.41 -7.80
C ILE D 666 -0.79 -39.27 -6.31
N CYS D 667 -0.54 -40.39 -5.64
CA CYS D 667 -0.26 -40.35 -4.21
C CYS D 667 0.92 -41.25 -3.90
N ALA D 668 1.92 -40.69 -3.22
CA ALA D 668 3.09 -41.43 -2.80
C ALA D 668 2.90 -41.96 -1.40
N SER D 669 3.66 -43.01 -1.07
CA SER D 669 3.55 -43.61 0.24
C SER D 669 4.80 -44.42 0.55
N TYR D 670 5.20 -44.38 1.81
CA TYR D 670 6.32 -45.19 2.28
C TYR D 670 5.81 -46.58 2.62
N GLN D 671 6.25 -47.58 1.86
CA GLN D 671 5.85 -48.95 2.10
C GLN D 671 7.08 -49.85 2.08
N THR D 672 7.00 -50.94 2.85
CA THR D 672 8.07 -51.93 2.86
C THR D 672 8.06 -52.72 1.56
N GLN D 673 9.25 -52.93 1.00
CA GLN D 673 9.38 -53.67 -0.24
C GLN D 673 9.02 -55.13 -0.04
N SER D 685 14.62 -52.89 2.00
CA SER D 685 13.29 -53.49 1.97
C SER D 685 12.21 -52.44 2.19
N GLN D 686 12.59 -51.18 2.05
CA GLN D 686 11.67 -50.06 2.19
C GLN D 686 11.97 -49.03 1.13
N SER D 687 10.92 -48.45 0.55
CA SER D 687 11.09 -47.48 -0.51
C SER D 687 9.81 -46.65 -0.62
N ILE D 688 9.91 -45.56 -1.37
CA ILE D 688 8.78 -44.67 -1.62
C ILE D 688 8.21 -45.00 -2.99
N ILE D 689 6.92 -45.33 -3.03
CA ILE D 689 6.25 -45.69 -4.27
C ILE D 689 5.26 -44.59 -4.61
N ALA D 690 4.91 -44.53 -5.89
CA ALA D 690 3.88 -43.61 -6.38
C ALA D 690 2.83 -44.40 -7.14
N TYR D 691 1.57 -44.05 -6.93
CA TYR D 691 0.49 -44.82 -7.53
C TYR D 691 -0.72 -43.92 -7.70
N THR D 692 -1.62 -44.34 -8.58
CA THR D 692 -2.88 -43.63 -8.75
C THR D 692 -3.78 -43.86 -7.54
N MET D 693 -4.62 -42.87 -7.25
CA MET D 693 -5.47 -42.94 -6.08
C MET D 693 -6.42 -44.12 -6.17
N SER D 694 -6.86 -44.58 -5.00
CA SER D 694 -8.02 -45.47 -4.90
C SER D 694 -9.11 -44.70 -4.17
N LEU D 695 -10.25 -44.53 -4.83
CA LEU D 695 -11.33 -43.76 -4.23
C LEU D 695 -12.05 -44.52 -3.13
N GLY D 696 -11.74 -45.78 -2.94
CA GLY D 696 -12.32 -46.56 -1.85
C GLY D 696 -12.37 -48.02 -2.23
N ALA D 697 -12.76 -48.83 -1.24
CA ALA D 697 -12.95 -50.25 -1.48
C ALA D 697 -14.13 -50.46 -2.41
N GLU D 698 -13.90 -51.21 -3.48
CA GLU D 698 -14.92 -51.42 -4.50
C GLU D 698 -16.08 -52.22 -3.91
N ASN D 699 -17.30 -51.77 -4.16
CA ASN D 699 -18.49 -52.39 -3.60
C ASN D 699 -19.65 -52.28 -4.58
N SER D 700 -20.63 -53.15 -4.41
CA SER D 700 -21.81 -53.14 -5.27
C SER D 700 -22.95 -53.87 -4.57
N VAL D 701 -24.00 -53.15 -4.23
CA VAL D 701 -25.21 -53.79 -3.74
C VAL D 701 -25.94 -54.36 -4.95
N ALA D 702 -26.85 -55.30 -4.70
CA ALA D 702 -27.57 -55.96 -5.80
C ALA D 702 -29.03 -55.46 -5.75
N TYR D 703 -29.33 -54.50 -6.60
CA TYR D 703 -30.71 -54.04 -6.71
C TYR D 703 -31.52 -55.15 -7.35
N SER D 704 -32.46 -55.71 -6.61
CA SER D 704 -33.39 -56.70 -7.15
C SER D 704 -34.81 -56.23 -6.87
N ASN D 705 -35.72 -56.57 -7.78
CA ASN D 705 -37.08 -56.08 -7.73
C ASN D 705 -37.76 -56.42 -6.41
N ASN D 706 -37.29 -57.48 -5.74
CA ASN D 706 -37.91 -57.91 -4.50
C ASN D 706 -36.87 -58.28 -3.46
N SER D 707 -35.83 -57.46 -3.29
CA SER D 707 -34.78 -57.72 -2.32
C SER D 707 -34.72 -56.58 -1.33
N ILE D 708 -34.89 -56.90 -0.05
CA ILE D 708 -34.72 -55.95 1.04
C ILE D 708 -33.77 -56.54 2.07
N ALA D 709 -32.77 -55.75 2.46
CA ALA D 709 -31.84 -56.11 3.52
C ALA D 709 -32.06 -55.19 4.70
N ILE D 710 -32.24 -55.77 5.89
CA ILE D 710 -32.60 -55.02 7.09
C ILE D 710 -31.64 -55.40 8.21
N PRO D 711 -30.98 -54.45 8.85
CA PRO D 711 -30.00 -54.79 9.89
C PRO D 711 -30.68 -55.42 11.09
N THR D 712 -30.06 -56.46 11.63
CA THR D 712 -30.61 -57.18 12.77
C THR D 712 -29.98 -56.76 14.09
N ASN D 713 -28.82 -56.12 14.06
CA ASN D 713 -28.13 -55.67 15.26
C ASN D 713 -27.81 -54.20 15.07
N PHE D 714 -27.23 -53.58 16.11
CA PHE D 714 -26.99 -52.16 16.06
C PHE D 714 -25.75 -51.84 16.87
N THR D 715 -25.13 -50.70 16.56
CA THR D 715 -23.94 -50.28 17.26
C THR D 715 -24.05 -48.81 17.62
N ILE D 716 -23.30 -48.41 18.64
CA ILE D 716 -23.21 -47.03 19.09
C ILE D 716 -21.75 -46.61 18.95
N SER D 717 -21.53 -45.45 18.36
CA SER D 717 -20.19 -44.93 18.18
C SER D 717 -20.15 -43.48 18.62
N VAL D 718 -18.99 -43.03 19.07
CA VAL D 718 -18.78 -41.62 19.42
C VAL D 718 -17.65 -41.08 18.56
N THR D 719 -17.99 -40.16 17.67
CA THR D 719 -17.01 -39.51 16.81
C THR D 719 -16.40 -38.33 17.57
N THR D 720 -15.85 -37.36 16.85
CA THR D 720 -15.34 -36.16 17.46
C THR D 720 -15.31 -35.04 16.43
N GLU D 721 -15.79 -33.87 16.81
CA GLU D 721 -15.79 -32.69 15.96
C GLU D 721 -15.15 -31.54 16.73
N ILE D 722 -14.18 -30.86 16.11
CA ILE D 722 -13.42 -29.82 16.76
C ILE D 722 -13.54 -28.54 15.94
N LEU D 723 -13.92 -27.44 16.61
CA LEU D 723 -14.18 -26.19 15.91
C LEU D 723 -13.57 -25.04 16.72
N PRO D 724 -12.87 -24.11 16.07
CA PRO D 724 -12.42 -22.92 16.77
C PRO D 724 -13.60 -22.03 17.12
N VAL D 725 -13.45 -21.26 18.19
CA VAL D 725 -14.51 -20.35 18.59
C VAL D 725 -14.01 -18.91 18.54
N SER D 726 -12.73 -18.70 18.81
CA SER D 726 -12.16 -17.36 18.80
C SER D 726 -10.65 -17.45 18.80
N MET D 727 -10.01 -16.31 18.60
CA MET D 727 -8.57 -16.20 18.66
C MET D 727 -8.16 -15.20 19.73
N THR D 728 -6.85 -15.11 19.96
CA THR D 728 -6.34 -14.16 20.93
C THR D 728 -6.66 -12.73 20.48
N LYS D 729 -6.98 -11.89 21.45
CA LYS D 729 -7.34 -10.50 21.17
C LYS D 729 -6.09 -9.64 21.20
N THR D 730 -5.82 -8.94 20.12
CA THR D 730 -4.64 -8.09 20.00
C THR D 730 -5.06 -6.64 20.02
N SER D 731 -4.25 -5.80 20.66
CA SER D 731 -4.56 -4.39 20.90
C SER D 731 -3.44 -3.51 20.38
N VAL D 732 -3.05 -3.74 19.12
CA VAL D 732 -2.01 -2.95 18.48
C VAL D 732 -2.28 -1.46 18.65
N ASP D 733 -1.23 -0.70 18.95
CA ASP D 733 -1.32 0.75 18.97
C ASP D 733 -0.25 1.36 18.07
N CYS D 734 -0.70 2.24 17.17
CA CYS D 734 0.14 2.74 16.09
C CYS D 734 1.35 3.49 16.62
N THR D 735 1.14 4.33 17.63
CA THR D 735 2.24 5.16 18.12
C THR D 735 3.40 4.30 18.61
N MET D 736 3.11 3.35 19.50
CA MET D 736 4.18 2.48 19.98
C MET D 736 4.77 1.62 18.88
N TYR D 737 3.95 1.08 17.98
CA TYR D 737 4.53 0.19 16.98
C TYR D 737 5.47 0.96 16.06
N ILE D 738 5.01 2.07 15.50
CA ILE D 738 5.76 2.70 14.41
C ILE D 738 6.74 3.77 14.87
N CYS D 739 6.61 4.27 16.09
CA CYS D 739 7.52 5.30 16.59
C CYS D 739 7.87 4.99 18.05
N GLY D 740 8.93 4.22 18.24
CA GLY D 740 9.41 3.97 19.59
C GLY D 740 9.89 5.26 20.21
N ASP D 741 9.11 5.78 21.16
CA ASP D 741 9.41 6.93 22.01
C ASP D 741 10.22 8.03 21.30
N SER D 742 9.79 8.42 20.10
CA SER D 742 10.44 9.47 19.33
C SER D 742 9.39 10.50 18.93
N THR D 743 9.51 11.71 19.47
CA THR D 743 8.53 12.75 19.18
C THR D 743 8.56 13.18 17.72
N GLU D 744 9.75 13.18 17.11
CA GLU D 744 9.86 13.52 15.70
C GLU D 744 9.12 12.51 14.83
N CYS D 745 9.29 11.23 15.12
CA CYS D 745 8.54 10.20 14.41
C CYS D 745 7.04 10.36 14.68
N SER D 746 6.67 10.72 15.90
CA SER D 746 5.26 10.94 16.22
C SER D 746 4.68 12.07 15.38
N ASN D 747 5.44 13.17 15.23
CA ASN D 747 4.98 14.28 14.42
C ASN D 747 4.88 13.89 12.95
N LEU D 748 5.83 13.09 12.47
CA LEU D 748 5.73 12.60 11.09
C LEU D 748 4.49 11.74 10.90
N LEU D 749 4.19 10.88 11.87
CA LEU D 749 2.97 10.08 11.79
C LEU D 749 1.73 10.96 11.80
N LEU D 750 1.71 11.97 12.66
CA LEU D 750 0.59 12.89 12.70
C LEU D 750 0.41 13.61 11.37
N GLN D 751 1.52 13.93 10.71
CA GLN D 751 1.44 14.48 9.35
C GLN D 751 0.72 13.53 8.42
N TYR D 752 0.94 12.22 8.57
CA TYR D 752 0.24 11.22 7.79
C TYR D 752 -1.23 11.15 8.10
N GLY D 753 -1.73 12.02 8.97
CA GLY D 753 -3.14 12.08 9.24
C GLY D 753 -3.61 10.96 10.15
N SER D 754 -4.92 10.80 10.22
CA SER D 754 -5.55 9.77 11.04
C SER D 754 -5.55 8.42 10.34
N PHE D 755 -4.35 7.91 10.04
CA PHE D 755 -4.26 6.61 9.38
C PHE D 755 -4.27 5.47 10.39
N CYS D 756 -4.18 5.77 11.68
CA CYS D 756 -4.12 4.72 12.69
C CYS D 756 -5.33 4.68 13.62
N THR D 757 -6.18 5.70 13.60
CA THR D 757 -7.43 5.62 14.35
C THR D 757 -8.31 4.47 13.84
N GLN D 758 -8.43 4.34 12.53
CA GLN D 758 -9.19 3.21 11.98
C GLN D 758 -8.54 1.88 12.33
N LEU D 759 -7.21 1.83 12.40
CA LEU D 759 -6.57 0.60 12.81
C LEU D 759 -6.95 0.23 14.24
N LYS D 760 -6.89 1.20 15.16
CA LYS D 760 -7.29 0.91 16.52
C LYS D 760 -8.76 0.50 16.59
N ARG D 761 -9.61 1.18 15.82
CA ARG D 761 -11.03 0.85 15.82
C ARG D 761 -11.27 -0.57 15.30
N ALA D 762 -10.57 -0.97 14.24
CA ALA D 762 -10.74 -2.31 13.70
C ALA D 762 -10.28 -3.36 14.70
N LEU D 763 -9.16 -3.13 15.37
CA LEU D 763 -8.71 -4.08 16.37
C LEU D 763 -9.71 -4.20 17.51
N THR D 764 -10.26 -3.08 17.96
CA THR D 764 -11.30 -3.13 18.98
C THR D 764 -12.51 -3.90 18.49
N GLY D 765 -12.90 -3.68 17.24
CA GLY D 765 -14.04 -4.38 16.69
C GLY D 765 -13.86 -5.89 16.68
N ILE D 766 -12.69 -6.35 16.24
CA ILE D 766 -12.47 -7.80 16.24
C ILE D 766 -12.40 -8.34 17.66
N ALA D 767 -11.86 -7.55 18.60
CA ALA D 767 -11.85 -8.00 19.99
C ALA D 767 -13.28 -8.24 20.48
N VAL D 768 -14.16 -7.28 20.26
CA VAL D 768 -15.54 -7.44 20.65
C VAL D 768 -16.18 -8.62 19.90
N GLU D 769 -15.77 -8.85 18.66
CA GLU D 769 -16.35 -9.94 17.89
C GLU D 769 -16.00 -11.30 18.49
N GLN D 770 -14.75 -11.51 18.90
CA GLN D 770 -14.42 -12.76 19.59
C GLN D 770 -15.15 -12.88 20.92
N ASP D 771 -15.27 -11.76 21.66
CA ASP D 771 -16.01 -11.84 22.92
C ASP D 771 -17.44 -12.30 22.67
N LYS D 772 -18.11 -11.70 21.69
CA LYS D 772 -19.47 -12.11 21.35
C LYS D 772 -19.52 -13.53 20.83
N ASN D 773 -18.49 -13.96 20.08
CA ASN D 773 -18.47 -15.33 19.59
C ASN D 773 -18.48 -16.32 20.73
N THR D 774 -17.59 -16.15 21.70
CA THR D 774 -17.56 -17.12 22.78
C THR D 774 -18.81 -17.03 23.63
N GLN D 775 -19.36 -15.84 23.83
CA GLN D 775 -20.60 -15.73 24.58
C GLN D 775 -21.72 -16.49 23.89
N GLU D 776 -21.86 -16.30 22.57
CA GLU D 776 -22.92 -16.97 21.82
C GLU D 776 -22.73 -18.48 21.80
N VAL D 777 -21.49 -18.93 21.60
CA VAL D 777 -21.24 -20.36 21.50
C VAL D 777 -21.54 -21.05 22.82
N PHE D 778 -21.06 -20.50 23.92
CA PHE D 778 -21.15 -21.24 25.18
C PHE D 778 -22.40 -20.89 25.98
N ALA D 779 -22.63 -19.61 26.25
CA ALA D 779 -23.68 -19.20 27.18
C ALA D 779 -25.04 -19.26 26.49
N GLN D 780 -25.46 -20.48 26.22
CA GLN D 780 -26.78 -20.74 25.66
C GLN D 780 -27.84 -20.99 26.71
N VAL D 781 -27.45 -21.03 27.99
CA VAL D 781 -28.34 -21.40 29.07
C VAL D 781 -28.38 -20.30 30.11
N LYS D 782 -29.58 -19.94 30.55
CA LYS D 782 -29.73 -18.87 31.53
C LYS D 782 -29.32 -19.33 32.92
N GLN D 783 -29.66 -20.56 33.29
CA GLN D 783 -29.47 -21.04 34.64
C GLN D 783 -28.41 -22.12 34.69
N ILE D 784 -27.46 -21.99 35.62
CA ILE D 784 -26.39 -22.95 35.75
C ILE D 784 -26.94 -24.17 36.51
N TYR D 785 -27.00 -25.31 35.84
CA TYR D 785 -27.41 -26.55 36.48
C TYR D 785 -26.22 -27.27 37.07
N LYS D 786 -26.51 -28.20 37.98
CA LYS D 786 -25.48 -29.08 38.51
C LYS D 786 -26.03 -30.48 38.59
N THR D 787 -25.15 -31.46 38.40
CA THR D 787 -25.56 -32.85 38.47
C THR D 787 -25.90 -33.22 39.91
N PRO D 788 -26.79 -34.20 40.10
CA PRO D 788 -27.15 -34.63 41.45
C PRO D 788 -25.96 -35.26 42.16
N PRO D 789 -25.98 -35.32 43.49
CA PRO D 789 -24.81 -35.85 44.21
C PRO D 789 -24.45 -37.27 43.81
N ILE D 790 -25.43 -38.13 43.55
CA ILE D 790 -25.16 -39.47 43.08
C ILE D 790 -25.15 -39.45 41.56
N LYS D 791 -24.36 -40.36 40.97
CA LYS D 791 -24.22 -40.44 39.52
C LYS D 791 -24.40 -41.90 39.10
N TYR D 792 -25.65 -42.29 38.88
CA TYR D 792 -25.97 -43.58 38.28
C TYR D 792 -27.07 -43.32 37.25
N PHE D 793 -26.66 -43.18 36.00
CA PHE D 793 -27.59 -42.91 34.90
C PHE D 793 -27.89 -44.18 34.12
N GLY D 794 -28.54 -45.12 34.80
CA GLY D 794 -28.97 -46.34 34.14
C GLY D 794 -27.84 -47.13 33.52
N GLY D 795 -26.71 -47.22 34.22
CA GLY D 795 -25.55 -47.92 33.72
C GLY D 795 -24.64 -47.11 32.83
N PHE D 796 -25.14 -46.04 32.24
CA PHE D 796 -24.31 -45.17 31.42
C PHE D 796 -23.28 -44.48 32.32
N ASN D 797 -22.01 -44.78 32.10
CA ASN D 797 -20.95 -44.30 32.99
C ASN D 797 -20.28 -43.12 32.30
N PHE D 798 -20.81 -41.93 32.53
CA PHE D 798 -20.21 -40.72 31.99
C PHE D 798 -18.81 -40.52 32.57
N SER D 799 -18.75 -40.21 33.87
CA SER D 799 -17.50 -39.96 34.57
C SER D 799 -16.55 -39.09 33.76
N GLN D 800 -16.04 -39.64 32.67
CA GLN D 800 -15.01 -39.02 31.84
C GLN D 800 -15.39 -37.62 31.37
N ILE D 801 -16.68 -37.37 31.16
CA ILE D 801 -17.10 -36.05 30.68
C ILE D 801 -17.66 -35.16 31.79
N LEU D 802 -18.17 -35.73 32.87
CA LEU D 802 -18.67 -34.92 33.97
C LEU D 802 -17.49 -34.33 34.74
N PRO D 803 -17.69 -33.18 35.38
CA PRO D 803 -16.60 -32.58 36.16
C PRO D 803 -16.16 -33.47 37.31
N ASP D 804 -14.87 -33.43 37.58
CA ASP D 804 -14.27 -34.20 38.67
C ASP D 804 -13.89 -33.27 39.80
N PRO D 805 -14.62 -33.25 40.91
CA PRO D 805 -14.33 -32.28 41.98
C PRO D 805 -12.95 -32.41 42.59
N SER D 806 -12.35 -33.60 42.53
CA SER D 806 -11.02 -33.78 43.12
C SER D 806 -10.00 -32.86 42.47
N LYS D 807 -10.06 -32.73 41.16
CA LYS D 807 -9.20 -31.79 40.46
C LYS D 807 -9.59 -30.37 40.86
N PRO D 808 -8.63 -29.48 41.15
CA PRO D 808 -8.99 -28.13 41.57
C PRO D 808 -9.65 -27.29 40.48
N SER D 809 -9.45 -27.62 39.21
CA SER D 809 -10.06 -26.86 38.13
C SER D 809 -11.51 -27.25 37.88
N LYS D 810 -11.99 -28.33 38.50
CA LYS D 810 -13.35 -28.82 38.31
C LYS D 810 -13.64 -29.05 36.82
N ARG D 811 -12.79 -29.87 36.21
CA ARG D 811 -12.87 -30.15 34.79
C ARG D 811 -12.89 -31.66 34.58
N SER D 812 -13.44 -32.05 33.44
CA SER D 812 -13.50 -33.46 33.09
C SER D 812 -12.14 -33.95 32.61
N PRO D 813 -11.87 -35.25 32.72
CA PRO D 813 -10.61 -35.79 32.19
C PRO D 813 -10.40 -35.53 30.71
N ILE D 814 -11.46 -35.56 29.90
CA ILE D 814 -11.30 -35.24 28.49
C ILE D 814 -10.89 -33.78 28.33
N GLU D 815 -11.49 -32.89 29.12
CA GLU D 815 -11.06 -31.50 29.13
C GLU D 815 -9.60 -31.40 29.53
N ASP D 816 -9.17 -32.22 30.48
CA ASP D 816 -7.77 -32.21 30.90
C ASP D 816 -6.85 -32.59 29.76
N LEU D 817 -7.20 -33.65 29.03
CA LEU D 817 -6.37 -34.07 27.90
C LEU D 817 -6.33 -32.98 26.83
N LEU D 818 -7.47 -32.36 26.55
CA LEU D 818 -7.49 -31.28 25.57
C LEU D 818 -6.61 -30.12 26.01
N PHE D 819 -6.66 -29.77 27.29
CA PHE D 819 -5.82 -28.68 27.78
C PHE D 819 -4.35 -29.03 27.68
N ASN D 820 -3.99 -30.27 27.99
CA ASN D 820 -2.58 -30.66 27.99
C ASN D 820 -2.02 -30.76 26.58
N LYS D 821 -2.76 -31.37 25.66
CA LYS D 821 -2.28 -31.60 24.31
C LYS D 821 -2.04 -30.33 23.53
N VAL D 822 -2.57 -29.20 23.96
CA VAL D 822 -2.42 -27.93 23.27
C VAL D 822 -1.47 -27.05 24.06
N THR D 823 -0.39 -26.62 23.42
CA THR D 823 0.62 -25.76 24.02
C THR D 823 0.51 -24.38 23.42
N LEU D 824 0.30 -23.38 24.28
CA LEU D 824 0.15 -21.99 23.85
C LEU D 824 1.45 -21.24 24.05
N ALA D 825 1.98 -20.66 22.97
CA ALA D 825 3.08 -19.73 23.12
C ALA D 825 2.65 -18.50 23.91
N ASP D 826 1.43 -18.03 23.67
CA ASP D 826 0.88 -16.86 24.37
C ASP D 826 -0.35 -17.31 25.16
N ALA D 827 -0.20 -17.42 26.48
CA ALA D 827 -1.36 -17.59 27.33
C ALA D 827 -2.13 -16.29 27.53
N GLY D 828 -1.43 -15.17 27.55
CA GLY D 828 -2.04 -13.85 27.68
C GLY D 828 -2.37 -13.41 29.08
N PHE D 829 -3.09 -14.26 29.83
CA PHE D 829 -3.46 -13.98 31.21
C PHE D 829 -2.39 -14.44 32.19
N ILE D 830 -1.15 -14.08 31.90
CA ILE D 830 -0.03 -14.44 32.77
C ILE D 830 0.55 -13.15 33.34
N LYS D 831 0.22 -12.02 32.70
CA LYS D 831 0.83 -10.73 33.01
C LYS D 831 2.36 -10.87 33.07
N GLN D 832 2.92 -11.26 31.93
CA GLN D 832 4.30 -11.70 31.87
C GLN D 832 5.30 -10.60 32.26
N TYR D 833 4.81 -9.41 32.59
CA TYR D 833 5.64 -8.43 33.28
C TYR D 833 6.12 -9.00 34.62
N GLY D 834 7.38 -8.75 34.93
CA GLY D 834 8.00 -9.24 36.15
C GLY D 834 8.85 -10.46 35.98
N ASP D 835 8.69 -11.20 34.88
CA ASP D 835 9.52 -12.37 34.62
C ASP D 835 10.36 -12.24 33.36
N CYS D 836 9.96 -11.39 32.40
CA CYS D 836 10.90 -11.02 31.34
C CYS D 836 12.09 -10.29 31.93
N LEU D 837 11.89 -9.66 33.09
CA LEU D 837 13.01 -9.10 33.85
C LEU D 837 13.64 -10.14 34.77
N GLY D 838 13.15 -11.38 34.73
CA GLY D 838 13.79 -12.48 35.41
C GLY D 838 13.90 -13.75 34.60
N ASP D 839 14.09 -13.64 33.27
CA ASP D 839 13.90 -14.78 32.39
C ASP D 839 15.19 -15.47 31.97
N ILE D 840 16.32 -14.77 31.97
CA ILE D 840 17.64 -15.37 31.68
C ILE D 840 17.68 -15.91 30.26
N ALA D 841 16.75 -16.78 29.94
CA ALA D 841 16.72 -17.44 28.65
C ALA D 841 16.22 -16.47 27.57
N ALA D 842 15.85 -17.04 26.44
CA ALA D 842 15.29 -16.25 25.36
C ALA D 842 14.09 -15.42 25.83
N ARG D 843 14.08 -14.13 25.50
CA ARG D 843 12.86 -13.36 25.66
C ARG D 843 11.85 -13.81 24.62
N ASP D 844 11.01 -14.77 25.00
CA ASP D 844 10.20 -15.50 24.05
C ASP D 844 9.23 -14.57 23.34
N LEU D 845 8.46 -15.17 22.41
CA LEU D 845 7.55 -14.42 21.56
C LEU D 845 6.86 -13.28 22.29
N ILE D 846 6.41 -13.53 23.52
CA ILE D 846 5.49 -12.61 24.18
C ILE D 846 6.24 -11.40 24.72
N CYS D 847 7.36 -11.63 25.42
CA CYS D 847 8.18 -10.52 25.89
C CYS D 847 8.72 -9.71 24.71
N ALA D 848 9.11 -10.41 23.63
CA ALA D 848 9.59 -9.70 22.45
C ALA D 848 8.50 -8.84 21.82
N GLN D 849 7.28 -9.35 21.74
CA GLN D 849 6.17 -8.56 21.22
C GLN D 849 5.90 -7.35 22.10
N LYS D 850 5.96 -7.55 23.42
CA LYS D 850 5.86 -6.42 24.34
C LYS D 850 6.97 -5.41 24.08
N PHE D 851 8.15 -5.88 23.66
CA PHE D 851 9.28 -4.98 23.47
C PHE D 851 8.99 -3.93 22.41
N ASN D 852 8.14 -4.24 21.44
CA ASN D 852 7.96 -3.39 20.29
C ASN D 852 6.64 -2.61 20.36
N GLY D 853 5.87 -2.83 21.43
CA GLY D 853 4.58 -2.19 21.56
C GLY D 853 3.41 -3.04 21.12
N LEU D 854 3.52 -4.36 21.22
CA LEU D 854 2.53 -5.28 20.70
C LEU D 854 1.92 -6.04 21.88
N THR D 855 0.66 -5.74 22.19
CA THR D 855 0.03 -6.27 23.39
C THR D 855 -1.15 -7.15 23.04
N VAL D 856 -1.55 -7.98 24.01
CA VAL D 856 -2.73 -8.82 23.91
C VAL D 856 -3.59 -8.55 25.14
N LEU D 857 -4.85 -8.89 25.03
CA LEU D 857 -5.80 -8.67 26.12
C LEU D 857 -6.36 -9.98 26.61
N PRO D 858 -6.83 -10.04 27.85
CA PRO D 858 -7.41 -11.28 28.36
C PRO D 858 -8.87 -11.40 27.94
N PRO D 859 -9.30 -12.59 27.55
CA PRO D 859 -10.71 -12.77 27.18
C PRO D 859 -11.60 -12.57 28.39
N LEU D 860 -12.80 -12.04 28.13
CA LEU D 860 -13.72 -11.75 29.22
C LEU D 860 -14.14 -13.01 29.96
N LEU D 861 -14.46 -14.07 29.22
CA LEU D 861 -14.84 -15.34 29.82
C LEU D 861 -13.55 -16.12 30.09
N THR D 862 -13.09 -16.13 31.33
CA THR D 862 -11.81 -16.77 31.61
C THR D 862 -11.95 -18.29 31.48
N ASP D 863 -10.80 -18.97 31.41
CA ASP D 863 -10.79 -20.37 31.06
C ASP D 863 -11.49 -21.26 32.09
N GLU D 864 -11.78 -20.72 33.27
CA GLU D 864 -12.46 -21.53 34.28
C GLU D 864 -13.97 -21.45 34.14
N MET D 865 -14.51 -20.23 34.02
CA MET D 865 -15.96 -20.09 33.96
C MET D 865 -16.56 -20.74 32.72
N ILE D 866 -15.80 -20.83 31.63
CA ILE D 866 -16.26 -21.58 30.47
C ILE D 866 -16.44 -23.04 30.84
N ALA D 867 -15.56 -23.58 31.69
CA ALA D 867 -15.73 -24.96 32.14
C ALA D 867 -17.03 -25.11 32.92
N GLN D 868 -17.37 -24.12 33.74
CA GLN D 868 -18.64 -24.18 34.47
C GLN D 868 -19.82 -24.10 33.51
N TYR D 869 -19.73 -23.25 32.48
CA TYR D 869 -20.80 -23.18 31.48
C TYR D 869 -21.00 -24.52 30.81
N THR D 870 -19.92 -25.16 30.38
CA THR D 870 -20.07 -26.43 29.69
C THR D 870 -20.53 -27.52 30.63
N SER D 871 -20.12 -27.47 31.90
CA SER D 871 -20.64 -28.42 32.88
C SER D 871 -22.13 -28.28 33.05
N ALA D 872 -22.63 -27.05 33.15
CA ALA D 872 -24.07 -26.87 33.25
C ALA D 872 -24.78 -27.32 31.98
N LEU D 873 -24.20 -27.02 30.82
CA LEU D 873 -24.79 -27.44 29.56
C LEU D 873 -24.89 -28.96 29.49
N LEU D 874 -23.90 -29.65 30.06
CA LEU D 874 -23.92 -31.10 30.02
C LEU D 874 -24.90 -31.65 31.06
N ALA D 875 -24.98 -31.01 32.23
CA ALA D 875 -25.92 -31.48 33.24
C ALA D 875 -27.36 -31.27 32.81
N GLY D 876 -27.62 -30.24 32.00
CA GLY D 876 -28.96 -30.05 31.48
C GLY D 876 -29.36 -31.13 30.49
N THR D 877 -28.41 -31.61 29.70
CA THR D 877 -28.71 -32.55 28.63
C THR D 877 -28.64 -34.01 29.07
N ILE D 878 -28.41 -34.28 30.34
CA ILE D 878 -28.44 -35.65 30.86
C ILE D 878 -29.46 -35.84 31.96
N THR D 879 -29.94 -34.78 32.60
CA THR D 879 -31.00 -34.92 33.58
C THR D 879 -32.32 -34.34 33.13
N SER D 880 -32.35 -33.64 31.99
CA SER D 880 -33.57 -32.97 31.56
C SER D 880 -33.85 -33.14 30.08
N GLY D 881 -33.13 -34.02 29.39
CA GLY D 881 -33.35 -34.17 27.97
C GLY D 881 -33.03 -32.91 27.22
N TRP D 882 -33.97 -32.48 26.37
CA TRP D 882 -33.80 -31.28 25.57
C TRP D 882 -34.71 -30.14 26.02
N THR D 883 -35.57 -30.37 27.01
CA THR D 883 -36.54 -29.35 27.39
C THR D 883 -35.87 -28.12 27.96
N PHE D 884 -34.71 -28.27 28.60
CA PHE D 884 -34.04 -27.11 29.17
C PHE D 884 -33.56 -26.15 28.10
N GLY D 885 -33.55 -26.56 26.83
CA GLY D 885 -33.26 -25.61 25.76
C GLY D 885 -34.45 -24.82 25.29
N ALA D 886 -35.64 -25.14 25.80
CA ALA D 886 -36.88 -24.49 25.38
C ALA D 886 -37.56 -23.71 26.50
N GLY D 887 -37.76 -24.33 27.65
CA GLY D 887 -38.40 -23.67 28.76
C GLY D 887 -37.76 -24.02 30.08
N PRO D 888 -38.55 -24.13 31.14
CA PRO D 888 -38.03 -24.64 32.40
C PRO D 888 -37.58 -26.07 32.25
N ALA D 889 -36.45 -26.41 32.88
CA ALA D 889 -35.92 -27.75 32.77
C ALA D 889 -36.79 -28.72 33.56
N LEU D 890 -37.12 -29.84 32.94
CA LEU D 890 -37.92 -30.89 33.57
C LEU D 890 -37.06 -32.13 33.70
N GLN D 891 -37.02 -32.71 34.89
CA GLN D 891 -36.17 -33.87 35.12
C GLN D 891 -36.63 -35.04 34.27
N ILE D 892 -35.67 -35.84 33.82
CA ILE D 892 -35.91 -36.98 32.95
C ILE D 892 -35.05 -38.15 33.42
N PRO D 893 -35.64 -39.33 33.61
CA PRO D 893 -34.80 -40.52 33.82
C PRO D 893 -34.02 -40.82 32.56
N PHE D 894 -32.71 -41.00 32.71
CA PHE D 894 -31.86 -41.12 31.53
C PHE D 894 -32.22 -42.31 30.64
N PRO D 895 -32.55 -43.50 31.14
CA PRO D 895 -33.02 -44.53 30.21
C PRO D 895 -34.22 -44.08 29.39
N MET D 896 -35.15 -43.34 29.99
CA MET D 896 -36.28 -42.87 29.21
C MET D 896 -35.86 -41.82 28.19
N GLN D 897 -34.90 -40.96 28.54
CA GLN D 897 -34.43 -40.01 27.55
C GLN D 897 -33.79 -40.73 26.36
N MET D 898 -33.02 -41.78 26.65
CA MET D 898 -32.44 -42.56 25.56
C MET D 898 -33.54 -43.21 24.73
N ALA D 899 -34.59 -43.72 25.38
CA ALA D 899 -35.70 -44.30 24.63
C ALA D 899 -36.33 -43.27 23.73
N TYR D 900 -36.40 -42.03 24.18
CA TYR D 900 -36.95 -40.95 23.36
C TYR D 900 -36.09 -40.70 22.14
N ARG D 901 -34.78 -40.60 22.36
CA ARG D 901 -33.89 -40.35 21.23
C ARG D 901 -33.94 -41.49 20.23
N PHE D 902 -34.06 -42.72 20.71
CA PHE D 902 -34.27 -43.86 19.81
C PHE D 902 -35.56 -43.71 19.05
N ASN D 903 -36.63 -43.31 19.73
CA ASN D 903 -37.90 -43.05 19.08
C ASN D 903 -37.79 -41.95 18.04
N GLY D 904 -36.78 -41.10 18.15
CA GLY D 904 -36.60 -40.02 17.21
C GLY D 904 -35.94 -40.37 15.90
N ILE D 905 -35.55 -41.63 15.68
CA ILE D 905 -34.92 -42.01 14.42
C ILE D 905 -35.63 -43.24 13.85
N GLY D 906 -36.81 -43.55 14.35
CA GLY D 906 -37.61 -44.60 13.77
C GLY D 906 -37.44 -45.98 14.37
N VAL D 907 -36.95 -46.09 15.60
CA VAL D 907 -36.92 -47.36 16.32
C VAL D 907 -37.67 -47.17 17.63
N THR D 908 -38.49 -48.15 17.98
CA THR D 908 -39.41 -48.00 19.10
C THR D 908 -38.71 -48.19 20.43
N GLN D 909 -39.41 -47.80 21.50
CA GLN D 909 -38.82 -47.80 22.83
C GLN D 909 -38.43 -49.21 23.28
N ASN D 910 -39.10 -50.23 22.76
CA ASN D 910 -38.83 -51.59 23.21
C ASN D 910 -37.40 -52.00 22.90
N VAL D 911 -36.81 -51.48 21.83
CA VAL D 911 -35.45 -51.82 21.49
C VAL D 911 -34.51 -51.45 22.64
N LEU D 912 -34.61 -50.22 23.11
CA LEU D 912 -33.73 -49.80 24.20
C LEU D 912 -34.10 -50.48 25.50
N TYR D 913 -35.39 -50.52 25.84
CA TYR D 913 -35.75 -51.12 27.11
C TYR D 913 -35.44 -52.61 27.16
N GLU D 914 -35.17 -53.24 26.03
CA GLU D 914 -34.75 -54.63 26.01
C GLU D 914 -33.24 -54.79 25.97
N ASN D 915 -32.52 -53.88 25.31
CA ASN D 915 -31.07 -54.01 25.20
C ASN D 915 -30.33 -52.92 25.97
N GLN D 916 -30.92 -52.46 27.08
CA GLN D 916 -30.32 -51.39 27.88
C GLN D 916 -28.92 -51.72 28.33
N LYS D 917 -28.72 -52.91 28.90
CA LYS D 917 -27.40 -53.27 29.42
C LYS D 917 -26.37 -53.33 28.31
N LEU D 918 -26.75 -53.91 27.18
CA LEU D 918 -25.83 -54.01 26.05
C LEU D 918 -25.42 -52.65 25.53
N ILE D 919 -26.40 -51.74 25.33
CA ILE D 919 -26.06 -50.44 24.79
C ILE D 919 -25.30 -49.63 25.82
N ALA D 920 -25.58 -49.82 27.11
CA ALA D 920 -24.80 -49.16 28.14
C ALA D 920 -23.34 -49.60 28.09
N ASN D 921 -23.10 -50.90 27.92
CA ASN D 921 -21.72 -51.36 27.80
C ASN D 921 -21.05 -50.80 26.55
N GLN D 922 -21.78 -50.75 25.43
CA GLN D 922 -21.20 -50.18 24.22
C GLN D 922 -20.84 -48.71 24.42
N PHE D 923 -21.73 -47.95 25.06
CA PHE D 923 -21.44 -46.54 25.29
C PHE D 923 -20.25 -46.37 26.22
N ASN D 924 -20.17 -47.18 27.28
CA ASN D 924 -19.03 -47.09 28.17
C ASN D 924 -17.73 -47.41 27.44
N SER D 925 -17.75 -48.45 26.61
CA SER D 925 -16.55 -48.81 25.86
C SER D 925 -16.13 -47.71 24.90
N ALA D 926 -17.10 -47.10 24.22
CA ALA D 926 -16.77 -46.03 23.28
C ALA D 926 -16.21 -44.80 24.01
N ILE D 927 -16.79 -44.47 25.17
CA ILE D 927 -16.27 -43.38 25.96
C ILE D 927 -14.85 -43.68 26.44
N GLY D 928 -14.58 -44.94 26.78
CA GLY D 928 -13.23 -45.31 27.15
C GLY D 928 -12.27 -45.20 25.98
N LYS D 929 -12.74 -45.54 24.78
CA LYS D 929 -11.86 -45.60 23.61
C LYS D 929 -11.55 -44.21 23.06
N ILE D 930 -12.48 -43.26 23.16
CA ILE D 930 -12.21 -41.93 22.62
C ILE D 930 -11.06 -41.28 23.39
N GLN D 931 -10.99 -41.50 24.69
CA GLN D 931 -9.89 -40.96 25.49
C GLN D 931 -8.55 -41.48 25.01
N ASP D 932 -8.45 -42.80 24.80
CA ASP D 932 -7.20 -43.39 24.34
C ASP D 932 -6.88 -42.96 22.91
N SER D 933 -7.90 -42.76 22.08
CA SER D 933 -7.65 -42.28 20.72
C SER D 933 -7.06 -40.88 20.75
N LEU D 934 -7.63 -39.99 21.57
CA LEU D 934 -7.08 -38.65 21.70
C LEU D 934 -5.67 -38.66 22.30
N PHE D 935 -5.43 -39.54 23.27
CA PHE D 935 -4.09 -39.63 23.87
C PHE D 935 -3.07 -40.11 22.84
N SER D 936 -3.41 -41.13 22.06
CA SER D 936 -2.42 -41.77 21.20
C SER D 936 -2.28 -41.06 19.86
N THR D 937 -3.31 -40.36 19.40
CA THR D 937 -3.23 -39.70 18.12
C THR D 937 -2.16 -38.61 18.15
N PRO D 938 -1.42 -38.40 17.06
CA PRO D 938 -0.39 -37.36 17.05
C PRO D 938 -0.99 -35.98 17.29
N SER D 939 -1.93 -35.58 16.43
CA SER D 939 -2.66 -34.34 16.61
C SER D 939 -3.99 -34.47 15.86
N ALA D 940 -5.05 -34.80 16.59
CA ALA D 940 -6.38 -34.82 16.02
C ALA D 940 -7.07 -33.47 16.10
N LEU D 941 -6.56 -32.57 16.94
CA LEU D 941 -7.08 -31.22 17.08
C LEU D 941 -6.29 -30.20 16.26
N GLY D 942 -5.95 -30.56 15.03
CA GLY D 942 -5.14 -29.71 14.20
C GLY D 942 -5.74 -28.35 13.90
N LYS D 943 -7.03 -28.16 14.19
CA LYS D 943 -7.69 -26.92 13.82
C LYS D 943 -7.42 -25.80 14.83
N LEU D 944 -7.59 -26.09 16.12
CA LEU D 944 -7.23 -25.10 17.13
C LEU D 944 -5.74 -24.77 17.08
N GLN D 945 -4.91 -25.80 16.98
CA GLN D 945 -3.49 -25.57 16.82
C GLN D 945 -3.19 -24.81 15.54
N ASP D 946 -3.98 -25.05 14.49
CA ASP D 946 -3.77 -24.35 13.23
C ASP D 946 -4.02 -22.86 13.41
N VAL D 947 -5.13 -22.50 14.06
CA VAL D 947 -5.43 -21.08 14.23
C VAL D 947 -4.42 -20.42 15.17
N VAL D 948 -3.99 -21.13 16.21
CA VAL D 948 -3.01 -20.57 17.13
C VAL D 948 -1.69 -20.32 16.42
N ASN D 949 -1.25 -21.30 15.64
CA ASN D 949 -0.02 -21.14 14.87
C ASN D 949 -0.15 -20.01 13.87
N HIS D 950 -1.31 -19.87 13.23
CA HIS D 950 -1.48 -18.81 12.25
C HIS D 950 -1.35 -17.45 12.90
N ASN D 951 -2.02 -17.25 14.03
CA ASN D 951 -1.93 -15.95 14.69
C ASN D 951 -0.52 -15.68 15.21
N ALA D 952 0.12 -16.68 15.80
CA ALA D 952 1.48 -16.50 16.30
C ALA D 952 2.43 -16.16 15.16
N GLN D 953 2.30 -16.86 14.04
CA GLN D 953 3.15 -16.58 12.89
C GLN D 953 2.91 -15.18 12.35
N ALA D 954 1.64 -14.76 12.27
CA ALA D 954 1.36 -13.43 11.76
C ALA D 954 2.00 -12.36 12.66
N LEU D 955 1.86 -12.50 13.97
CA LEU D 955 2.48 -11.54 14.87
C LEU D 955 4.01 -11.58 14.76
N ASN D 956 4.57 -12.78 14.64
CA ASN D 956 6.02 -12.90 14.53
C ASN D 956 6.54 -12.22 13.28
N THR D 957 5.83 -12.37 12.16
CA THR D 957 6.23 -11.66 10.95
C THR D 957 6.05 -10.16 11.10
N LEU D 958 5.02 -9.72 11.84
CA LEU D 958 4.89 -8.29 12.10
C LEU D 958 6.10 -7.75 12.83
N VAL D 959 6.58 -8.49 13.83
CA VAL D 959 7.76 -8.04 14.57
C VAL D 959 9.00 -8.10 13.68
N LYS D 960 9.20 -9.24 13.00
CA LYS D 960 10.40 -9.44 12.19
C LYS D 960 10.53 -8.40 11.09
N GLN D 961 9.42 -8.01 10.48
CA GLN D 961 9.48 -7.02 9.41
C GLN D 961 10.12 -5.73 9.88
N LEU D 962 9.93 -5.38 11.16
CA LEU D 962 10.45 -4.12 11.66
C LEU D 962 11.98 -4.09 11.64
N SER D 963 12.61 -5.27 11.66
CA SER D 963 14.06 -5.37 11.53
C SER D 963 14.53 -5.25 10.08
N SER D 964 13.71 -4.70 9.20
CA SER D 964 14.08 -4.43 7.82
C SER D 964 14.13 -2.93 7.60
N LYS D 965 15.05 -2.50 6.75
CA LYS D 965 15.27 -1.08 6.51
C LYS D 965 14.29 -0.48 5.50
N PHE D 966 13.67 -1.32 4.67
CA PHE D 966 12.77 -0.92 3.59
C PHE D 966 13.45 -0.01 2.56
N GLY D 967 14.74 0.26 2.72
CA GLY D 967 15.43 1.14 1.81
C GLY D 967 15.98 2.38 2.48
N ALA D 968 16.32 2.27 3.76
CA ALA D 968 16.92 3.34 4.53
C ALA D 968 18.33 2.96 4.93
N ILE D 969 18.99 3.87 5.64
CA ILE D 969 20.34 3.58 6.14
C ILE D 969 20.29 2.43 7.14
N SER D 970 19.35 2.47 8.08
CA SER D 970 19.23 1.42 9.07
C SER D 970 17.77 1.30 9.50
N SER D 971 17.44 0.13 10.02
CA SER D 971 16.10 -0.17 10.51
C SER D 971 15.93 0.21 11.98
N VAL D 972 16.96 0.80 12.59
CA VAL D 972 16.92 1.23 13.98
C VAL D 972 16.67 2.72 14.01
N LEU D 973 15.45 3.10 14.42
CA LEU D 973 15.06 4.51 14.42
C LEU D 973 15.98 5.32 15.33
N ASN D 974 16.27 4.79 16.53
CA ASN D 974 17.13 5.51 17.46
C ASN D 974 18.51 5.72 16.89
N ASP D 975 19.06 4.71 16.21
CA ASP D 975 20.36 4.85 15.59
C ASP D 975 20.34 5.92 14.49
N ILE D 976 19.32 5.89 13.63
CA ILE D 976 19.35 6.80 12.49
C ILE D 976 19.07 8.25 12.90
N LEU D 977 18.21 8.48 13.89
CA LEU D 977 17.96 9.86 14.29
C LEU D 977 19.20 10.50 14.90
N SER D 978 20.00 9.71 15.61
CA SER D 978 21.21 10.21 16.26
C SER D 978 22.44 10.14 15.38
N ARG D 979 22.33 9.57 14.18
CA ARG D 979 23.47 9.47 13.26
C ARG D 979 23.37 10.46 12.10
N LEU D 980 22.18 10.93 11.76
CA LEU D 980 22.00 11.93 10.73
C LEU D 980 21.16 13.07 11.27
N ASP D 981 21.27 14.23 10.63
CA ASP D 981 20.59 15.41 11.12
C ASP D 981 19.15 15.47 10.61
N PRO D 982 18.26 16.13 11.35
CA PRO D 982 16.80 15.98 11.14
C PRO D 982 16.36 16.25 9.70
N PRO D 983 16.69 17.39 9.10
CA PRO D 983 16.02 17.75 7.83
C PRO D 983 16.32 16.78 6.68
N GLU D 984 17.40 16.01 6.76
CA GLU D 984 17.74 15.02 5.75
C GLU D 984 17.46 13.60 6.20
N ALA D 985 17.54 13.31 7.50
CA ALA D 985 17.06 12.03 8.00
C ALA D 985 15.54 11.94 7.94
N GLU D 986 14.87 13.06 7.65
CA GLU D 986 13.42 13.05 7.53
C GLU D 986 12.95 12.14 6.42
N VAL D 987 13.64 12.15 5.27
CA VAL D 987 13.25 11.27 4.17
C VAL D 987 13.36 9.81 4.60
N GLN D 988 14.47 9.46 5.25
CA GLN D 988 14.68 8.08 5.67
C GLN D 988 13.66 7.66 6.71
N ILE D 989 13.34 8.53 7.67
CA ILE D 989 12.34 8.15 8.67
C ILE D 989 10.95 8.12 8.07
N ASP D 990 10.64 8.98 7.10
CA ASP D 990 9.34 8.95 6.45
C ASP D 990 9.16 7.66 5.67
N ARG D 991 10.20 7.23 4.97
CA ARG D 991 10.08 5.97 4.24
C ARG D 991 10.05 4.77 5.20
N LEU D 992 10.76 4.88 6.33
CA LEU D 992 10.56 3.90 7.41
C LEU D 992 9.11 3.84 7.83
N ILE D 993 8.50 5.00 8.04
CA ILE D 993 7.11 5.07 8.49
C ILE D 993 6.20 4.43 7.46
N THR D 994 6.42 4.74 6.19
CA THR D 994 5.60 4.16 5.14
C THR D 994 5.73 2.64 5.13
N GLY D 995 6.95 2.13 5.22
CA GLY D 995 7.12 0.68 5.22
C GLY D 995 6.42 0.01 6.38
N ARG D 996 6.62 0.52 7.59
CA ARG D 996 5.99 -0.12 8.75
C ARG D 996 4.48 0.07 8.75
N LEU D 997 3.99 1.19 8.21
CA LEU D 997 2.56 1.41 8.15
C LEU D 997 1.90 0.48 7.15
N GLN D 998 2.54 0.26 6.00
CA GLN D 998 2.01 -0.71 5.05
C GLN D 998 2.00 -2.10 5.66
N SER D 999 3.06 -2.45 6.39
CA SER D 999 3.08 -3.76 7.03
C SER D 999 1.95 -3.89 8.05
N LEU D 1000 1.70 -2.83 8.82
CA LEU D 1000 0.63 -2.91 9.82
C LEU D 1000 -0.73 -2.99 9.15
N GLN D 1001 -0.92 -2.29 8.02
CA GLN D 1001 -2.16 -2.44 7.28
C GLN D 1001 -2.35 -3.86 6.78
N THR D 1002 -1.28 -4.46 6.27
CA THR D 1002 -1.35 -5.86 5.88
C THR D 1002 -1.74 -6.73 7.06
N TYR D 1003 -1.16 -6.47 8.23
CA TYR D 1003 -1.49 -7.27 9.40
C TYR D 1003 -2.95 -7.14 9.76
N VAL D 1004 -3.48 -5.92 9.77
CA VAL D 1004 -4.87 -5.75 10.20
C VAL D 1004 -5.82 -6.34 9.17
N THR D 1005 -5.50 -6.24 7.88
CA THR D 1005 -6.37 -6.84 6.88
C THR D 1005 -6.38 -8.35 6.98
N GLN D 1006 -5.20 -8.97 7.13
CA GLN D 1006 -5.16 -10.40 7.30
C GLN D 1006 -5.88 -10.83 8.57
N GLN D 1007 -5.78 -10.04 9.63
CA GLN D 1007 -6.50 -10.37 10.85
C GLN D 1007 -8.00 -10.23 10.69
N LEU D 1008 -8.46 -9.27 9.89
CA LEU D 1008 -9.89 -9.19 9.59
C LEU D 1008 -10.36 -10.42 8.81
N ILE D 1009 -9.54 -10.89 7.87
CA ILE D 1009 -9.91 -12.11 7.15
C ILE D 1009 -10.02 -13.28 8.11
N ARG D 1010 -9.04 -13.39 9.01
CA ARG D 1010 -9.10 -14.45 10.02
C ARG D 1010 -10.33 -14.30 10.89
N ALA D 1011 -10.70 -13.06 11.23
CA ALA D 1011 -11.88 -12.85 12.05
C ALA D 1011 -13.14 -13.29 11.33
N ALA D 1012 -13.23 -13.03 10.03
CA ALA D 1012 -14.39 -13.47 9.27
C ALA D 1012 -14.48 -15.00 9.26
N GLU D 1013 -13.35 -15.67 8.99
CA GLU D 1013 -13.39 -17.13 8.98
C GLU D 1013 -13.76 -17.68 10.36
N ILE D 1014 -13.19 -17.10 11.41
CA ILE D 1014 -13.45 -17.57 12.77
C ILE D 1014 -14.90 -17.33 13.14
N ARG D 1015 -15.47 -16.21 12.70
CA ARG D 1015 -16.87 -15.94 13.02
C ARG D 1015 -17.79 -16.89 12.27
N ALA D 1016 -17.44 -17.24 11.03
CA ALA D 1016 -18.22 -18.26 10.33
C ALA D 1016 -18.17 -19.58 11.09
N SER D 1017 -16.99 -19.99 11.53
CA SER D 1017 -16.88 -21.23 12.29
C SER D 1017 -17.60 -21.12 13.63
N ALA D 1018 -17.61 -19.95 14.24
CA ALA D 1018 -18.30 -19.78 15.52
C ALA D 1018 -19.80 -19.85 15.35
N ASN D 1019 -20.32 -19.30 14.25
CA ASN D 1019 -21.74 -19.46 13.95
C ASN D 1019 -22.07 -20.93 13.70
N LEU D 1020 -21.20 -21.63 12.98
CA LEU D 1020 -21.45 -23.07 12.79
C LEU D 1020 -21.43 -23.81 14.12
N ALA D 1021 -20.50 -23.48 15.00
CA ALA D 1021 -20.44 -24.14 16.30
C ALA D 1021 -21.65 -23.81 17.15
N ALA D 1022 -22.11 -22.55 17.10
CA ALA D 1022 -23.29 -22.17 17.87
C ALA D 1022 -24.52 -22.92 17.37
N THR D 1023 -24.68 -23.02 16.05
CA THR D 1023 -25.81 -23.78 15.51
C THR D 1023 -25.70 -25.25 15.87
N LYS D 1024 -24.49 -25.81 15.78
CA LYS D 1024 -24.29 -27.21 16.15
C LYS D 1024 -24.63 -27.44 17.60
N MET D 1025 -24.21 -26.55 18.50
CA MET D 1025 -24.60 -26.68 19.89
C MET D 1025 -26.09 -26.60 20.06
N SER D 1026 -26.73 -25.56 19.53
CA SER D 1026 -28.15 -25.35 19.73
C SER D 1026 -28.99 -26.47 19.13
N GLU D 1027 -28.50 -27.16 18.11
CA GLU D 1027 -29.27 -28.25 17.52
C GLU D 1027 -28.93 -29.60 18.15
N CYS D 1028 -27.66 -30.02 18.08
CA CYS D 1028 -27.31 -31.36 18.55
C CYS D 1028 -27.36 -31.47 20.06
N VAL D 1029 -26.94 -30.45 20.80
CA VAL D 1029 -26.90 -30.56 22.25
C VAL D 1029 -28.28 -30.39 22.85
N LEU D 1030 -28.96 -29.31 22.50
CA LEU D 1030 -30.28 -29.01 23.06
C LEU D 1030 -31.40 -29.63 22.23
N GLY D 1031 -31.26 -30.91 21.90
CA GLY D 1031 -32.25 -31.56 21.07
C GLY D 1031 -31.60 -32.51 20.09
N GLN D 1032 -32.39 -33.27 19.35
CA GLN D 1032 -31.87 -34.21 18.38
C GLN D 1032 -32.08 -33.64 16.98
N SER D 1033 -31.03 -33.69 16.17
CA SER D 1033 -31.05 -33.09 14.85
C SER D 1033 -31.33 -34.14 13.79
N LYS D 1034 -32.47 -34.00 13.12
CA LYS D 1034 -32.83 -34.91 12.04
C LYS D 1034 -31.96 -34.72 10.80
N ARG D 1035 -31.14 -33.67 10.76
CA ARG D 1035 -30.28 -33.46 9.61
C ARG D 1035 -29.22 -34.54 9.55
N VAL D 1036 -29.20 -35.28 8.45
CA VAL D 1036 -28.29 -36.40 8.31
C VAL D 1036 -26.88 -35.90 8.04
N ASP D 1037 -25.92 -36.50 8.73
CA ASP D 1037 -24.51 -36.14 8.61
C ASP D 1037 -24.25 -34.69 9.00
N PHE D 1038 -25.02 -34.17 9.96
CA PHE D 1038 -24.70 -32.90 10.59
C PHE D 1038 -24.07 -33.09 11.95
N CYS D 1039 -24.77 -33.76 12.86
CA CYS D 1039 -24.23 -34.09 14.17
C CYS D 1039 -23.70 -35.52 14.15
N GLY D 1040 -22.47 -35.64 13.65
CA GLY D 1040 -21.81 -36.92 13.57
C GLY D 1040 -22.34 -37.77 12.43
N LYS D 1041 -21.49 -38.69 11.99
CA LYS D 1041 -21.86 -39.59 10.90
C LYS D 1041 -22.94 -40.55 11.35
N GLY D 1042 -23.99 -40.67 10.55
CA GLY D 1042 -25.05 -41.60 10.85
C GLY D 1042 -26.18 -40.96 11.62
N TYR D 1043 -27.14 -41.79 11.99
CA TYR D 1043 -28.26 -41.33 12.79
C TYR D 1043 -27.74 -40.85 14.13
N HIS D 1044 -28.28 -39.73 14.60
CA HIS D 1044 -27.68 -38.99 15.71
C HIS D 1044 -28.47 -39.23 16.99
N LEU D 1045 -27.76 -39.31 18.12
CA LEU D 1045 -28.41 -39.54 19.41
C LEU D 1045 -28.23 -38.37 20.37
N MET D 1046 -27.00 -37.97 20.70
CA MET D 1046 -26.77 -36.84 21.58
C MET D 1046 -25.53 -36.11 21.09
N SER D 1047 -25.02 -35.21 21.93
CA SER D 1047 -23.73 -34.59 21.70
C SER D 1047 -23.32 -33.91 22.99
N PHE D 1048 -22.15 -34.23 23.51
CA PHE D 1048 -21.67 -33.65 24.75
C PHE D 1048 -20.57 -32.66 24.45
N PRO D 1049 -20.78 -31.37 24.64
CA PRO D 1049 -19.72 -30.40 24.39
C PRO D 1049 -18.61 -30.51 25.41
N GLN D 1050 -17.40 -30.14 24.98
CA GLN D 1050 -16.26 -30.02 25.87
C GLN D 1050 -15.49 -28.77 25.49
N SER D 1051 -14.86 -28.15 26.48
CA SER D 1051 -14.14 -26.91 26.28
C SER D 1051 -12.72 -27.17 25.85
N ALA D 1052 -12.14 -26.24 25.09
CA ALA D 1052 -10.77 -26.32 24.64
C ALA D 1052 -10.23 -24.90 24.55
N PRO D 1053 -8.90 -24.74 24.58
CA PRO D 1053 -8.34 -23.40 24.43
C PRO D 1053 -8.67 -22.82 23.07
N HIS D 1054 -9.42 -21.71 23.07
CA HIS D 1054 -9.81 -21.02 21.85
C HIS D 1054 -10.56 -21.94 20.90
N GLY D 1055 -11.44 -22.76 21.46
CA GLY D 1055 -12.20 -23.67 20.62
C GLY D 1055 -13.10 -24.53 21.48
N VAL D 1056 -13.88 -25.37 20.81
CA VAL D 1056 -14.81 -26.27 21.47
C VAL D 1056 -14.69 -27.64 20.82
N VAL D 1057 -15.06 -28.67 21.58
CA VAL D 1057 -14.95 -30.05 21.13
C VAL D 1057 -16.23 -30.78 21.49
N PHE D 1058 -16.81 -31.48 20.53
CA PHE D 1058 -18.03 -32.23 20.74
C PHE D 1058 -17.73 -33.72 20.79
N LEU D 1059 -18.71 -34.48 21.27
CA LEU D 1059 -18.63 -35.94 21.34
C LEU D 1059 -19.92 -36.48 20.73
N HIS D 1060 -20.01 -36.48 19.41
CA HIS D 1060 -21.25 -36.82 18.73
C HIS D 1060 -21.53 -38.31 18.89
N VAL D 1061 -22.40 -38.65 19.84
CA VAL D 1061 -22.78 -40.06 20.03
C VAL D 1061 -23.79 -40.42 18.95
N THR D 1062 -23.36 -41.21 17.98
CA THR D 1062 -24.17 -41.53 16.82
C THR D 1062 -24.52 -43.00 16.80
N TYR D 1063 -25.69 -43.32 16.27
CA TYR D 1063 -26.19 -44.68 16.17
C TYR D 1063 -26.02 -45.17 14.74
N VAL D 1064 -25.37 -46.31 14.57
CA VAL D 1064 -25.01 -46.83 13.25
C VAL D 1064 -25.52 -48.27 13.18
N PRO D 1065 -26.12 -48.70 12.07
CA PRO D 1065 -26.57 -50.10 11.97
C PRO D 1065 -25.43 -51.10 11.94
N ALA D 1066 -25.78 -52.38 11.82
CA ALA D 1066 -24.84 -53.47 12.00
C ALA D 1066 -25.24 -54.59 11.05
N GLN D 1067 -24.82 -55.82 11.35
CA GLN D 1067 -25.07 -56.99 10.52
C GLN D 1067 -26.47 -57.01 9.94
N GLU D 1068 -26.59 -57.31 8.66
CA GLU D 1068 -27.85 -57.22 7.95
C GLU D 1068 -28.12 -58.51 7.18
N LYS D 1069 -29.40 -58.86 7.06
CA LYS D 1069 -29.84 -60.00 6.30
C LYS D 1069 -30.92 -59.56 5.32
N ASN D 1070 -30.84 -60.07 4.09
CA ASN D 1070 -31.81 -59.72 3.06
C ASN D 1070 -32.77 -60.88 2.85
N PHE D 1071 -34.07 -60.59 2.89
CA PHE D 1071 -35.06 -61.67 2.90
C PHE D 1071 -35.92 -61.69 1.63
N THR D 1072 -36.82 -60.73 1.47
CA THR D 1072 -37.73 -60.57 0.34
C THR D 1072 -38.63 -59.40 0.68
N THR D 1073 -39.19 -58.76 -0.33
CA THR D 1073 -40.08 -57.64 -0.07
C THR D 1073 -41.22 -57.64 -1.08
N ALA D 1074 -42.35 -57.07 -0.67
CA ALA D 1074 -43.51 -56.92 -1.52
C ALA D 1074 -44.18 -55.62 -1.10
N PRO D 1075 -44.36 -54.67 -2.03
CA PRO D 1075 -44.85 -53.36 -1.63
C PRO D 1075 -46.21 -53.39 -0.96
N ALA D 1076 -47.01 -54.42 -1.21
CA ALA D 1076 -48.34 -54.49 -0.61
C ALA D 1076 -48.72 -55.94 -0.44
N ILE D 1077 -49.72 -56.18 0.41
CA ILE D 1077 -50.23 -57.52 0.66
C ILE D 1077 -51.72 -57.52 0.34
N CYS D 1078 -52.14 -58.48 -0.47
CA CYS D 1078 -53.53 -58.58 -0.93
C CYS D 1078 -54.17 -59.77 -0.24
N HIS D 1079 -55.00 -59.49 0.77
CA HIS D 1079 -55.66 -60.58 1.48
C HIS D 1079 -56.95 -60.99 0.77
N ASP D 1080 -57.89 -60.05 0.64
CA ASP D 1080 -59.17 -60.32 -0.02
C ASP D 1080 -59.45 -59.16 -0.97
N GLY D 1081 -58.95 -59.28 -2.20
CA GLY D 1081 -59.25 -58.33 -3.24
C GLY D 1081 -58.79 -56.91 -2.97
N LYS D 1082 -58.26 -56.62 -1.79
CA LYS D 1082 -57.83 -55.28 -1.42
C LYS D 1082 -56.38 -55.34 -0.97
N ALA D 1083 -55.56 -54.45 -1.50
CA ALA D 1083 -54.17 -54.38 -1.08
C ALA D 1083 -54.08 -53.88 0.34
N HIS D 1084 -53.12 -54.40 1.10
CA HIS D 1084 -52.79 -53.90 2.42
C HIS D 1084 -51.38 -53.33 2.39
N PHE D 1085 -51.21 -52.16 2.98
CA PHE D 1085 -49.92 -51.53 3.07
C PHE D 1085 -49.55 -51.32 4.52
N PRO D 1086 -48.27 -51.44 4.88
CA PRO D 1086 -47.89 -51.35 6.29
C PRO D 1086 -48.10 -49.94 6.82
N ARG D 1087 -48.61 -49.86 8.04
CA ARG D 1087 -48.72 -48.56 8.69
C ARG D 1087 -47.34 -47.94 8.85
N GLU D 1088 -46.33 -48.77 9.06
CA GLU D 1088 -44.94 -48.33 9.07
C GLU D 1088 -44.07 -49.54 8.79
N GLY D 1089 -42.98 -49.34 8.07
CA GLY D 1089 -42.03 -50.40 7.83
C GLY D 1089 -42.34 -51.21 6.59
N VAL D 1090 -41.57 -52.28 6.43
CA VAL D 1090 -41.53 -53.05 5.20
C VAL D 1090 -42.38 -54.29 5.38
N PHE D 1091 -42.86 -54.84 4.26
CA PHE D 1091 -43.39 -56.19 4.27
C PHE D 1091 -42.25 -57.15 3.92
N VAL D 1092 -41.79 -57.91 4.90
CA VAL D 1092 -40.64 -58.78 4.71
C VAL D 1092 -41.05 -60.22 4.97
N SER D 1093 -40.32 -61.15 4.36
CA SER D 1093 -40.59 -62.56 4.55
C SER D 1093 -39.31 -63.37 4.51
N ASN D 1094 -39.15 -64.27 5.47
CA ASN D 1094 -37.96 -65.12 5.52
C ASN D 1094 -38.02 -66.28 4.53
N GLY D 1095 -39.07 -66.35 3.72
CA GLY D 1095 -39.18 -67.40 2.72
C GLY D 1095 -40.52 -68.10 2.73
N THR D 1096 -41.10 -68.24 3.91
CA THR D 1096 -42.39 -68.90 4.09
C THR D 1096 -43.46 -67.98 4.67
N HIS D 1097 -43.11 -67.20 5.68
CA HIS D 1097 -44.06 -66.35 6.39
C HIS D 1097 -43.76 -64.89 6.11
N TRP D 1098 -44.80 -64.11 5.85
CA TRP D 1098 -44.63 -62.69 5.60
C TRP D 1098 -44.73 -61.92 6.91
N PHE D 1099 -43.83 -60.94 7.09
CA PHE D 1099 -43.76 -60.16 8.31
C PHE D 1099 -43.68 -58.68 8.00
N VAL D 1100 -44.25 -57.87 8.88
CA VAL D 1100 -44.04 -56.43 8.90
C VAL D 1100 -42.99 -56.12 9.96
N THR D 1101 -42.04 -55.26 9.63
CA THR D 1101 -40.96 -54.96 10.55
C THR D 1101 -40.62 -53.49 10.44
N GLN D 1102 -39.84 -53.02 11.41
CA GLN D 1102 -39.52 -51.60 11.51
C GLN D 1102 -38.49 -51.19 10.47
N ARG D 1103 -37.93 -50.00 10.67
CA ARG D 1103 -37.15 -49.36 9.63
C ARG D 1103 -35.71 -49.86 9.62
N ASN D 1104 -34.99 -49.66 10.72
CA ASN D 1104 -33.58 -49.99 10.82
C ASN D 1104 -33.29 -51.06 11.87
N PHE D 1105 -34.26 -51.92 12.16
CA PHE D 1105 -34.06 -53.00 13.11
C PHE D 1105 -35.05 -54.11 12.79
N TYR D 1106 -34.61 -55.35 12.93
CA TYR D 1106 -35.42 -56.49 12.51
C TYR D 1106 -36.30 -56.92 13.66
N GLU D 1107 -37.58 -56.58 13.60
CA GLU D 1107 -38.58 -57.00 14.58
C GLU D 1107 -39.80 -57.49 13.86
N PRO D 1108 -39.79 -58.74 13.39
CA PRO D 1108 -40.94 -59.28 12.67
C PRO D 1108 -42.17 -59.32 13.56
N GLN D 1109 -43.32 -59.08 12.97
CA GLN D 1109 -44.58 -59.16 13.69
C GLN D 1109 -45.62 -59.84 12.82
N ILE D 1110 -46.55 -60.52 13.47
CA ILE D 1110 -47.63 -61.20 12.78
C ILE D 1110 -48.54 -60.14 12.16
N ILE D 1111 -48.92 -60.35 10.90
CA ILE D 1111 -49.68 -59.34 10.17
C ILE D 1111 -51.11 -59.34 10.69
N THR D 1112 -51.50 -58.26 11.33
CA THR D 1112 -52.87 -58.08 11.77
C THR D 1112 -53.44 -56.83 11.13
N THR D 1113 -54.72 -56.57 11.41
CA THR D 1113 -55.35 -55.36 10.88
C THR D 1113 -54.82 -54.09 11.53
N ASP D 1114 -54.16 -54.20 12.68
CA ASP D 1114 -53.60 -53.03 13.34
C ASP D 1114 -52.31 -52.57 12.67
N ASN D 1115 -51.51 -53.50 12.16
CA ASN D 1115 -50.22 -53.15 11.57
C ASN D 1115 -50.35 -52.57 10.17
N THR D 1116 -51.50 -52.71 9.52
CA THR D 1116 -51.65 -52.28 8.14
C THR D 1116 -52.95 -51.52 7.96
N PHE D 1117 -52.94 -50.61 6.99
CA PHE D 1117 -54.14 -49.93 6.55
C PHE D 1117 -54.45 -50.35 5.13
N VAL D 1118 -55.73 -50.59 4.86
CA VAL D 1118 -56.18 -51.17 3.59
C VAL D 1118 -56.68 -50.06 2.68
N SER D 1119 -56.22 -50.08 1.43
CA SER D 1119 -56.65 -49.11 0.43
C SER D 1119 -56.28 -49.57 -0.97
N GLY D 1120 -57.27 -49.82 -1.81
CA GLY D 1120 -57.00 -50.18 -3.19
C GLY D 1120 -57.92 -51.29 -3.65
N ASN D 1121 -57.54 -51.92 -4.76
CA ASN D 1121 -58.35 -52.96 -5.36
C ASN D 1121 -57.54 -54.16 -5.84
N CYS D 1122 -56.27 -54.27 -5.45
CA CYS D 1122 -55.45 -55.46 -5.76
C CYS D 1122 -55.26 -55.64 -7.26
N ASP D 1123 -55.29 -54.56 -8.04
CA ASP D 1123 -55.14 -54.65 -9.48
C ASP D 1123 -54.21 -53.62 -10.08
N VAL D 1124 -53.78 -52.61 -9.33
CA VAL D 1124 -53.00 -51.52 -9.89
C VAL D 1124 -51.56 -51.49 -9.36
N VAL D 1125 -51.34 -51.93 -8.14
CA VAL D 1125 -49.99 -51.91 -7.57
C VAL D 1125 -49.16 -53.01 -8.22
N ILE D 1126 -47.88 -52.72 -8.44
CA ILE D 1126 -46.96 -53.65 -9.08
C ILE D 1126 -46.08 -54.27 -8.00
N GLY D 1127 -46.01 -55.59 -7.98
CA GLY D 1127 -45.29 -56.30 -6.94
C GLY D 1127 -46.14 -56.86 -5.84
N ILE D 1128 -47.46 -56.79 -5.98
CA ILE D 1128 -48.35 -57.31 -4.95
C ILE D 1128 -48.14 -58.81 -4.80
N VAL D 1129 -48.12 -59.28 -3.55
CA VAL D 1129 -47.90 -60.69 -3.25
C VAL D 1129 -49.01 -61.16 -2.34
N ASN D 1130 -49.63 -62.29 -2.71
CA ASN D 1130 -50.76 -62.83 -1.98
C ASN D 1130 -50.33 -63.30 -0.59
N ASN D 1131 -51.25 -63.16 0.36
CA ASN D 1131 -51.06 -63.64 1.72
C ASN D 1131 -52.38 -63.55 2.48
N THR D 1132 -52.36 -63.90 3.75
CA THR D 1132 -53.52 -63.74 4.61
C THR D 1132 -53.18 -62.81 5.76
N VAL D 1133 -54.06 -61.85 6.02
CA VAL D 1133 -53.96 -60.98 7.19
C VAL D 1133 -55.02 -61.43 8.18
N TYR D 1134 -54.83 -61.06 9.44
CA TYR D 1134 -55.67 -61.54 10.51
C TYR D 1134 -56.31 -60.38 11.24
N ASP D 1135 -57.37 -60.69 11.98
CA ASP D 1135 -58.08 -59.69 12.77
C ASP D 1135 -58.32 -60.24 14.17
N PRO D 1136 -58.42 -59.37 15.17
CA PRO D 1136 -58.76 -59.83 16.52
C PRO D 1136 -60.26 -59.81 16.80
N LEU D 1137 -61.06 -59.12 16.00
CA LEU D 1137 -62.46 -58.91 16.36
C LEU D 1137 -63.39 -60.01 15.86
N GLN D 1138 -62.99 -60.76 14.84
CA GLN D 1138 -63.80 -61.90 14.42
C GLN D 1138 -63.74 -63.02 15.45
N LEU D 1139 -62.57 -63.25 16.04
CA LEU D 1139 -62.41 -64.31 17.02
C LEU D 1139 -63.30 -64.08 18.23
N GLU D 1140 -63.37 -62.84 18.70
CA GLU D 1140 -64.25 -62.48 19.81
C GLU D 1140 -65.65 -62.20 19.30
N GLN E 1 60.50 -8.20 -17.86
CA GLN E 1 59.34 -9.00 -17.46
C GLN E 1 59.72 -10.45 -17.16
N LEU E 2 58.97 -11.06 -16.24
CA LEU E 2 59.32 -12.37 -15.72
C LEU E 2 59.18 -13.45 -16.79
N GLN E 3 60.24 -14.23 -16.99
CA GLN E 3 60.25 -15.30 -17.96
C GLN E 3 60.63 -16.61 -17.29
N LEU E 4 60.05 -17.70 -17.80
CA LEU E 4 60.34 -19.04 -17.31
C LEU E 4 60.87 -19.89 -18.45
N GLN E 5 61.96 -20.61 -18.19
CA GLN E 5 62.54 -21.54 -19.15
C GLN E 5 62.74 -22.87 -18.44
N GLU E 6 61.98 -23.88 -18.83
CA GLU E 6 62.10 -25.22 -18.27
C GLU E 6 62.58 -26.19 -19.33
N SER E 7 63.43 -27.12 -18.91
CA SER E 7 64.04 -28.07 -19.82
C SER E 7 64.07 -29.45 -19.17
N GLY E 8 64.17 -30.47 -20.01
CA GLY E 8 64.23 -31.83 -19.56
C GLY E 8 64.22 -32.81 -20.72
N PRO E 9 64.57 -34.06 -20.46
CA PRO E 9 64.56 -35.07 -21.53
C PRO E 9 63.14 -35.35 -22.00
N GLY E 10 62.86 -35.01 -23.25
CA GLY E 10 61.54 -35.21 -23.81
C GLY E 10 61.16 -36.64 -24.08
N LEU E 11 62.13 -37.55 -24.02
CA LEU E 11 61.89 -38.98 -24.17
C LEU E 11 62.54 -39.67 -22.98
N VAL E 12 61.75 -40.51 -22.29
CA VAL E 12 62.23 -41.21 -21.11
C VAL E 12 61.71 -42.63 -21.16
N LYS E 13 62.57 -43.60 -20.85
CA LYS E 13 62.17 -44.99 -20.82
C LYS E 13 61.15 -45.23 -19.70
N PRO E 14 60.34 -46.27 -19.82
CA PRO E 14 59.37 -46.56 -18.75
C PRO E 14 60.07 -46.99 -17.47
N SER E 15 59.50 -46.57 -16.35
CA SER E 15 59.74 -47.04 -14.99
C SER E 15 60.96 -46.47 -14.26
N GLU E 16 61.61 -45.42 -14.76
CA GLU E 16 62.62 -44.77 -13.90
C GLU E 16 62.25 -43.30 -13.70
N THR E 17 63.13 -42.58 -13.02
CA THR E 17 62.87 -41.21 -12.62
C THR E 17 62.86 -40.27 -13.82
N LEU E 18 61.90 -39.36 -13.85
CA LEU E 18 61.83 -38.30 -14.82
C LEU E 18 62.12 -36.97 -14.13
N SER E 19 62.90 -36.12 -14.78
CA SER E 19 63.42 -34.91 -14.14
C SER E 19 63.41 -33.75 -15.12
N LEU E 20 62.83 -32.63 -14.70
CA LEU E 20 62.90 -31.38 -15.44
C LEU E 20 63.37 -30.27 -14.50
N THR E 21 63.70 -29.12 -15.09
CA THR E 21 64.14 -27.97 -14.32
C THR E 21 63.72 -26.70 -15.05
N CYS E 22 63.11 -25.78 -14.30
CA CYS E 22 62.70 -24.48 -14.82
C CYS E 22 63.69 -23.39 -14.41
N THR E 23 63.86 -22.40 -15.28
CA THR E 23 64.72 -21.26 -15.04
C THR E 23 63.89 -19.99 -14.98
N VAL E 24 64.26 -19.08 -14.07
CA VAL E 24 63.58 -17.81 -13.91
C VAL E 24 64.51 -16.70 -14.37
N SER E 25 64.04 -15.87 -15.29
CA SER E 25 64.80 -14.74 -15.82
C SER E 25 64.08 -13.45 -15.50
N ASN E 26 64.86 -12.37 -15.38
CA ASN E 26 64.35 -11.06 -14.99
C ASN E 26 63.61 -11.11 -13.66
N GLY E 27 64.07 -11.96 -12.76
CA GLY E 27 63.42 -12.10 -11.47
C GLY E 27 64.26 -12.96 -10.55
N SER E 28 63.71 -13.23 -9.36
CA SER E 28 64.39 -14.01 -8.34
C SER E 28 63.46 -15.09 -7.80
N ILE E 29 63.96 -16.32 -7.74
CA ILE E 29 63.21 -17.38 -7.08
C ILE E 29 63.15 -17.15 -5.58
N SER E 30 64.06 -16.34 -5.04
CA SER E 30 64.05 -16.04 -3.61
C SER E 30 62.88 -15.14 -3.22
N SER E 31 62.14 -14.62 -4.18
CA SER E 31 60.99 -13.77 -3.89
C SER E 31 59.99 -14.51 -3.01
N SER E 32 59.90 -14.10 -1.75
CA SER E 32 59.04 -14.79 -0.81
C SER E 32 57.57 -14.50 -1.05
N THR E 33 57.25 -13.39 -1.73
CA THR E 33 55.87 -12.98 -1.86
C THR E 33 55.06 -13.98 -2.68
N PHE E 34 55.65 -14.54 -3.74
CA PHE E 34 54.93 -15.44 -4.63
C PHE E 34 55.43 -16.87 -4.48
N TYR E 35 54.55 -17.81 -4.80
CA TYR E 35 54.80 -19.24 -4.69
C TYR E 35 54.98 -19.81 -6.10
N TRP E 36 55.53 -21.02 -6.20
CA TRP E 36 55.94 -21.56 -7.49
C TRP E 36 55.50 -23.01 -7.61
N GLY E 37 55.15 -23.43 -8.82
CA GLY E 37 54.62 -24.77 -8.99
C GLY E 37 54.67 -25.27 -10.42
N TRP E 38 54.35 -26.55 -10.56
CA TRP E 38 54.35 -27.27 -11.82
C TRP E 38 52.93 -27.72 -12.17
N VAL E 39 52.61 -27.64 -13.45
CA VAL E 39 51.31 -28.04 -13.98
C VAL E 39 51.53 -28.90 -15.22
N ARG E 40 50.91 -30.07 -15.25
CA ARG E 40 50.99 -30.96 -16.40
C ARG E 40 49.63 -31.07 -17.05
N GLN E 41 49.64 -31.28 -18.37
CA GLN E 41 48.42 -31.36 -19.18
C GLN E 41 48.62 -32.41 -20.24
N PRO E 42 48.06 -33.62 -20.07
CA PRO E 42 48.17 -34.60 -21.12
C PRO E 42 47.44 -34.11 -22.36
N PRO E 43 47.89 -34.47 -23.56
CA PRO E 43 47.19 -34.02 -24.77
C PRO E 43 45.77 -34.58 -24.84
N GLY E 44 44.82 -33.75 -25.25
CA GLY E 44 43.44 -34.21 -25.29
C GLY E 44 42.73 -34.34 -23.95
N ARG E 45 43.37 -34.05 -22.81
CA ARG E 45 42.63 -33.83 -21.57
C ARG E 45 42.99 -32.45 -21.03
N GLY E 46 42.49 -32.14 -19.84
CA GLY E 46 42.64 -30.80 -19.29
C GLY E 46 43.85 -30.65 -18.39
N LEU E 47 44.06 -29.41 -17.95
CA LEU E 47 45.19 -29.10 -17.07
C LEU E 47 45.07 -29.85 -15.75
N GLU E 48 46.22 -30.23 -15.20
CA GLU E 48 46.27 -30.95 -13.92
C GLU E 48 47.41 -30.36 -13.11
N TRP E 49 47.16 -30.09 -11.84
CA TRP E 49 48.16 -29.51 -10.96
C TRP E 49 48.88 -30.63 -10.21
N ILE E 50 50.19 -30.72 -10.42
CA ILE E 50 50.98 -31.82 -9.86
C ILE E 50 51.61 -31.46 -8.52
N GLY E 51 51.82 -30.19 -8.24
CA GLY E 51 52.40 -29.75 -6.99
C GLY E 51 53.06 -28.41 -7.13
N SER E 52 53.16 -27.70 -6.01
CA SER E 52 53.82 -26.41 -5.96
C SER E 52 54.77 -26.40 -4.76
N ILE E 53 55.83 -25.60 -4.85
CA ILE E 53 56.90 -25.66 -3.87
C ILE E 53 57.35 -24.25 -3.54
N TYR E 54 57.61 -23.99 -2.27
CA TYR E 54 58.07 -22.70 -1.80
C TYR E 54 59.59 -22.66 -1.75
N TYR E 55 60.14 -21.44 -1.68
CA TYR E 55 61.59 -21.27 -1.69
C TYR E 55 62.23 -21.91 -0.46
N SER E 56 61.59 -21.78 0.70
CA SER E 56 62.18 -22.31 1.93
C SER E 56 62.26 -23.84 1.87
N GLY E 57 61.22 -24.49 1.35
CA GLY E 57 61.19 -25.94 1.33
C GLY E 57 59.81 -26.50 1.60
N SER E 58 58.87 -25.64 2.01
CA SER E 58 57.50 -26.07 2.16
C SER E 58 56.89 -26.38 0.80
N THR E 59 56.15 -27.48 0.72
CA THR E 59 55.67 -28.00 -0.56
C THR E 59 54.18 -28.26 -0.50
N TYR E 60 53.44 -27.65 -1.42
CA TYR E 60 52.12 -28.12 -1.78
C TYR E 60 52.27 -29.38 -2.65
N GLN E 61 51.25 -30.23 -2.61
CA GLN E 61 51.35 -31.46 -3.36
C GLN E 61 49.99 -32.12 -3.44
N ASN E 62 49.63 -32.55 -4.65
CA ASN E 62 48.38 -33.25 -4.88
C ASN E 62 48.44 -34.64 -4.27
N PRO E 63 47.50 -35.01 -3.40
CA PRO E 63 47.58 -36.33 -2.74
C PRO E 63 47.54 -37.50 -3.69
N SER E 64 46.93 -37.35 -4.87
CA SER E 64 46.83 -38.47 -5.80
C SER E 64 48.21 -38.89 -6.30
N LEU E 65 49.12 -37.93 -6.47
CA LEU E 65 50.48 -38.20 -6.94
C LEU E 65 51.49 -38.01 -5.81
N LYS E 66 51.10 -38.45 -4.61
CA LYS E 66 51.96 -38.30 -3.44
C LYS E 66 53.22 -39.14 -3.56
N SER E 67 53.09 -40.39 -3.95
CA SER E 67 54.18 -41.36 -3.83
C SER E 67 55.15 -41.31 -5.01
N ARG E 68 54.96 -40.43 -5.98
CA ARG E 68 55.81 -40.43 -7.17
C ARG E 68 56.48 -39.11 -7.47
N ALA E 69 55.99 -37.98 -6.97
CA ALA E 69 56.48 -36.67 -7.35
C ALA E 69 57.24 -36.04 -6.19
N ILE E 70 58.49 -35.66 -6.44
CA ILE E 70 59.33 -34.95 -5.49
C ILE E 70 59.78 -33.65 -6.15
N ILE E 71 59.60 -32.54 -5.45
CA ILE E 71 59.88 -31.22 -6.00
C ILE E 71 60.90 -30.54 -5.11
N SER E 72 61.97 -30.01 -5.71
CA SER E 72 63.06 -29.37 -4.99
C SER E 72 63.33 -27.99 -5.56
N VAL E 73 63.80 -27.09 -4.71
CA VAL E 73 64.07 -25.70 -5.09
C VAL E 73 65.47 -25.34 -4.58
N ASP E 74 66.15 -24.49 -5.34
CA ASP E 74 67.41 -23.90 -4.92
C ASP E 74 67.41 -22.42 -5.29
N THR E 75 67.80 -21.57 -4.35
CA THR E 75 67.83 -20.14 -4.58
C THR E 75 69.17 -19.64 -5.10
N SER E 76 70.20 -20.49 -5.08
CA SER E 76 71.51 -20.06 -5.56
C SER E 76 71.51 -19.91 -7.07
N LYS E 77 70.97 -20.90 -7.79
CA LYS E 77 70.99 -20.91 -9.25
C LYS E 77 69.64 -20.58 -9.86
N ASN E 78 68.68 -20.10 -9.06
CA ASN E 78 67.40 -19.60 -9.58
C ASN E 78 66.67 -20.67 -10.39
N GLN E 79 66.75 -21.91 -9.92
CA GLN E 79 66.24 -23.05 -10.68
C GLN E 79 65.06 -23.66 -9.95
N LEU E 80 64.03 -24.01 -10.71
CA LEU E 80 62.89 -24.77 -10.22
C LEU E 80 63.06 -26.21 -10.65
N SER E 81 63.16 -27.13 -9.71
CA SER E 81 63.46 -28.52 -9.99
C SER E 81 62.26 -29.39 -9.66
N LEU E 82 61.99 -30.37 -10.53
CA LEU E 82 60.88 -31.29 -10.36
C LEU E 82 61.32 -32.69 -10.77
N LYS E 83 61.03 -33.67 -9.93
CA LYS E 83 61.25 -35.08 -10.25
C LYS E 83 59.92 -35.81 -10.37
N LEU E 84 59.92 -36.92 -11.11
CA LEU E 84 58.79 -37.82 -11.19
C LEU E 84 59.30 -39.24 -11.34
N THR E 85 58.85 -40.13 -10.46
CA THR E 85 59.33 -41.50 -10.42
C THR E 85 58.21 -42.46 -10.82
N SER E 86 58.62 -43.68 -11.17
CA SER E 86 57.69 -44.74 -11.57
C SER E 86 56.80 -44.29 -12.74
N VAL E 87 57.41 -43.61 -13.70
CA VAL E 87 56.66 -43.07 -14.83
C VAL E 87 56.17 -44.22 -15.71
N THR E 88 54.87 -44.21 -16.01
CA THR E 88 54.25 -45.20 -16.88
C THR E 88 53.62 -44.51 -18.08
N ALA E 89 52.90 -45.31 -18.88
CA ALA E 89 52.35 -44.82 -20.14
C ALA E 89 51.28 -43.74 -19.95
N ALA E 90 50.71 -43.64 -18.75
CA ALA E 90 49.66 -42.65 -18.50
C ALA E 90 50.20 -41.27 -18.19
N ASP E 91 51.52 -41.11 -18.12
CA ASP E 91 52.14 -39.83 -17.74
C ASP E 91 52.62 -39.03 -18.94
N THR E 92 52.25 -39.43 -20.15
CA THR E 92 52.62 -38.64 -21.33
C THR E 92 51.88 -37.32 -21.32
N ALA E 93 52.62 -36.22 -21.21
CA ALA E 93 52.01 -34.90 -21.07
C ALA E 93 53.06 -33.85 -21.36
N VAL E 94 52.59 -32.61 -21.46
CA VAL E 94 53.45 -31.44 -21.58
C VAL E 94 53.46 -30.72 -20.24
N TYR E 95 54.64 -30.49 -19.70
CA TYR E 95 54.78 -29.97 -18.35
C TYR E 95 55.11 -28.48 -18.38
N TYR E 96 54.54 -27.75 -17.43
CA TYR E 96 54.74 -26.31 -17.30
C TYR E 96 55.17 -25.97 -15.89
N CYS E 97 56.12 -25.06 -15.76
CA CYS E 97 56.45 -24.44 -14.49
C CYS E 97 55.64 -23.15 -14.35
N ALA E 98 55.01 -22.97 -13.20
CA ALA E 98 54.05 -21.89 -13.01
C ALA E 98 54.29 -21.16 -11.70
N ARG E 99 53.96 -19.87 -11.70
CA ARG E 99 54.08 -19.01 -10.53
C ARG E 99 52.69 -18.52 -10.14
N HIS E 100 52.35 -18.67 -8.85
CA HIS E 100 50.99 -18.45 -8.39
C HIS E 100 51.02 -18.28 -6.87
N TRP E 101 49.83 -18.17 -6.28
CA TRP E 101 49.67 -18.26 -4.82
C TRP E 101 50.57 -17.27 -4.08
N ASP E 102 50.24 -16.00 -4.27
CA ASP E 102 50.80 -14.94 -3.45
C ASP E 102 50.49 -15.20 -1.99
N VAL E 103 51.42 -14.84 -1.11
CA VAL E 103 51.35 -15.17 0.29
C VAL E 103 50.99 -13.98 1.16
N VAL E 104 51.40 -12.77 0.76
CA VAL E 104 51.24 -11.61 1.63
C VAL E 104 49.76 -11.29 1.84
N VAL E 105 48.96 -11.36 0.78
CA VAL E 105 47.57 -10.92 0.88
C VAL E 105 46.56 -12.03 0.53
N LEU E 106 46.73 -12.67 -0.63
CA LEU E 106 45.72 -13.60 -1.11
C LEU E 106 45.62 -14.85 -0.23
N ALA E 107 44.42 -15.37 -0.07
CA ALA E 107 44.19 -16.61 0.65
C ALA E 107 44.21 -17.78 -0.34
N ALA E 108 44.18 -19.00 0.20
CA ALA E 108 44.44 -20.19 -0.60
C ALA E 108 43.32 -20.53 -1.56
N ALA E 109 42.17 -19.85 -1.47
CA ALA E 109 41.09 -20.07 -2.41
C ALA E 109 41.13 -19.12 -3.59
N ARG E 110 41.64 -17.92 -3.41
CA ARG E 110 41.64 -16.91 -4.46
C ARG E 110 42.94 -16.89 -5.26
N SER E 111 43.84 -17.82 -5.00
CA SER E 111 45.10 -17.87 -5.73
C SER E 111 44.86 -18.27 -7.18
N TRP E 112 45.53 -17.58 -8.09
CA TRP E 112 45.43 -17.87 -9.51
C TRP E 112 46.83 -17.98 -10.08
N PHE E 113 47.01 -18.94 -10.99
CA PHE E 113 48.28 -19.05 -11.71
C PHE E 113 48.47 -17.81 -12.58
N ASP E 114 49.66 -17.22 -12.52
CA ASP E 114 49.92 -15.95 -13.18
C ASP E 114 50.95 -16.06 -14.29
N THR E 115 52.06 -16.75 -14.06
CA THR E 115 53.15 -16.86 -15.02
C THR E 115 53.27 -18.31 -15.47
N TRP E 116 53.38 -18.51 -16.78
CA TRP E 116 53.42 -19.84 -17.37
C TRP E 116 54.65 -19.98 -18.25
N GLY E 117 55.23 -21.18 -18.26
CA GLY E 117 56.34 -21.47 -19.14
C GLY E 117 55.88 -21.83 -20.54
N GLN E 118 56.85 -21.99 -21.44
CA GLN E 118 56.51 -22.32 -22.82
C GLN E 118 56.04 -23.76 -22.95
N GLY E 119 56.48 -24.64 -22.07
CA GLY E 119 56.03 -26.02 -22.15
C GLY E 119 57.03 -26.92 -22.85
N THR E 120 57.19 -28.12 -22.30
CA THR E 120 58.05 -29.14 -22.87
C THR E 120 57.26 -30.43 -23.05
N LEU E 121 57.19 -30.90 -24.29
CA LEU E 121 56.46 -32.12 -24.60
C LEU E 121 57.32 -33.32 -24.21
N VAL E 122 56.88 -34.06 -23.21
CA VAL E 122 57.64 -35.19 -22.68
C VAL E 122 56.79 -36.44 -22.83
N THR E 123 57.39 -37.49 -23.38
CA THR E 123 56.70 -38.75 -23.62
C THR E 123 57.53 -39.92 -23.11
N VAL E 124 56.86 -41.04 -22.88
CA VAL E 124 57.50 -42.28 -22.48
C VAL E 124 57.19 -43.33 -23.54
N SER E 125 58.23 -43.99 -24.02
CA SER E 125 58.08 -45.01 -25.06
C SER E 125 59.04 -46.15 -24.77
N SER E 126 58.77 -47.29 -25.40
CA SER E 126 59.62 -48.46 -25.25
C SER E 126 60.57 -48.61 -26.44
N GLN F 1 39.28 -36.80 -11.67
CA GLN F 1 39.65 -35.73 -10.75
C GLN F 1 39.09 -34.40 -11.24
N SER F 2 38.05 -34.48 -12.07
CA SER F 2 37.41 -33.30 -12.66
C SER F 2 36.23 -32.91 -11.78
N VAL F 3 36.53 -32.21 -10.68
CA VAL F 3 35.46 -31.76 -9.79
C VAL F 3 34.69 -30.58 -10.38
N LEU F 4 35.26 -29.88 -11.35
CA LEU F 4 34.57 -28.80 -12.05
C LEU F 4 34.05 -29.32 -13.37
N THR F 5 32.77 -29.12 -13.62
CA THR F 5 32.12 -29.59 -14.83
C THR F 5 32.07 -28.47 -15.85
N GLN F 6 32.47 -28.77 -17.09
CA GLN F 6 32.52 -27.79 -18.16
C GLN F 6 31.97 -28.42 -19.44
N PRO F 7 31.31 -27.63 -20.28
CA PRO F 7 30.80 -28.17 -21.54
C PRO F 7 31.94 -28.52 -22.48
N PRO F 8 31.93 -29.72 -23.07
CA PRO F 8 33.02 -30.10 -23.98
C PRO F 8 33.26 -29.09 -25.09
N SER F 9 32.21 -28.51 -25.67
CA SER F 9 32.39 -27.65 -26.83
C SER F 9 31.24 -26.65 -26.92
N VAL F 10 31.47 -25.61 -27.72
CA VAL F 10 30.46 -24.59 -27.99
C VAL F 10 30.86 -23.88 -29.27
N SER F 11 29.88 -23.26 -29.92
CA SER F 11 30.13 -22.57 -31.18
C SER F 11 29.16 -21.41 -31.32
N GLY F 12 29.52 -20.48 -32.21
CA GLY F 12 28.67 -19.33 -32.45
C GLY F 12 29.18 -18.53 -33.63
N ALA F 13 28.33 -17.61 -34.09
CA ALA F 13 28.70 -16.73 -35.18
C ALA F 13 29.63 -15.62 -34.69
N PRO F 14 30.51 -15.13 -35.54
CA PRO F 14 31.38 -14.02 -35.14
C PRO F 14 30.58 -12.79 -34.75
N GLY F 15 31.09 -12.07 -33.75
CA GLY F 15 30.40 -10.89 -33.29
C GLY F 15 29.15 -11.15 -32.50
N GLN F 16 29.01 -12.33 -31.91
CA GLN F 16 27.83 -12.69 -31.14
C GLN F 16 28.21 -13.10 -29.72
N ARG F 17 27.19 -13.40 -28.93
CA ARG F 17 27.34 -13.69 -27.51
C ARG F 17 27.39 -15.19 -27.29
N VAL F 18 28.38 -15.65 -26.53
CA VAL F 18 28.51 -17.04 -26.13
C VAL F 18 28.83 -17.07 -24.65
N THR F 19 28.24 -18.02 -23.93
CA THR F 19 28.42 -18.14 -22.50
C THR F 19 29.08 -19.47 -22.16
N ILE F 20 30.17 -19.40 -21.40
CA ILE F 20 30.88 -20.58 -20.94
C ILE F 20 30.63 -20.73 -19.44
N SER F 21 30.21 -21.91 -19.03
CA SER F 21 29.78 -22.15 -17.66
C SER F 21 30.71 -23.16 -16.97
N CYS F 22 30.85 -23.00 -15.66
CA CYS F 22 31.73 -23.85 -14.85
C CYS F 22 31.14 -23.94 -13.46
N THR F 23 30.89 -25.16 -12.98
CA THR F 23 30.33 -25.40 -11.66
C THR F 23 31.07 -26.55 -10.99
N GLY F 24 31.00 -26.59 -9.66
CA GLY F 24 31.61 -27.65 -8.89
C GLY F 24 30.62 -28.22 -7.89
N SER F 25 31.06 -29.30 -7.23
CA SER F 25 30.21 -29.98 -6.27
C SER F 25 30.02 -29.14 -5.01
N SER F 26 29.16 -29.64 -4.11
CA SER F 26 28.85 -28.88 -2.90
C SER F 26 29.90 -29.04 -1.80
N PRO F 27 30.19 -30.26 -1.32
CA PRO F 27 31.20 -30.38 -0.24
C PRO F 27 32.59 -29.99 -0.69
N ASN F 28 32.83 -30.00 -2.00
CA ASN F 28 34.01 -29.45 -2.61
C ASN F 28 33.81 -27.94 -2.70
N ILE F 29 34.46 -27.29 -3.67
CA ILE F 29 34.49 -25.84 -3.79
C ILE F 29 33.20 -25.18 -3.36
N GLY F 30 33.31 -24.20 -2.46
CA GLY F 30 32.17 -23.55 -1.86
C GLY F 30 32.01 -22.11 -2.31
N ALA F 31 31.18 -21.39 -1.54
CA ALA F 31 30.80 -20.04 -1.92
C ALA F 31 32.00 -19.08 -1.91
N ARG F 32 32.87 -19.22 -0.92
CA ARG F 32 33.96 -18.26 -0.77
C ARG F 32 35.00 -18.42 -1.88
N ASN F 33 35.28 -19.65 -2.30
CA ASN F 33 36.29 -19.87 -3.33
C ASN F 33 35.89 -19.21 -4.64
N ASP F 34 36.87 -18.67 -5.35
CA ASP F 34 36.65 -17.92 -6.57
C ASP F 34 37.22 -18.68 -7.76
N VAL F 35 36.70 -18.34 -8.94
CA VAL F 35 36.94 -19.11 -10.17
C VAL F 35 37.68 -18.24 -11.17
N HIS F 36 38.77 -18.77 -11.73
CA HIS F 36 39.58 -18.06 -12.71
C HIS F 36 39.44 -18.72 -14.07
N TRP F 37 39.65 -17.91 -15.11
CA TRP F 37 39.40 -18.34 -16.48
C TRP F 37 40.68 -18.25 -17.29
N TYR F 38 41.05 -19.33 -17.96
CA TYR F 38 42.31 -19.43 -18.69
C TYR F 38 42.05 -19.76 -20.15
N GLN F 39 42.82 -19.13 -21.03
CA GLN F 39 42.73 -19.35 -22.47
C GLN F 39 44.03 -19.97 -22.95
N GLN F 40 43.92 -21.00 -23.79
CA GLN F 40 45.08 -21.70 -24.33
C GLN F 40 44.94 -21.78 -25.84
N LEU F 41 45.78 -21.04 -26.55
CA LEU F 41 45.89 -21.22 -27.99
C LEU F 41 46.56 -22.56 -28.26
N PRO F 42 46.27 -23.19 -29.41
CA PRO F 42 46.87 -24.49 -29.70
C PRO F 42 48.39 -24.43 -29.70
N GLY F 43 49.01 -25.33 -28.95
CA GLY F 43 50.46 -25.38 -28.89
C GLY F 43 51.11 -24.21 -28.18
N ALA F 44 50.37 -23.47 -27.36
CA ALA F 44 50.90 -22.33 -26.65
C ALA F 44 50.59 -22.46 -25.16
N ALA F 45 51.19 -21.58 -24.36
CA ALA F 45 50.94 -21.59 -22.93
C ALA F 45 49.57 -20.99 -22.62
N PRO F 46 48.90 -21.49 -21.60
CA PRO F 46 47.62 -20.90 -21.20
C PRO F 46 47.79 -19.44 -20.77
N LYS F 47 46.80 -18.62 -21.11
CA LYS F 47 46.83 -17.20 -20.84
C LYS F 47 45.64 -16.81 -19.98
N LEU F 48 45.86 -15.89 -19.04
CA LEU F 48 44.83 -15.50 -18.09
C LEU F 48 43.93 -14.43 -18.70
N LEU F 49 42.64 -14.52 -18.41
CA LEU F 49 41.67 -13.53 -18.87
C LEU F 49 40.95 -12.84 -17.71
N ILE F 50 40.33 -13.60 -16.81
CA ILE F 50 39.56 -13.03 -15.71
C ILE F 50 39.96 -13.74 -14.43
N TYR F 51 40.25 -12.95 -13.39
CA TYR F 51 40.52 -13.46 -12.06
C TYR F 51 39.66 -12.71 -11.06
N GLY F 52 39.30 -13.41 -9.98
CA GLY F 52 38.40 -12.80 -9.01
C GLY F 52 36.96 -12.74 -9.47
N ASN F 53 36.64 -13.41 -10.58
CA ASN F 53 35.30 -13.56 -11.12
C ASN F 53 34.76 -12.27 -11.75
N SER F 54 35.45 -11.16 -11.53
CA SER F 54 35.03 -9.90 -12.16
C SER F 54 36.19 -9.01 -12.59
N ASN F 55 37.44 -9.42 -12.39
CA ASN F 55 38.59 -8.57 -12.66
C ASN F 55 39.44 -9.18 -13.77
N ARG F 56 40.07 -8.31 -14.54
CA ARG F 56 40.94 -8.72 -15.63
C ARG F 56 42.28 -8.02 -15.51
N PRO F 57 43.35 -8.68 -15.95
CA PRO F 57 44.67 -8.04 -15.92
C PRO F 57 44.78 -6.99 -17.01
N SER F 58 45.92 -6.31 -17.02
CA SER F 58 46.21 -5.34 -18.06
C SER F 58 46.36 -6.06 -19.40
N GLY F 59 45.74 -5.49 -20.44
CA GLY F 59 45.82 -6.03 -21.78
C GLY F 59 44.68 -6.96 -22.14
N VAL F 60 43.94 -7.46 -21.16
CA VAL F 60 42.80 -8.32 -21.44
C VAL F 60 41.61 -7.45 -21.87
N PRO F 61 40.99 -7.73 -23.01
CA PRO F 61 39.89 -6.87 -23.48
C PRO F 61 38.73 -6.89 -22.51
N ASP F 62 38.01 -5.77 -22.45
CA ASP F 62 36.81 -5.70 -21.64
C ASP F 62 35.67 -6.55 -22.18
N ARG F 63 35.81 -7.10 -23.39
CA ARG F 63 34.77 -7.95 -23.94
C ARG F 63 34.52 -9.18 -23.08
N PHE F 64 35.60 -9.80 -22.59
CA PHE F 64 35.47 -10.95 -21.71
C PHE F 64 34.99 -10.50 -20.33
N SER F 65 33.73 -10.75 -20.02
CA SER F 65 33.18 -10.46 -18.71
C SER F 65 32.64 -11.74 -18.10
N GLY F 66 32.96 -11.96 -16.83
CA GLY F 66 32.53 -13.16 -16.14
C GLY F 66 31.84 -12.83 -14.83
N SER F 67 31.25 -13.86 -14.24
CA SER F 67 30.55 -13.70 -12.97
C SER F 67 30.48 -15.05 -12.28
N LYS F 68 30.43 -15.02 -10.96
CA LYS F 68 30.28 -16.21 -10.14
C LYS F 68 29.15 -15.98 -9.15
N SER F 69 28.24 -16.95 -9.07
CA SER F 69 27.12 -16.88 -8.14
C SER F 69 27.01 -18.21 -7.42
N GLY F 70 27.02 -18.17 -6.09
CA GLY F 70 27.00 -19.40 -5.32
C GLY F 70 28.19 -20.27 -5.62
N THR F 71 27.95 -21.39 -6.32
CA THR F 71 29.03 -22.22 -6.81
C THR F 71 29.23 -22.12 -8.32
N SER F 72 28.15 -22.02 -9.09
CA SER F 72 28.28 -21.91 -10.54
C SER F 72 28.96 -20.61 -10.94
N ALA F 73 29.82 -20.70 -11.94
CA ALA F 73 30.49 -19.54 -12.49
C ALA F 73 30.38 -19.58 -14.01
N SER F 74 30.37 -18.39 -14.62
CA SER F 74 30.11 -18.31 -16.04
C SER F 74 30.97 -17.21 -16.66
N LEU F 75 31.21 -17.33 -17.96
CA LEU F 75 31.95 -16.35 -18.73
C LEU F 75 31.10 -15.86 -19.90
N ALA F 76 31.17 -14.55 -20.16
CA ALA F 76 30.38 -13.93 -21.21
C ALA F 76 31.30 -13.25 -22.21
N ILE F 77 31.05 -13.46 -23.49
CA ILE F 77 31.86 -12.90 -24.57
C ILE F 77 30.97 -12.05 -25.45
N THR F 78 31.41 -10.83 -25.74
CA THR F 78 30.74 -9.94 -26.67
C THR F 78 31.66 -9.59 -27.82
N GLY F 79 31.10 -9.44 -29.01
CA GLY F 79 31.89 -9.12 -30.18
C GLY F 79 32.88 -10.21 -30.53
N LEU F 80 32.39 -11.44 -30.63
CA LEU F 80 33.26 -12.59 -30.90
C LEU F 80 33.99 -12.39 -32.22
N GLN F 81 35.30 -12.67 -32.21
CA GLN F 81 36.15 -12.54 -33.39
C GLN F 81 36.81 -13.88 -33.69
N ALA F 82 37.43 -13.96 -34.87
CA ALA F 82 38.09 -15.19 -35.28
C ALA F 82 39.31 -15.51 -34.42
N GLU F 83 39.86 -14.52 -33.71
CA GLU F 83 41.02 -14.77 -32.86
C GLU F 83 40.66 -15.41 -31.53
N ASP F 84 39.37 -15.47 -31.18
CA ASP F 84 38.97 -15.94 -29.87
C ASP F 84 38.86 -17.46 -29.78
N GLU F 85 38.91 -18.17 -30.90
CA GLU F 85 38.88 -19.63 -30.86
C GLU F 85 40.12 -20.13 -30.14
N ALA F 86 39.92 -20.90 -29.08
CA ALA F 86 41.03 -21.39 -28.26
C ALA F 86 40.50 -22.44 -27.29
N GLU F 87 41.41 -22.96 -26.47
CA GLU F 87 41.08 -23.86 -25.38
C GLU F 87 40.84 -23.04 -24.11
N TYR F 88 39.61 -23.07 -23.61
CA TYR F 88 39.25 -22.32 -22.42
C TYR F 88 39.19 -23.25 -21.21
N TYR F 89 39.70 -22.78 -20.09
CA TYR F 89 39.80 -23.56 -18.88
C TYR F 89 39.26 -22.78 -17.69
N CYS F 90 38.44 -23.44 -16.89
CA CYS F 90 38.02 -22.91 -15.60
C CYS F 90 38.76 -23.65 -14.50
N GLN F 91 39.17 -22.91 -13.48
CA GLN F 91 39.94 -23.49 -12.38
C GLN F 91 39.64 -22.75 -11.09
N SER F 92 39.79 -23.46 -9.98
CA SER F 92 39.61 -22.89 -8.66
C SER F 92 40.21 -23.85 -7.64
N TYR F 93 39.94 -23.59 -6.36
CA TYR F 93 40.57 -24.32 -5.27
C TYR F 93 39.57 -25.26 -4.61
N ASP F 94 39.97 -26.52 -4.46
CA ASP F 94 39.13 -27.54 -3.86
C ASP F 94 39.57 -27.73 -2.40
N SER F 95 38.68 -27.36 -1.47
CA SER F 95 39.03 -27.45 -0.06
C SER F 95 39.15 -28.87 0.45
N SER F 96 38.49 -29.83 -0.20
CA SER F 96 38.62 -31.22 0.24
C SER F 96 39.93 -31.85 -0.18
N LEU F 97 40.46 -31.49 -1.35
CA LEU F 97 41.75 -31.98 -1.79
C LEU F 97 42.90 -31.09 -1.36
N SER F 98 42.61 -29.93 -0.79
CA SER F 98 43.62 -28.96 -0.36
C SER F 98 44.51 -28.50 -1.51
N GLY F 99 44.03 -28.65 -2.74
CA GLY F 99 44.82 -28.28 -3.90
C GLY F 99 43.95 -27.80 -5.02
N TRP F 100 44.57 -27.07 -5.96
CA TRP F 100 43.82 -26.49 -7.05
C TRP F 100 43.34 -27.57 -8.02
N VAL F 101 42.29 -27.23 -8.77
CA VAL F 101 41.73 -28.11 -9.78
C VAL F 101 41.45 -27.32 -11.04
N PHE F 102 41.32 -28.02 -12.16
CA PHE F 102 41.10 -27.41 -13.45
C PHE F 102 39.90 -28.04 -14.14
N GLY F 103 39.23 -27.24 -14.95
CA GLY F 103 38.11 -27.74 -15.73
C GLY F 103 38.58 -28.62 -16.87
N GLY F 104 37.61 -29.29 -17.49
CA GLY F 104 37.93 -30.22 -18.56
C GLY F 104 38.34 -29.56 -19.86
N GLY F 105 38.13 -28.26 -20.00
CA GLY F 105 38.48 -27.57 -21.22
C GLY F 105 37.36 -27.59 -22.23
N THR F 106 36.95 -26.41 -22.68
CA THR F 106 35.85 -26.28 -23.64
C THR F 106 36.39 -25.81 -24.98
N LYS F 107 35.75 -26.28 -26.05
CA LYS F 107 36.12 -25.90 -27.41
C LYS F 107 35.28 -24.72 -27.83
N LEU F 108 35.92 -23.58 -28.03
CA LEU F 108 35.26 -22.40 -28.58
C LEU F 108 35.55 -22.33 -30.07
N THR F 109 34.51 -22.47 -30.88
CA THR F 109 34.63 -22.48 -32.34
C THR F 109 33.87 -21.29 -32.91
N VAL F 110 34.52 -20.55 -33.79
CA VAL F 110 33.91 -19.39 -34.44
C VAL F 110 33.31 -19.85 -35.76
N LEU F 111 32.05 -19.51 -35.99
CA LEU F 111 31.37 -19.91 -37.21
C LEU F 111 31.15 -18.73 -38.15
N THR G 24 -12.45 18.85 -66.48
CA THR G 24 -13.72 19.10 -65.81
C THR G 24 -14.01 18.02 -64.79
N THR G 25 -14.45 18.42 -63.60
CA THR G 25 -14.70 17.48 -62.52
C THR G 25 -15.79 18.02 -61.61
N THR G 26 -16.45 17.12 -60.91
CA THR G 26 -17.52 17.44 -59.96
C THR G 26 -17.11 17.02 -58.55
N GLN G 27 -17.83 17.53 -57.56
CA GLN G 27 -17.51 17.29 -56.15
C GLN G 27 -18.73 16.77 -55.38
N SER G 28 -19.43 15.80 -55.95
CA SER G 28 -20.60 15.26 -55.28
C SER G 28 -20.19 14.53 -53.99
N TYR G 29 -21.14 14.42 -53.07
CA TYR G 29 -20.90 13.86 -51.75
C TYR G 29 -21.67 12.56 -51.60
N THR G 30 -21.03 11.53 -51.04
CA THR G 30 -21.65 10.24 -50.82
C THR G 30 -21.21 9.68 -49.48
N ASN G 31 -22.02 8.76 -48.96
CA ASN G 31 -21.73 8.13 -47.68
C ASN G 31 -20.72 7.00 -47.87
N SER G 32 -19.81 6.86 -46.90
CA SER G 32 -18.74 5.88 -47.03
C SER G 32 -19.08 4.53 -46.43
N PHE G 33 -20.12 4.44 -45.61
CA PHE G 33 -20.47 3.21 -44.90
C PHE G 33 -19.26 2.80 -44.07
N THR G 34 -19.15 1.52 -43.73
CA THR G 34 -17.97 0.99 -43.07
C THR G 34 -16.94 0.62 -44.11
N ARG G 35 -15.88 1.42 -44.20
CA ARG G 35 -14.92 1.23 -45.28
C ARG G 35 -13.62 1.91 -44.91
N GLY G 36 -12.51 1.26 -45.19
CA GLY G 36 -11.22 1.84 -44.93
C GLY G 36 -10.64 1.47 -43.59
N VAL G 37 -10.61 0.17 -43.28
CA VAL G 37 -9.96 -0.33 -42.08
C VAL G 37 -8.85 -1.27 -42.51
N TYR G 38 -7.64 -1.00 -42.06
CA TYR G 38 -6.47 -1.76 -42.45
C TYR G 38 -5.89 -2.46 -41.23
N TYR G 39 -4.75 -3.10 -41.43
CA TYR G 39 -4.00 -3.67 -40.32
C TYR G 39 -3.06 -2.59 -39.81
N PRO G 40 -3.28 -2.05 -38.61
CA PRO G 40 -2.42 -0.94 -38.15
C PRO G 40 -1.01 -1.37 -37.86
N ASP G 41 -0.76 -2.67 -37.84
CA ASP G 41 0.47 -3.24 -37.32
C ASP G 41 0.94 -4.34 -38.25
N LYS G 42 1.79 -5.22 -37.73
CA LYS G 42 2.40 -6.28 -38.51
C LYS G 42 2.25 -7.63 -37.79
N VAL G 43 1.53 -7.62 -36.66
CA VAL G 43 1.57 -8.72 -35.71
C VAL G 43 0.39 -9.65 -35.96
N PHE G 44 0.51 -10.90 -35.54
CA PHE G 44 -0.52 -11.90 -35.75
C PHE G 44 -1.41 -12.01 -34.53
N ARG G 45 -2.72 -12.07 -34.77
CA ARG G 45 -3.67 -12.30 -33.69
C ARG G 45 -4.76 -13.23 -34.21
N SER G 46 -5.20 -14.14 -33.35
CA SER G 46 -6.23 -15.10 -33.73
C SER G 46 -7.36 -15.10 -32.71
N SER G 47 -8.59 -14.95 -33.21
CA SER G 47 -9.79 -14.95 -32.39
C SER G 47 -9.63 -13.95 -31.24
N VAL G 48 -9.11 -12.77 -31.55
CA VAL G 48 -8.80 -11.77 -30.54
C VAL G 48 -9.56 -10.50 -30.89
N LEU G 49 -9.93 -9.75 -29.85
CA LEU G 49 -10.72 -8.54 -30.02
C LEU G 49 -9.86 -7.34 -29.67
N HIS G 50 -8.64 -7.31 -30.21
CA HIS G 50 -7.70 -6.25 -29.92
C HIS G 50 -8.28 -4.89 -30.30
N LEU G 51 -7.87 -3.88 -29.54
CA LEU G 51 -8.34 -2.52 -29.70
C LEU G 51 -7.15 -1.61 -30.00
N THR G 52 -7.27 -0.79 -31.04
CA THR G 52 -6.19 0.08 -31.48
C THR G 52 -6.68 1.52 -31.53
N GLN G 53 -5.73 2.44 -31.38
CA GLN G 53 -5.99 3.87 -31.52
C GLN G 53 -5.03 4.39 -32.58
N ASP G 54 -5.46 4.35 -33.83
CA ASP G 54 -4.63 4.78 -34.95
C ASP G 54 -5.48 5.63 -35.88
N LEU G 55 -4.88 6.12 -36.95
CA LEU G 55 -5.58 6.95 -37.92
C LEU G 55 -6.51 6.08 -38.75
N PHE G 56 -7.81 6.34 -38.66
CA PHE G 56 -8.81 5.58 -39.40
C PHE G 56 -9.76 6.53 -40.08
N LEU G 57 -10.41 6.05 -41.14
CA LEU G 57 -11.50 6.80 -41.75
C LEU G 57 -12.76 6.59 -40.94
N PRO G 58 -13.40 7.64 -40.43
CA PRO G 58 -14.56 7.45 -39.56
C PRO G 58 -15.68 6.73 -40.26
N PHE G 59 -16.38 5.88 -39.51
CA PHE G 59 -17.51 5.17 -40.07
C PHE G 59 -18.64 6.13 -40.37
N PHE G 60 -19.33 5.89 -41.49
CA PHE G 60 -20.50 6.67 -41.89
C PHE G 60 -20.18 8.16 -41.96
N SER G 61 -19.07 8.49 -42.61
CA SER G 61 -18.67 9.86 -42.87
C SER G 61 -18.68 10.09 -44.38
N ASN G 62 -19.23 11.21 -44.81
CA ASN G 62 -19.30 11.51 -46.23
C ASN G 62 -17.91 11.67 -46.82
N VAL G 63 -17.75 11.24 -48.06
CA VAL G 63 -16.48 11.35 -48.78
C VAL G 63 -16.72 12.00 -50.13
N THR G 64 -15.78 12.86 -50.51
CA THR G 64 -15.94 13.68 -51.71
C THR G 64 -15.78 12.82 -52.95
N TRP G 65 -16.85 12.68 -53.72
CA TRP G 65 -16.86 11.87 -54.93
C TRP G 65 -16.61 12.75 -56.14
N PHE G 66 -15.62 12.38 -56.96
CA PHE G 66 -15.18 13.19 -58.07
C PHE G 66 -15.67 12.61 -59.39
N HIS G 67 -15.31 13.29 -60.48
CA HIS G 67 -15.65 12.87 -61.83
C HIS G 67 -14.51 13.20 -62.77
N ALA G 68 -14.48 12.51 -63.91
CA ALA G 68 -13.42 12.71 -64.90
C ALA G 68 -14.04 12.72 -66.29
N ILE G 69 -13.72 13.75 -67.06
CA ILE G 69 -14.17 13.85 -68.44
C ILE G 69 -13.02 14.30 -69.33
N ASP G 79 -9.79 21.05 -63.84
CA ASP G 79 -8.79 20.05 -64.18
C ASP G 79 -8.03 19.61 -62.93
N ASN G 80 -8.06 18.30 -62.65
CA ASN G 80 -7.31 17.57 -61.63
C ASN G 80 -7.01 18.41 -60.39
N PRO G 81 -8.03 18.83 -59.65
CA PRO G 81 -7.80 19.73 -58.52
C PRO G 81 -6.87 19.12 -57.48
N VAL G 82 -6.06 19.97 -56.87
CA VAL G 82 -5.06 19.54 -55.88
C VAL G 82 -5.77 19.40 -54.54
N LEU G 83 -5.93 18.19 -54.08
CA LEU G 83 -6.56 18.00 -52.79
C LEU G 83 -5.54 18.13 -51.67
N PRO G 84 -5.97 18.57 -50.50
CA PRO G 84 -5.12 18.52 -49.32
C PRO G 84 -4.57 17.14 -49.04
N PHE G 85 -3.71 17.08 -48.03
CA PHE G 85 -3.21 15.82 -47.50
C PHE G 85 -2.82 16.09 -46.05
N ASN G 86 -3.70 15.71 -45.12
CA ASN G 86 -3.46 15.95 -43.71
C ASN G 86 -3.65 14.64 -42.96
N ASP G 87 -2.59 14.19 -42.28
CA ASP G 87 -2.63 12.96 -41.50
C ASP G 87 -3.11 11.78 -42.32
N GLY G 88 -2.77 11.77 -43.61
CA GLY G 88 -3.16 10.69 -44.48
C GLY G 88 -4.40 11.01 -45.30
N VAL G 89 -4.74 10.07 -46.17
CA VAL G 89 -5.88 10.21 -47.08
C VAL G 89 -6.30 8.82 -47.52
N TYR G 90 -7.60 8.63 -47.68
CA TYR G 90 -8.15 7.38 -48.21
C TYR G 90 -8.53 7.60 -49.66
N PHE G 91 -7.95 6.80 -50.55
CA PHE G 91 -8.20 6.92 -51.98
C PHE G 91 -8.80 5.63 -52.50
N ALA G 92 -9.86 5.74 -53.28
CA ALA G 92 -10.48 4.57 -53.88
C ALA G 92 -11.13 4.98 -55.20
N SER G 93 -11.08 4.09 -56.18
CA SER G 93 -11.60 4.43 -57.50
C SER G 93 -11.96 3.15 -58.23
N THR G 94 -12.80 3.30 -59.24
CA THR G 94 -13.13 2.20 -60.14
C THR G 94 -13.11 2.72 -61.58
N GLU G 95 -12.47 1.96 -62.46
CA GLU G 95 -12.36 2.34 -63.86
C GLU G 95 -12.47 1.07 -64.69
N LYS G 96 -12.78 1.25 -65.97
CA LYS G 96 -12.97 0.08 -66.84
C LYS G 96 -11.65 -0.59 -67.13
N SER G 97 -10.72 0.10 -67.80
CA SER G 97 -9.39 -0.45 -68.03
C SER G 97 -8.31 0.39 -67.37
N ASN G 98 -8.20 1.67 -67.72
CA ASN G 98 -7.15 2.53 -67.19
C ASN G 98 -7.45 4.00 -67.47
N ILE G 99 -7.55 4.80 -66.42
CA ILE G 99 -7.60 6.24 -66.59
C ILE G 99 -6.69 6.95 -65.62
N ILE G 100 -6.19 6.21 -64.64
CA ILE G 100 -5.37 6.76 -63.56
C ILE G 100 -3.99 6.13 -63.65
N ARG G 101 -2.96 6.98 -63.64
CA ARG G 101 -1.58 6.51 -63.71
C ARG G 101 -0.92 6.55 -62.33
N GLY G 102 -1.05 7.65 -61.60
CA GLY G 102 -0.40 7.76 -60.32
C GLY G 102 -0.79 9.03 -59.61
N TRP G 103 -0.03 9.34 -58.56
CA TRP G 103 -0.29 10.49 -57.72
C TRP G 103 0.99 11.27 -57.51
N ILE G 104 0.85 12.58 -57.30
CA ILE G 104 1.96 13.46 -56.99
C ILE G 104 1.79 13.97 -55.57
N PHE G 105 2.86 13.96 -54.81
CA PHE G 105 2.83 14.37 -53.42
C PHE G 105 3.83 15.50 -53.20
N GLY G 106 4.04 15.84 -51.94
CA GLY G 106 4.99 16.87 -51.57
C GLY G 106 4.32 18.19 -51.30
N THR G 107 5.14 19.23 -51.29
CA THR G 107 4.69 20.58 -51.05
C THR G 107 5.06 21.48 -52.22
N THR G 108 4.11 22.32 -52.63
CA THR G 108 4.31 23.37 -53.61
C THR G 108 4.60 22.83 -55.01
N LEU G 109 4.80 21.52 -55.11
CA LEU G 109 4.91 20.83 -56.40
C LEU G 109 5.82 21.52 -57.39
N ASP G 110 6.93 22.12 -56.94
CA ASP G 110 7.79 22.89 -57.82
C ASP G 110 9.24 22.65 -57.43
N SER G 111 10.14 23.32 -58.15
CA SER G 111 11.58 23.16 -57.92
C SER G 111 12.07 24.07 -56.80
N LYS G 112 11.40 24.02 -55.67
CA LYS G 112 11.86 24.67 -54.44
C LYS G 112 11.78 23.78 -53.22
N THR G 113 11.00 22.70 -53.26
CA THR G 113 10.93 21.74 -52.16
C THR G 113 10.73 20.36 -52.75
N GLN G 114 11.25 19.35 -52.06
CA GLN G 114 11.26 17.99 -52.60
C GLN G 114 9.84 17.49 -52.81
N SER G 115 9.67 16.67 -53.85
CA SER G 115 8.37 16.16 -54.23
C SER G 115 8.35 14.64 -54.25
N LEU G 116 7.29 14.05 -54.80
CA LEU G 116 7.13 12.61 -54.81
C LEU G 116 6.16 12.23 -55.93
N LEU G 117 6.32 11.02 -56.45
CA LEU G 117 5.53 10.58 -57.59
C LEU G 117 5.38 9.07 -57.57
N ILE G 118 4.15 8.59 -57.78
CA ILE G 118 3.85 7.16 -57.75
C ILE G 118 3.26 6.73 -59.09
N VAL G 119 3.74 7.33 -60.17
CA VAL G 119 3.22 6.97 -61.49
C VAL G 119 3.47 5.49 -61.74
N ASN G 120 2.40 4.77 -62.10
CA ASN G 120 2.47 3.35 -62.35
C ASN G 120 2.34 3.11 -63.85
N ASN G 121 3.39 2.58 -64.47
CA ASN G 121 3.39 2.32 -65.89
C ASN G 121 2.93 0.89 -66.16
N ALA G 122 3.15 0.42 -67.39
CA ALA G 122 2.64 -0.86 -67.87
C ALA G 122 2.81 -1.98 -66.85
N THR G 123 4.04 -2.24 -66.41
CA THR G 123 4.26 -3.32 -65.46
C THR G 123 5.23 -2.97 -64.34
N ASN G 124 5.37 -1.69 -63.99
CA ASN G 124 6.30 -1.30 -62.93
C ASN G 124 5.83 0.02 -62.34
N VAL G 125 6.39 0.33 -61.17
CA VAL G 125 6.11 1.59 -60.48
C VAL G 125 7.35 2.47 -60.55
N PHE G 126 7.15 3.78 -60.55
CA PHE G 126 8.24 4.72 -60.70
C PHE G 126 8.38 5.58 -59.46
N ILE G 127 8.29 4.95 -58.29
CA ILE G 127 8.33 5.70 -57.03
C ILE G 127 9.67 6.39 -56.90
N LYS G 128 9.64 7.71 -56.66
CA LYS G 128 10.86 8.47 -56.52
C LYS G 128 10.55 9.78 -55.81
N VAL G 129 11.56 10.30 -55.11
CA VAL G 129 11.51 11.64 -54.54
C VAL G 129 12.35 12.55 -55.43
N CYS G 130 11.82 13.74 -55.72
CA CYS G 130 12.51 14.61 -56.65
C CYS G 130 11.98 16.03 -56.49
N GLU G 131 12.34 16.89 -57.43
CA GLU G 131 12.02 18.32 -57.39
C GLU G 131 11.36 18.74 -58.70
N PHE G 132 10.36 17.97 -59.12
CA PHE G 132 9.70 18.19 -60.41
C PHE G 132 9.16 19.60 -60.51
N GLN G 133 9.35 20.21 -61.68
CA GLN G 133 8.93 21.61 -61.84
C GLN G 133 7.45 21.72 -62.17
N PHE G 134 7.04 21.26 -63.36
CA PHE G 134 5.71 21.62 -63.86
C PHE G 134 5.46 20.87 -65.16
N CYS G 135 4.25 20.36 -65.38
CA CYS G 135 3.92 19.85 -66.70
C CYS G 135 2.59 20.37 -67.26
N ASN G 136 1.57 20.52 -66.42
CA ASN G 136 0.22 20.92 -66.83
C ASN G 136 -0.43 19.92 -67.79
N ASP G 137 0.17 18.74 -67.98
CA ASP G 137 -0.37 17.75 -68.91
C ASP G 137 -0.45 16.37 -68.28
N GLY G 156 7.19 12.69 -69.93
CA GLY G 156 6.30 13.75 -70.39
C GLY G 156 5.43 14.31 -69.27
N VAL G 157 5.92 14.20 -68.04
CA VAL G 157 5.19 14.69 -66.88
C VAL G 157 6.03 15.58 -65.97
N TYR G 158 7.36 15.55 -66.07
CA TYR G 158 8.20 16.45 -65.31
C TYR G 158 9.33 16.95 -66.20
N SER G 159 9.91 18.09 -65.80
CA SER G 159 10.97 18.70 -66.60
C SER G 159 12.17 19.11 -65.76
N SER G 160 12.41 18.45 -64.63
CA SER G 160 13.55 18.79 -63.78
C SER G 160 13.81 17.63 -62.84
N ALA G 161 15.08 17.29 -62.64
CA ALA G 161 15.48 16.22 -61.74
C ALA G 161 16.69 16.66 -60.91
N ASN G 162 16.70 17.92 -60.49
CA ASN G 162 17.87 18.48 -59.84
C ASN G 162 17.93 18.07 -58.38
N ASN G 163 19.10 17.56 -57.98
CA ASN G 163 19.37 17.14 -56.61
C ASN G 163 18.28 16.23 -56.08
N CYS G 164 18.11 15.05 -56.68
CA CYS G 164 17.04 14.19 -56.23
C CYS G 164 17.43 12.73 -56.43
N THR G 165 17.04 11.91 -55.45
CA THR G 165 17.48 10.54 -55.34
C THR G 165 16.33 9.62 -54.98
N PHE G 166 16.65 8.41 -54.55
CA PHE G 166 15.66 7.45 -54.06
C PHE G 166 14.67 7.05 -55.15
N GLU G 167 15.21 6.61 -56.29
CA GLU G 167 14.37 5.93 -57.25
C GLU G 167 14.01 4.54 -56.72
N TYR G 168 12.80 4.09 -57.04
CA TYR G 168 12.33 2.81 -56.57
C TYR G 168 11.47 2.16 -57.63
N VAL G 169 11.66 0.87 -57.84
CA VAL G 169 10.91 0.11 -58.83
C VAL G 169 10.54 -1.24 -58.22
N SER G 170 9.29 -1.64 -58.35
CA SER G 170 8.84 -2.94 -57.89
C SER G 170 7.72 -3.41 -58.80
N GLN G 171 6.99 -4.44 -58.36
CA GLN G 171 5.85 -4.92 -59.13
C GLN G 171 4.76 -3.85 -59.16
N PRO G 172 3.97 -3.81 -60.23
CA PRO G 172 2.99 -2.72 -60.38
C PRO G 172 1.94 -2.75 -59.29
N PHE G 173 1.48 -1.55 -58.93
CA PHE G 173 0.46 -1.40 -57.89
C PHE G 173 -0.93 -1.83 -58.37
N LEU G 174 -1.30 -1.45 -59.58
CA LEU G 174 -2.67 -1.59 -60.06
C LEU G 174 -2.79 -2.91 -60.83
N MET G 175 -3.46 -3.89 -60.23
CA MET G 175 -3.71 -5.17 -60.86
C MET G 175 -5.09 -5.17 -61.47
N ASP G 176 -5.17 -5.55 -62.74
CA ASP G 176 -6.44 -5.60 -63.48
C ASP G 176 -6.67 -7.01 -63.98
N LEU G 177 -7.75 -7.63 -63.54
CA LEU G 177 -8.12 -8.97 -63.99
C LEU G 177 -9.60 -8.96 -64.38
N GLU G 178 -9.89 -9.54 -65.54
CA GLU G 178 -11.25 -9.58 -66.07
C GLU G 178 -11.61 -11.01 -66.43
N GLY G 179 -12.84 -11.40 -66.10
CA GLY G 179 -13.32 -12.72 -66.45
C GLY G 179 -13.91 -12.74 -67.85
N LYS G 180 -13.10 -12.37 -68.84
CA LYS G 180 -13.50 -12.31 -70.24
C LYS G 180 -14.67 -11.36 -70.47
N GLN G 181 -14.84 -10.37 -69.59
CA GLN G 181 -15.96 -9.45 -69.68
C GLN G 181 -15.59 -8.14 -69.01
N GLY G 182 -16.17 -7.05 -69.51
CA GLY G 182 -15.95 -5.72 -68.95
C GLY G 182 -16.83 -5.37 -67.77
N ASN G 183 -17.79 -6.22 -67.43
CA ASN G 183 -18.63 -5.96 -66.27
C ASN G 183 -17.83 -6.07 -64.97
N PHE G 184 -16.77 -6.88 -64.97
CA PHE G 184 -15.92 -7.06 -63.80
C PHE G 184 -15.00 -5.85 -63.68
N LYS G 185 -15.48 -4.84 -62.95
CA LYS G 185 -14.75 -3.58 -62.76
C LYS G 185 -14.28 -3.51 -61.30
N ASN G 186 -13.05 -3.97 -61.07
CA ASN G 186 -12.54 -4.01 -59.70
C ASN G 186 -12.33 -2.60 -59.16
N LEU G 187 -12.62 -2.43 -57.88
CA LEU G 187 -12.51 -1.15 -57.20
C LEU G 187 -11.28 -1.20 -56.30
N ARG G 188 -10.32 -0.31 -56.54
CA ARG G 188 -9.04 -0.32 -55.86
C ARG G 188 -9.01 0.77 -54.81
N GLU G 189 -8.71 0.39 -53.57
CA GLU G 189 -8.63 1.32 -52.45
C GLU G 189 -7.17 1.49 -52.05
N PHE G 190 -6.82 2.68 -51.60
CA PHE G 190 -5.47 2.97 -51.16
C PHE G 190 -5.52 3.86 -49.94
N VAL G 191 -4.58 3.66 -49.02
CA VAL G 191 -4.47 4.49 -47.83
C VAL G 191 -3.02 4.93 -47.71
N PHE G 192 -2.79 6.24 -47.71
CA PHE G 192 -1.46 6.79 -47.57
C PHE G 192 -1.34 7.50 -46.23
N LYS G 193 -0.15 7.45 -45.64
CA LYS G 193 0.13 8.28 -44.48
C LYS G 193 1.64 8.43 -44.34
N ASN G 194 2.04 9.47 -43.62
CA ASN G 194 3.43 9.92 -43.60
C ASN G 194 3.93 10.12 -42.17
N ILE G 195 3.71 9.13 -41.32
CA ILE G 195 4.20 9.23 -39.95
C ILE G 195 5.72 9.08 -39.94
N ASP G 196 6.40 10.01 -39.29
CA ASP G 196 7.87 10.02 -39.11
C ASP G 196 8.62 9.72 -40.41
N GLY G 197 8.13 10.30 -41.49
CA GLY G 197 8.63 9.93 -42.81
C GLY G 197 7.95 8.66 -43.22
N TYR G 198 8.73 7.70 -43.69
CA TYR G 198 8.29 6.30 -43.81
C TYR G 198 6.90 6.20 -44.45
N PHE G 199 6.85 6.60 -45.71
CA PHE G 199 5.61 6.49 -46.48
C PHE G 199 5.09 5.06 -46.44
N LYS G 200 3.80 4.91 -46.15
CA LYS G 200 3.15 3.61 -46.12
C LYS G 200 1.97 3.62 -47.08
N ILE G 201 1.85 2.58 -47.88
CA ILE G 201 0.74 2.45 -48.82
C ILE G 201 0.06 1.11 -48.57
N TYR G 202 -1.25 1.15 -48.33
CA TYR G 202 -2.05 -0.05 -48.14
C TYR G 202 -3.04 -0.15 -49.28
N SER G 203 -3.28 -1.37 -49.77
CA SER G 203 -4.18 -1.50 -50.90
C SER G 203 -4.74 -2.91 -50.96
N LYS G 204 -5.97 -3.01 -51.47
CA LYS G 204 -6.52 -4.28 -51.94
C LYS G 204 -7.63 -3.99 -52.93
N HIS G 205 -7.66 -4.75 -54.02
CA HIS G 205 -8.58 -4.50 -55.13
C HIS G 205 -9.76 -5.45 -54.99
N THR G 206 -10.85 -4.94 -54.43
CA THR G 206 -12.03 -5.77 -54.24
C THR G 206 -12.67 -6.10 -55.59
N PRO G 207 -13.29 -7.27 -55.72
CA PRO G 207 -13.92 -7.66 -56.98
C PRO G 207 -15.40 -7.31 -57.11
N ILE G 208 -15.95 -6.45 -56.25
CA ILE G 208 -17.42 -6.29 -56.18
C ILE G 208 -17.80 -5.30 -57.28
N ILE G 209 -17.99 -5.83 -58.48
CA ILE G 209 -18.61 -5.18 -59.63
C ILE G 209 -18.24 -3.71 -59.81
N GLY G 210 -18.59 -2.89 -58.83
CA GLY G 210 -18.39 -1.46 -58.93
C GLY G 210 -19.62 -0.67 -59.34
N ARG G 211 -20.80 -1.29 -59.36
CA ARG G 211 -22.02 -0.57 -59.69
C ARG G 211 -22.34 0.50 -58.65
N ASP G 212 -21.89 0.30 -57.41
CA ASP G 212 -22.12 1.26 -56.34
C ASP G 212 -21.02 1.08 -55.30
N PHE G 213 -20.98 1.98 -54.34
CA PHE G 213 -20.01 1.85 -53.27
C PHE G 213 -20.41 0.69 -52.38
N PRO G 214 -19.57 -0.34 -52.23
CA PRO G 214 -19.97 -1.51 -51.45
C PRO G 214 -20.14 -1.19 -49.97
N GLN G 215 -21.01 -1.95 -49.32
CA GLN G 215 -21.20 -1.86 -47.88
C GLN G 215 -20.46 -2.97 -47.13
N GLY G 216 -19.98 -3.99 -47.83
CA GLY G 216 -19.27 -5.06 -47.17
C GLY G 216 -17.91 -4.62 -46.64
N PHE G 217 -17.38 -5.42 -45.72
CA PHE G 217 -16.10 -5.10 -45.10
C PHE G 217 -14.95 -5.67 -45.92
N SER G 218 -13.98 -4.82 -46.22
CA SER G 218 -12.75 -5.22 -46.89
C SER G 218 -11.59 -4.57 -46.15
N ALA G 219 -10.67 -5.38 -45.65
CA ALA G 219 -9.49 -4.88 -44.95
C ALA G 219 -8.53 -4.24 -45.95
N LEU G 220 -7.35 -3.86 -45.47
CA LEU G 220 -6.32 -3.29 -46.34
C LEU G 220 -4.96 -3.88 -45.95
N GLU G 221 -4.32 -4.57 -46.88
CA GLU G 221 -2.99 -5.14 -46.66
C GLU G 221 -1.91 -4.17 -47.09
N PRO G 222 -0.87 -3.99 -46.28
CA PRO G 222 0.23 -3.10 -46.68
C PRO G 222 0.92 -3.61 -47.92
N LEU G 223 1.43 -2.67 -48.72
CA LEU G 223 2.19 -3.00 -49.93
C LEU G 223 3.65 -2.60 -49.81
N VAL G 224 3.94 -1.31 -49.57
CA VAL G 224 5.30 -0.84 -49.45
C VAL G 224 5.41 0.04 -48.22
N ASP G 225 6.64 0.16 -47.72
CA ASP G 225 6.93 1.03 -46.58
C ASP G 225 8.35 1.54 -46.77
N LEU G 226 8.49 2.78 -47.21
CA LEU G 226 9.78 3.26 -47.65
C LEU G 226 10.14 4.57 -46.95
N PRO G 227 11.42 4.75 -46.62
CA PRO G 227 11.87 5.97 -45.92
C PRO G 227 11.99 7.16 -46.86
N ILE G 228 10.84 7.75 -47.18
CA ILE G 228 10.82 8.87 -48.11
C ILE G 228 11.51 10.09 -47.50
N GLY G 229 11.13 10.44 -46.26
CA GLY G 229 11.85 11.44 -45.50
C GLY G 229 11.52 12.88 -45.80
N ILE G 230 10.42 13.17 -46.51
CA ILE G 230 10.05 14.55 -46.78
C ILE G 230 8.60 14.78 -46.36
N ASN G 231 8.29 16.04 -46.07
CA ASN G 231 6.96 16.42 -45.63
C ASN G 231 6.01 16.50 -46.82
N ILE G 232 4.77 16.04 -46.59
CA ILE G 232 3.75 15.99 -47.64
C ILE G 232 2.50 16.72 -47.13
N THR G 233 2.02 17.69 -47.92
CA THR G 233 0.79 18.39 -47.56
C THR G 233 -0.21 18.41 -48.71
N ARG G 234 0.27 18.53 -49.94
CA ARG G 234 -0.61 18.56 -51.09
C ARG G 234 -0.55 17.25 -51.85
N PHE G 235 -1.58 17.01 -52.66
CA PHE G 235 -1.84 15.68 -53.20
C PHE G 235 -2.69 15.83 -54.45
N GLN G 236 -2.14 15.43 -55.59
CA GLN G 236 -2.80 15.54 -56.88
C GLN G 236 -2.94 14.15 -57.49
N THR G 237 -3.46 14.08 -58.71
CA THR G 237 -3.55 12.82 -59.43
C THR G 237 -3.31 13.05 -60.91
N LEU G 238 -2.85 12.01 -61.59
CA LEU G 238 -2.56 12.06 -63.01
C LEU G 238 -3.71 11.43 -63.79
N LEU G 239 -3.62 11.55 -65.11
CA LEU G 239 -4.59 10.94 -66.01
C LEU G 239 -3.83 10.23 -67.14
N ALA G 240 -4.58 9.54 -67.99
CA ALA G 240 -4.01 8.72 -69.05
C ALA G 240 -4.31 9.34 -70.42
N LEU G 241 -3.91 8.64 -71.47
CA LEU G 241 -4.11 9.11 -72.84
C LEU G 241 -4.03 7.90 -73.77
N ASN G 242 -4.99 7.80 -74.68
CA ASN G 242 -5.00 6.73 -75.69
C ASN G 242 -5.41 7.27 -77.05
N ARG G 243 -4.87 8.43 -77.42
CA ARG G 243 -5.16 9.03 -78.71
C ARG G 243 -3.93 9.72 -79.28
N ALA G 260 -17.89 8.68 -61.23
CA ALA G 260 -17.96 7.24 -61.07
C ALA G 260 -16.60 6.65 -60.73
N ASP G 261 -15.75 7.45 -60.13
CA ASP G 261 -14.41 7.04 -59.71
C ASP G 261 -13.89 8.11 -58.75
N TYR G 262 -12.65 7.93 -58.30
CA TYR G 262 -11.91 9.00 -57.61
C TYR G 262 -12.52 9.37 -56.26
N TYR G 263 -13.03 8.39 -55.51
CA TYR G 263 -13.50 8.67 -54.16
C TYR G 263 -12.32 9.03 -53.26
N VAL G 264 -12.48 10.07 -52.45
CA VAL G 264 -11.41 10.52 -51.56
C VAL G 264 -11.99 10.74 -50.18
N GLY G 265 -11.30 10.24 -49.16
CA GLY G 265 -11.66 10.49 -47.78
C GLY G 265 -10.44 10.86 -46.97
N TYR G 266 -10.68 11.48 -45.82
CA TYR G 266 -9.61 11.96 -44.96
C TYR G 266 -9.65 11.23 -43.63
N LEU G 267 -8.48 10.94 -43.09
CA LEU G 267 -8.33 10.17 -41.87
C LEU G 267 -8.17 11.09 -40.67
N GLN G 268 -8.66 10.62 -39.52
CA GLN G 268 -8.47 11.30 -38.25
C GLN G 268 -8.21 10.25 -37.18
N PRO G 269 -7.48 10.61 -36.12
CA PRO G 269 -7.23 9.64 -35.05
C PRO G 269 -8.53 9.21 -34.39
N ARG G 270 -8.67 7.91 -34.17
CA ARG G 270 -9.89 7.35 -33.63
C ARG G 270 -9.57 6.05 -32.92
N THR G 271 -10.47 5.62 -32.05
CA THR G 271 -10.32 4.40 -31.28
C THR G 271 -11.28 3.34 -31.81
N PHE G 272 -10.74 2.34 -32.49
CA PHE G 272 -11.53 1.29 -33.12
C PHE G 272 -11.48 0.01 -32.29
N LEU G 273 -12.23 -0.98 -32.73
CA LEU G 273 -12.22 -2.31 -32.14
C LEU G 273 -12.35 -3.33 -33.26
N LEU G 274 -11.31 -4.12 -33.47
CA LEU G 274 -11.22 -5.00 -34.63
C LEU G 274 -11.26 -6.45 -34.19
N LYS G 275 -12.14 -7.23 -34.81
CA LYS G 275 -12.26 -8.65 -34.52
C LYS G 275 -11.37 -9.43 -35.48
N TYR G 276 -10.19 -9.81 -35.02
CA TYR G 276 -9.25 -10.59 -35.82
C TYR G 276 -9.78 -12.00 -35.98
N ASN G 277 -9.75 -12.50 -37.21
CA ASN G 277 -10.19 -13.86 -37.48
C ASN G 277 -9.15 -14.84 -36.97
N GLU G 278 -9.41 -16.14 -37.13
CA GLU G 278 -8.47 -17.15 -36.68
C GLU G 278 -7.17 -17.08 -37.48
N ASN G 279 -7.29 -16.89 -38.79
CA ASN G 279 -6.12 -16.87 -39.66
C ASN G 279 -5.46 -15.50 -39.75
N GLY G 280 -5.90 -14.54 -38.96
CA GLY G 280 -5.34 -13.21 -38.97
C GLY G 280 -6.08 -12.21 -39.83
N THR G 281 -7.02 -12.66 -40.65
CA THR G 281 -7.83 -11.72 -41.40
C THR G 281 -8.77 -10.99 -40.45
N ILE G 282 -9.34 -9.89 -40.94
CA ILE G 282 -10.25 -9.06 -40.17
C ILE G 282 -11.66 -9.32 -40.66
N THR G 283 -12.55 -9.67 -39.73
CA THR G 283 -13.93 -9.98 -40.09
C THR G 283 -14.83 -8.75 -40.01
N ASP G 284 -14.87 -8.10 -38.85
CA ASP G 284 -15.69 -6.92 -38.68
C ASP G 284 -15.06 -6.03 -37.63
N ALA G 285 -15.41 -4.74 -37.68
CA ALA G 285 -14.86 -3.76 -36.75
C ALA G 285 -15.92 -2.73 -36.41
N VAL G 286 -15.88 -2.23 -35.18
CA VAL G 286 -16.79 -1.20 -34.70
C VAL G 286 -15.98 -0.08 -34.09
N ASP G 287 -16.62 1.09 -33.97
CA ASP G 287 -16.00 2.25 -33.38
C ASP G 287 -16.50 2.44 -31.95
N CYS G 288 -15.93 3.43 -31.29
CA CYS G 288 -16.50 3.97 -30.07
C CYS G 288 -16.40 5.49 -30.09
N ALA G 289 -16.80 6.08 -31.21
CA ALA G 289 -17.04 7.52 -31.29
C ALA G 289 -18.25 7.81 -32.17
N LEU G 290 -19.06 6.81 -32.49
CA LEU G 290 -20.16 6.96 -33.43
C LEU G 290 -21.52 6.94 -32.75
N ASP G 291 -21.82 5.89 -31.99
CA ASP G 291 -23.14 5.70 -31.41
C ASP G 291 -22.98 5.27 -29.96
N PRO G 292 -24.00 5.49 -29.11
CA PRO G 292 -23.92 4.97 -27.74
C PRO G 292 -23.72 3.46 -27.70
N LEU G 293 -24.38 2.74 -28.61
CA LEU G 293 -24.17 1.30 -28.68
C LEU G 293 -22.73 0.99 -29.05
N SER G 294 -22.17 1.72 -30.00
CA SER G 294 -20.78 1.50 -30.36
C SER G 294 -19.86 1.81 -29.20
N GLU G 295 -20.21 2.81 -28.39
CA GLU G 295 -19.38 3.16 -27.24
C GLU G 295 -19.38 2.05 -26.20
N THR G 296 -20.55 1.52 -25.86
CA THR G 296 -20.57 0.45 -24.87
C THR G 296 -19.87 -0.79 -25.42
N LYS G 297 -20.07 -1.06 -26.71
CA LYS G 297 -19.44 -2.23 -27.33
C LYS G 297 -17.92 -2.09 -27.34
N CYS G 298 -17.41 -0.86 -27.47
CA CYS G 298 -15.97 -0.64 -27.43
C CYS G 298 -15.44 -0.71 -26.00
N THR G 299 -16.18 -0.19 -25.03
CA THR G 299 -15.71 -0.12 -23.66
C THR G 299 -15.96 -1.39 -22.87
N LEU G 300 -16.62 -2.37 -23.45
CA LEU G 300 -16.93 -3.64 -22.80
C LEU G 300 -16.40 -4.76 -23.70
N LYS G 301 -15.12 -4.66 -24.04
CA LYS G 301 -14.59 -5.18 -25.30
C LYS G 301 -15.18 -6.53 -25.68
N SER G 302 -16.00 -6.51 -26.71
CA SER G 302 -16.70 -7.66 -27.26
C SER G 302 -17.56 -7.15 -28.40
N PHE G 303 -17.94 -8.05 -29.28
CA PHE G 303 -18.72 -7.66 -30.45
C PHE G 303 -20.20 -7.89 -30.26
N THR G 304 -20.59 -8.78 -29.36
CA THR G 304 -21.99 -9.02 -29.01
C THR G 304 -22.19 -8.63 -27.56
N VAL G 305 -23.13 -7.73 -27.30
CA VAL G 305 -23.44 -7.27 -25.97
C VAL G 305 -24.77 -7.90 -25.55
N GLU G 306 -24.74 -8.67 -24.48
CA GLU G 306 -25.94 -9.30 -23.96
C GLU G 306 -26.89 -8.24 -23.39
N LYS G 307 -28.17 -8.57 -23.37
CA LYS G 307 -29.17 -7.61 -22.91
C LYS G 307 -28.94 -7.26 -21.44
N GLY G 308 -28.99 -5.98 -21.14
CA GLY G 308 -28.86 -5.54 -19.76
C GLY G 308 -28.48 -4.07 -19.70
N ILE G 309 -28.06 -3.67 -18.50
CA ILE G 309 -27.61 -2.32 -18.22
C ILE G 309 -26.09 -2.32 -18.13
N TYR G 310 -25.48 -1.23 -18.63
CA TYR G 310 -24.03 -1.10 -18.62
C TYR G 310 -23.65 0.31 -18.25
N GLN G 311 -22.51 0.45 -17.59
CA GLN G 311 -21.98 1.74 -17.18
C GLN G 311 -20.75 2.04 -18.03
N THR G 312 -20.77 3.15 -18.76
CA THR G 312 -19.70 3.48 -19.70
C THR G 312 -18.74 4.54 -19.15
N SER G 313 -19.25 5.71 -18.79
CA SER G 313 -18.40 6.81 -18.38
C SER G 313 -19.13 7.64 -17.35
N ASN G 314 -18.63 8.85 -17.11
CA ASN G 314 -19.27 9.80 -16.21
C ASN G 314 -19.70 11.02 -17.00
N PHE G 315 -20.73 11.69 -16.49
CA PHE G 315 -21.28 12.87 -17.15
C PHE G 315 -21.05 14.08 -16.25
N ARG G 316 -20.17 14.97 -16.69
CA ARG G 316 -19.85 16.20 -15.98
C ARG G 316 -20.47 17.40 -16.68
N VAL G 317 -20.56 18.52 -15.94
CA VAL G 317 -20.89 19.81 -16.52
C VAL G 317 -19.94 20.84 -15.95
N GLN G 318 -19.23 21.53 -16.82
CA GLN G 318 -18.38 22.62 -16.36
C GLN G 318 -19.24 23.85 -16.06
N PRO G 319 -18.82 24.68 -15.11
CA PRO G 319 -19.57 25.91 -14.83
C PRO G 319 -19.60 26.81 -16.05
N THR G 320 -20.75 27.45 -16.27
CA THR G 320 -20.91 28.31 -17.43
C THR G 320 -20.21 29.64 -17.22
N GLU G 321 -20.64 30.40 -16.22
CA GLU G 321 -20.16 31.75 -15.99
C GLU G 321 -19.55 31.84 -14.60
N SER G 322 -18.61 32.77 -14.43
CA SER G 322 -17.90 32.96 -13.17
C SER G 322 -18.33 34.29 -12.56
N ILE G 323 -18.84 34.23 -11.33
CA ILE G 323 -19.27 35.42 -10.59
C ILE G 323 -18.36 35.59 -9.38
N VAL G 324 -17.90 36.82 -9.17
CA VAL G 324 -17.19 37.19 -7.96
C VAL G 324 -17.99 38.28 -7.27
N ARG G 325 -17.85 38.36 -5.95
CA ARG G 325 -18.63 39.32 -5.19
C ARG G 325 -17.82 39.75 -3.98
N PHE G 326 -17.29 40.96 -4.03
CA PHE G 326 -16.57 41.57 -2.92
C PHE G 326 -17.54 42.47 -2.17
N PRO G 327 -17.22 42.90 -0.95
CA PRO G 327 -18.23 43.58 -0.11
C PRO G 327 -18.75 44.86 -0.76
N ASN G 328 -19.77 45.40 -0.11
CA ASN G 328 -20.42 46.65 -0.50
C ASN G 328 -19.58 47.87 -0.21
N VAL G 329 -18.30 47.66 0.15
CA VAL G 329 -17.49 48.75 0.65
C VAL G 329 -17.36 49.84 -0.40
N THR G 330 -17.51 51.09 0.05
CA THR G 330 -17.16 52.23 -0.77
C THR G 330 -15.98 52.93 -0.11
N ASN G 331 -16.17 53.33 1.15
CA ASN G 331 -15.12 53.92 1.99
C ASN G 331 -14.24 54.87 1.20
N LEU G 332 -14.85 55.80 0.49
CA LEU G 332 -14.10 56.67 -0.41
C LEU G 332 -13.04 57.45 0.34
N CYS G 333 -11.83 57.46 -0.22
CA CYS G 333 -10.71 58.12 0.42
C CYS G 333 -10.86 59.63 0.32
N PRO G 334 -10.08 60.38 1.10
CA PRO G 334 -10.13 61.85 1.00
C PRO G 334 -9.44 62.37 -0.25
N PHE G 335 -9.18 61.46 -1.21
CA PHE G 335 -8.63 61.86 -2.49
C PHE G 335 -9.43 62.98 -3.13
N HIS G 336 -10.77 62.90 -3.04
CA HIS G 336 -11.61 63.94 -3.61
C HIS G 336 -11.36 65.28 -2.95
N GLU G 337 -11.21 65.28 -1.63
CA GLU G 337 -11.00 66.52 -0.89
C GLU G 337 -9.72 67.22 -1.33
N VAL G 338 -8.65 66.45 -1.52
CA VAL G 338 -7.39 67.03 -1.97
C VAL G 338 -7.50 67.46 -3.43
N PHE G 339 -8.10 66.64 -4.27
CA PHE G 339 -8.18 66.96 -5.69
C PHE G 339 -9.20 68.05 -5.97
N ASN G 340 -10.25 68.14 -5.16
CA ASN G 340 -11.22 69.23 -5.28
C ASN G 340 -10.94 70.35 -4.29
N ALA G 341 -9.71 70.42 -3.76
CA ALA G 341 -9.29 71.53 -2.94
C ALA G 341 -8.95 72.72 -3.81
N THR G 342 -8.83 73.89 -3.20
CA THR G 342 -8.49 75.11 -3.93
C THR G 342 -7.15 75.65 -3.46
N ARG G 343 -6.96 75.73 -2.15
CA ARG G 343 -5.75 76.32 -1.58
C ARG G 343 -4.61 75.30 -1.49
N PHE G 344 -4.06 74.91 -2.63
CA PHE G 344 -2.88 74.07 -2.63
C PHE G 344 -1.68 74.83 -2.10
N ALA G 345 -1.11 74.32 -1.01
CA ALA G 345 0.04 74.99 -0.40
C ALA G 345 1.25 74.92 -1.32
N SER G 346 2.15 75.88 -1.15
CA SER G 346 3.29 76.00 -2.05
C SER G 346 4.28 74.86 -1.84
N VAL G 347 5.31 74.83 -2.70
CA VAL G 347 6.31 73.77 -2.61
C VAL G 347 7.16 73.93 -1.36
N TYR G 348 7.45 75.16 -0.94
CA TYR G 348 8.27 75.38 0.25
C TYR G 348 7.55 74.92 1.51
N ALA G 349 6.22 74.84 1.47
CA ALA G 349 5.42 74.26 2.55
C ALA G 349 4.47 73.25 1.92
N TRP G 350 4.98 72.03 1.69
CA TRP G 350 4.18 71.00 1.04
C TRP G 350 3.24 70.37 2.05
N ASN G 351 1.94 70.44 1.76
CA ASN G 351 0.96 69.85 2.66
C ASN G 351 0.95 68.33 2.51
N ARG G 352 1.12 67.63 3.63
CA ARG G 352 1.12 66.18 3.66
C ARG G 352 -0.16 65.71 4.35
N THR G 353 -1.01 65.02 3.60
CA THR G 353 -2.26 64.50 4.13
C THR G 353 -2.14 62.98 4.29
N ARG G 354 -2.47 62.48 5.48
CA ARG G 354 -2.40 61.06 5.76
C ARG G 354 -3.71 60.40 5.38
N ILE G 355 -3.62 59.34 4.58
CA ILE G 355 -4.79 58.67 4.01
C ILE G 355 -4.82 57.26 4.58
N SER G 356 -5.88 56.94 5.33
CA SER G 356 -5.99 55.65 5.99
C SER G 356 -7.46 55.31 6.18
N ASN G 357 -7.72 54.01 6.41
CA ASN G 357 -9.06 53.49 6.70
C ASN G 357 -10.04 53.82 5.57
N CYS G 358 -9.59 53.62 4.33
CA CYS G 358 -10.41 53.95 3.18
C CYS G 358 -9.98 53.09 2.00
N VAL G 359 -10.84 53.05 0.98
CA VAL G 359 -10.59 52.28 -0.23
C VAL G 359 -10.08 53.23 -1.30
N ALA G 360 -8.86 52.97 -1.79
CA ALA G 360 -8.18 53.88 -2.70
C ALA G 360 -8.63 53.58 -4.14
N ASP G 361 -9.70 54.22 -4.55
CA ASP G 361 -10.17 54.10 -5.93
C ASP G 361 -9.50 55.17 -6.78
N TYR G 362 -8.91 54.74 -7.89
CA TYR G 362 -8.14 55.62 -8.75
C TYR G 362 -8.97 56.24 -9.87
N SER G 363 -10.22 55.79 -10.04
CA SER G 363 -11.09 56.39 -11.03
C SER G 363 -11.48 57.82 -10.66
N VAL G 364 -11.70 58.07 -9.36
CA VAL G 364 -11.99 59.44 -8.92
C VAL G 364 -10.76 60.33 -9.13
N LEU G 365 -9.57 59.74 -9.12
CA LEU G 365 -8.37 60.50 -9.44
C LEU G 365 -8.29 60.78 -10.93
N TYR G 366 -8.61 59.77 -11.75
CA TYR G 366 -8.51 59.92 -13.20
C TYR G 366 -9.53 60.92 -13.73
N ASN G 367 -10.74 60.92 -13.19
CA ASN G 367 -11.81 61.73 -13.76
C ASN G 367 -11.77 63.19 -13.29
N PHE G 368 -10.94 63.52 -12.30
CA PHE G 368 -10.90 64.88 -11.78
C PHE G 368 -9.76 65.71 -12.35
N ALA G 369 -8.75 65.09 -12.95
CA ALA G 369 -7.61 65.87 -13.42
C ALA G 369 -7.08 65.35 -14.74
N PRO G 370 -7.05 66.18 -15.79
CA PRO G 370 -6.37 65.80 -17.03
C PRO G 370 -4.86 65.89 -16.89
N PHE G 371 -4.25 64.82 -16.38
CA PHE G 371 -2.84 64.87 -15.99
C PHE G 371 -1.95 65.14 -17.19
N PHE G 372 -0.77 65.72 -16.90
CA PHE G 372 0.30 65.86 -17.86
C PHE G 372 1.53 65.04 -17.52
N ALA G 373 1.61 64.50 -16.30
CA ALA G 373 2.74 63.66 -15.90
C ALA G 373 2.24 62.71 -14.82
N PHE G 374 1.95 61.48 -15.20
CA PHE G 374 1.44 60.45 -14.30
C PHE G 374 2.42 59.28 -14.20
N LYS G 375 3.71 59.60 -14.09
CA LYS G 375 4.73 58.57 -14.04
C LYS G 375 4.72 57.85 -12.69
N CYS G 376 5.15 56.60 -12.71
CA CYS G 376 5.21 55.76 -11.52
C CYS G 376 6.56 55.08 -11.46
N TYR G 377 7.04 54.83 -10.24
CA TYR G 377 8.36 54.25 -10.02
C TYR G 377 8.31 52.90 -9.34
N GLY G 378 7.65 52.79 -8.19
CA GLY G 378 7.63 51.55 -7.44
C GLY G 378 6.47 50.63 -7.77
N VAL G 379 5.46 51.17 -8.46
CA VAL G 379 4.27 50.41 -8.81
C VAL G 379 3.93 50.68 -10.27
N SER G 380 3.04 49.85 -10.81
CA SER G 380 2.55 50.03 -12.17
C SER G 380 1.33 50.94 -12.16
N PRO G 381 1.30 51.97 -13.02
CA PRO G 381 0.11 52.86 -13.05
C PRO G 381 -1.17 52.12 -13.40
N THR G 382 -1.10 51.07 -14.21
CA THR G 382 -2.29 50.26 -14.46
C THR G 382 -2.59 49.36 -13.27
N LYS G 383 -1.54 48.90 -12.57
CA LYS G 383 -1.70 48.00 -11.42
C LYS G 383 -1.74 48.84 -10.15
N LEU G 384 -2.90 49.42 -9.88
CA LEU G 384 -3.16 50.09 -8.62
C LEU G 384 -4.50 49.72 -7.99
N ASN G 385 -5.42 49.14 -8.75
CA ASN G 385 -6.66 48.63 -8.19
C ASN G 385 -6.45 47.36 -7.38
N ASP G 386 -5.46 46.55 -7.74
CA ASP G 386 -5.24 45.24 -7.12
C ASP G 386 -4.05 45.24 -6.16
N LEU G 387 -3.86 46.33 -5.43
CA LEU G 387 -2.84 46.41 -4.40
C LEU G 387 -3.44 46.98 -3.12
N CYS G 388 -2.95 46.47 -1.98
CA CYS G 388 -3.35 46.96 -0.67
C CYS G 388 -2.14 47.60 -0.02
N PHE G 389 -2.29 48.84 0.44
CA PHE G 389 -1.19 49.61 1.01
C PHE G 389 -1.42 49.84 2.49
N THR G 390 -0.35 49.72 3.28
CA THR G 390 -0.47 49.95 4.72
C THR G 390 -0.82 51.40 5.01
N ASN G 391 -0.26 52.34 4.26
CA ASN G 391 -0.61 53.73 4.43
C ASN G 391 -0.23 54.50 3.16
N VAL G 392 -0.95 55.58 2.92
CA VAL G 392 -0.77 56.40 1.72
C VAL G 392 -0.60 57.85 2.15
N TYR G 393 0.41 58.52 1.58
CA TYR G 393 0.68 59.92 1.85
C TYR G 393 0.53 60.72 0.56
N ALA G 394 -0.22 61.82 0.64
CA ALA G 394 -0.48 62.68 -0.52
C ALA G 394 0.13 64.05 -0.24
N ASP G 395 1.24 64.36 -0.91
CA ASP G 395 1.85 65.68 -0.83
C ASP G 395 1.49 66.48 -2.07
N SER G 396 0.81 67.60 -1.87
CA SER G 396 0.27 68.40 -2.96
C SER G 396 0.84 69.81 -2.89
N PHE G 397 1.34 70.31 -4.02
CA PHE G 397 1.84 71.67 -4.11
C PHE G 397 1.77 72.13 -5.56
N VAL G 398 1.38 73.39 -5.75
CA VAL G 398 1.36 73.98 -7.08
C VAL G 398 2.76 74.45 -7.44
N ILE G 399 3.26 74.01 -8.60
CA ILE G 399 4.65 74.22 -8.98
C ILE G 399 4.69 74.57 -10.47
N LYS G 400 5.86 75.01 -10.92
CA LYS G 400 6.07 75.46 -12.29
C LYS G 400 6.07 74.25 -13.24
N GLY G 401 6.36 74.51 -14.51
CA GLY G 401 6.35 73.47 -15.53
C GLY G 401 7.55 72.54 -15.50
N ASN G 402 8.76 73.10 -15.65
CA ASN G 402 9.96 72.28 -15.61
C ASN G 402 10.16 71.64 -14.25
N GLU G 403 9.67 72.28 -13.18
CA GLU G 403 9.77 71.71 -11.85
C GLU G 403 9.00 70.40 -11.73
N VAL G 404 7.98 70.18 -12.56
CA VAL G 404 7.24 68.93 -12.53
C VAL G 404 8.17 67.76 -12.87
N SER G 405 8.91 67.89 -13.97
CA SER G 405 9.90 66.88 -14.31
C SER G 405 11.12 66.93 -13.40
N GLN G 406 11.36 68.06 -12.74
CA GLN G 406 12.43 68.13 -11.75
C GLN G 406 12.14 67.22 -10.56
N ILE G 407 10.86 67.08 -10.19
CA ILE G 407 10.48 66.23 -9.07
C ILE G 407 10.51 64.77 -9.51
N ALA G 408 11.56 64.06 -9.10
CA ALA G 408 11.74 62.65 -9.40
C ALA G 408 12.86 62.09 -8.52
N PRO G 409 12.87 60.80 -8.23
CA PRO G 409 13.97 60.23 -7.45
C PRO G 409 15.29 60.40 -8.18
N GLY G 410 16.34 60.67 -7.41
CA GLY G 410 17.67 60.86 -7.97
C GLY G 410 17.78 62.06 -8.89
N GLN G 411 17.20 63.19 -8.48
CA GLN G 411 17.24 64.43 -9.23
C GLN G 411 17.94 65.51 -8.42
N THR G 412 18.09 66.68 -9.02
CA THR G 412 18.74 67.81 -8.39
C THR G 412 18.15 69.10 -8.92
N GLY G 413 18.36 70.18 -8.18
CA GLY G 413 17.87 71.49 -8.58
C GLY G 413 17.50 72.37 -7.39
N ASN G 414 17.05 73.58 -7.67
CA ASN G 414 16.66 74.50 -6.60
C ASN G 414 15.43 74.01 -5.85
N ILE G 415 14.63 73.13 -6.46
CA ILE G 415 13.45 72.59 -5.82
C ILE G 415 13.72 71.19 -5.25
N ALA G 416 14.42 70.34 -6.00
CA ALA G 416 14.71 68.99 -5.54
C ALA G 416 15.71 68.96 -4.39
N ASP G 417 16.37 70.08 -4.10
CA ASP G 417 17.37 70.13 -3.03
C ASP G 417 17.01 71.08 -1.89
N TYR G 418 16.22 72.12 -2.15
CA TYR G 418 15.89 73.10 -1.13
C TYR G 418 14.41 73.18 -0.80
N ASN G 419 13.52 72.64 -1.63
CA ASN G 419 12.09 72.73 -1.41
C ASN G 419 11.45 71.39 -1.13
N TYR G 420 11.63 70.41 -2.03
CA TYR G 420 11.06 69.08 -1.85
C TYR G 420 11.95 68.08 -2.55
N LYS G 421 12.46 67.10 -1.80
CA LYS G 421 13.37 66.09 -2.33
C LYS G 421 12.66 64.73 -2.32
N LEU G 422 12.63 64.07 -3.47
CA LEU G 422 12.08 62.73 -3.59
C LEU G 422 13.18 61.70 -3.32
N PRO G 423 12.98 60.79 -2.38
CA PRO G 423 14.01 59.79 -2.08
C PRO G 423 14.21 58.82 -3.24
N ASP G 424 15.41 58.24 -3.29
CA ASP G 424 15.74 57.32 -4.38
C ASP G 424 14.82 56.11 -4.38
N ASP G 425 14.53 55.56 -3.20
CA ASP G 425 13.65 54.39 -3.09
C ASP G 425 12.25 54.87 -2.77
N PHE G 426 11.55 55.31 -3.83
CA PHE G 426 10.20 55.84 -3.72
C PHE G 426 9.21 54.83 -4.25
N THR G 427 8.17 54.55 -3.46
CA THR G 427 7.09 53.64 -3.83
C THR G 427 5.82 54.46 -3.92
N GLY G 428 5.47 54.89 -5.13
CA GLY G 428 4.29 55.68 -5.34
C GLY G 428 4.26 56.24 -6.76
N CYS G 429 3.41 57.23 -6.95
CA CYS G 429 3.25 57.88 -8.24
C CYS G 429 3.11 59.38 -8.05
N VAL G 430 3.38 60.13 -9.11
CA VAL G 430 3.23 61.57 -9.11
C VAL G 430 2.16 61.96 -10.13
N ILE G 431 1.44 63.03 -9.83
CA ILE G 431 0.35 63.51 -10.66
C ILE G 431 0.54 65.01 -10.88
N ALA G 432 0.50 65.43 -12.14
CA ALA G 432 0.63 66.84 -12.49
C ALA G 432 -0.40 67.19 -13.54
N TRP G 433 -1.26 68.16 -13.22
CA TRP G 433 -2.29 68.62 -14.14
C TRP G 433 -2.34 70.14 -14.09
N ASN G 434 -2.46 70.76 -15.27
CA ASN G 434 -2.34 72.21 -15.39
C ASN G 434 -3.57 72.89 -14.81
N SER G 435 -3.34 73.95 -14.03
CA SER G 435 -4.40 74.72 -13.38
C SER G 435 -4.13 76.20 -13.59
N ASN G 436 -4.64 76.74 -14.71
CA ASN G 436 -4.55 78.16 -15.01
C ASN G 436 -5.86 78.90 -14.70
N LYS G 437 -6.83 78.22 -14.11
CA LYS G 437 -8.11 78.83 -13.77
C LYS G 437 -8.27 79.16 -12.29
N LEU G 438 -7.41 78.62 -11.43
CA LEU G 438 -7.47 78.89 -10.00
C LEU G 438 -6.27 79.67 -9.48
N ASP G 439 -5.09 79.47 -10.08
CA ASP G 439 -3.87 80.12 -9.61
C ASP G 439 -3.47 81.32 -10.47
N SER G 440 -4.35 81.75 -11.38
CA SER G 440 -4.08 82.88 -12.24
C SER G 440 -5.28 83.81 -12.23
N LYS G 441 -4.99 85.11 -12.35
CA LYS G 441 -6.04 86.13 -12.33
C LYS G 441 -5.48 87.40 -12.95
N HIS G 442 -6.38 88.34 -13.22
CA HIS G 442 -5.96 89.66 -13.68
C HIS G 442 -5.17 90.38 -12.60
N SER G 443 -4.22 91.21 -13.04
CA SER G 443 -3.30 91.98 -12.22
C SER G 443 -2.28 91.11 -11.50
N GLY G 444 -2.23 89.80 -11.78
CA GLY G 444 -1.22 88.92 -11.22
C GLY G 444 -1.61 88.36 -9.86
N ASN G 445 -0.79 87.42 -9.40
CA ASN G 445 -0.98 86.79 -8.10
C ASN G 445 0.37 86.28 -7.61
N TYR G 446 0.80 86.77 -6.45
CA TYR G 446 2.09 86.41 -5.87
C TYR G 446 1.91 85.70 -4.54
N ASP G 447 0.80 84.96 -4.41
CA ASP G 447 0.49 84.30 -3.13
C ASP G 447 1.51 83.21 -2.81
N TYR G 448 1.94 82.45 -3.81
CA TYR G 448 2.82 81.32 -3.56
C TYR G 448 4.26 81.79 -3.37
N TRP G 449 5.02 80.97 -2.63
CA TRP G 449 6.42 81.26 -2.35
C TRP G 449 7.24 79.99 -2.56
N TYR G 450 8.55 80.18 -2.71
CA TYR G 450 9.46 79.04 -2.80
C TYR G 450 10.86 79.50 -2.45
N ARG G 451 11.66 78.55 -1.96
CA ARG G 451 12.99 78.82 -1.42
C ARG G 451 14.04 78.33 -2.40
N LEU G 452 15.00 79.19 -2.73
CA LEU G 452 16.13 78.83 -3.58
C LEU G 452 17.48 78.90 -2.88
N PHE G 453 17.54 79.44 -1.66
CA PHE G 453 18.79 79.62 -0.94
C PHE G 453 18.67 78.93 0.42
N ARG G 454 19.45 77.88 0.60
CA ARG G 454 19.48 77.13 1.86
C ARG G 454 20.92 76.83 2.23
N LYS G 455 21.16 76.66 3.54
CA LYS G 455 22.51 76.35 4.00
C LYS G 455 23.00 75.00 3.53
N SER G 456 22.09 74.08 3.19
CA SER G 456 22.47 72.77 2.70
C SER G 456 21.28 72.19 1.92
N LYS G 457 21.36 70.89 1.61
CA LYS G 457 20.29 70.22 0.90
C LYS G 457 19.16 69.83 1.86
N LEU G 458 18.03 69.44 1.28
CA LEU G 458 16.86 69.04 2.04
C LEU G 458 16.75 67.52 2.03
N LYS G 459 16.68 66.93 3.23
CA LYS G 459 16.48 65.49 3.33
C LYS G 459 15.08 65.13 2.84
N PRO G 460 14.91 63.98 2.20
CA PRO G 460 13.59 63.62 1.67
C PRO G 460 12.54 63.57 2.77
N PHE G 461 11.34 64.03 2.44
CA PHE G 461 10.21 64.11 3.38
C PHE G 461 10.56 64.97 4.59
N GLU G 462 10.95 66.21 4.31
CA GLU G 462 11.27 67.18 5.34
C GLU G 462 10.70 68.53 4.95
N ARG G 463 10.15 69.24 5.93
CA ARG G 463 9.65 70.59 5.75
C ARG G 463 10.57 71.57 6.48
N ASP G 464 10.94 72.65 5.80
CA ASP G 464 11.95 73.59 6.26
C ASP G 464 11.38 74.99 6.34
N ILE G 465 10.22 75.13 7.00
CA ILE G 465 9.59 76.43 7.16
C ILE G 465 10.47 77.28 8.07
N SER G 466 11.09 78.31 7.50
CA SER G 466 11.92 79.24 8.24
C SER G 466 12.17 80.47 7.38
N THR G 467 12.32 81.62 8.02
CA THR G 467 12.69 82.86 7.35
C THR G 467 14.01 83.31 7.94
N GLU G 468 15.10 82.76 7.40
CA GLU G 468 16.46 83.08 7.81
C GLU G 468 17.21 83.64 6.62
N ILE G 469 17.82 84.81 6.78
CA ILE G 469 18.54 85.44 5.69
C ILE G 469 19.80 84.63 5.40
N TYR G 470 19.97 84.23 4.14
CA TYR G 470 21.14 83.46 3.76
C TYR G 470 22.40 84.30 3.88
N GLN G 471 23.46 83.71 4.42
CA GLN G 471 24.71 84.41 4.63
C GLN G 471 25.57 84.38 3.39
N ALA G 472 26.14 85.53 3.04
CA ALA G 472 27.09 85.66 1.94
C ALA G 472 28.39 86.21 2.51
N GLY G 473 29.49 85.52 2.24
CA GLY G 473 30.76 85.89 2.81
C GLY G 473 30.87 85.48 4.27
N ASN G 474 30.97 86.48 5.16
CA ASN G 474 31.07 86.21 6.59
C ASN G 474 30.22 87.15 7.43
N LYS G 475 29.42 88.01 6.80
CA LYS G 475 28.64 89.01 7.53
C LYS G 475 27.44 88.35 8.21
N PRO G 476 27.17 88.69 9.48
CA PRO G 476 26.00 88.13 10.16
C PRO G 476 24.71 88.88 9.83
N CYS G 477 24.73 89.65 8.74
CA CYS G 477 23.64 90.53 8.40
C CYS G 477 22.29 89.82 8.41
N LYS G 478 21.24 90.57 8.75
CA LYS G 478 19.86 90.08 8.82
C LYS G 478 18.97 91.12 8.16
N GLY G 479 18.75 90.97 6.85
CA GLY G 479 17.94 91.93 6.13
C GLY G 479 17.94 91.63 4.64
N LYS G 480 17.49 92.63 3.88
CA LYS G 480 17.40 92.53 2.43
C LYS G 480 18.37 93.50 1.78
N GLY G 481 18.83 93.14 0.58
CA GLY G 481 19.76 93.94 -0.16
C GLY G 481 20.96 93.14 -0.63
N PRO G 482 22.06 93.83 -0.94
CA PRO G 482 23.27 93.12 -1.34
C PRO G 482 23.83 92.30 -0.19
N ASN G 483 24.38 91.13 -0.52
CA ASN G 483 24.99 90.20 0.42
C ASN G 483 23.98 89.63 1.42
N CYS G 484 22.72 90.08 1.38
CA CYS G 484 21.70 89.63 2.32
C CYS G 484 20.44 89.30 1.51
N TYR G 485 20.24 88.02 1.21
CA TYR G 485 19.16 87.58 0.35
C TYR G 485 18.10 86.82 1.15
N PHE G 486 16.84 87.15 0.89
CA PHE G 486 15.75 86.46 1.55
C PHE G 486 15.70 85.00 1.12
N PRO G 487 15.47 84.07 2.05
CA PRO G 487 15.53 82.64 1.69
C PRO G 487 14.52 82.23 0.64
N LEU G 488 13.35 82.87 0.59
CA LEU G 488 12.26 82.45 -0.27
C LEU G 488 11.88 83.56 -1.25
N GLN G 489 11.54 83.16 -2.47
CA GLN G 489 11.04 84.07 -3.50
C GLN G 489 9.59 83.68 -3.83
N SER G 490 9.04 84.32 -4.85
CA SER G 490 7.63 84.19 -5.19
C SER G 490 7.41 83.27 -6.39
N TYR G 491 6.19 82.80 -6.52
CA TYR G 491 5.73 82.05 -7.68
C TYR G 491 4.67 82.84 -8.44
N GLY G 492 4.95 84.13 -8.68
CA GLY G 492 4.02 85.01 -9.37
C GLY G 492 3.42 84.39 -10.63
N PHE G 493 2.12 84.15 -10.59
CA PHE G 493 1.42 83.44 -11.65
C PHE G 493 0.41 84.37 -12.31
N ARG G 494 0.31 84.26 -13.64
CA ARG G 494 -0.59 85.06 -14.45
C ARG G 494 -1.18 84.16 -15.54
N PRO G 495 -2.36 84.51 -16.06
CA PRO G 495 -2.96 83.69 -17.12
C PRO G 495 -2.19 83.71 -18.44
N THR G 496 -1.24 84.63 -18.63
CA THR G 496 -0.52 84.78 -19.89
C THR G 496 0.97 84.54 -19.67
N TYR G 497 1.38 83.28 -19.76
CA TYR G 497 2.79 82.91 -19.73
C TYR G 497 3.09 81.88 -20.82
N GLY G 498 4.30 81.32 -20.80
CA GLY G 498 4.63 80.19 -21.64
C GLY G 498 4.21 78.88 -21.01
N VAL G 499 4.48 77.80 -21.74
CA VAL G 499 4.09 76.47 -21.26
C VAL G 499 4.83 76.13 -19.97
N GLY G 500 6.13 76.43 -19.91
CA GLY G 500 6.92 76.07 -18.75
C GLY G 500 6.70 76.94 -17.53
N HIS G 501 5.98 78.06 -17.67
CA HIS G 501 5.73 78.97 -16.56
C HIS G 501 4.31 78.86 -16.03
N GLN G 502 3.55 77.85 -16.47
CA GLN G 502 2.17 77.69 -16.05
C GLN G 502 2.07 77.16 -14.63
N PRO G 503 0.99 77.47 -13.90
CA PRO G 503 0.78 76.94 -12.54
C PRO G 503 0.34 75.48 -12.53
N TYR G 504 1.31 74.58 -12.66
CA TYR G 504 1.02 73.16 -12.66
C TYR G 504 0.62 72.70 -11.26
N ARG G 505 -0.48 71.96 -11.18
CA ARG G 505 -0.96 71.40 -9.93
C ARG G 505 -0.39 69.99 -9.78
N VAL G 506 0.46 69.80 -8.76
CA VAL G 506 1.17 68.55 -8.57
C VAL G 506 0.68 67.91 -7.27
N VAL G 507 0.21 66.67 -7.37
CA VAL G 507 -0.17 65.86 -6.22
C VAL G 507 0.58 64.54 -6.33
N VAL G 508 1.47 64.28 -5.37
CA VAL G 508 2.27 63.06 -5.37
C VAL G 508 1.77 62.14 -4.27
N LEU G 509 1.70 60.84 -4.58
CA LEU G 509 1.21 59.83 -3.65
C LEU G 509 2.36 58.92 -3.25
N SER G 510 2.55 58.76 -1.95
CA SER G 510 3.58 57.88 -1.40
C SER G 510 2.91 56.70 -0.70
N PHE G 511 3.34 55.50 -1.03
CA PHE G 511 2.81 54.28 -0.43
C PHE G 511 3.87 53.59 0.40
N GLU G 512 3.41 52.87 1.43
CA GLU G 512 4.26 52.05 2.28
C GLU G 512 3.94 50.60 1.98
N LEU G 513 4.64 50.04 0.99
CA LEU G 513 4.45 48.64 0.61
C LEU G 513 5.47 47.77 1.34
N LEU G 514 5.25 47.63 2.64
CA LEU G 514 6.11 46.85 3.52
C LEU G 514 5.26 45.83 4.28
N HIS G 515 5.93 45.07 5.15
CA HIS G 515 5.26 44.04 5.94
C HIS G 515 4.53 44.70 7.10
N ALA G 516 3.22 44.88 6.94
CA ALA G 516 2.37 45.50 7.95
C ALA G 516 0.93 45.14 7.63
N PRO G 517 0.04 45.19 8.63
CA PRO G 517 -1.39 44.94 8.35
C PRO G 517 -1.93 45.95 7.34
N ALA G 518 -2.79 45.47 6.44
CA ALA G 518 -3.33 46.33 5.41
C ALA G 518 -4.33 47.31 5.98
N THR G 519 -4.32 48.52 5.47
CA THR G 519 -5.25 49.57 5.89
C THR G 519 -5.99 50.20 4.72
N VAL G 520 -5.32 50.43 3.60
CA VAL G 520 -5.92 51.03 2.42
C VAL G 520 -5.69 50.10 1.25
N CYS G 521 -6.76 49.79 0.51
CA CYS G 521 -6.65 48.88 -0.62
C CYS G 521 -7.64 49.30 -1.70
N GLY G 522 -7.46 48.73 -2.89
CA GLY G 522 -8.20 49.13 -4.05
C GLY G 522 -9.66 48.74 -4.02
N PRO G 523 -10.45 49.34 -4.90
CA PRO G 523 -11.88 49.01 -4.99
C PRO G 523 -12.13 47.69 -5.70
N LYS G 524 -12.08 46.58 -4.96
CA LYS G 524 -12.32 45.27 -5.54
C LYS G 524 -13.68 45.24 -6.23
N LYS G 525 -13.71 44.66 -7.43
CA LYS G 525 -14.89 44.70 -8.27
C LYS G 525 -15.94 43.70 -7.81
N SER G 526 -17.14 43.84 -8.37
CA SER G 526 -18.28 43.00 -8.04
C SER G 526 -19.00 42.57 -9.30
N THR G 527 -19.69 41.43 -9.21
CA THR G 527 -20.47 40.93 -10.34
C THR G 527 -21.92 40.70 -9.93
N ASN G 528 -22.72 40.15 -10.83
CA ASN G 528 -24.10 39.81 -10.52
C ASN G 528 -24.14 38.50 -9.75
N LEU G 529 -25.34 37.98 -9.48
CA LEU G 529 -25.49 36.77 -8.68
C LEU G 529 -25.64 35.52 -9.53
N VAL G 530 -26.65 35.48 -10.40
CA VAL G 530 -26.91 34.34 -11.28
C VAL G 530 -27.13 33.08 -10.45
N LYS G 531 -28.36 32.88 -10.00
CA LYS G 531 -28.71 31.74 -9.16
C LYS G 531 -29.25 30.59 -10.01
N ASN G 532 -29.31 29.41 -9.41
CA ASN G 532 -29.84 28.20 -10.05
C ASN G 532 -29.12 27.89 -11.35
N LYS G 533 -27.79 28.01 -11.33
CA LYS G 533 -26.99 27.68 -12.51
C LYS G 533 -25.61 27.29 -12.04
N CYS G 534 -24.99 26.35 -12.76
CA CYS G 534 -23.65 25.91 -12.43
C CYS G 534 -22.67 27.04 -12.72
N VAL G 535 -22.20 27.71 -11.67
CA VAL G 535 -21.38 28.91 -11.82
C VAL G 535 -20.13 28.77 -10.98
N ASN G 536 -19.18 29.65 -11.23
CA ASN G 536 -17.97 29.74 -10.43
C ASN G 536 -18.09 30.95 -9.52
N PHE G 537 -17.72 30.76 -8.25
CA PHE G 537 -17.88 31.82 -7.26
C PHE G 537 -16.54 32.14 -6.60
N ASN G 538 -16.37 33.40 -6.25
CA ASN G 538 -15.22 33.89 -5.48
C ASN G 538 -15.71 34.81 -4.38
N PHE G 539 -16.71 34.36 -3.61
CA PHE G 539 -17.27 35.13 -2.53
C PHE G 539 -16.20 35.55 -1.53
N ASN G 540 -15.95 36.87 -1.44
CA ASN G 540 -15.11 37.54 -0.45
C ASN G 540 -13.94 36.69 0.03
N GLY G 541 -13.19 36.10 -0.90
CA GLY G 541 -12.04 35.30 -0.56
C GLY G 541 -12.25 33.81 -0.59
N LEU G 542 -13.49 33.32 -0.67
CA LEU G 542 -13.77 31.90 -0.78
C LEU G 542 -13.93 31.55 -2.26
N THR G 543 -13.10 30.64 -2.75
CA THR G 543 -13.10 30.26 -4.15
C THR G 543 -13.52 28.80 -4.30
N GLY G 544 -14.46 28.56 -5.20
CA GLY G 544 -14.88 27.21 -5.52
C GLY G 544 -15.90 27.25 -6.64
N THR G 545 -16.45 26.08 -6.95
CA THR G 545 -17.47 25.94 -7.98
C THR G 545 -18.74 25.39 -7.37
N GLY G 546 -19.87 25.90 -7.80
CA GLY G 546 -21.13 25.46 -7.24
C GLY G 546 -22.32 26.15 -7.87
N VAL G 547 -23.48 25.92 -7.25
CA VAL G 547 -24.74 26.50 -7.66
C VAL G 547 -25.35 27.16 -6.43
N LEU G 548 -26.17 28.19 -6.65
CA LEU G 548 -26.68 29.02 -5.57
C LEU G 548 -28.19 29.20 -5.68
N THR G 549 -28.83 29.48 -4.54
CA THR G 549 -30.22 29.92 -4.55
C THR G 549 -30.55 30.59 -3.23
N LYS G 550 -31.79 31.05 -3.12
CA LYS G 550 -32.26 31.68 -1.89
C LYS G 550 -32.22 30.70 -0.73
N SER G 551 -32.45 31.22 0.47
CA SER G 551 -32.18 30.50 1.70
C SER G 551 -33.19 30.89 2.76
N ASN G 552 -33.37 30.01 3.75
CA ASN G 552 -34.45 30.15 4.73
C ASN G 552 -34.03 29.83 6.16
N LYS G 553 -32.74 29.75 6.45
CA LYS G 553 -32.35 29.60 7.85
C LYS G 553 -31.83 30.93 8.42
N LYS G 554 -31.24 30.83 9.61
CA LYS G 554 -31.16 31.94 10.55
C LYS G 554 -29.72 32.23 10.98
N PHE G 555 -28.83 32.44 10.01
CA PHE G 555 -27.51 33.01 10.28
C PHE G 555 -27.59 34.07 11.36
N LEU G 556 -26.72 33.98 12.35
CA LEU G 556 -26.60 35.05 13.31
C LEU G 556 -26.01 36.28 12.63
N PRO G 557 -26.29 37.48 13.15
CA PRO G 557 -25.80 38.70 12.48
C PRO G 557 -24.30 38.73 12.30
N PHE G 558 -23.54 38.20 13.25
CA PHE G 558 -22.09 38.21 13.10
C PHE G 558 -21.58 37.08 12.21
N GLN G 559 -22.41 36.07 11.94
CA GLN G 559 -21.98 34.95 11.12
C GLN G 559 -21.77 35.41 9.68
N GLN G 560 -20.81 34.79 9.01
CA GLN G 560 -20.48 35.21 7.65
C GLN G 560 -20.40 34.03 6.69
N PHE G 561 -20.15 32.85 7.22
CA PHE G 561 -19.68 31.73 6.41
C PHE G 561 -20.54 30.50 6.69
N GLY G 562 -20.20 29.41 6.03
CA GLY G 562 -20.85 28.14 6.30
C GLY G 562 -19.85 27.01 6.27
N ARG G 563 -20.10 26.02 7.10
CA ARG G 563 -19.24 24.84 7.20
C ARG G 563 -20.06 23.73 7.82
N ASP G 564 -19.47 22.55 7.96
CA ASP G 564 -20.24 21.41 8.43
C ASP G 564 -19.39 20.56 9.37
N ILE G 565 -19.90 19.37 9.68
CA ILE G 565 -19.21 18.43 10.55
C ILE G 565 -17.89 17.99 9.93
N VAL G 566 -17.86 17.79 8.61
CA VAL G 566 -16.66 17.28 7.99
C VAL G 566 -16.01 18.41 7.18
N ASP G 567 -16.22 19.65 7.64
CA ASP G 567 -15.43 20.80 7.22
C ASP G 567 -15.52 21.04 5.70
N THR G 568 -16.72 21.36 5.25
CA THR G 568 -16.97 21.74 3.86
C THR G 568 -17.86 22.98 3.83
N THR G 569 -17.49 23.95 2.99
CA THR G 569 -18.16 25.24 3.01
C THR G 569 -19.53 25.15 2.34
N ASP G 570 -20.58 25.49 3.06
CA ASP G 570 -21.92 25.45 2.52
C ASP G 570 -22.47 26.81 2.14
N ALA G 571 -22.62 27.71 3.11
CA ALA G 571 -23.33 28.96 2.89
C ALA G 571 -22.37 30.14 2.96
N VAL G 572 -22.56 31.09 2.08
CA VAL G 572 -21.84 32.35 2.13
C VAL G 572 -22.86 33.48 2.15
N ARG G 573 -22.79 34.32 3.16
CA ARG G 573 -23.66 35.48 3.21
C ARG G 573 -23.29 36.44 2.09
N ASP G 574 -24.29 36.96 1.41
CA ASP G 574 -24.06 37.86 0.29
C ASP G 574 -23.40 39.13 0.82
N PRO G 575 -22.19 39.47 0.37
CA PRO G 575 -21.49 40.64 0.93
C PRO G 575 -22.05 41.96 0.42
N GLN G 576 -23.16 41.91 -0.31
CA GLN G 576 -23.75 43.14 -0.83
C GLN G 576 -25.28 43.10 -0.73
N THR G 577 -25.81 42.04 -0.11
CA THR G 577 -27.24 41.94 0.13
C THR G 577 -27.59 41.44 1.52
N LEU G 578 -26.63 40.87 2.25
CA LEU G 578 -26.87 40.29 3.57
C LEU G 578 -27.90 39.15 3.47
N GLU G 579 -27.97 38.55 2.29
CA GLU G 579 -28.78 37.36 2.06
C GLU G 579 -27.88 36.14 2.09
N ILE G 580 -28.49 34.99 2.37
CA ILE G 580 -27.77 33.73 2.50
C ILE G 580 -27.94 32.96 1.21
N LEU G 581 -26.83 32.48 0.66
CA LEU G 581 -26.83 31.60 -0.50
C LEU G 581 -25.97 30.39 -0.18
N ASP G 582 -26.20 29.29 -0.87
CA ASP G 582 -25.51 28.06 -0.57
C ASP G 582 -24.78 27.51 -1.78
N ILE G 583 -24.14 26.36 -1.60
CA ILE G 583 -23.17 25.86 -2.55
C ILE G 583 -23.38 24.36 -2.73
N THR G 584 -23.36 23.89 -3.97
CA THR G 584 -23.54 22.49 -4.31
C THR G 584 -22.51 22.07 -5.35
N PRO G 585 -21.96 20.87 -5.24
CA PRO G 585 -21.04 20.37 -6.27
C PRO G 585 -21.71 20.38 -7.64
N CYS G 586 -20.92 20.75 -8.64
CA CYS G 586 -21.44 21.29 -9.89
C CYS G 586 -22.52 20.44 -10.56
N SER G 587 -22.17 19.25 -11.07
CA SER G 587 -23.17 18.48 -11.80
C SER G 587 -23.01 16.96 -11.68
N PHE G 588 -22.36 16.45 -10.64
CA PHE G 588 -21.91 15.07 -10.60
C PHE G 588 -22.96 14.10 -11.10
N GLY G 589 -22.54 13.13 -11.92
CA GLY G 589 -23.44 12.11 -12.42
C GLY G 589 -22.73 10.93 -13.05
N GLY G 590 -23.49 9.92 -13.45
CA GLY G 590 -22.93 8.76 -14.10
C GLY G 590 -23.84 8.25 -15.20
N VAL G 591 -23.30 8.09 -16.40
CA VAL G 591 -24.09 7.71 -17.57
C VAL G 591 -24.07 6.20 -17.72
N SER G 592 -25.20 5.63 -18.12
CA SER G 592 -25.32 4.20 -18.30
C SER G 592 -26.22 3.91 -19.48
N VAL G 593 -25.93 2.84 -20.21
CA VAL G 593 -26.63 2.49 -21.44
C VAL G 593 -27.47 1.24 -21.20
N ILE G 594 -28.77 1.34 -21.41
CA ILE G 594 -29.66 0.19 -21.33
C ILE G 594 -30.04 -0.21 -22.74
N THR G 595 -29.78 -1.46 -23.10
CA THR G 595 -30.07 -1.93 -24.45
C THR G 595 -30.52 -3.37 -24.39
N PRO G 596 -31.39 -3.78 -25.30
CA PRO G 596 -31.63 -5.20 -25.53
C PRO G 596 -30.40 -5.79 -26.20
N GLY G 597 -30.40 -7.12 -26.34
CA GLY G 597 -29.26 -7.77 -26.96
C GLY G 597 -29.02 -7.24 -28.36
N THR G 598 -27.74 -7.08 -28.71
CA THR G 598 -27.40 -6.59 -30.03
C THR G 598 -27.94 -7.51 -31.11
N ASN G 599 -28.11 -8.79 -30.79
CA ASN G 599 -28.78 -9.72 -31.69
C ASN G 599 -30.20 -9.29 -32.01
N THR G 600 -30.85 -8.53 -31.13
CA THR G 600 -32.24 -8.12 -31.31
C THR G 600 -32.35 -6.78 -32.03
N SER G 601 -31.70 -5.74 -31.53
CA SER G 601 -31.82 -4.43 -32.17
C SER G 601 -30.65 -3.55 -31.75
N ASN G 602 -30.34 -2.57 -32.58
CA ASN G 602 -29.34 -1.57 -32.25
C ASN G 602 -29.91 -0.41 -31.45
N GLN G 603 -31.22 -0.39 -31.24
CA GLN G 603 -31.82 0.68 -30.45
C GLN G 603 -31.30 0.63 -29.02
N VAL G 604 -30.95 1.79 -28.48
CA VAL G 604 -30.51 1.89 -27.09
C VAL G 604 -31.22 3.08 -26.46
N ALA G 605 -31.30 3.03 -25.13
CA ALA G 605 -31.73 4.15 -24.33
C ALA G 605 -30.63 4.45 -23.33
N VAL G 606 -30.38 5.72 -23.09
CA VAL G 606 -29.28 6.16 -22.25
C VAL G 606 -29.84 6.68 -20.94
N LEU G 607 -29.06 6.52 -19.88
CA LEU G 607 -29.45 6.96 -18.54
C LEU G 607 -28.36 7.84 -17.98
N TYR G 608 -28.76 8.86 -17.21
CA TYR G 608 -27.84 9.67 -16.44
C TYR G 608 -28.23 9.60 -14.98
N GLN G 609 -27.39 8.97 -14.16
CA GLN G 609 -27.74 8.72 -12.77
C GLN G 609 -27.88 10.04 -12.00
N GLY G 610 -29.04 10.23 -11.38
CA GLY G 610 -29.23 11.30 -10.43
C GLY G 610 -28.95 12.70 -10.93
N VAL G 611 -29.45 13.03 -12.12
CA VAL G 611 -29.25 14.34 -12.72
C VAL G 611 -30.60 14.87 -13.15
N ASN G 612 -30.96 16.06 -12.69
CA ASN G 612 -32.14 16.74 -13.22
C ASN G 612 -31.92 17.02 -14.69
N CYS G 613 -32.89 16.66 -15.52
CA CYS G 613 -32.59 16.56 -16.94
C CYS G 613 -32.99 17.78 -17.75
N THR G 614 -33.30 18.90 -17.11
CA THR G 614 -33.13 20.16 -17.80
C THR G 614 -31.64 20.46 -17.95
N GLU G 615 -30.85 20.05 -16.96
CA GLU G 615 -29.42 20.33 -16.95
C GLU G 615 -28.70 19.61 -18.08
N VAL G 616 -28.98 18.33 -18.27
CA VAL G 616 -28.26 17.56 -19.28
C VAL G 616 -28.58 18.15 -20.64
N SER G 617 -29.80 18.57 -20.84
CA SER G 617 -30.23 19.09 -22.13
C SER G 617 -29.66 20.47 -22.42
N VAL G 618 -29.64 21.37 -21.44
CA VAL G 618 -29.12 22.70 -21.71
C VAL G 618 -27.60 22.72 -21.69
N ALA G 619 -26.97 21.75 -21.05
CA ALA G 619 -25.52 21.72 -20.91
C ALA G 619 -24.85 20.84 -21.95
N ILE G 620 -25.60 20.33 -22.93
CA ILE G 620 -25.00 19.53 -23.99
C ILE G 620 -24.02 20.37 -24.80
N HIS G 621 -24.42 21.59 -25.13
CA HIS G 621 -23.57 22.47 -25.92
C HIS G 621 -22.35 22.90 -25.12
N ALA G 622 -21.25 23.13 -25.84
CA ALA G 622 -20.01 23.66 -25.26
C ALA G 622 -19.34 22.65 -24.33
N ASP G 623 -19.35 21.38 -24.71
CA ASP G 623 -18.65 20.32 -23.98
C ASP G 623 -17.89 19.46 -24.98
N GLN G 624 -17.14 18.48 -24.46
CA GLN G 624 -16.53 17.49 -25.34
C GLN G 624 -17.62 16.65 -25.99
N LEU G 625 -17.34 16.15 -27.19
CA LEU G 625 -18.38 15.47 -27.94
C LEU G 625 -18.13 13.98 -28.21
N THR G 626 -16.87 13.52 -28.24
CA THR G 626 -16.74 12.10 -28.55
C THR G 626 -17.18 11.22 -27.37
N PRO G 627 -16.42 11.11 -26.28
CA PRO G 627 -17.00 10.83 -24.97
C PRO G 627 -17.91 11.90 -24.40
N THR G 628 -18.33 11.73 -23.15
CA THR G 628 -19.15 12.70 -22.44
C THR G 628 -20.35 13.10 -23.30
N TRP G 629 -21.19 12.08 -23.52
CA TRP G 629 -22.01 12.00 -24.73
C TRP G 629 -22.74 13.28 -25.05
N ARG G 630 -22.75 13.62 -26.34
CA ARG G 630 -23.45 14.82 -26.79
C ARG G 630 -24.95 14.60 -26.81
N VAL G 631 -25.42 13.72 -27.72
CA VAL G 631 -26.81 13.36 -27.93
C VAL G 631 -27.70 14.57 -28.17
N TYR G 632 -28.58 14.49 -29.17
CA TYR G 632 -29.66 15.44 -29.30
C TYR G 632 -30.92 14.76 -28.82
N SER G 633 -31.46 15.25 -27.70
CA SER G 633 -32.56 14.62 -26.99
C SER G 633 -33.82 14.64 -27.86
N THR G 634 -34.13 13.52 -28.50
CA THR G 634 -35.25 13.43 -29.44
C THR G 634 -36.34 12.48 -28.98
N GLY G 635 -35.98 11.25 -28.65
CA GLY G 635 -36.94 10.18 -28.48
C GLY G 635 -37.66 10.17 -27.16
N SER G 636 -38.65 11.05 -27.01
CA SER G 636 -39.47 11.13 -25.81
C SER G 636 -38.59 11.17 -24.56
N ASN G 637 -37.59 12.04 -24.65
CA ASN G 637 -36.52 12.14 -23.66
C ASN G 637 -37.05 12.82 -22.40
N VAL G 638 -36.11 13.24 -21.53
CA VAL G 638 -36.36 13.82 -20.22
C VAL G 638 -37.50 13.11 -19.50
N PHE G 639 -37.49 11.79 -19.51
CA PHE G 639 -38.38 11.05 -18.60
C PHE G 639 -37.70 10.99 -17.24
N GLN G 640 -37.80 12.11 -16.53
CA GLN G 640 -37.12 12.24 -15.24
C GLN G 640 -37.65 11.22 -14.24
N THR G 641 -36.83 10.23 -13.91
CA THR G 641 -37.19 9.21 -12.94
C THR G 641 -36.72 9.63 -11.56
N ARG G 642 -36.82 8.71 -10.61
CA ARG G 642 -36.26 8.95 -9.28
C ARG G 642 -34.77 8.69 -9.22
N ALA G 643 -34.19 8.09 -10.25
CA ALA G 643 -32.76 7.82 -10.30
C ALA G 643 -32.04 8.59 -11.40
N GLY G 644 -32.78 9.15 -12.36
CA GLY G 644 -32.18 9.88 -13.45
C GLY G 644 -33.21 10.11 -14.53
N CYS G 645 -32.80 10.07 -15.79
CA CYS G 645 -33.79 10.17 -16.87
C CYS G 645 -33.32 9.39 -18.08
N LEU G 646 -34.25 8.66 -18.68
CA LEU G 646 -33.98 7.87 -19.87
C LEU G 646 -34.17 8.75 -21.10
N ILE G 647 -33.07 9.14 -21.72
CA ILE G 647 -33.10 9.98 -22.91
C ILE G 647 -33.11 9.01 -24.09
N GLY G 648 -34.31 8.64 -24.52
CA GLY G 648 -34.46 7.68 -25.59
C GLY G 648 -35.45 6.57 -25.29
N ALA G 649 -36.21 6.72 -24.21
CA ALA G 649 -37.21 5.74 -23.81
C ALA G 649 -38.52 6.42 -23.47
N GLU G 650 -39.61 5.70 -23.67
CA GLU G 650 -40.96 6.21 -23.42
C GLU G 650 -41.53 5.60 -22.16
N TYR G 651 -42.10 6.44 -21.30
CA TYR G 651 -42.75 5.93 -20.10
C TYR G 651 -44.09 5.30 -20.46
N VAL G 652 -44.56 4.39 -19.61
CA VAL G 652 -45.83 3.72 -19.82
C VAL G 652 -46.33 3.22 -18.47
N ASN G 653 -47.65 3.09 -18.36
CA ASN G 653 -48.29 2.58 -17.16
C ASN G 653 -48.72 1.13 -17.38
N ASN G 654 -47.82 0.19 -17.11
CA ASN G 654 -48.17 -1.22 -17.14
C ASN G 654 -47.55 -1.97 -15.98
N SER G 655 -47.61 -3.29 -16.03
CA SER G 655 -47.10 -4.12 -14.95
C SER G 655 -46.34 -5.31 -15.52
N TYR G 656 -45.46 -5.07 -16.48
CA TYR G 656 -44.63 -6.16 -16.97
C TYR G 656 -43.58 -6.53 -15.93
N GLU G 657 -42.97 -7.69 -16.12
CA GLU G 657 -41.86 -8.08 -15.24
C GLU G 657 -40.62 -7.25 -15.54
N CYS G 658 -39.71 -7.19 -14.58
CA CYS G 658 -38.48 -6.45 -14.79
C CYS G 658 -37.56 -7.23 -15.73
N ASP G 659 -37.11 -6.57 -16.79
CA ASP G 659 -36.10 -7.13 -17.68
C ASP G 659 -34.73 -6.52 -17.45
N ILE G 660 -34.62 -5.20 -17.53
CA ILE G 660 -33.38 -4.48 -17.29
C ILE G 660 -33.59 -3.56 -16.11
N PRO G 661 -33.26 -4.00 -14.90
CA PRO G 661 -33.41 -3.14 -13.72
C PRO G 661 -32.65 -1.84 -13.88
N ILE G 662 -33.24 -0.75 -13.42
CA ILE G 662 -32.73 0.59 -13.61
C ILE G 662 -32.41 1.26 -12.28
N GLY G 663 -33.34 1.21 -11.34
CA GLY G 663 -33.15 1.84 -10.04
C GLY G 663 -34.40 2.59 -9.63
N ALA G 664 -34.67 2.59 -8.32
CA ALA G 664 -35.83 3.24 -7.76
C ALA G 664 -37.13 2.73 -8.38
N GLY G 665 -37.21 1.42 -8.57
CA GLY G 665 -38.43 0.81 -9.06
C GLY G 665 -38.80 1.17 -10.49
N ILE G 666 -37.83 1.15 -11.39
CA ILE G 666 -38.07 1.39 -12.80
C ILE G 666 -37.40 0.27 -13.58
N CYS G 667 -38.10 -0.31 -14.53
CA CYS G 667 -37.52 -1.37 -15.36
C CYS G 667 -37.87 -1.13 -16.81
N ALA G 668 -36.84 -1.15 -17.66
CA ALA G 668 -36.99 -0.97 -19.08
C ALA G 668 -37.08 -2.32 -19.77
N SER G 669 -37.65 -2.30 -20.98
CA SER G 669 -37.83 -3.54 -21.73
C SER G 669 -38.05 -3.23 -23.19
N TYR G 670 -37.50 -4.08 -24.05
CA TYR G 670 -37.72 -3.98 -25.48
C TYR G 670 -39.02 -4.69 -25.82
N GLN G 671 -40.02 -3.93 -26.25
CA GLN G 671 -41.31 -4.50 -26.62
C GLN G 671 -41.73 -3.95 -27.97
N THR G 672 -42.49 -4.76 -28.70
CA THR G 672 -43.03 -4.33 -29.98
C THR G 672 -44.15 -3.33 -29.76
N GLN G 673 -44.15 -2.27 -30.56
CA GLN G 673 -45.17 -1.23 -30.46
C GLN G 673 -46.53 -1.77 -30.88
N SER G 685 -42.10 -0.32 -35.24
CA SER G 685 -43.07 -1.06 -34.44
C SER G 685 -42.40 -1.68 -33.21
N GLN G 686 -41.20 -1.21 -32.90
CA GLN G 686 -40.44 -1.68 -31.76
C GLN G 686 -39.77 -0.50 -31.09
N SER G 687 -39.76 -0.50 -29.75
CA SER G 687 -39.17 0.60 -29.01
C SER G 687 -38.86 0.13 -27.60
N ILE G 688 -38.09 0.93 -26.88
CA ILE G 688 -37.73 0.66 -25.50
C ILE G 688 -38.64 1.48 -24.60
N ILE G 689 -39.32 0.81 -23.68
CA ILE G 689 -40.25 1.47 -22.77
C ILE G 689 -39.70 1.38 -21.36
N ALA G 690 -40.16 2.30 -20.51
CA ALA G 690 -39.83 2.30 -19.10
C ALA G 690 -41.12 2.29 -18.30
N TYR G 691 -41.17 1.46 -17.27
CA TYR G 691 -42.39 1.31 -16.49
C TYR G 691 -42.02 0.95 -15.07
N THR G 692 -42.96 1.18 -14.16
CA THR G 692 -42.77 0.76 -12.77
C THR G 692 -42.89 -0.75 -12.67
N MET G 693 -42.18 -1.32 -11.70
CA MET G 693 -42.13 -2.76 -11.58
C MET G 693 -43.50 -3.33 -11.24
N SER G 694 -43.71 -4.58 -11.61
CA SER G 694 -44.80 -5.38 -11.09
C SER G 694 -44.21 -6.48 -10.22
N LEU G 695 -44.62 -6.51 -8.95
CA LEU G 695 -44.04 -7.48 -8.04
C LEU G 695 -44.62 -8.87 -8.23
N GLY G 696 -45.58 -9.03 -9.12
CA GLY G 696 -46.12 -10.34 -9.42
C GLY G 696 -47.56 -10.24 -9.87
N ALA G 697 -48.08 -11.37 -10.34
CA ALA G 697 -49.48 -11.44 -10.70
C ALA G 697 -50.34 -11.31 -9.45
N GLU G 698 -51.29 -10.38 -9.50
CA GLU G 698 -52.12 -10.11 -8.33
C GLU G 698 -53.00 -11.29 -8.01
N ASN G 699 -53.05 -11.68 -6.73
CA ASN G 699 -53.79 -12.85 -6.30
C ASN G 699 -54.38 -12.60 -4.92
N SER G 700 -55.43 -13.36 -4.59
CA SER G 700 -56.07 -13.25 -3.29
C SER G 700 -56.86 -14.51 -3.02
N VAL G 701 -56.46 -15.28 -2.00
CA VAL G 701 -57.27 -16.38 -1.53
C VAL G 701 -58.36 -15.79 -0.66
N ALA G 702 -59.41 -16.57 -0.39
CA ALA G 702 -60.55 -16.09 0.40
C ALA G 702 -60.54 -16.86 1.72
N TYR G 703 -59.98 -16.23 2.76
CA TYR G 703 -59.97 -16.88 4.06
C TYR G 703 -61.38 -16.87 4.62
N SER G 704 -62.02 -18.02 4.65
CA SER G 704 -63.36 -18.16 5.20
C SER G 704 -63.34 -19.13 6.36
N ASN G 705 -64.15 -18.84 7.38
CA ASN G 705 -64.15 -19.61 8.63
C ASN G 705 -64.32 -21.10 8.39
N ASN G 706 -64.88 -21.48 7.24
CA ASN G 706 -65.12 -22.88 6.97
C ASN G 706 -64.78 -23.24 5.53
N SER G 707 -63.65 -22.78 5.02
CA SER G 707 -63.22 -23.07 3.66
C SER G 707 -61.84 -23.68 3.66
N ILE G 708 -61.73 -24.87 3.08
CA ILE G 708 -60.45 -25.53 2.87
C ILE G 708 -60.37 -26.03 1.45
N ALA G 709 -59.26 -25.69 0.77
CA ALA G 709 -58.98 -26.19 -0.57
C ALA G 709 -57.87 -27.23 -0.47
N ILE G 710 -58.10 -28.42 -1.03
CA ILE G 710 -57.17 -29.53 -0.92
C ILE G 710 -56.85 -30.04 -2.31
N PRO G 711 -55.59 -30.09 -2.72
CA PRO G 711 -55.27 -30.51 -4.09
C PRO G 711 -55.65 -31.97 -4.32
N THR G 712 -56.20 -32.24 -5.50
CA THR G 712 -56.64 -33.58 -5.86
C THR G 712 -55.65 -34.32 -6.75
N ASN G 713 -54.76 -33.60 -7.42
CA ASN G 713 -53.75 -34.21 -8.27
C ASN G 713 -52.39 -33.69 -7.81
N PHE G 714 -51.34 -34.18 -8.44
CA PHE G 714 -50.00 -33.85 -7.98
C PHE G 714 -49.06 -33.85 -9.17
N THR G 715 -47.95 -33.12 -9.03
CA THR G 715 -46.98 -33.04 -10.10
C THR G 715 -45.58 -33.23 -9.53
N ILE G 716 -44.67 -33.65 -10.39
CA ILE G 716 -43.26 -33.81 -10.06
C ILE G 716 -42.46 -32.90 -10.97
N SER G 717 -41.53 -32.16 -10.40
CA SER G 717 -40.70 -31.24 -11.16
C SER G 717 -39.25 -31.43 -10.75
N VAL G 718 -38.34 -31.13 -11.66
CA VAL G 718 -36.91 -31.15 -11.38
C VAL G 718 -36.33 -29.77 -11.68
N THR G 719 -35.96 -29.05 -10.64
CA THR G 719 -35.33 -27.75 -10.80
C THR G 719 -33.85 -27.95 -11.06
N THR G 720 -33.05 -26.91 -10.82
CA THR G 720 -31.61 -27.03 -10.93
C THR G 720 -30.94 -26.01 -10.03
N GLU G 721 -29.87 -26.43 -9.36
CA GLU G 721 -29.09 -25.56 -8.49
C GLU G 721 -27.62 -25.76 -8.82
N ILE G 722 -26.90 -24.66 -9.07
CA ILE G 722 -25.52 -24.71 -9.50
C ILE G 722 -24.67 -23.93 -8.50
N LEU G 723 -23.60 -24.55 -8.00
CA LEU G 723 -22.79 -23.96 -6.96
C LEU G 723 -21.31 -24.17 -7.29
N PRO G 724 -20.47 -23.15 -7.14
CA PRO G 724 -19.04 -23.38 -7.28
C PRO G 724 -18.52 -24.20 -6.12
N VAL G 725 -17.38 -24.85 -6.33
CA VAL G 725 -16.82 -25.68 -5.27
C VAL G 725 -15.36 -25.28 -5.02
N SER G 726 -14.72 -24.66 -6.01
CA SER G 726 -13.33 -24.25 -5.88
C SER G 726 -12.94 -23.45 -7.11
N MET G 727 -11.74 -22.89 -7.06
CA MET G 727 -11.18 -22.17 -8.19
C MET G 727 -9.82 -22.72 -8.54
N THR G 728 -9.26 -22.22 -9.64
CA THR G 728 -7.93 -22.65 -10.06
C THR G 728 -6.91 -22.25 -9.00
N LYS G 729 -5.92 -23.12 -8.81
CA LYS G 729 -4.89 -22.92 -7.81
C LYS G 729 -3.71 -22.19 -8.44
N THR G 730 -3.37 -21.03 -7.91
CA THR G 730 -2.28 -20.21 -8.43
C THR G 730 -1.11 -20.23 -7.46
N SER G 731 0.10 -20.25 -8.00
CA SER G 731 1.33 -20.45 -7.23
C SER G 731 2.34 -19.37 -7.55
N VAL G 732 1.91 -18.11 -7.43
CA VAL G 732 2.79 -16.96 -7.69
C VAL G 732 4.09 -17.10 -6.91
N ASP G 733 5.20 -16.77 -7.55
CA ASP G 733 6.49 -16.67 -6.88
C ASP G 733 7.04 -15.26 -7.03
N CYS G 734 7.37 -14.65 -5.88
CA CYS G 734 7.71 -13.24 -5.83
C CYS G 734 8.91 -12.92 -6.71
N THR G 735 9.94 -13.76 -6.63
CA THR G 735 11.18 -13.46 -7.32
C THR G 735 10.98 -13.36 -8.82
N MET G 736 10.37 -14.39 -9.42
CA MET G 736 10.18 -14.34 -10.86
C MET G 736 9.17 -13.29 -11.27
N TYR G 737 8.11 -13.05 -10.48
CA TYR G 737 7.17 -12.04 -10.92
C TYR G 737 7.78 -10.65 -10.90
N ILE G 738 8.40 -10.26 -9.80
CA ILE G 738 8.80 -8.86 -9.65
C ILE G 738 10.21 -8.58 -10.16
N CYS G 739 11.04 -9.61 -10.36
CA CYS G 739 12.41 -9.40 -10.86
C CYS G 739 12.71 -10.49 -11.88
N GLY G 740 12.40 -10.20 -13.13
CA GLY G 740 12.75 -11.13 -14.19
C GLY G 740 14.25 -11.26 -14.30
N ASP G 741 14.77 -12.41 -13.87
CA ASP G 741 16.16 -12.84 -14.00
C ASP G 741 17.19 -11.71 -13.87
N SER G 742 17.02 -10.86 -12.85
CA SER G 742 17.93 -9.75 -12.59
C SER G 742 18.39 -9.85 -11.13
N THR G 743 19.69 -10.08 -10.94
CA THR G 743 20.23 -10.23 -9.60
C THR G 743 20.13 -8.94 -8.79
N GLU G 744 20.30 -7.80 -9.46
CA GLU G 744 20.19 -6.52 -8.77
C GLU G 744 18.79 -6.30 -8.23
N CYS G 745 17.78 -6.57 -9.06
CA CYS G 745 16.40 -6.49 -8.59
C CYS G 745 16.15 -7.52 -7.49
N SER G 746 16.76 -8.69 -7.61
CA SER G 746 16.61 -9.70 -6.57
C SER G 746 17.16 -9.21 -5.23
N ASN G 747 18.32 -8.55 -5.27
CA ASN G 747 18.90 -7.99 -4.05
C ASN G 747 18.02 -6.88 -3.48
N LEU G 748 17.46 -6.04 -4.35
CA LEU G 748 16.56 -5.00 -3.88
C LEU G 748 15.33 -5.60 -3.22
N LEU G 749 14.77 -6.66 -3.80
CA LEU G 749 13.65 -7.35 -3.18
C LEU G 749 14.04 -7.96 -1.85
N LEU G 750 15.21 -8.61 -1.79
CA LEU G 750 15.65 -9.26 -0.56
C LEU G 750 15.83 -8.25 0.55
N GLN G 751 16.40 -7.09 0.23
CA GLN G 751 16.58 -6.04 1.24
C GLN G 751 15.24 -5.57 1.78
N TYR G 752 14.18 -5.63 0.95
CA TYR G 752 12.82 -5.34 1.42
C TYR G 752 12.34 -6.33 2.43
N GLY G 753 13.15 -7.31 2.79
CA GLY G 753 12.78 -8.25 3.82
C GLY G 753 11.84 -9.33 3.30
N SER G 754 11.29 -10.08 4.25
CA SER G 754 10.41 -11.20 3.93
C SER G 754 8.98 -10.73 3.66
N PHE G 755 8.80 -9.89 2.65
CA PHE G 755 7.45 -9.48 2.29
C PHE G 755 6.77 -10.50 1.37
N CYS G 756 7.53 -11.40 0.77
CA CYS G 756 6.95 -12.33 -0.21
C CYS G 756 6.80 -13.75 0.32
N THR G 757 7.46 -14.09 1.42
CA THR G 757 7.21 -15.38 2.06
C THR G 757 5.76 -15.48 2.52
N GLN G 758 5.21 -14.39 3.07
CA GLN G 758 3.80 -14.38 3.44
C GLN G 758 2.91 -14.59 2.23
N LEU G 759 3.27 -14.00 1.09
CA LEU G 759 2.48 -14.18 -0.12
C LEU G 759 2.50 -15.64 -0.56
N LYS G 760 3.68 -16.27 -0.57
CA LYS G 760 3.74 -17.66 -0.96
C LYS G 760 2.96 -18.54 0.01
N ARG G 761 3.07 -18.25 1.31
CA ARG G 761 2.34 -19.03 2.30
C ARG G 761 0.83 -18.89 2.13
N ALA G 762 0.37 -17.66 1.88
CA ALA G 762 -1.07 -17.44 1.69
C ALA G 762 -1.58 -18.19 0.47
N LEU G 763 -0.82 -18.15 -0.63
CA LEU G 763 -1.26 -18.86 -1.83
C LEU G 763 -1.28 -20.36 -1.60
N THR G 764 -0.30 -20.89 -0.87
CA THR G 764 -0.33 -22.30 -0.51
C THR G 764 -1.56 -22.61 0.33
N GLY G 765 -1.89 -21.72 1.27
CA GLY G 765 -3.04 -21.94 2.11
C GLY G 765 -4.34 -22.00 1.31
N ILE G 766 -4.52 -21.08 0.38
CA ILE G 766 -5.75 -21.11 -0.42
C ILE G 766 -5.76 -22.34 -1.32
N ALA G 767 -4.60 -22.76 -1.82
CA ALA G 767 -4.58 -23.97 -2.65
C ALA G 767 -5.05 -25.18 -1.85
N VAL G 768 -4.51 -25.34 -0.64
CA VAL G 768 -4.95 -26.43 0.22
C VAL G 768 -6.43 -26.29 0.54
N GLU G 769 -6.91 -25.05 0.69
CA GLU G 769 -8.32 -24.85 0.99
C GLU G 769 -9.22 -25.34 -0.14
N GLN G 770 -8.85 -25.05 -1.41
CA GLN G 770 -9.65 -25.59 -2.51
C GLN G 770 -9.60 -27.11 -2.54
N ASP G 771 -8.41 -27.68 -2.29
CA ASP G 771 -8.30 -29.13 -2.29
C ASP G 771 -9.24 -29.72 -1.24
N LYS G 772 -9.23 -29.15 -0.03
CA LYS G 772 -10.11 -29.64 1.02
C LYS G 772 -11.56 -29.41 0.69
N ASN G 773 -11.88 -28.30 0.02
CA ASN G 773 -13.27 -28.04 -0.37
C ASN G 773 -13.79 -29.15 -1.28
N THR G 774 -13.05 -29.45 -2.34
CA THR G 774 -13.56 -30.47 -3.25
C THR G 774 -13.58 -31.84 -2.61
N GLN G 775 -12.61 -32.14 -1.74
CA GLN G 775 -12.62 -33.42 -1.05
C GLN G 775 -13.85 -33.53 -0.16
N GLU G 776 -14.14 -32.49 0.62
CA GLU G 776 -15.29 -32.51 1.52
C GLU G 776 -16.60 -32.61 0.75
N VAL G 777 -16.73 -31.86 -0.34
CA VAL G 777 -17.99 -31.84 -1.07
C VAL G 777 -18.24 -33.19 -1.73
N PHE G 778 -17.24 -33.73 -2.41
CA PHE G 778 -17.53 -34.92 -3.22
C PHE G 778 -17.34 -36.22 -2.44
N ALA G 779 -16.21 -36.37 -1.75
CA ALA G 779 -15.87 -37.64 -1.12
C ALA G 779 -16.61 -37.78 0.22
N GLN G 780 -17.92 -37.89 0.12
CA GLN G 780 -18.77 -38.12 1.28
C GLN G 780 -19.02 -39.60 1.53
N VAL G 781 -18.48 -40.48 0.67
CA VAL G 781 -18.74 -41.91 0.74
C VAL G 781 -17.43 -42.65 0.80
N LYS G 782 -17.34 -43.61 1.71
CA LYS G 782 -16.12 -44.39 1.86
C LYS G 782 -15.95 -45.40 0.72
N GLN G 783 -17.04 -46.05 0.32
CA GLN G 783 -16.98 -47.15 -0.63
C GLN G 783 -17.59 -46.74 -1.95
N ILE G 784 -16.88 -47.01 -3.04
CA ILE G 784 -17.36 -46.69 -4.37
C ILE G 784 -18.36 -47.76 -4.79
N TYR G 785 -19.61 -47.37 -4.93
CA TYR G 785 -20.65 -48.28 -5.41
C TYR G 785 -20.72 -48.26 -6.93
N LYS G 786 -21.41 -49.25 -7.49
CA LYS G 786 -21.71 -49.26 -8.91
C LYS G 786 -23.12 -49.78 -9.10
N THR G 787 -23.78 -49.29 -10.15
CA THR G 787 -25.12 -49.74 -10.45
C THR G 787 -25.09 -51.19 -10.96
N PRO G 788 -26.16 -51.93 -10.76
CA PRO G 788 -26.23 -53.31 -11.25
C PRO G 788 -26.21 -53.34 -12.76
N PRO G 789 -25.85 -54.48 -13.36
CA PRO G 789 -25.73 -54.53 -14.82
C PRO G 789 -27.01 -54.17 -15.55
N ILE G 790 -28.16 -54.57 -15.03
CA ILE G 790 -29.44 -54.19 -15.61
C ILE G 790 -29.90 -52.90 -14.96
N LYS G 791 -30.66 -52.10 -15.73
CA LYS G 791 -31.16 -50.81 -15.26
C LYS G 791 -32.66 -50.73 -15.55
N TYR G 792 -33.46 -51.25 -14.63
CA TYR G 792 -34.91 -51.08 -14.65
C TYR G 792 -35.34 -50.73 -13.24
N PHE G 793 -35.48 -49.44 -12.97
CA PHE G 793 -35.87 -48.95 -11.66
C PHE G 793 -37.36 -48.61 -11.63
N GLY G 794 -38.18 -49.63 -11.82
CA GLY G 794 -39.62 -49.43 -11.73
C GLY G 794 -40.16 -48.40 -12.69
N GLY G 795 -39.71 -48.42 -13.94
CA GLY G 795 -40.13 -47.47 -14.93
C GLY G 795 -39.35 -46.17 -14.92
N PHE G 796 -38.80 -45.77 -13.78
CA PHE G 796 -38.02 -44.55 -13.72
C PHE G 796 -36.80 -44.70 -14.61
N ASN G 797 -36.73 -43.91 -15.67
CA ASN G 797 -35.69 -44.05 -16.67
C ASN G 797 -34.63 -42.98 -16.42
N PHE G 798 -33.65 -43.31 -15.58
CA PHE G 798 -32.56 -42.39 -15.31
C PHE G 798 -31.76 -42.12 -16.58
N SER G 799 -31.05 -43.15 -17.06
CA SER G 799 -30.20 -43.06 -18.24
C SER G 799 -29.38 -41.78 -18.26
N GLN G 800 -30.06 -40.64 -18.44
CA GLN G 800 -29.45 -39.34 -18.60
C GLN G 800 -28.46 -38.99 -17.50
N ILE G 801 -28.72 -39.42 -16.26
CA ILE G 801 -27.83 -39.09 -15.16
C ILE G 801 -26.85 -40.21 -14.83
N LEU G 802 -27.18 -41.46 -15.14
CA LEU G 802 -26.26 -42.55 -14.88
C LEU G 802 -25.12 -42.52 -15.89
N PRO G 803 -23.96 -43.04 -15.54
CA PRO G 803 -22.83 -43.04 -16.48
C PRO G 803 -23.12 -43.89 -17.70
N ASP G 804 -22.58 -43.46 -18.83
CA ASP G 804 -22.73 -44.16 -20.10
C ASP G 804 -21.40 -44.80 -20.49
N PRO G 805 -21.27 -46.12 -20.38
CA PRO G 805 -19.96 -46.75 -20.64
C PRO G 805 -19.47 -46.57 -22.06
N SER G 806 -20.36 -46.33 -23.02
CA SER G 806 -19.91 -46.17 -24.41
C SER G 806 -18.98 -44.97 -24.54
N LYS G 807 -19.30 -43.88 -23.87
CA LYS G 807 -18.41 -42.73 -23.85
C LYS G 807 -17.13 -43.11 -23.10
N PRO G 808 -15.95 -42.75 -23.61
CA PRO G 808 -14.71 -43.13 -22.92
C PRO G 808 -14.53 -42.45 -21.57
N SER G 809 -15.18 -41.32 -21.31
CA SER G 809 -15.03 -40.64 -20.04
C SER G 809 -15.90 -41.22 -18.94
N LYS G 810 -16.80 -42.14 -19.28
CA LYS G 810 -17.73 -42.74 -18.33
C LYS G 810 -18.49 -41.66 -17.56
N ARG G 811 -19.15 -40.80 -18.32
CA ARG G 811 -19.88 -39.66 -17.77
C ARG G 811 -21.30 -39.68 -18.31
N SER G 812 -22.19 -39.04 -17.57
CA SER G 812 -23.58 -38.96 -17.98
C SER G 812 -23.76 -37.90 -19.05
N PRO G 813 -24.81 -38.02 -19.87
CA PRO G 813 -25.06 -36.97 -20.88
C PRO G 813 -25.24 -35.58 -20.31
N ILE G 814 -25.86 -35.46 -19.14
CA ILE G 814 -25.98 -34.13 -18.52
C ILE G 814 -24.59 -33.61 -18.14
N GLU G 815 -23.74 -34.49 -17.61
CA GLU G 815 -22.35 -34.10 -17.37
C GLU G 815 -21.68 -33.67 -18.65
N ASP G 816 -21.98 -34.35 -19.76
CA ASP G 816 -21.40 -33.97 -21.04
C ASP G 816 -21.82 -32.56 -21.45
N LEU G 817 -23.11 -32.25 -21.31
CA LEU G 817 -23.57 -30.92 -21.67
C LEU G 817 -22.93 -29.87 -20.77
N LEU G 818 -22.82 -30.16 -19.47
CA LEU G 818 -22.17 -29.21 -18.57
C LEU G 818 -20.72 -28.99 -18.94
N PHE G 819 -20.01 -30.05 -19.31
CA PHE G 819 -18.63 -29.91 -19.72
C PHE G 819 -18.51 -29.08 -20.99
N ASN G 820 -19.41 -29.30 -21.95
CA ASN G 820 -19.30 -28.61 -23.23
C ASN G 820 -19.67 -27.13 -23.11
N LYS G 821 -20.75 -26.83 -22.39
CA LYS G 821 -21.24 -25.46 -22.29
C LYS G 821 -20.27 -24.52 -21.59
N VAL G 822 -19.32 -25.04 -20.83
CA VAL G 822 -18.37 -24.23 -20.09
C VAL G 822 -17.04 -24.29 -20.84
N THR G 823 -16.53 -23.13 -21.23
CA THR G 823 -15.26 -23.01 -21.93
C THR G 823 -14.24 -22.40 -20.98
N LEU G 824 -13.18 -23.14 -20.69
CA LEU G 824 -12.11 -22.68 -19.80
C LEU G 824 -10.98 -22.09 -20.64
N ALA G 825 -10.63 -20.85 -20.35
CA ALA G 825 -9.43 -20.29 -20.95
C ALA G 825 -8.19 -21.05 -20.49
N ASP G 826 -8.06 -21.24 -19.18
CA ASP G 826 -6.94 -21.98 -18.59
C ASP G 826 -7.45 -23.30 -18.03
N ALA G 827 -7.15 -24.39 -18.74
CA ALA G 827 -7.44 -25.72 -18.21
C ALA G 827 -6.43 -26.13 -17.15
N GLY G 828 -5.18 -25.70 -17.27
CA GLY G 828 -4.15 -26.00 -16.29
C GLY G 828 -3.43 -27.32 -16.44
N PHE G 829 -4.20 -28.42 -16.55
CA PHE G 829 -3.63 -29.75 -16.71
C PHE G 829 -3.41 -30.09 -18.18
N ILE G 830 -2.77 -29.18 -18.89
CA ILE G 830 -2.48 -29.38 -20.30
C ILE G 830 -0.96 -29.42 -20.48
N LYS G 831 -0.25 -28.92 -19.47
CA LYS G 831 1.19 -28.73 -19.54
C LYS G 831 1.56 -27.99 -20.84
N GLN G 832 1.00 -26.78 -20.97
CA GLN G 832 1.02 -26.06 -22.23
C GLN G 832 2.43 -25.72 -22.71
N TYR G 833 3.46 -26.10 -21.96
CA TYR G 833 4.81 -26.11 -22.49
C TYR G 833 4.89 -27.02 -23.71
N GLY G 834 5.60 -26.56 -24.74
CA GLY G 834 5.77 -27.30 -25.97
C GLY G 834 4.89 -26.83 -27.11
N ASP G 835 3.80 -26.13 -26.82
CA ASP G 835 2.93 -25.59 -27.86
C ASP G 835 2.93 -24.07 -27.90
N CYS G 836 3.22 -23.39 -26.79
CA CYS G 836 3.50 -21.96 -26.86
C CYS G 836 4.75 -21.71 -27.70
N LEU G 837 5.57 -22.76 -27.85
CA LEU G 837 6.72 -22.72 -28.76
C LEU G 837 6.36 -23.28 -30.13
N GLY G 838 5.06 -23.53 -30.35
CA GLY G 838 4.55 -23.90 -31.66
C GLY G 838 3.16 -23.37 -31.95
N ASP G 839 2.79 -22.24 -31.34
CA ASP G 839 1.39 -21.79 -31.37
C ASP G 839 1.04 -20.89 -32.54
N ILE G 840 2.03 -20.24 -33.18
CA ILE G 840 1.82 -19.37 -34.35
C ILE G 840 0.93 -18.19 -33.98
N ALA G 841 -0.25 -18.50 -33.45
CA ALA G 841 -1.23 -17.48 -33.13
C ALA G 841 -0.83 -16.75 -31.86
N ALA G 842 -1.80 -16.03 -31.29
CA ALA G 842 -1.59 -15.32 -30.04
C ALA G 842 -1.08 -16.25 -28.95
N ARG G 843 -0.07 -15.81 -28.19
CA ARG G 843 0.27 -16.51 -26.96
C ARG G 843 -0.80 -16.25 -25.93
N ASP G 844 -1.76 -17.18 -25.88
CA ASP G 844 -2.97 -17.00 -25.07
C ASP G 844 -2.62 -16.80 -23.60
N LEU G 845 -3.67 -16.47 -22.83
CA LEU G 845 -3.51 -16.02 -21.46
C LEU G 845 -2.54 -16.89 -20.67
N ILE G 846 -2.62 -18.22 -20.84
CA ILE G 846 -1.81 -19.13 -20.03
C ILE G 846 -0.33 -18.99 -20.39
N CYS G 847 0.00 -19.00 -21.68
CA CYS G 847 1.39 -18.86 -22.09
C CYS G 847 1.93 -17.50 -21.67
N ALA G 848 1.11 -16.45 -21.82
CA ALA G 848 1.54 -15.12 -21.42
C ALA G 848 1.79 -15.03 -19.92
N GLN G 849 0.92 -15.65 -19.12
CA GLN G 849 1.13 -15.68 -17.68
C GLN G 849 2.41 -16.43 -17.34
N LYS G 850 2.66 -17.54 -18.04
CA LYS G 850 3.95 -18.21 -17.90
C LYS G 850 5.10 -17.26 -18.22
N PHE G 851 4.89 -16.34 -19.17
CA PHE G 851 5.96 -15.42 -19.55
C PHE G 851 6.40 -14.56 -18.37
N ASN G 852 5.48 -14.23 -17.47
CA ASN G 852 5.76 -13.29 -16.41
C ASN G 852 5.94 -13.97 -15.06
N GLY G 853 6.23 -15.26 -15.05
CA GLY G 853 6.41 -15.98 -13.79
C GLY G 853 5.13 -16.35 -13.09
N LEU G 854 4.04 -16.56 -13.82
CA LEU G 854 2.72 -16.77 -13.24
C LEU G 854 2.27 -18.19 -13.59
N THR G 855 2.19 -19.05 -12.58
CA THR G 855 1.92 -20.46 -12.80
C THR G 855 0.63 -20.89 -12.11
N VAL G 856 0.09 -22.02 -12.56
CA VAL G 856 -1.07 -22.66 -11.94
C VAL G 856 -0.70 -24.11 -11.66
N LEU G 857 -1.44 -24.72 -10.77
CA LEU G 857 -1.19 -26.10 -10.39
C LEU G 857 -2.38 -26.97 -10.77
N PRO G 858 -2.16 -28.27 -10.97
CA PRO G 858 -3.28 -29.15 -11.30
C PRO G 858 -4.06 -29.52 -10.05
N PRO G 859 -5.38 -29.52 -10.13
CA PRO G 859 -6.18 -29.94 -8.97
C PRO G 859 -5.89 -31.37 -8.60
N LEU G 860 -5.91 -31.64 -7.30
CA LEU G 860 -5.55 -32.97 -6.82
C LEU G 860 -6.52 -34.03 -7.30
N LEU G 861 -7.82 -33.77 -7.20
CA LEU G 861 -8.84 -34.68 -7.69
C LEU G 861 -9.08 -34.36 -9.16
N THR G 862 -8.54 -35.19 -10.06
CA THR G 862 -8.64 -34.87 -11.48
C THR G 862 -10.08 -34.97 -11.95
N ASP G 863 -10.34 -34.41 -13.13
CA ASP G 863 -11.71 -34.29 -13.61
C ASP G 863 -12.35 -35.63 -13.89
N GLU G 864 -11.57 -36.71 -13.91
CA GLU G 864 -12.17 -38.02 -14.15
C GLU G 864 -12.64 -38.67 -12.86
N MET G 865 -11.78 -38.71 -11.84
CA MET G 865 -12.16 -39.40 -10.61
C MET G 865 -13.33 -38.73 -9.91
N ILE G 866 -13.51 -37.42 -10.10
CA ILE G 866 -14.69 -36.76 -9.57
C ILE G 866 -15.95 -37.32 -10.21
N ALA G 867 -15.87 -37.64 -11.50
CA ALA G 867 -17.01 -38.28 -12.16
C ALA G 867 -17.31 -39.62 -11.52
N GLN G 868 -16.28 -40.38 -11.15
CA GLN G 868 -16.53 -41.66 -10.49
C GLN G 868 -17.10 -41.47 -9.10
N TYR G 869 -16.64 -40.46 -8.37
CA TYR G 869 -17.23 -40.17 -7.07
C TYR G 869 -18.70 -39.85 -7.19
N THR G 870 -19.07 -38.99 -8.15
CA THR G 870 -20.47 -38.65 -8.28
C THR G 870 -21.29 -39.83 -8.80
N SER G 871 -20.70 -40.67 -9.62
CA SER G 871 -21.40 -41.87 -10.07
C SER G 871 -21.70 -42.81 -8.90
N ALA G 872 -20.72 -42.99 -8.01
CA ALA G 872 -20.97 -43.82 -6.83
C ALA G 872 -22.00 -43.17 -5.92
N LEU G 873 -21.93 -41.86 -5.76
CA LEU G 873 -22.91 -41.16 -4.94
C LEU G 873 -24.31 -41.33 -5.50
N LEU G 874 -24.43 -41.38 -6.82
CA LEU G 874 -25.73 -41.55 -7.44
C LEU G 874 -26.19 -43.00 -7.34
N ALA G 875 -25.27 -43.96 -7.47
CA ALA G 875 -25.66 -45.36 -7.35
C ALA G 875 -26.06 -45.70 -5.93
N GLY G 876 -25.48 -45.02 -4.94
CA GLY G 876 -25.90 -45.25 -3.57
C GLY G 876 -27.31 -44.76 -3.28
N THR G 877 -27.69 -43.65 -3.90
CA THR G 877 -28.97 -43.01 -3.61
C THR G 877 -30.12 -43.53 -4.47
N ILE G 878 -29.87 -44.52 -5.32
CA ILE G 878 -30.95 -45.13 -6.08
C ILE G 878 -31.11 -46.62 -5.81
N THR G 879 -30.09 -47.31 -5.32
CA THR G 879 -30.24 -48.70 -4.95
C THR G 879 -30.27 -48.94 -3.46
N SER G 880 -30.02 -47.91 -2.65
CA SER G 880 -29.93 -48.11 -1.21
C SER G 880 -30.65 -47.03 -0.41
N GLY G 881 -31.43 -46.17 -1.06
CA GLY G 881 -32.09 -45.10 -0.33
C GLY G 881 -31.08 -44.16 0.30
N TRP G 882 -31.26 -43.88 1.58
CA TRP G 882 -30.38 -42.99 2.32
C TRP G 882 -29.50 -43.70 3.34
N THR G 883 -29.68 -45.01 3.50
CA THR G 883 -28.94 -45.71 4.54
C THR G 883 -27.45 -45.72 4.29
N PHE G 884 -27.02 -45.64 3.03
CA PHE G 884 -25.60 -45.60 2.75
C PHE G 884 -24.94 -44.33 3.26
N GLY G 885 -25.72 -43.33 3.65
CA GLY G 885 -25.13 -42.16 4.30
C GLY G 885 -24.93 -42.31 5.79
N ALA G 886 -25.41 -43.39 6.38
CA ALA G 886 -25.33 -43.61 7.81
C ALA G 886 -24.49 -44.83 8.19
N GLY G 887 -24.76 -45.97 7.60
CA GLY G 887 -24.00 -47.17 7.90
C GLY G 887 -23.70 -47.97 6.65
N PRO G 888 -23.73 -49.29 6.77
CA PRO G 888 -23.61 -50.13 5.57
C PRO G 888 -24.81 -49.92 4.65
N ALA G 889 -24.54 -49.88 3.35
CA ALA G 889 -25.61 -49.69 2.39
C ALA G 889 -26.48 -50.94 2.32
N LEU G 890 -27.80 -50.74 2.37
CA LEU G 890 -28.76 -51.82 2.29
C LEU G 890 -29.58 -51.63 1.02
N GLN G 891 -29.70 -52.68 0.22
CA GLN G 891 -30.42 -52.55 -1.04
C GLN G 891 -31.88 -52.22 -0.80
N ILE G 892 -32.45 -51.42 -1.70
CA ILE G 892 -33.83 -50.98 -1.63
C ILE G 892 -34.44 -51.06 -3.03
N PRO G 893 -35.60 -51.68 -3.18
CA PRO G 893 -36.32 -51.55 -4.45
C PRO G 893 -36.75 -50.10 -4.64
N PHE G 894 -36.49 -49.57 -5.83
CA PHE G 894 -36.72 -48.15 -6.06
C PHE G 894 -38.18 -47.72 -5.89
N PRO G 895 -39.19 -48.47 -6.34
CA PRO G 895 -40.56 -48.05 -6.02
C PRO G 895 -40.79 -47.94 -4.53
N MET G 896 -40.22 -48.86 -3.74
CA MET G 896 -40.38 -48.74 -2.30
C MET G 896 -39.65 -47.51 -1.76
N GLN G 897 -38.48 -47.18 -2.31
CA GLN G 897 -37.83 -45.97 -1.84
C GLN G 897 -38.65 -44.74 -2.15
N MET G 898 -39.27 -44.70 -3.34
CA MET G 898 -40.12 -43.57 -3.66
C MET G 898 -41.31 -43.50 -2.72
N ALA G 899 -41.91 -44.65 -2.40
CA ALA G 899 -43.01 -44.67 -1.44
C ALA G 899 -42.53 -44.16 -0.09
N TYR G 900 -41.28 -44.42 0.25
CA TYR G 900 -40.74 -43.97 1.52
C TYR G 900 -40.66 -42.45 1.55
N ARG G 901 -40.09 -41.89 0.48
CA ARG G 901 -39.96 -40.45 0.39
C ARG G 901 -41.32 -39.78 0.37
N PHE G 902 -42.30 -40.38 -0.31
CA PHE G 902 -43.66 -39.86 -0.25
C PHE G 902 -44.18 -39.89 1.17
N ASN G 903 -43.95 -40.98 1.88
CA ASN G 903 -44.30 -41.07 3.29
C ASN G 903 -43.59 -39.99 4.11
N GLY G 904 -42.48 -39.47 3.61
CA GLY G 904 -41.74 -38.46 4.33
C GLY G 904 -42.26 -37.05 4.24
N ILE G 905 -43.34 -36.80 3.50
CA ILE G 905 -43.89 -35.44 3.40
C ILE G 905 -45.37 -35.44 3.69
N GLY G 906 -45.88 -36.52 4.26
CA GLY G 906 -47.26 -36.56 4.69
C GLY G 906 -48.25 -37.15 3.73
N VAL G 907 -47.81 -37.92 2.75
CA VAL G 907 -48.72 -38.69 1.88
C VAL G 907 -48.37 -40.16 2.02
N THR G 908 -49.40 -41.00 2.03
CA THR G 908 -49.21 -42.41 2.36
C THR G 908 -48.72 -43.19 1.14
N GLN G 909 -48.25 -44.42 1.41
CA GLN G 909 -47.63 -45.23 0.36
C GLN G 909 -48.62 -45.57 -0.75
N ASN G 910 -49.91 -45.62 -0.43
CA ASN G 910 -50.89 -46.01 -1.43
C ASN G 910 -50.91 -45.05 -2.60
N VAL G 911 -50.58 -43.77 -2.37
CA VAL G 911 -50.56 -42.80 -3.45
C VAL G 911 -49.59 -43.22 -4.53
N LEU G 912 -48.35 -43.52 -4.14
CA LEU G 912 -47.37 -43.93 -5.14
C LEU G 912 -47.68 -45.31 -5.70
N TYR G 913 -48.02 -46.27 -4.83
CA TYR G 913 -48.27 -47.60 -5.35
C TYR G 913 -49.50 -47.66 -6.24
N GLU G 914 -50.33 -46.62 -6.25
CA GLU G 914 -51.44 -46.56 -7.19
C GLU G 914 -51.13 -45.74 -8.42
N ASN G 915 -50.28 -44.72 -8.32
CA ASN G 915 -49.97 -43.89 -9.48
C ASN G 915 -48.52 -44.03 -9.92
N GLN G 916 -47.95 -45.23 -9.74
CA GLN G 916 -46.56 -45.48 -10.10
C GLN G 916 -46.27 -45.18 -11.57
N LYS G 917 -47.11 -45.68 -12.47
CA LYS G 917 -46.85 -45.48 -13.89
C LYS G 917 -46.93 -44.00 -14.26
N LEU G 918 -47.94 -43.31 -13.73
CA LEU G 918 -48.10 -41.88 -14.03
C LEU G 918 -46.91 -41.08 -13.52
N ILE G 919 -46.47 -41.34 -12.28
CA ILE G 919 -45.35 -40.58 -11.76
C ILE G 919 -44.06 -40.94 -12.47
N ALA G 920 -43.93 -42.19 -12.90
CA ALA G 920 -42.75 -42.57 -13.68
C ALA G 920 -42.72 -41.80 -14.99
N ASN G 921 -43.86 -41.68 -15.66
CA ASN G 921 -43.89 -40.90 -16.90
C ASN G 921 -43.58 -39.43 -16.64
N GLN G 922 -44.10 -38.87 -15.54
CA GLN G 922 -43.80 -37.48 -15.23
C GLN G 922 -42.32 -37.28 -14.97
N PHE G 923 -41.70 -38.19 -14.22
CA PHE G 923 -40.28 -38.08 -13.94
C PHE G 923 -39.46 -38.21 -15.21
N ASN G 924 -39.82 -39.15 -16.08
CA ASN G 924 -39.09 -39.30 -17.33
C ASN G 924 -39.22 -38.05 -18.19
N SER G 925 -40.42 -37.47 -18.26
CA SER G 925 -40.61 -36.26 -19.05
C SER G 925 -39.80 -35.10 -18.49
N ALA G 926 -39.78 -34.95 -17.17
CA ALA G 926 -39.02 -33.85 -16.57
C ALA G 926 -37.53 -34.04 -16.80
N ILE G 927 -37.04 -35.27 -16.69
CA ILE G 927 -35.63 -35.54 -16.97
C ILE G 927 -35.30 -35.25 -18.43
N GLY G 928 -36.23 -35.55 -19.33
CA GLY G 928 -36.02 -35.20 -20.72
C GLY G 928 -35.99 -33.69 -20.93
N LYS G 929 -36.84 -32.98 -20.21
CA LYS G 929 -36.98 -31.54 -20.43
C LYS G 929 -35.82 -30.74 -19.83
N ILE G 930 -35.21 -31.22 -18.74
CA ILE G 930 -34.11 -30.47 -18.16
C ILE G 930 -32.93 -30.43 -19.12
N GLN G 931 -32.68 -31.53 -19.82
CA GLN G 931 -31.58 -31.56 -20.79
C GLN G 931 -31.79 -30.51 -21.87
N ASP G 932 -33.00 -30.45 -22.44
CA ASP G 932 -33.27 -29.47 -23.48
C ASP G 932 -33.25 -28.05 -22.93
N SER G 933 -33.67 -27.85 -21.68
CA SER G 933 -33.62 -26.52 -21.10
C SER G 933 -32.17 -26.06 -20.96
N LEU G 934 -31.29 -26.94 -20.48
CA LEU G 934 -29.88 -26.58 -20.38
C LEU G 934 -29.26 -26.36 -21.75
N PHE G 935 -29.66 -27.17 -22.74
CA PHE G 935 -29.13 -26.99 -24.09
C PHE G 935 -29.55 -25.65 -24.69
N SER G 936 -30.82 -25.29 -24.52
CA SER G 936 -31.36 -24.11 -25.20
C SER G 936 -31.10 -22.83 -24.44
N THR G 937 -30.95 -22.90 -23.11
CA THR G 937 -30.75 -21.69 -22.34
C THR G 937 -29.43 -21.03 -22.73
N PRO G 938 -29.37 -19.70 -22.75
CA PRO G 938 -28.11 -19.02 -23.11
C PRO G 938 -26.99 -19.37 -22.15
N SER G 939 -27.21 -19.08 -20.86
CA SER G 939 -26.26 -19.47 -19.83
C SER G 939 -27.02 -19.55 -18.51
N ALA G 940 -27.41 -20.77 -18.13
CA ALA G 940 -28.03 -21.00 -16.84
C ALA G 940 -27.01 -21.25 -15.74
N LEU G 941 -25.77 -21.56 -16.11
CA LEU G 941 -24.68 -21.80 -15.17
C LEU G 941 -23.80 -20.58 -14.99
N GLY G 942 -24.40 -19.40 -14.90
CA GLY G 942 -23.66 -18.17 -14.81
C GLY G 942 -22.74 -18.08 -13.61
N LYS G 943 -22.88 -18.98 -12.64
CA LYS G 943 -22.08 -18.88 -11.42
C LYS G 943 -20.68 -19.46 -11.61
N LEU G 944 -20.58 -20.67 -12.16
CA LEU G 944 -19.26 -21.22 -12.46
C LEU G 944 -18.52 -20.36 -13.47
N GLN G 945 -19.21 -19.95 -14.53
CA GLN G 945 -18.60 -19.05 -15.50
C GLN G 945 -18.24 -17.72 -14.83
N ASP G 946 -19.03 -17.27 -13.87
CA ASP G 946 -18.75 -16.03 -13.19
C ASP G 946 -17.44 -16.13 -12.42
N VAL G 947 -17.26 -17.22 -11.68
CA VAL G 947 -16.03 -17.35 -10.89
C VAL G 947 -14.82 -17.53 -11.81
N VAL G 948 -15.00 -18.27 -12.91
CA VAL G 948 -13.89 -18.48 -13.84
C VAL G 948 -13.48 -17.16 -14.47
N ASN G 949 -14.47 -16.37 -14.91
CA ASN G 949 -14.17 -15.07 -15.49
C ASN G 949 -13.53 -14.15 -14.47
N HIS G 950 -13.98 -14.21 -13.22
CA HIS G 950 -13.40 -13.33 -12.20
C HIS G 950 -11.93 -13.67 -11.99
N ASN G 951 -11.60 -14.95 -11.85
CA ASN G 951 -10.21 -15.30 -11.64
C ASN G 951 -9.35 -14.96 -12.87
N ALA G 952 -9.85 -15.26 -14.06
CA ALA G 952 -9.10 -14.96 -15.27
C ALA G 952 -8.86 -13.46 -15.41
N GLN G 953 -9.88 -12.66 -15.12
CA GLN G 953 -9.74 -11.22 -15.20
C GLN G 953 -8.74 -10.71 -14.17
N ALA G 954 -8.78 -11.25 -12.95
CA ALA G 954 -7.84 -10.81 -11.94
C ALA G 954 -6.41 -11.10 -12.37
N LEU G 955 -6.16 -12.31 -12.88
CA LEU G 955 -4.82 -12.63 -13.35
C LEU G 955 -4.42 -11.76 -14.53
N ASN G 956 -5.36 -11.47 -15.44
CA ASN G 956 -5.05 -10.64 -16.59
C ASN G 956 -4.68 -9.23 -16.16
N THR G 957 -5.39 -8.68 -15.18
CA THR G 957 -5.01 -7.37 -14.67
C THR G 957 -3.66 -7.43 -13.95
N LEU G 958 -3.35 -8.54 -13.29
CA LEU G 958 -2.03 -8.66 -12.69
C LEU G 958 -0.94 -8.62 -13.76
N VAL G 959 -1.14 -9.30 -14.88
CA VAL G 959 -0.16 -9.26 -15.96
C VAL G 959 -0.08 -7.86 -16.56
N LYS G 960 -1.24 -7.28 -16.89
CA LYS G 960 -1.27 -5.97 -17.52
C LYS G 960 -0.65 -4.90 -16.64
N GLN G 961 -0.73 -5.05 -15.33
CA GLN G 961 -0.12 -4.08 -14.42
C GLN G 961 1.39 -4.01 -14.61
N LEU G 962 2.00 -5.14 -15.00
CA LEU G 962 3.44 -5.18 -15.20
C LEU G 962 3.88 -4.23 -16.31
N SER G 963 3.03 -3.97 -17.29
CA SER G 963 3.36 -3.05 -18.37
C SER G 963 3.12 -1.60 -18.00
N SER G 964 3.18 -1.26 -16.71
CA SER G 964 3.00 0.11 -16.24
C SER G 964 4.30 0.61 -15.63
N LYS G 965 4.73 1.79 -16.06
CA LYS G 965 5.96 2.38 -15.56
C LYS G 965 5.81 2.92 -14.14
N PHE G 966 4.58 3.15 -13.69
CA PHE G 966 4.26 3.66 -12.35
C PHE G 966 4.81 5.06 -12.12
N GLY G 967 5.45 5.66 -13.12
CA GLY G 967 6.11 6.93 -12.92
C GLY G 967 7.61 6.79 -12.98
N ALA G 968 8.09 5.87 -13.80
CA ALA G 968 9.52 5.66 -14.03
C ALA G 968 9.85 5.95 -15.49
N ILE G 969 11.10 5.70 -15.84
CA ILE G 969 11.52 5.88 -17.23
C ILE G 969 10.80 4.87 -18.13
N SER G 970 10.81 3.60 -17.75
CA SER G 970 10.16 2.56 -18.52
C SER G 970 9.74 1.44 -17.61
N SER G 971 8.74 0.67 -18.05
CA SER G 971 8.25 -0.48 -17.33
C SER G 971 9.00 -1.75 -17.68
N VAL G 972 10.02 -1.65 -18.52
CA VAL G 972 10.84 -2.79 -18.92
C VAL G 972 12.11 -2.77 -18.09
N LEU G 973 12.20 -3.70 -17.13
CA LEU G 973 13.33 -3.75 -16.23
C LEU G 973 14.64 -3.96 -16.99
N ASN G 974 14.64 -4.87 -17.96
CA ASN G 974 15.84 -5.13 -18.73
C ASN G 974 16.29 -3.90 -19.50
N ASP G 975 15.33 -3.15 -20.08
CA ASP G 975 15.68 -1.93 -20.77
C ASP G 975 16.28 -0.90 -19.82
N ILE G 976 15.66 -0.71 -18.65
CA ILE G 976 16.13 0.37 -17.78
C ILE G 976 17.47 0.05 -17.12
N LEU G 977 17.72 -1.22 -16.76
CA LEU G 977 18.99 -1.53 -16.12
C LEU G 977 20.16 -1.31 -17.07
N SER G 978 19.95 -1.57 -18.36
CA SER G 978 21.00 -1.44 -19.35
C SER G 978 21.04 -0.06 -20.01
N ARG G 979 20.17 0.86 -19.60
CA ARG G 979 20.15 2.20 -20.17
C ARG G 979 20.63 3.27 -19.21
N LEU G 980 20.68 3.00 -17.91
CA LEU G 980 21.10 3.97 -16.91
C LEU G 980 22.09 3.33 -15.95
N ASP G 981 22.80 4.19 -15.22
CA ASP G 981 23.76 3.73 -14.24
C ASP G 981 23.06 3.03 -13.08
N PRO G 982 23.73 2.06 -12.44
CA PRO G 982 23.14 1.36 -11.29
C PRO G 982 22.72 2.31 -10.17
N PRO G 983 23.61 3.17 -9.65
CA PRO G 983 23.27 3.88 -8.41
C PRO G 983 22.12 4.87 -8.56
N GLU G 984 21.87 5.39 -9.76
CA GLU G 984 20.75 6.27 -10.01
C GLU G 984 19.51 5.55 -10.51
N ALA G 985 19.68 4.52 -11.35
CA ALA G 985 18.54 3.69 -11.73
C ALA G 985 18.02 2.88 -10.57
N GLU G 986 18.74 2.86 -9.45
CA GLU G 986 18.25 2.20 -8.24
C GLU G 986 16.92 2.79 -7.80
N VAL G 987 16.78 4.11 -7.87
CA VAL G 987 15.52 4.74 -7.46
C VAL G 987 14.39 4.29 -8.37
N GLN G 988 14.63 4.27 -9.69
CA GLN G 988 13.58 3.85 -10.62
C GLN G 988 13.21 2.39 -10.43
N ILE G 989 14.21 1.52 -10.23
CA ILE G 989 13.87 0.11 -10.01
C ILE G 989 13.20 -0.08 -8.66
N ASP G 990 13.54 0.72 -7.65
CA ASP G 990 12.88 0.60 -6.36
C ASP G 990 11.42 1.02 -6.44
N ARG G 991 11.14 2.10 -7.16
CA ARG G 991 9.75 2.49 -7.32
C ARG G 991 8.99 1.49 -8.18
N LEU G 992 9.66 0.87 -9.16
CA LEU G 992 9.05 -0.24 -9.89
C LEU G 992 8.72 -1.39 -8.94
N ILE G 993 9.67 -1.72 -8.05
CA ILE G 993 9.46 -2.81 -7.11
C ILE G 993 8.28 -2.52 -6.22
N THR G 994 8.20 -1.30 -5.71
CA THR G 994 7.09 -0.93 -4.84
C THR G 994 5.76 -1.02 -5.60
N GLY G 995 5.72 -0.51 -6.83
CA GLY G 995 4.48 -0.59 -7.59
C GLY G 995 4.02 -2.02 -7.81
N ARG G 996 4.93 -2.88 -8.27
CA ARG G 996 4.54 -4.26 -8.53
C ARG G 996 4.25 -5.02 -7.25
N LEU G 997 4.90 -4.66 -6.14
CA LEU G 997 4.64 -5.35 -4.89
C LEU G 997 3.27 -4.97 -4.34
N GLN G 998 2.90 -3.70 -4.43
CA GLN G 998 1.54 -3.31 -4.05
C GLN G 998 0.52 -3.98 -4.95
N SER G 999 0.82 -4.09 -6.24
CA SER G 999 -0.10 -4.79 -7.14
C SER G 999 -0.27 -6.24 -6.73
N LEU G 1000 0.83 -6.92 -6.38
CA LEU G 1000 0.74 -8.32 -5.99
C LEU G 1000 0.01 -8.47 -4.66
N GLN G 1001 0.21 -7.53 -3.72
CA GLN G 1001 -0.54 -7.58 -2.48
C GLN G 1001 -2.03 -7.42 -2.73
N THR G 1002 -2.40 -6.49 -3.61
CA THR G 1002 -3.80 -6.37 -3.99
C THR G 1002 -4.31 -7.68 -4.57
N TYR G 1003 -3.52 -8.32 -5.44
CA TYR G 1003 -3.97 -9.57 -6.04
C TYR G 1003 -4.20 -10.64 -4.98
N VAL G 1004 -3.27 -10.78 -4.04
CA VAL G 1004 -3.39 -11.85 -3.04
C VAL G 1004 -4.55 -11.56 -2.09
N THR G 1005 -4.78 -10.29 -1.75
CA THR G 1005 -5.91 -9.97 -0.88
C THR G 1005 -7.24 -10.23 -1.57
N GLN G 1006 -7.37 -9.82 -2.83
CA GLN G 1006 -8.59 -10.12 -3.57
C GLN G 1006 -8.78 -11.61 -3.72
N GLN G 1007 -7.71 -12.36 -3.91
CA GLN G 1007 -7.84 -13.81 -4.02
C GLN G 1007 -8.24 -14.43 -2.70
N LEU G 1008 -7.78 -13.89 -1.56
CA LEU G 1008 -8.24 -14.38 -0.28
C LEU G 1008 -9.73 -14.11 -0.09
N ILE G 1009 -10.21 -12.95 -0.53
CA ILE G 1009 -11.63 -12.67 -0.45
C ILE G 1009 -12.41 -13.68 -1.29
N ARG G 1010 -11.93 -13.94 -2.51
CA ARG G 1010 -12.58 -14.94 -3.35
C ARG G 1010 -12.55 -16.31 -2.69
N ALA G 1011 -11.46 -16.64 -2.02
CA ALA G 1011 -11.37 -17.93 -1.34
C ALA G 1011 -12.39 -18.02 -0.21
N ALA G 1012 -12.58 -16.94 0.53
CA ALA G 1012 -13.58 -16.97 1.59
C ALA G 1012 -14.98 -17.18 1.02
N GLU G 1013 -15.32 -16.44 -0.05
CA GLU G 1013 -16.64 -16.63 -0.64
C GLU G 1013 -16.81 -18.04 -1.19
N ILE G 1014 -15.78 -18.57 -1.84
CA ILE G 1014 -15.85 -19.90 -2.41
C ILE G 1014 -15.97 -20.95 -1.32
N ARG G 1015 -15.28 -20.75 -0.19
CA ARG G 1015 -15.38 -21.71 0.89
C ARG G 1015 -16.75 -21.67 1.54
N ALA G 1016 -17.34 -20.48 1.66
CA ALA G 1016 -18.73 -20.42 2.13
C ALA G 1016 -19.66 -21.19 1.20
N SER G 1017 -19.50 -20.99 -0.11
CA SER G 1017 -20.34 -21.72 -1.06
C SER G 1017 -20.05 -23.21 -1.02
N ALA G 1018 -18.80 -23.61 -0.77
CA ALA G 1018 -18.47 -25.03 -0.71
C ALA G 1018 -19.05 -25.67 0.54
N ASN G 1019 -19.08 -24.95 1.65
CA ASN G 1019 -19.76 -25.45 2.83
C ASN G 1019 -21.25 -25.58 2.59
N LEU G 1020 -21.86 -24.60 1.91
CA LEU G 1020 -23.27 -24.72 1.58
C LEU G 1020 -23.51 -25.92 0.68
N ALA G 1021 -22.63 -26.15 -0.30
CA ALA G 1021 -22.81 -27.29 -1.19
C ALA G 1021 -22.61 -28.61 -0.46
N ALA G 1022 -21.64 -28.66 0.46
CA ALA G 1022 -21.43 -29.89 1.23
C ALA G 1022 -22.64 -30.20 2.09
N THR G 1023 -23.20 -29.18 2.75
CA THR G 1023 -24.41 -29.40 3.54
C THR G 1023 -25.57 -29.81 2.66
N LYS G 1024 -25.72 -29.17 1.51
CA LYS G 1024 -26.79 -29.53 0.59
C LYS G 1024 -26.65 -30.96 0.13
N MET G 1025 -25.45 -31.39 -0.20
CA MET G 1025 -25.24 -32.78 -0.57
C MET G 1025 -25.58 -33.72 0.57
N SER G 1026 -25.01 -33.49 1.75
CA SER G 1026 -25.20 -34.38 2.88
C SER G 1026 -26.63 -34.40 3.36
N GLU G 1027 -27.45 -33.40 3.04
CA GLU G 1027 -28.86 -33.43 3.43
C GLU G 1027 -29.75 -33.95 2.31
N CYS G 1028 -29.75 -33.27 1.15
CA CYS G 1028 -30.68 -33.64 0.09
C CYS G 1028 -30.31 -34.98 -0.54
N VAL G 1029 -29.03 -35.26 -0.76
CA VAL G 1029 -28.67 -36.48 -1.45
C VAL G 1029 -28.75 -37.68 -0.53
N LEU G 1030 -28.08 -37.62 0.62
CA LEU G 1030 -28.04 -38.73 1.55
C LEU G 1030 -29.22 -38.68 2.53
N GLY G 1031 -30.42 -38.52 2.01
CA GLY G 1031 -31.59 -38.41 2.86
C GLY G 1031 -32.54 -37.36 2.36
N GLN G 1032 -33.71 -37.24 2.98
CA GLN G 1032 -34.71 -36.26 2.58
C GLN G 1032 -34.70 -35.12 3.59
N SER G 1033 -34.66 -33.90 3.10
CA SER G 1033 -34.54 -32.72 3.94
C SER G 1033 -35.91 -32.09 4.17
N LYS G 1034 -36.36 -32.11 5.42
CA LYS G 1034 -37.63 -31.50 5.76
C LYS G 1034 -37.60 -29.99 5.69
N ARG G 1035 -36.43 -29.39 5.54
CA ARG G 1035 -36.34 -27.93 5.45
C ARG G 1035 -37.00 -27.45 4.18
N VAL G 1036 -38.00 -26.60 4.32
CA VAL G 1036 -38.76 -26.12 3.18
C VAL G 1036 -37.94 -25.11 2.40
N ASP G 1037 -37.96 -25.25 1.08
CA ASP G 1037 -37.23 -24.38 0.16
C ASP G 1037 -35.72 -24.40 0.42
N PHE G 1038 -35.20 -25.55 0.83
CA PHE G 1038 -33.75 -25.77 0.85
C PHE G 1038 -33.30 -26.62 -0.33
N CYS G 1039 -33.85 -27.83 -0.45
CA CYS G 1039 -33.56 -28.69 -1.59
C CYS G 1039 -34.68 -28.54 -2.62
N GLY G 1040 -34.56 -27.51 -3.43
CA GLY G 1040 -35.52 -27.24 -4.47
C GLY G 1040 -36.80 -26.64 -3.92
N LYS G 1041 -37.51 -25.93 -4.80
CA LYS G 1041 -38.77 -25.32 -4.43
C LYS G 1041 -39.83 -26.38 -4.17
N GLY G 1042 -40.54 -26.26 -3.06
CA GLY G 1042 -41.59 -27.19 -2.74
C GLY G 1042 -41.11 -28.36 -1.92
N TYR G 1043 -42.03 -29.28 -1.67
CA TYR G 1043 -41.70 -30.49 -0.92
C TYR G 1043 -40.68 -31.30 -1.70
N HIS G 1044 -39.69 -31.82 -0.99
CA HIS G 1044 -38.51 -32.38 -1.63
C HIS G 1044 -38.56 -33.90 -1.65
N LEU G 1045 -38.04 -34.50 -2.73
CA LEU G 1045 -38.05 -35.95 -2.87
C LEU G 1045 -36.65 -36.55 -2.92
N MET G 1046 -35.81 -36.16 -3.87
CA MET G 1046 -34.43 -36.64 -3.93
C MET G 1046 -33.55 -35.50 -4.40
N SER G 1047 -32.33 -35.84 -4.78
CA SER G 1047 -31.44 -34.88 -5.43
C SER G 1047 -30.28 -35.66 -6.02
N PHE G 1048 -30.04 -35.48 -7.32
CA PHE G 1048 -28.97 -36.20 -7.99
C PHE G 1048 -27.85 -35.24 -8.31
N PRO G 1049 -26.69 -35.37 -7.68
CA PRO G 1049 -25.57 -34.48 -8.00
C PRO G 1049 -25.00 -34.78 -9.37
N GLN G 1050 -24.40 -33.75 -9.98
CA GLN G 1050 -23.65 -33.92 -11.21
C GLN G 1050 -22.40 -33.07 -11.13
N SER G 1051 -21.33 -33.54 -11.77
CA SER G 1051 -20.05 -32.86 -11.72
C SER G 1051 -19.98 -31.77 -12.77
N ALA G 1052 -19.24 -30.72 -12.46
CA ALA G 1052 -19.05 -29.59 -13.36
C ALA G 1052 -17.64 -29.05 -13.16
N PRO G 1053 -17.11 -28.34 -14.14
CA PRO G 1053 -15.77 -27.74 -13.98
C PRO G 1053 -15.79 -26.70 -12.87
N HIS G 1054 -15.02 -26.95 -11.81
CA HIS G 1054 -14.91 -26.04 -10.69
C HIS G 1054 -16.27 -25.76 -10.06
N GLY G 1055 -17.09 -26.79 -9.95
CA GLY G 1055 -18.40 -26.61 -9.36
C GLY G 1055 -19.17 -27.90 -9.42
N VAL G 1056 -20.37 -27.87 -8.83
CA VAL G 1056 -21.25 -29.02 -8.80
C VAL G 1056 -22.64 -28.58 -9.20
N VAL G 1057 -23.43 -29.52 -9.70
CA VAL G 1057 -24.78 -29.23 -10.18
C VAL G 1057 -25.72 -30.31 -9.66
N PHE G 1058 -26.84 -29.87 -9.09
CA PHE G 1058 -27.83 -30.75 -8.54
C PHE G 1058 -29.06 -30.81 -9.45
N LEU G 1059 -29.88 -31.83 -9.24
CA LEU G 1059 -31.14 -32.00 -9.95
C LEU G 1059 -32.22 -32.23 -8.88
N HIS G 1060 -32.67 -31.16 -8.24
CA HIS G 1060 -33.56 -31.29 -7.10
C HIS G 1060 -34.94 -31.75 -7.59
N VAL G 1061 -35.22 -33.04 -7.47
CA VAL G 1061 -36.53 -33.55 -7.85
C VAL G 1061 -37.52 -33.22 -6.75
N THR G 1062 -38.41 -32.28 -7.01
CA THR G 1062 -39.33 -31.77 -6.01
C THR G 1062 -40.75 -32.12 -6.37
N TYR G 1063 -41.58 -32.27 -5.34
CA TYR G 1063 -42.99 -32.62 -5.51
C TYR G 1063 -43.82 -31.38 -5.22
N VAL G 1064 -44.70 -31.01 -6.14
CA VAL G 1064 -45.49 -29.79 -6.06
C VAL G 1064 -46.95 -30.17 -6.26
N PRO G 1065 -47.88 -29.61 -5.48
CA PRO G 1065 -49.30 -29.94 -5.67
C PRO G 1065 -49.85 -29.43 -6.98
N ALA G 1066 -51.15 -29.67 -7.21
CA ALA G 1066 -51.78 -29.46 -8.50
C ALA G 1066 -53.21 -29.00 -8.26
N GLN G 1067 -54.08 -29.18 -9.26
CA GLN G 1067 -55.47 -28.75 -9.21
C GLN G 1067 -56.11 -28.98 -7.86
N GLU G 1068 -56.82 -27.98 -7.34
CA GLU G 1068 -57.36 -28.03 -5.99
C GLU G 1068 -58.84 -27.69 -6.01
N LYS G 1069 -59.58 -28.30 -5.08
CA LYS G 1069 -60.99 -28.04 -4.90
C LYS G 1069 -61.25 -27.73 -3.43
N ASN G 1070 -62.07 -26.72 -3.17
CA ASN G 1070 -62.39 -26.31 -1.82
C ASN G 1070 -63.79 -26.76 -1.45
N PHE G 1071 -63.93 -27.44 -0.32
CA PHE G 1071 -65.20 -28.08 0.01
C PHE G 1071 -65.88 -27.46 1.23
N THR G 1072 -65.36 -27.68 2.43
CA THR G 1072 -65.87 -27.20 3.71
C THR G 1072 -64.99 -27.82 4.78
N THR G 1073 -64.94 -27.19 5.95
CA THR G 1073 -64.15 -27.74 7.04
C THR G 1073 -64.88 -27.53 8.36
N ALA G 1074 -64.53 -28.37 9.33
CA ALA G 1074 -65.04 -28.26 10.68
C ALA G 1074 -63.95 -28.80 11.58
N PRO G 1075 -63.42 -28.00 12.50
CA PRO G 1075 -62.27 -28.44 13.28
C PRO G 1075 -62.51 -29.70 14.08
N ALA G 1076 -63.75 -30.00 14.43
CA ALA G 1076 -64.06 -31.20 15.19
C ALA G 1076 -65.43 -31.70 14.77
N ILE G 1077 -65.67 -32.98 15.04
CA ILE G 1077 -66.96 -33.61 14.76
C ILE G 1077 -67.52 -34.13 16.07
N CYS G 1078 -68.77 -33.77 16.36
CA CYS G 1078 -69.42 -34.13 17.60
C CYS G 1078 -70.48 -35.18 17.31
N HIS G 1079 -70.19 -36.44 17.65
CA HIS G 1079 -71.15 -37.51 17.40
C HIS G 1079 -72.12 -37.65 18.56
N ASP G 1080 -71.61 -37.93 19.76
CA ASP G 1080 -72.46 -38.07 20.95
C ASP G 1080 -71.81 -37.28 22.07
N GLY G 1081 -72.16 -35.99 22.17
CA GLY G 1081 -71.73 -35.16 23.26
C GLY G 1081 -70.23 -34.98 23.40
N LYS G 1082 -69.44 -35.67 22.59
CA LYS G 1082 -67.98 -35.61 22.66
C LYS G 1082 -67.44 -35.25 21.30
N ALA G 1083 -66.56 -34.25 21.25
CA ALA G 1083 -65.93 -33.86 20.01
C ALA G 1083 -64.99 -34.96 19.53
N HIS G 1084 -64.93 -35.14 18.21
CA HIS G 1084 -63.96 -36.03 17.59
C HIS G 1084 -63.02 -35.20 16.74
N PHE G 1085 -61.73 -35.50 16.82
CA PHE G 1085 -60.73 -34.80 16.04
C PHE G 1085 -59.97 -35.81 15.19
N PRO G 1086 -59.57 -35.43 13.98
CA PRO G 1086 -58.91 -36.38 13.09
C PRO G 1086 -57.55 -36.78 13.63
N ARG G 1087 -57.25 -38.08 13.54
CA ARG G 1087 -55.92 -38.53 13.92
C ARG G 1087 -54.86 -37.89 13.04
N GLU G 1088 -55.20 -37.64 11.77
CA GLU G 1088 -54.36 -36.90 10.87
C GLU G 1088 -55.24 -36.33 9.77
N GLY G 1089 -54.89 -35.14 9.29
CA GLY G 1089 -55.64 -34.53 8.21
C GLY G 1089 -56.85 -33.78 8.70
N VAL G 1090 -57.67 -33.37 7.74
CA VAL G 1090 -58.75 -32.43 7.95
C VAL G 1090 -60.08 -33.17 7.93
N PHE G 1091 -61.10 -32.54 8.51
CA PHE G 1091 -62.48 -32.96 8.31
C PHE G 1091 -63.05 -32.18 7.15
N VAL G 1092 -63.36 -32.87 6.05
CA VAL G 1092 -63.81 -32.20 4.84
C VAL G 1092 -65.15 -32.79 4.44
N SER G 1093 -65.94 -32.02 3.68
CA SER G 1093 -67.22 -32.50 3.21
C SER G 1093 -67.57 -31.86 1.87
N ASN G 1094 -68.01 -32.70 0.93
CA ASN G 1094 -68.40 -32.19 -0.38
C ASN G 1094 -69.77 -31.54 -0.39
N GLY G 1095 -70.41 -31.41 0.77
CA GLY G 1095 -71.69 -30.74 0.86
C GLY G 1095 -72.73 -31.54 1.61
N THR G 1096 -72.68 -32.87 1.47
CA THR G 1096 -73.61 -33.77 2.14
C THR G 1096 -72.93 -34.70 3.13
N HIS G 1097 -71.82 -35.31 2.75
CA HIS G 1097 -71.15 -36.31 3.57
C HIS G 1097 -69.83 -35.74 4.08
N TRP G 1098 -69.55 -35.94 5.36
CA TRP G 1098 -68.31 -35.48 5.94
C TRP G 1098 -67.23 -36.54 5.81
N PHE G 1099 -66.03 -36.11 5.44
CA PHE G 1099 -64.91 -37.02 5.20
C PHE G 1099 -63.67 -36.53 5.91
N VAL G 1100 -62.87 -37.46 6.40
CA VAL G 1100 -61.51 -37.19 6.84
C VAL G 1100 -60.57 -37.50 5.69
N THR G 1101 -59.63 -36.61 5.43
CA THR G 1101 -58.70 -36.80 4.34
C THR G 1101 -57.33 -36.31 4.77
N GLN G 1102 -56.34 -36.59 3.94
CA GLN G 1102 -54.96 -36.21 4.27
C GLN G 1102 -54.74 -34.73 4.01
N ARG G 1103 -53.48 -34.33 4.10
CA ARG G 1103 -53.14 -32.92 4.09
C ARG G 1103 -52.93 -32.40 2.67
N ASN G 1104 -52.18 -33.13 1.84
CA ASN G 1104 -51.79 -32.65 0.52
C ASN G 1104 -52.30 -33.53 -0.60
N PHE G 1105 -53.34 -34.31 -0.37
CA PHE G 1105 -53.92 -35.14 -1.42
C PHE G 1105 -55.33 -35.53 -1.00
N TYR G 1106 -56.26 -35.48 -1.94
CA TYR G 1106 -57.66 -35.72 -1.64
C TYR G 1106 -57.92 -37.22 -1.62
N GLU G 1107 -58.05 -37.78 -0.42
CA GLU G 1107 -58.42 -39.18 -0.25
C GLU G 1107 -59.48 -39.28 0.83
N PRO G 1108 -60.74 -39.04 0.46
CA PRO G 1108 -61.81 -39.12 1.46
C PRO G 1108 -61.93 -40.51 2.03
N GLN G 1109 -62.27 -40.58 3.32
CA GLN G 1109 -62.49 -41.86 3.97
C GLN G 1109 -63.71 -41.75 4.88
N ILE G 1110 -64.39 -42.87 5.05
CA ILE G 1110 -65.56 -42.92 5.92
C ILE G 1110 -65.11 -42.74 7.37
N ILE G 1111 -65.82 -41.89 8.11
CA ILE G 1111 -65.40 -41.56 9.46
C ILE G 1111 -65.67 -42.76 10.36
N THR G 1112 -64.62 -43.38 10.86
CA THR G 1112 -64.73 -44.45 11.83
C THR G 1112 -63.98 -44.06 13.10
N THR G 1113 -64.07 -44.93 14.11
CA THR G 1113 -63.36 -44.67 15.35
C THR G 1113 -61.86 -44.80 15.19
N ASP G 1114 -61.38 -45.44 14.12
CA ASP G 1114 -59.95 -45.56 13.90
C ASP G 1114 -59.35 -44.27 13.36
N ASN G 1115 -60.09 -43.53 12.54
CA ASN G 1115 -59.57 -42.32 11.92
C ASN G 1115 -59.54 -41.14 12.87
N THR G 1116 -60.23 -41.20 14.00
CA THR G 1116 -60.34 -40.07 14.90
C THR G 1116 -60.13 -40.50 16.34
N PHE G 1117 -59.61 -39.57 17.14
CA PHE G 1117 -59.51 -39.76 18.58
C PHE G 1117 -60.44 -38.76 19.26
N VAL G 1118 -61.15 -39.24 20.28
CA VAL G 1118 -62.21 -38.47 20.93
C VAL G 1118 -61.66 -37.84 22.20
N SER G 1119 -61.94 -36.54 22.37
CA SER G 1119 -61.52 -35.82 23.56
C SER G 1119 -62.26 -34.49 23.68
N GLY G 1120 -63.05 -34.32 24.73
CA GLY G 1120 -63.73 -33.08 24.97
C GLY G 1120 -65.16 -33.30 25.41
N ASN G 1121 -65.96 -32.23 25.31
CA ASN G 1121 -67.34 -32.27 25.76
C ASN G 1121 -68.31 -31.58 24.81
N CYS G 1122 -67.90 -31.26 23.59
CA CYS G 1122 -68.80 -30.71 22.57
C CYS G 1122 -69.38 -29.36 22.98
N ASP G 1123 -68.68 -28.61 23.82
CA ASP G 1123 -69.17 -27.32 24.28
C ASP G 1123 -68.13 -26.21 24.27
N VAL G 1124 -66.86 -26.52 24.03
CA VAL G 1124 -65.80 -25.53 24.14
C VAL G 1124 -65.17 -25.19 22.80
N VAL G 1125 -65.14 -26.13 21.86
CA VAL G 1125 -64.55 -25.88 20.55
C VAL G 1125 -65.44 -24.93 19.76
N ILE G 1126 -64.84 -24.22 18.82
CA ILE G 1126 -65.56 -23.29 17.96
C ILE G 1126 -65.49 -23.80 16.53
N GLY G 1127 -66.65 -23.94 15.89
CA GLY G 1127 -66.72 -24.52 14.57
C GLY G 1127 -67.15 -25.97 14.55
N ILE G 1128 -67.59 -26.50 15.70
CA ILE G 1128 -68.05 -27.89 15.75
C ILE G 1128 -69.24 -28.07 14.82
N VAL G 1129 -69.27 -29.20 14.12
CA VAL G 1129 -70.35 -29.53 13.20
C VAL G 1129 -70.84 -30.93 13.50
N ASN G 1130 -72.15 -31.07 13.67
CA ASN G 1130 -72.75 -32.34 14.03
C ASN G 1130 -72.60 -33.34 12.89
N ASN G 1131 -72.46 -34.61 13.28
CA ASN G 1131 -72.38 -35.71 12.33
C ASN G 1131 -72.48 -37.03 13.09
N THR G 1132 -72.32 -38.14 12.39
CA THR G 1132 -72.28 -39.45 13.01
C THR G 1132 -70.97 -40.14 12.64
N VAL G 1133 -70.31 -40.71 13.63
CA VAL G 1133 -69.14 -41.53 13.41
C VAL G 1133 -69.55 -42.98 13.62
N TYR G 1134 -68.74 -43.90 13.10
CA TYR G 1134 -69.09 -45.30 13.09
C TYR G 1134 -68.02 -46.12 13.79
N ASP G 1135 -68.39 -47.33 14.18
CA ASP G 1135 -67.46 -48.24 14.83
C ASP G 1135 -67.60 -49.61 14.18
N PRO G 1136 -66.54 -50.41 14.18
CA PRO G 1136 -66.63 -51.79 13.69
C PRO G 1136 -66.99 -52.81 14.76
N LEU G 1137 -66.90 -52.46 16.05
CA LEU G 1137 -67.04 -53.46 17.09
C LEU G 1137 -68.47 -53.66 17.55
N GLN G 1138 -69.33 -52.66 17.39
CA GLN G 1138 -70.75 -52.86 17.71
C GLN G 1138 -71.40 -53.82 16.73
N LEU G 1139 -71.04 -53.73 15.45
CA LEU G 1139 -71.64 -54.60 14.44
C LEU G 1139 -71.31 -56.07 14.73
N GLU G 1140 -70.08 -56.35 15.11
CA GLU G 1140 -69.69 -57.71 15.49
C GLU G 1140 -70.03 -57.98 16.95
N GLN H 1 5.87 45.65 -43.80
CA GLN H 1 4.89 44.66 -43.37
C GLN H 1 3.80 44.43 -44.42
N LEU H 2 3.32 43.20 -44.50
CA LEU H 2 2.42 42.79 -45.56
C LEU H 2 1.09 43.53 -45.47
N GLN H 3 0.68 44.14 -46.57
CA GLN H 3 -0.57 44.87 -46.63
C GLN H 3 -1.42 44.36 -47.79
N LEU H 4 -2.73 44.37 -47.58
CA LEU H 4 -3.70 43.94 -48.57
C LEU H 4 -4.64 45.08 -48.89
N GLN H 5 -4.85 45.35 -50.18
CA GLN H 5 -5.81 46.35 -50.63
C GLN H 5 -6.75 45.69 -51.63
N GLU H 6 -8.01 45.53 -51.25
CA GLU H 6 -9.01 44.95 -52.12
C GLU H 6 -10.03 46.01 -52.52
N SER H 7 -10.45 45.97 -53.77
CA SER H 7 -11.39 46.93 -54.31
C SER H 7 -12.39 46.22 -55.20
N GLY H 8 -13.54 46.86 -55.38
CA GLY H 8 -14.60 46.34 -56.22
C GLY H 8 -15.84 47.18 -56.13
N PRO H 9 -16.76 47.00 -57.06
CA PRO H 9 -18.03 47.76 -57.02
C PRO H 9 -18.86 47.36 -55.80
N GLY H 10 -19.03 48.30 -54.87
CA GLY H 10 -19.79 48.03 -53.67
C GLY H 10 -21.28 47.93 -53.87
N LEU H 11 -21.76 48.25 -55.07
CA LEU H 11 -23.17 48.15 -55.42
C LEU H 11 -23.27 47.41 -56.74
N VAL H 12 -24.08 46.35 -56.77
CA VAL H 12 -24.20 45.52 -57.97
C VAL H 12 -25.66 45.12 -58.12
N LYS H 13 -26.17 45.21 -59.35
CA LYS H 13 -27.51 44.76 -59.66
C LYS H 13 -27.63 43.24 -59.46
N PRO H 14 -28.83 42.75 -59.19
CA PRO H 14 -29.00 41.31 -59.02
C PRO H 14 -28.78 40.54 -60.31
N SER H 15 -28.22 39.34 -60.18
CA SER H 15 -28.15 38.26 -61.17
C SER H 15 -27.04 38.36 -62.21
N GLU H 16 -26.04 39.24 -62.08
CA GLU H 16 -24.88 39.10 -62.95
C GLU H 16 -23.62 38.89 -62.12
N THR H 17 -22.48 38.85 -62.81
CA THR H 17 -21.21 38.58 -62.16
C THR H 17 -20.79 39.75 -61.27
N LEU H 18 -20.25 39.44 -60.11
CA LEU H 18 -19.70 40.42 -59.19
C LEU H 18 -18.23 40.11 -59.01
N SER H 19 -17.39 41.15 -59.03
CA SER H 19 -15.94 40.97 -59.12
C SER H 19 -15.23 41.92 -58.18
N LEU H 20 -14.28 41.39 -57.41
CA LEU H 20 -13.37 42.18 -56.61
C LEU H 20 -11.93 41.85 -57.02
N THR H 21 -10.98 42.58 -56.46
CA THR H 21 -9.57 42.28 -56.63
C THR H 21 -8.79 42.84 -55.44
N CYS H 22 -7.99 41.98 -54.81
CA CYS H 22 -7.09 42.39 -53.74
C CYS H 22 -5.68 42.66 -54.26
N THR H 23 -5.00 43.59 -53.60
CA THR H 23 -3.63 43.96 -53.94
C THR H 23 -2.71 43.67 -52.76
N VAL H 24 -1.49 43.22 -53.05
CA VAL H 24 -0.50 42.90 -52.03
C VAL H 24 0.63 43.91 -52.12
N SER H 25 0.94 44.54 -50.99
CA SER H 25 2.02 45.51 -50.90
C SER H 25 3.08 45.01 -49.91
N ASN H 26 4.32 45.44 -50.12
CA ASN H 26 5.45 45.00 -49.31
C ASN H 26 5.59 43.48 -49.31
N GLY H 27 5.27 42.86 -50.44
CA GLY H 27 5.35 41.41 -50.54
C GLY H 27 5.16 40.97 -51.97
N SER H 28 5.11 39.65 -52.16
CA SER H 28 4.97 39.04 -53.47
C SER H 28 3.88 37.98 -53.44
N ILE H 29 2.96 38.05 -54.41
CA ILE H 29 1.99 36.98 -54.58
C ILE H 29 2.65 35.70 -55.04
N SER H 30 3.84 35.79 -55.63
CA SER H 30 4.56 34.61 -56.08
C SER H 30 5.10 33.78 -54.92
N SER H 31 5.01 34.28 -53.70
CA SER H 31 5.49 33.55 -52.52
C SER H 31 4.84 32.19 -52.44
N SER H 32 5.63 31.14 -52.69
CA SER H 32 5.09 29.79 -52.73
C SER H 32 4.73 29.27 -51.34
N THR H 33 5.34 29.82 -50.29
CA THR H 33 5.21 29.24 -48.96
C THR H 33 3.77 29.34 -48.45
N PHE H 34 3.08 30.45 -48.75
CA PHE H 34 1.76 30.70 -48.22
C PHE H 34 0.70 30.68 -49.32
N TYR H 35 -0.53 30.39 -48.90
CA TYR H 35 -1.69 30.37 -49.76
C TYR H 35 -2.40 31.72 -49.64
N TRP H 36 -3.51 31.88 -50.36
CA TRP H 36 -4.23 33.14 -50.33
C TRP H 36 -5.71 32.89 -50.50
N GLY H 37 -6.52 33.71 -49.86
CA GLY H 37 -7.94 33.36 -49.81
C GLY H 37 -8.87 34.54 -49.63
N TRP H 38 -10.15 34.24 -49.83
CA TRP H 38 -11.25 35.19 -49.81
C TRP H 38 -12.27 34.73 -48.77
N VAL H 39 -12.70 35.65 -47.92
CA VAL H 39 -13.60 35.37 -46.83
C VAL H 39 -14.68 36.44 -46.80
N ARG H 40 -15.95 35.99 -46.77
CA ARG H 40 -17.07 36.91 -46.71
C ARG H 40 -17.81 36.73 -45.40
N GLN H 41 -18.40 37.81 -44.91
CA GLN H 41 -19.11 37.82 -43.63
C GLN H 41 -20.39 38.63 -43.78
N PRO H 42 -21.54 37.98 -43.92
CA PRO H 42 -22.80 38.73 -44.01
C PRO H 42 -23.06 39.49 -42.72
N PRO H 43 -23.79 40.60 -42.79
CA PRO H 43 -24.10 41.34 -41.57
C PRO H 43 -24.93 40.47 -40.62
N GLY H 44 -24.63 40.59 -39.33
CA GLY H 44 -25.34 39.82 -38.34
C GLY H 44 -25.08 38.33 -38.38
N ARG H 45 -23.95 37.91 -38.94
CA ARG H 45 -23.60 36.50 -39.06
C ARG H 45 -22.12 36.33 -38.73
N GLY H 46 -21.63 35.09 -38.84
CA GLY H 46 -20.22 34.82 -38.73
C GLY H 46 -19.55 34.75 -40.09
N LEU H 47 -18.22 34.72 -40.07
CA LEU H 47 -17.46 34.68 -41.31
C LEU H 47 -17.70 33.39 -42.04
N GLU H 48 -17.64 33.45 -43.37
CA GLU H 48 -17.79 32.28 -44.23
C GLU H 48 -16.64 32.25 -45.21
N TRP H 49 -16.00 31.10 -45.34
CA TRP H 49 -14.86 30.94 -46.24
C TRP H 49 -15.35 30.56 -47.63
N ILE H 50 -15.05 31.40 -48.61
CA ILE H 50 -15.56 31.22 -49.96
C ILE H 50 -14.59 30.49 -50.89
N GLY H 51 -13.32 30.41 -50.52
CA GLY H 51 -12.34 29.73 -51.34
C GLY H 51 -10.96 30.34 -51.15
N SER H 52 -9.95 29.54 -51.42
CA SER H 52 -8.57 29.98 -51.40
C SER H 52 -7.89 29.52 -52.67
N ILE H 53 -6.86 30.24 -53.09
CA ILE H 53 -6.25 30.01 -54.39
C ILE H 53 -4.74 30.10 -54.26
N TYR H 54 -4.04 29.25 -55.02
CA TYR H 54 -2.59 29.25 -55.06
C TYR H 54 -2.10 29.97 -56.31
N TYR H 55 -0.82 30.37 -56.28
CA TYR H 55 -0.27 31.16 -57.37
C TYR H 55 -0.27 30.37 -58.68
N SER H 56 -0.02 29.06 -58.60
CA SER H 56 0.05 28.27 -59.81
C SER H 56 -1.31 28.17 -60.49
N GLY H 57 -2.37 27.99 -59.71
CA GLY H 57 -3.69 27.81 -60.27
C GLY H 57 -4.53 26.79 -59.52
N SER H 58 -3.91 26.07 -58.60
CA SER H 58 -4.67 25.16 -57.74
C SER H 58 -5.56 25.98 -56.80
N THR H 59 -6.80 25.52 -56.63
CA THR H 59 -7.81 26.29 -55.92
C THR H 59 -8.46 25.45 -54.84
N TYR H 60 -8.38 25.92 -53.60
CA TYR H 60 -9.33 25.52 -52.58
C TYR H 60 -10.68 26.15 -52.87
N GLN H 61 -11.74 25.48 -52.42
CA GLN H 61 -13.07 25.93 -52.80
C GLN H 61 -14.12 25.22 -51.96
N ASN H 62 -15.06 26.00 -51.45
CA ASN H 62 -16.15 25.47 -50.64
C ASN H 62 -17.20 24.83 -51.54
N PRO H 63 -17.56 23.57 -51.33
CA PRO H 63 -18.52 22.91 -52.23
C PRO H 63 -19.88 23.57 -52.28
N SER H 64 -20.29 24.26 -51.20
CA SER H 64 -21.63 24.84 -51.17
C SER H 64 -21.79 25.94 -52.22
N LEU H 65 -20.73 26.68 -52.50
CA LEU H 65 -20.73 27.75 -53.49
C LEU H 65 -19.92 27.35 -54.73
N LYS H 66 -20.09 26.10 -55.15
CA LYS H 66 -19.34 25.58 -56.30
C LYS H 66 -19.71 26.30 -57.59
N SER H 67 -21.00 26.38 -57.89
CA SER H 67 -21.45 26.78 -59.21
C SER H 67 -21.41 28.27 -59.45
N ARG H 68 -20.97 29.07 -58.47
CA ARG H 68 -21.04 30.52 -58.60
C ARG H 68 -19.73 31.25 -58.41
N ALA H 69 -18.72 30.66 -57.76
CA ALA H 69 -17.51 31.37 -57.40
C ALA H 69 -16.34 30.87 -58.23
N ILE H 70 -15.66 31.80 -58.91
CA ILE H 70 -14.45 31.52 -59.68
C ILE H 70 -13.36 32.44 -59.15
N ILE H 71 -12.20 31.87 -58.85
CA ILE H 71 -11.07 32.62 -58.30
C ILE H 71 -9.89 32.50 -59.25
N SER H 72 -9.30 33.64 -59.58
CA SER H 72 -8.17 33.69 -60.50
C SER H 72 -7.04 34.49 -59.88
N VAL H 73 -5.81 34.11 -60.23
CA VAL H 73 -4.60 34.72 -59.68
C VAL H 73 -3.65 35.03 -60.83
N ASP H 74 -2.93 36.14 -60.69
CA ASP H 74 -1.87 36.52 -61.61
C ASP H 74 -0.67 36.99 -60.81
N THR H 75 0.52 36.52 -61.19
CA THR H 75 1.74 36.90 -60.49
C THR H 75 2.42 38.11 -61.11
N SER H 76 1.98 38.54 -62.29
CA SER H 76 2.61 39.69 -62.94
C SER H 76 2.28 40.99 -62.20
N LYS H 77 1.01 41.18 -61.87
CA LYS H 77 0.54 42.43 -61.29
C LYS H 77 0.18 42.31 -59.81
N ASN H 78 0.55 41.19 -59.16
CA ASN H 78 0.41 41.04 -57.71
C ASN H 78 -1.05 41.22 -57.27
N GLN H 79 -1.97 40.71 -58.09
CA GLN H 79 -3.39 40.97 -57.92
C GLN H 79 -4.10 39.68 -57.57
N LEU H 80 -4.95 39.72 -56.54
CA LEU H 80 -5.79 38.59 -56.16
C LEU H 80 -7.20 38.85 -56.66
N SER H 81 -7.66 38.01 -57.58
CA SER H 81 -8.91 38.24 -58.29
C SER H 81 -9.98 37.24 -57.86
N LEU H 82 -11.20 37.72 -57.68
CA LEU H 82 -12.34 36.90 -57.30
C LEU H 82 -13.55 37.30 -58.13
N LYS H 83 -14.28 36.31 -58.64
CA LYS H 83 -15.54 36.53 -59.31
C LYS H 83 -16.65 35.83 -58.53
N LEU H 84 -17.86 36.37 -58.64
CA LEU H 84 -19.05 35.74 -58.08
C LEU H 84 -20.20 35.97 -59.03
N THR H 85 -20.84 34.88 -59.45
CA THR H 85 -21.90 34.93 -60.43
C THR H 85 -23.24 34.57 -59.80
N SER H 86 -24.31 34.93 -60.49
CA SER H 86 -25.69 34.66 -60.04
C SER H 86 -25.93 35.23 -58.65
N VAL H 87 -25.43 36.44 -58.41
CA VAL H 87 -25.56 37.06 -57.10
C VAL H 87 -27.01 37.40 -56.82
N THR H 88 -27.50 36.99 -55.66
CA THR H 88 -28.87 37.27 -55.22
C THR H 88 -28.83 38.04 -53.91
N ALA H 89 -30.03 38.24 -53.35
CA ALA H 89 -30.16 39.09 -52.15
C ALA H 89 -29.48 38.49 -50.93
N ALA H 90 -29.18 37.19 -50.94
CA ALA H 90 -28.56 36.56 -49.79
C ALA H 90 -27.05 36.73 -49.75
N ASP H 91 -26.45 37.38 -50.77
CA ASP H 91 -25.02 37.52 -50.86
C ASP H 91 -24.52 38.88 -50.39
N THR H 92 -25.36 39.67 -49.75
CA THR H 92 -24.91 40.93 -49.19
C THR H 92 -23.94 40.67 -48.04
N ALA H 93 -22.70 41.12 -48.18
CA ALA H 93 -21.68 40.85 -47.18
C ALA H 93 -20.48 41.77 -47.43
N VAL H 94 -19.53 41.73 -46.51
CA VAL H 94 -18.26 42.43 -46.64
C VAL H 94 -17.17 41.39 -46.88
N TYR H 95 -16.40 41.60 -47.94
CA TYR H 95 -15.45 40.60 -48.40
C TYR H 95 -14.04 40.98 -47.98
N TYR H 96 -13.28 39.97 -47.55
CA TYR H 96 -11.92 40.15 -47.09
C TYR H 96 -11.02 39.18 -47.83
N CYS H 97 -9.90 39.68 -48.34
CA CYS H 97 -8.85 38.87 -48.91
C CYS H 97 -7.88 38.47 -47.81
N ALA H 98 -7.54 37.18 -47.72
CA ALA H 98 -6.79 36.64 -46.60
C ALA H 98 -5.64 35.76 -47.07
N ARG H 99 -4.57 35.73 -46.25
CA ARG H 99 -3.40 34.91 -46.49
C ARG H 99 -3.27 33.92 -45.35
N HIS H 100 -3.12 32.64 -45.69
CA HIS H 100 -3.22 31.55 -44.72
C HIS H 100 -2.61 30.31 -45.34
N TRP H 101 -2.70 29.18 -44.63
CA TRP H 101 -2.37 27.87 -45.17
C TRP H 101 -0.96 27.83 -45.75
N ASP H 102 -0.01 27.94 -44.82
CA ASP H 102 1.38 27.66 -45.15
C ASP H 102 1.51 26.24 -45.69
N VAL H 103 2.37 26.08 -46.68
CA VAL H 103 2.51 24.83 -47.41
C VAL H 103 3.76 24.07 -47.01
N VAL H 104 4.82 24.77 -46.60
CA VAL H 104 6.10 24.10 -46.38
C VAL H 104 6.02 23.19 -45.15
N VAL H 105 5.36 23.65 -44.08
CA VAL H 105 5.44 22.91 -42.82
C VAL H 105 4.07 22.55 -42.25
N LEU H 106 3.13 23.50 -42.15
CA LEU H 106 1.84 23.19 -41.54
C LEU H 106 1.01 22.25 -42.41
N ALA H 107 0.17 21.43 -41.78
CA ALA H 107 -0.79 20.59 -42.47
C ALA H 107 -2.11 21.34 -42.61
N ALA H 108 -3.07 20.72 -43.28
CA ALA H 108 -4.29 21.41 -43.68
C ALA H 108 -5.29 21.58 -42.55
N ALA H 109 -5.05 20.97 -41.39
CA ALA H 109 -5.92 21.18 -40.23
C ALA H 109 -5.41 22.27 -39.31
N ARG H 110 -4.11 22.54 -39.30
CA ARG H 110 -3.52 23.53 -38.41
C ARG H 110 -3.34 24.89 -39.09
N SER H 111 -3.87 25.04 -40.30
CA SER H 111 -3.74 26.31 -41.02
C SER H 111 -4.64 27.36 -40.40
N TRP H 112 -4.09 28.55 -40.18
CA TRP H 112 -4.82 29.67 -39.61
C TRP H 112 -4.69 30.86 -40.52
N PHE H 113 -5.78 31.61 -40.67
CA PHE H 113 -5.71 32.86 -41.40
C PHE H 113 -4.84 33.86 -40.65
N ASP H 114 -3.92 34.50 -41.37
CA ASP H 114 -2.90 35.34 -40.74
C ASP H 114 -3.03 36.81 -41.12
N THR H 115 -3.20 37.10 -42.41
CA THR H 115 -3.25 38.48 -42.91
C THR H 115 -4.64 38.76 -43.44
N TRP H 116 -5.23 39.88 -43.03
CA TRP H 116 -6.59 40.23 -43.39
C TRP H 116 -6.61 41.61 -44.03
N GLY H 117 -7.49 41.79 -45.01
CA GLY H 117 -7.66 43.09 -45.64
C GLY H 117 -8.60 43.99 -44.85
N GLN H 118 -8.73 45.23 -45.31
CA GLN H 118 -9.63 46.16 -44.64
C GLN H 118 -11.08 45.80 -44.89
N GLY H 119 -11.39 45.21 -46.03
CA GLY H 119 -12.76 44.81 -46.30
C GLY H 119 -13.52 45.84 -47.10
N THR H 120 -14.38 45.35 -47.99
CA THR H 120 -15.23 46.19 -48.82
C THR H 120 -16.68 45.78 -48.63
N LEU H 121 -17.52 46.74 -48.24
CA LEU H 121 -18.93 46.49 -48.03
C LEU H 121 -19.62 46.47 -49.39
N VAL H 122 -20.08 45.29 -49.81
CA VAL H 122 -20.69 45.09 -51.11
C VAL H 122 -22.13 44.65 -50.90
N THR H 123 -23.06 45.31 -51.59
CA THR H 123 -24.48 45.01 -51.47
C THR H 123 -25.11 44.86 -52.84
N VAL H 124 -26.24 44.19 -52.87
CA VAL H 124 -27.04 44.02 -54.09
C VAL H 124 -28.41 44.63 -53.84
N SER H 125 -28.86 45.49 -54.73
CA SER H 125 -30.14 46.15 -54.61
C SER H 125 -30.78 46.25 -55.99
N SER H 126 -32.06 46.61 -56.00
CA SER H 126 -32.78 46.77 -57.26
C SER H 126 -33.01 48.25 -57.58
N GLN I 1 -24.36 26.08 -41.96
CA GLN I 1 -23.01 25.59 -42.19
C GLN I 1 -22.15 25.86 -40.95
N SER I 2 -22.81 26.02 -39.81
CA SER I 2 -22.14 26.29 -38.53
C SER I 2 -21.89 24.97 -37.82
N VAL I 3 -20.80 24.30 -38.19
CA VAL I 3 -20.44 23.05 -37.54
C VAL I 3 -19.82 23.30 -36.17
N LEU I 4 -19.31 24.49 -35.92
CA LEU I 4 -18.78 24.86 -34.61
C LEU I 4 -19.83 25.65 -33.85
N THR I 5 -20.13 25.22 -32.63
CA THR I 5 -21.16 25.85 -31.82
C THR I 5 -20.51 26.84 -30.87
N GLN I 6 -21.06 28.05 -30.81
CA GLN I 6 -20.55 29.12 -29.97
C GLN I 6 -21.69 29.77 -29.21
N PRO I 7 -21.43 30.28 -28.02
CA PRO I 7 -22.46 31.01 -27.28
C PRO I 7 -22.74 32.36 -27.93
N PRO I 8 -24.01 32.69 -28.17
CA PRO I 8 -24.31 33.99 -28.80
C PRO I 8 -23.69 35.18 -28.08
N SER I 9 -23.67 35.17 -26.75
CA SER I 9 -23.19 36.34 -26.03
C SER I 9 -22.70 35.94 -24.64
N VAL I 10 -21.93 36.83 -24.03
CA VAL I 10 -21.43 36.65 -22.67
C VAL I 10 -21.06 38.01 -22.13
N SER I 11 -21.02 38.13 -20.80
CA SER I 11 -20.73 39.41 -20.17
C SER I 11 -20.03 39.16 -18.84
N GLY I 12 -19.38 40.20 -18.33
CA GLY I 12 -18.69 40.10 -17.06
C GLY I 12 -18.18 41.45 -16.62
N ALA I 13 -17.78 41.51 -15.36
CA ALA I 13 -17.23 42.73 -14.80
C ALA I 13 -15.79 42.94 -15.26
N PRO I 14 -15.35 44.18 -15.37
CA PRO I 14 -13.96 44.44 -15.76
C PRO I 14 -12.99 43.84 -14.75
N GLY I 15 -11.86 43.36 -15.25
CA GLY I 15 -10.87 42.76 -14.39
C GLY I 15 -11.25 41.39 -13.85
N GLN I 16 -12.18 40.70 -14.49
CA GLN I 16 -12.61 39.39 -14.04
C GLN I 16 -12.39 38.35 -15.13
N ARG I 17 -12.73 37.11 -14.79
CA ARG I 17 -12.47 35.95 -15.65
C ARG I 17 -13.72 35.61 -16.44
N VAL I 18 -13.57 35.43 -17.74
CA VAL I 18 -14.64 34.97 -18.61
C VAL I 18 -14.08 33.84 -19.46
N THR I 19 -14.96 32.93 -19.89
CA THR I 19 -14.56 31.78 -20.68
C THR I 19 -15.43 31.67 -21.91
N ILE I 20 -14.79 31.53 -23.07
CA ILE I 20 -15.47 31.37 -24.35
C ILE I 20 -15.19 29.97 -24.86
N SER I 21 -16.25 29.25 -25.21
CA SER I 21 -16.14 27.83 -25.57
C SER I 21 -16.53 27.62 -27.02
N CYS I 22 -15.91 26.60 -27.64
CA CYS I 22 -16.16 26.28 -29.04
C CYS I 22 -15.99 24.78 -29.21
N THR I 23 -17.02 24.10 -29.74
CA THR I 23 -16.99 22.67 -29.97
C THR I 23 -17.60 22.37 -31.33
N GLY I 24 -17.24 21.20 -31.87
CA GLY I 24 -17.77 20.74 -33.14
C GLY I 24 -18.23 19.30 -33.07
N SER I 25 -18.88 18.86 -34.14
CA SER I 25 -19.42 17.52 -34.20
C SER I 25 -18.31 16.47 -34.24
N SER I 26 -18.70 15.20 -34.14
CA SER I 26 -17.72 14.13 -34.08
C SER I 26 -17.17 13.73 -35.45
N PRO I 27 -18.01 13.33 -36.42
CA PRO I 27 -17.45 12.95 -37.73
C PRO I 27 -16.82 14.12 -38.46
N ASN I 28 -17.19 15.34 -38.08
CA ASN I 28 -16.54 16.57 -38.50
C ASN I 28 -15.28 16.73 -37.67
N ILE I 29 -14.82 17.97 -37.50
CA ILE I 29 -13.53 18.28 -36.90
C ILE I 29 -13.17 17.34 -35.77
N GLY I 30 -11.98 16.74 -35.86
CA GLY I 30 -11.57 15.68 -34.96
C GLY I 30 -10.48 16.10 -34.00
N ALA I 31 -9.91 15.10 -33.34
CA ALA I 31 -8.98 15.36 -32.25
C ALA I 31 -7.71 16.06 -32.75
N ARG I 32 -7.21 15.65 -33.92
CA ARG I 32 -5.97 16.24 -34.43
C ARG I 32 -6.20 17.67 -34.91
N ASN I 33 -7.39 17.96 -35.44
CA ASN I 33 -7.66 19.29 -35.96
C ASN I 33 -7.53 20.34 -34.87
N ASP I 34 -7.06 21.51 -35.26
CA ASP I 34 -6.68 22.56 -34.32
C ASP I 34 -7.59 23.77 -34.46
N VAL I 35 -7.75 24.50 -33.37
CA VAL I 35 -8.72 25.58 -33.26
C VAL I 35 -8.00 26.90 -33.04
N HIS I 36 -8.28 27.88 -33.89
CA HIS I 36 -7.74 29.22 -33.76
C HIS I 36 -8.83 30.20 -33.37
N TRP I 37 -8.41 31.39 -32.92
CA TRP I 37 -9.33 32.33 -32.30
C TRP I 37 -9.09 33.73 -32.82
N TYR I 38 -10.16 34.39 -33.26
CA TYR I 38 -10.08 35.68 -33.93
C TYR I 38 -10.93 36.71 -33.20
N GLN I 39 -10.42 37.95 -33.16
CA GLN I 39 -11.11 39.08 -32.55
C GLN I 39 -11.42 40.10 -33.64
N GLN I 40 -12.66 40.58 -33.65
CA GLN I 40 -13.10 41.55 -34.64
C GLN I 40 -13.71 42.74 -33.91
N LEU I 41 -13.00 43.87 -33.94
CA LEU I 41 -13.60 45.12 -33.48
C LEU I 41 -14.69 45.55 -34.47
N PRO I 42 -15.69 46.29 -34.01
CA PRO I 42 -16.77 46.70 -34.92
C PRO I 42 -16.23 47.53 -36.08
N GLY I 43 -16.56 47.09 -37.30
CA GLY I 43 -16.14 47.80 -38.48
C GLY I 43 -14.67 47.66 -38.82
N ALA I 44 -13.98 46.68 -38.25
CA ALA I 44 -12.56 46.48 -38.50
C ALA I 44 -12.33 45.04 -38.95
N ALA I 45 -11.09 44.76 -39.36
CA ALA I 45 -10.75 43.41 -39.78
C ALA I 45 -10.51 42.52 -38.57
N PRO I 46 -10.85 41.23 -38.68
CA PRO I 46 -10.57 40.31 -37.58
C PRO I 46 -9.08 40.20 -37.29
N LYS I 47 -8.76 40.09 -36.01
CA LYS I 47 -7.39 40.04 -35.54
C LYS I 47 -7.12 38.74 -34.80
N LEU I 48 -5.94 38.16 -35.02
CA LEU I 48 -5.60 36.88 -34.44
C LEU I 48 -5.14 37.06 -32.99
N LEU I 49 -5.54 36.13 -32.13
CA LEU I 49 -5.12 36.14 -30.74
C LEU I 49 -4.36 34.88 -30.35
N ILE I 50 -4.93 33.70 -30.58
CA ILE I 50 -4.32 32.44 -30.21
C ILE I 50 -4.42 31.47 -31.37
N TYR I 51 -3.32 30.83 -31.71
CA TYR I 51 -3.28 29.75 -32.66
C TYR I 51 -2.57 28.56 -32.04
N GLY I 52 -2.94 27.36 -32.47
CA GLY I 52 -2.35 26.18 -31.86
C GLY I 52 -2.89 25.83 -30.50
N ASN I 53 -3.95 26.52 -30.04
CA ASN I 53 -4.64 26.28 -28.79
C ASN I 53 -3.82 26.68 -27.58
N SER I 54 -2.54 26.99 -27.78
CA SER I 54 -1.70 27.46 -26.68
C SER I 54 -0.68 28.51 -27.08
N ASN I 55 -0.65 28.93 -28.33
CA ASN I 55 0.39 29.85 -28.80
C ASN I 55 -0.26 31.15 -29.27
N ARG I 56 0.46 32.24 -29.06
CA ARG I 56 0.02 33.56 -29.45
C ARG I 56 1.09 34.25 -30.29
N PRO I 57 0.69 35.11 -31.22
CA PRO I 57 1.68 35.85 -32.00
C PRO I 57 2.31 36.95 -31.17
N SER I 58 3.27 37.63 -31.79
CA SER I 58 3.89 38.77 -31.14
C SER I 58 2.88 39.90 -31.01
N GLY I 59 2.85 40.53 -29.82
CA GLY I 59 1.97 41.63 -29.54
C GLY I 59 0.66 41.24 -28.89
N VAL I 60 0.30 39.97 -28.93
CA VAL I 60 -0.92 39.50 -28.27
C VAL I 60 -0.64 39.35 -26.78
N PRO I 61 -1.45 39.96 -25.91
CA PRO I 61 -1.17 39.89 -24.47
C PRO I 61 -1.25 38.45 -23.97
N ASP I 62 -0.45 38.16 -22.94
CA ASP I 62 -0.50 36.85 -22.31
C ASP I 62 -1.79 36.61 -21.54
N ARG I 63 -2.62 37.65 -21.36
CA ARG I 63 -3.88 37.49 -20.66
C ARG I 63 -4.78 36.48 -21.36
N PHE I 64 -4.85 36.55 -22.69
CA PHE I 64 -5.66 35.62 -23.46
C PHE I 64 -4.99 34.25 -23.46
N SER I 65 -5.58 33.30 -22.75
CA SER I 65 -5.09 31.93 -22.72
C SER I 65 -6.20 31.00 -23.17
N GLY I 66 -5.86 30.05 -24.04
CA GLY I 66 -6.82 29.10 -24.54
C GLY I 66 -6.34 27.68 -24.33
N SER I 67 -7.24 26.74 -24.61
CA SER I 67 -6.92 25.32 -24.49
C SER I 67 -7.93 24.52 -25.31
N LYS I 68 -7.48 23.37 -25.79
CA LYS I 68 -8.33 22.45 -26.54
C LYS I 68 -8.14 21.06 -25.98
N SER I 69 -9.25 20.37 -25.71
CA SER I 69 -9.22 19.01 -25.23
C SER I 69 -10.23 18.19 -26.04
N GLY I 70 -9.78 17.08 -26.61
CA GLY I 70 -10.65 16.30 -27.46
C GLY I 70 -11.13 17.10 -28.64
N THR I 71 -12.43 17.44 -28.64
CA THR I 71 -12.98 18.34 -29.64
C THR I 71 -13.28 19.73 -29.10
N SER I 72 -13.76 19.84 -27.87
CA SER I 72 -14.08 21.14 -27.29
C SER I 72 -12.83 21.98 -27.11
N ALA I 73 -12.96 23.28 -27.36
CA ALA I 73 -11.89 24.24 -27.16
C ALA I 73 -12.44 25.46 -26.44
N SER I 74 -11.57 26.14 -25.70
CA SER I 74 -12.05 27.24 -24.87
C SER I 74 -10.94 28.26 -24.68
N LEU I 75 -11.35 29.49 -24.36
CA LEU I 75 -10.45 30.58 -23.99
C LEU I 75 -10.68 31.03 -22.55
N ALA I 76 -9.62 31.54 -21.95
CA ALA I 76 -9.67 32.11 -20.61
C ALA I 76 -9.09 33.51 -20.67
N ILE I 77 -9.82 34.47 -20.11
CA ILE I 77 -9.42 35.88 -20.11
C ILE I 77 -9.21 36.32 -18.68
N THR I 78 -8.04 36.89 -18.39
CA THR I 78 -7.73 37.43 -17.08
C THR I 78 -7.50 38.93 -17.19
N GLY I 79 -7.96 39.67 -16.18
CA GLY I 79 -7.84 41.12 -16.19
C GLY I 79 -8.63 41.75 -17.31
N LEU I 80 -9.93 41.53 -17.32
CA LEU I 80 -10.79 42.07 -18.37
C LEU I 80 -10.76 43.59 -18.35
N GLN I 81 -10.62 44.19 -19.53
CA GLN I 81 -10.59 45.64 -19.69
C GLN I 81 -11.66 46.07 -20.68
N ALA I 82 -11.93 47.38 -20.70
CA ALA I 82 -12.96 47.92 -21.58
C ALA I 82 -12.58 47.78 -23.04
N GLU I 83 -11.29 47.58 -23.36
CA GLU I 83 -10.88 47.45 -24.74
C GLU I 83 -11.13 46.06 -25.31
N ASP I 84 -11.47 45.08 -24.46
CA ASP I 84 -11.60 43.70 -24.92
C ASP I 84 -12.96 43.38 -25.51
N GLU I 85 -13.93 44.27 -25.40
CA GLU I 85 -15.24 44.04 -26.00
C GLU I 85 -15.09 44.03 -27.52
N ALA I 86 -15.52 42.94 -28.15
CA ALA I 86 -15.39 42.78 -29.59
C ALA I 86 -16.16 41.54 -30.03
N GLU I 87 -16.08 41.25 -31.32
CA GLU I 87 -16.59 40.02 -31.89
C GLU I 87 -15.50 38.96 -31.82
N TYR I 88 -15.76 37.88 -31.07
CA TYR I 88 -14.83 36.77 -30.95
C TYR I 88 -15.31 35.60 -31.79
N TYR I 89 -14.37 34.97 -32.50
CA TYR I 89 -14.69 33.90 -33.44
C TYR I 89 -13.78 32.71 -33.19
N CYS I 90 -14.36 31.52 -33.24
CA CYS I 90 -13.60 30.28 -33.26
C CYS I 90 -13.67 29.70 -34.67
N GLN I 91 -12.55 29.15 -35.13
CA GLN I 91 -12.44 28.64 -36.48
C GLN I 91 -11.49 27.47 -36.50
N SER I 92 -11.79 26.48 -37.33
CA SER I 92 -10.94 25.30 -37.48
C SER I 92 -11.26 24.65 -38.83
N TYR I 93 -10.71 23.46 -39.06
CA TYR I 93 -10.80 22.81 -40.35
C TYR I 93 -11.73 21.61 -40.26
N ASP I 94 -12.67 21.54 -41.19
CA ASP I 94 -13.66 20.47 -41.26
C ASP I 94 -13.21 19.44 -42.27
N SER I 95 -12.87 18.25 -41.81
CA SER I 95 -12.36 17.21 -42.71
C SER I 95 -13.43 16.67 -43.66
N SER I 96 -14.70 16.76 -43.29
CA SER I 96 -15.76 16.30 -44.16
C SER I 96 -16.05 17.26 -45.31
N LEU I 97 -15.95 18.56 -45.08
CA LEU I 97 -16.14 19.55 -46.13
C LEU I 97 -14.85 19.90 -46.85
N SER I 98 -13.71 19.41 -46.36
CA SER I 98 -12.40 19.70 -46.95
C SER I 98 -12.09 21.19 -46.95
N GLY I 99 -12.75 21.95 -46.09
CA GLY I 99 -12.55 23.39 -46.05
C GLY I 99 -12.75 23.94 -44.67
N TRP I 100 -12.17 25.11 -44.44
CA TRP I 100 -12.24 25.73 -43.12
C TRP I 100 -13.66 26.18 -42.79
N VAL I 101 -13.93 26.30 -41.50
CA VAL I 101 -15.22 26.75 -41.00
C VAL I 101 -15.01 27.76 -39.88
N PHE I 102 -16.04 28.57 -39.65
CA PHE I 102 -15.98 29.62 -38.65
C PHE I 102 -17.13 29.48 -37.67
N GLY I 103 -16.89 29.88 -36.43
CA GLY I 103 -17.92 29.86 -35.42
C GLY I 103 -18.95 30.94 -35.63
N GLY I 104 -20.05 30.84 -34.88
CA GLY I 104 -21.13 31.79 -35.03
C GLY I 104 -20.80 33.19 -34.55
N GLY I 105 -19.80 33.35 -33.69
CA GLY I 105 -19.44 34.65 -33.19
C GLY I 105 -20.12 34.99 -31.88
N THR I 106 -19.34 35.28 -30.86
CA THR I 106 -19.85 35.57 -29.53
C THR I 106 -19.72 37.05 -29.21
N LYS I 107 -20.64 37.55 -28.39
CA LYS I 107 -20.62 38.93 -27.93
C LYS I 107 -19.96 38.98 -26.56
N LEU I 108 -18.77 39.57 -26.49
CA LEU I 108 -18.12 39.84 -25.22
C LEU I 108 -18.45 41.26 -24.82
N THR I 109 -19.17 41.41 -23.70
CA THR I 109 -19.61 42.71 -23.22
C THR I 109 -18.98 42.96 -21.85
N VAL I 110 -18.38 44.14 -21.70
CA VAL I 110 -17.76 44.52 -20.43
C VAL I 110 -18.79 45.26 -19.58
N LEU I 111 -18.93 44.83 -18.33
CA LEU I 111 -19.91 45.44 -17.44
C LEU I 111 -19.22 46.26 -16.36
#